data_3LPP
#
_entry.id   3LPP
#
_cell.length_a   69.403
_cell.length_b   165.763
_cell.length_c   341.400
_cell.angle_alpha   90.00
_cell.angle_beta   90.00
_cell.angle_gamma   90.00
#
_symmetry.space_group_name_H-M   'P 21 21 21'
#
loop_
_entity.id
_entity.type
_entity.pdbx_description
1 polymer Sucrase-isomaltase
2 branched alpha-D-mannopyranose-(1-3)-beta-D-mannopyranose-(1-4)-2-acetamido-2-deoxy-beta-D-glucopyranose-(1-4)-2-acetamido-2-deoxy-beta-D-glucopyranose
3 branched 2-acetamido-2-deoxy-beta-D-glucopyranose-(1-4)-2-acetamido-2-deoxy-beta-D-glucopyranose
4 non-polymer 2-acetamido-2-deoxy-beta-D-glucopyranose
5 non-polymer 2-AMINO-2-HYDROXYMETHYL-PROPANE-1,3-DIOL
6 non-polymer DI(HYDROXYETHYL)ETHER
7 non-polymer 'CHLORIDE ION'
8 non-polymer beta-D-mannopyranose
9 non-polymer '(1S,2R,3R,4S)-1-{(1S)-2-[(2R,3S,4S)-3,4-dihydroxy-2-(hydroxymethyl)tetrahydrothiophenium-1-yl]-1-hydroxyethyl}-2,3,4,5-tetrahydroxypentyl sulfate'
10 water water
#
_entity_poly.entity_id   1
_entity_poly.type   'polypeptide(L)'
_entity_poly.pdbx_seq_one_letter_code
;RSSHHHHHHGEFDIPTTENLYFQSGIRRKCPNVLNDPVNVRINCIPEQFPTEGICAQRGCCWRPWNDSLIPWCFFVDNHG
YNVQDMTTTSIGVEAKLNRIPSPTLFGNDINSVLFTTQNQTPNRFRFKITDPNNRRYEVPHQYVKEFTGPTVSDTLYDVK
VAQNPFSIQVIRKSNGKTLFDTSIGPLVYSDQYLQISARLPSDYIYGIGEQVHKRFRHDLSWKTWPIFTRDQLPGDNNNN
LYGHQTFFMCIEDTSGKSFGVFLMNSNAMEIFIQPTPIVTYRVTGGILDFYILLGDTPEQVVQQYQQLVGLPAMPAYWNL
GFQLSRWNYKSLDVVKEVVRRNREAGIPFDTQVTDIDYMEDKKDFTYDQVAFNGLPQFVQDLHDHGQKYVIILDPAISIG
RRANGTTYATYERGNTQHVWINESDGSTPIIGEVWPGLTVYPDFTNPNCIDWWANECSIFHQEVQYDGLWIDMNEVSSFI
QGSTKGCNVNKLNYPPFTPDILDKLMYSKTICMDAVQNWGKQYDVHSLYGYSMAIATEQAVQKVFPNKRSFILTRSTFAG
SGRHAAHWLGDNTASWEQMEWSITGMLEFSLFGIPLVGADICGFVAETTEELCRRWMQLGAFYPFSRNHNSDGYEHQDPA
FFGQNSLLVKSSRQYLTIRYTLLPFLYTLFYKAHVFGETVARPVLHEFYEDTNSWIEDTEFLWGPALLITPVLKQGADTV
SAYIPDAIWYDYESGAKRPWRKQRVDMYLPADKIGLHLRGGYIIPIQEPDVTTTASRKNPLGLIVALGENNTAKGDFFWD
DGETKDTIQNGNYILYTFSVSNNTLDIVCTHSSYQEGTTLAFQTVKILGLTDSVTEVRVAENNQPMNAHSNFTYDASNQV
LLIADLKLNLGRNFSVQW
;
_entity_poly.pdbx_strand_id   A,B,C,D
#
loop_
_chem_comp.id
_chem_comp.type
_chem_comp.name
_chem_comp.formula
BMA D-saccharide, beta linking beta-D-mannopyranose 'C6 H12 O6'
CL non-polymer 'CHLORIDE ION' 'Cl -1'
KTL non-polymer '(1S,2R,3R,4S)-1-{(1S)-2-[(2R,3S,4S)-3,4-dihydroxy-2-(hydroxymethyl)tetrahydrothiophenium-1-yl]-1-hydroxyethyl}-2,3,4,5-tetrahydroxypentyl sulfate' 'C12 H24 O12 S2'
MAN D-saccharide, alpha linking alpha-D-mannopyranose 'C6 H12 O6'
NAG D-saccharide, beta linking 2-acetamido-2-deoxy-beta-D-glucopyranose 'C8 H15 N O6'
PEG non-polymer DI(HYDROXYETHYL)ETHER 'C4 H10 O3'
TRS non-polymer 2-AMINO-2-HYDROXYMETHYL-PROPANE-1,3-DIOL 'C4 H12 N O3 1'
#
# COMPACT_ATOMS: atom_id res chain seq x y z
N ARG A 28 -25.30 2.16 72.42
CA ARG A 28 -25.57 3.61 72.19
C ARG A 28 -25.79 3.94 70.72
N LYS A 29 -27.05 3.94 70.31
CA LYS A 29 -27.43 4.24 68.93
C LYS A 29 -27.71 5.72 68.70
N CYS A 30 -28.01 6.44 69.78
CA CYS A 30 -28.44 7.84 69.68
C CYS A 30 -27.34 8.88 69.98
N PRO A 31 -27.56 10.16 69.57
CA PRO A 31 -26.66 11.25 69.98
C PRO A 31 -26.57 11.46 71.50
N ASN A 32 -25.52 12.17 71.94
CA ASN A 32 -25.26 12.40 73.35
C ASN A 32 -26.23 13.35 74.03
N VAL A 33 -26.73 14.32 73.27
CA VAL A 33 -27.70 15.28 73.79
C VAL A 33 -29.11 14.81 73.43
N LEU A 34 -30.06 15.05 74.32
CA LEU A 34 -31.44 14.65 74.09
C LEU A 34 -32.18 15.50 73.05
N ASN A 35 -31.73 16.75 72.89
CA ASN A 35 -32.35 17.66 71.93
C ASN A 35 -31.36 18.01 70.83
N ASP A 36 -31.04 17.00 70.02
CA ASP A 36 -30.11 17.08 68.90
C ASP A 36 -30.62 18.02 67.80
N PRO A 37 -29.69 18.64 67.03
CA PRO A 37 -30.06 19.45 65.85
C PRO A 37 -30.79 18.63 64.78
N VAL A 38 -32.09 18.88 64.63
CA VAL A 38 -32.95 18.04 63.77
C VAL A 38 -32.63 18.14 62.29
N ASN A 39 -32.21 19.32 61.84
CA ASN A 39 -31.90 19.53 60.42
C ASN A 39 -30.72 18.72 59.91
N VAL A 40 -29.96 18.10 60.82
CA VAL A 40 -28.83 17.27 60.38
C VAL A 40 -29.08 15.78 60.50
N ARG A 41 -30.31 15.42 60.86
CA ARG A 41 -30.73 14.02 60.89
C ARG A 41 -30.76 13.49 59.47
N ILE A 42 -30.09 12.35 59.26
CA ILE A 42 -30.15 11.65 57.99
C ILE A 42 -31.10 10.45 58.12
N ASN A 43 -32.18 10.48 57.32
CA ASN A 43 -33.24 9.47 57.37
C ASN A 43 -32.74 8.04 57.16
N CYS A 44 -32.95 7.22 58.19
CA CYS A 44 -32.61 5.80 58.15
C CYS A 44 -33.78 4.95 57.67
N ILE A 45 -34.96 5.55 57.54
CA ILE A 45 -36.12 4.87 56.96
C ILE A 45 -36.65 5.74 55.79
N PRO A 46 -35.85 5.83 54.71
CA PRO A 46 -36.18 6.79 53.66
C PRO A 46 -37.39 6.36 52.82
N GLU A 47 -37.68 5.06 52.80
CA GLU A 47 -38.60 4.50 51.80
C GLU A 47 -40.02 4.20 52.31
N GLN A 48 -40.23 4.23 53.62
CA GLN A 48 -41.55 3.91 54.17
C GLN A 48 -41.85 4.79 55.38
N PHE A 49 -43.10 4.79 55.83
CA PHE A 49 -43.46 5.52 57.03
C PHE A 49 -42.71 4.93 58.24
N PRO A 50 -41.96 5.78 58.98
CA PRO A 50 -41.08 5.34 60.07
C PRO A 50 -41.82 4.60 61.18
N THR A 51 -41.27 3.47 61.59
CA THR A 51 -41.82 2.69 62.71
C THR A 51 -40.67 2.30 63.65
N GLU A 52 -40.97 2.18 64.95
CA GLU A 52 -39.94 1.91 65.96
C GLU A 52 -39.24 0.57 65.72
N GLY A 53 -40.03 -0.44 65.35
CA GLY A 53 -39.49 -1.76 65.07
C GLY A 53 -38.50 -1.82 63.92
N ILE A 54 -38.82 -1.17 62.80
CA ILE A 54 -37.87 -1.14 61.67
C ILE A 54 -36.61 -0.35 62.06
N CYS A 55 -36.79 0.74 62.77
CA CYS A 55 -35.67 1.52 63.27
C CYS A 55 -34.74 0.72 64.19
N ALA A 56 -35.33 -0.09 65.08
CA ALA A 56 -34.55 -0.95 65.97
C ALA A 56 -33.78 -2.02 65.18
N GLN A 57 -34.47 -2.65 64.22
CA GLN A 57 -33.90 -3.67 63.35
C GLN A 57 -32.80 -3.16 62.40
N ARG A 58 -32.82 -1.86 62.10
CA ARG A 58 -31.77 -1.24 61.30
C ARG A 58 -30.66 -0.65 62.15
N GLY A 59 -30.86 -0.64 63.47
CA GLY A 59 -29.83 -0.18 64.40
C GLY A 59 -29.60 1.33 64.38
N CYS A 60 -30.67 2.08 64.14
CA CYS A 60 -30.61 3.54 64.05
C CYS A 60 -31.23 4.17 65.29
N CYS A 61 -31.30 5.49 65.31
CA CYS A 61 -31.90 6.21 66.43
C CYS A 61 -33.35 6.62 66.21
N TRP A 62 -34.21 6.25 67.15
CA TRP A 62 -35.65 6.55 67.09
C TRP A 62 -36.00 7.78 67.94
N ARG A 63 -36.39 8.89 67.30
CA ARG A 63 -36.83 10.09 68.04
C ARG A 63 -37.92 10.86 67.28
N PRO A 64 -39.18 10.43 67.44
CA PRO A 64 -40.25 11.01 66.63
C PRO A 64 -40.40 12.50 66.95
N TRP A 65 -40.91 13.27 66.01
CA TRP A 65 -40.84 14.72 66.12
C TRP A 65 -42.20 15.37 65.95
N ASN A 66 -42.26 16.66 66.28
CA ASN A 66 -43.31 17.59 65.92
C ASN A 66 -44.00 17.48 64.54
N ASP A 67 -43.33 16.90 63.55
CA ASP A 67 -43.91 16.80 62.21
C ASP A 67 -43.32 15.65 61.40
N SER A 68 -43.79 15.51 60.16
CA SER A 68 -43.40 14.41 59.31
C SER A 68 -42.32 14.77 58.28
N LEU A 69 -41.82 16.01 58.35
CA LEU A 69 -40.68 16.42 57.53
C LEU A 69 -39.36 15.94 58.13
N ILE A 70 -39.15 16.24 59.40
CA ILE A 70 -37.96 15.81 60.15
C ILE A 70 -37.98 14.27 60.37
N PRO A 71 -36.84 13.59 60.08
CA PRO A 71 -36.76 12.13 60.29
C PRO A 71 -36.95 11.71 61.77
N TRP A 72 -37.75 10.67 61.95
CA TRP A 72 -38.03 10.04 63.24
C TRP A 72 -36.99 8.96 63.53
N CYS A 73 -36.49 8.35 62.45
CA CYS A 73 -35.44 7.36 62.50
C CYS A 73 -34.27 7.84 61.65
N PHE A 74 -33.13 8.04 62.30
CA PHE A 74 -31.93 8.59 61.66
C PHE A 74 -30.66 7.83 62.06
N PHE A 75 -29.60 8.03 61.25
CA PHE A 75 -28.38 7.22 61.28
C PHE A 75 -27.38 7.50 62.39
N VAL A 76 -27.19 8.78 62.75
CA VAL A 76 -26.08 9.18 63.63
C VAL A 76 -24.79 8.60 63.04
N ASP A 77 -24.02 7.84 63.83
CA ASP A 77 -22.80 7.18 63.34
C ASP A 77 -22.89 5.66 63.53
N ASN A 78 -24.06 5.09 63.27
CA ASN A 78 -24.28 3.65 63.48
C ASN A 78 -23.85 2.80 62.29
N HIS A 79 -23.99 3.38 61.11
CA HIS A 79 -23.58 2.75 59.87
C HIS A 79 -22.39 3.50 59.25
N GLY A 80 -21.68 2.83 58.36
CA GLY A 80 -20.68 3.48 57.54
C GLY A 80 -19.52 2.56 57.24
N TYR A 81 -18.39 3.16 56.87
CA TYR A 81 -17.18 2.43 56.50
C TYR A 81 -15.98 3.01 57.23
N ASN A 82 -14.99 2.17 57.51
CA ASN A 82 -13.72 2.62 58.05
C ASN A 82 -12.65 2.45 57.01
N VAL A 83 -11.67 3.34 57.00
CA VAL A 83 -10.49 3.20 56.15
C VAL A 83 -9.52 2.16 56.73
N GLN A 84 -9.08 1.23 55.87
CA GLN A 84 -8.20 0.13 56.26
C GLN A 84 -6.77 0.33 55.78
N ASP A 85 -6.62 0.83 54.56
CA ASP A 85 -5.31 1.22 54.05
C ASP A 85 -5.49 2.35 53.07
N MET A 86 -4.65 3.37 53.19
CA MET A 86 -4.71 4.52 52.29
C MET A 86 -3.31 4.90 51.83
N THR A 87 -3.16 5.09 50.53
CA THR A 87 -1.89 5.49 49.94
C THR A 87 -2.07 6.61 48.93
N THR A 88 -1.03 7.40 48.74
CA THR A 88 -1.00 8.44 47.71
C THR A 88 -0.61 7.79 46.37
N THR A 89 -1.28 8.22 45.31
CA THR A 89 -0.90 7.85 43.96
C THR A 89 -0.36 9.09 43.27
N SER A 90 0.05 8.94 42.02
CA SER A 90 0.54 10.10 41.23
C SER A 90 -0.55 11.11 40.94
N ILE A 91 -1.81 10.67 40.98
CA ILE A 91 -2.94 11.51 40.58
C ILE A 91 -4.02 11.72 41.65
N GLY A 92 -3.76 11.20 42.85
CA GLY A 92 -4.70 11.35 43.95
C GLY A 92 -4.43 10.30 45.00
N VAL A 93 -5.51 9.76 45.54
CA VAL A 93 -5.48 8.84 46.68
C VAL A 93 -6.21 7.53 46.36
N GLU A 94 -5.87 6.47 47.11
CA GLU A 94 -6.58 5.20 47.05
C GLU A 94 -6.71 4.65 48.46
N ALA A 95 -7.95 4.36 48.87
CA ALA A 95 -8.21 3.81 50.19
C ALA A 95 -9.09 2.60 50.08
N LYS A 96 -8.68 1.53 50.76
CA LYS A 96 -9.56 0.39 50.99
C LYS A 96 -10.46 0.73 52.17
N LEU A 97 -11.75 0.50 51.98
CA LEU A 97 -12.76 0.78 52.99
C LEU A 97 -13.40 -0.53 53.42
N ASN A 98 -13.56 -0.73 54.74
CA ASN A 98 -14.30 -1.86 55.28
C ASN A 98 -15.55 -1.41 56.00
N ARG A 99 -16.64 -2.13 55.82
CA ARG A 99 -17.91 -1.76 56.40
C ARG A 99 -17.94 -1.97 57.91
N ILE A 100 -18.40 -0.95 58.63
CA ILE A 100 -18.76 -1.03 60.03
C ILE A 100 -19.88 -2.06 60.18
N PRO A 101 -19.68 -3.08 61.06
CA PRO A 101 -20.58 -4.24 61.07
C PRO A 101 -21.94 -3.98 61.76
N SER A 102 -22.82 -3.28 61.05
CA SER A 102 -24.14 -2.93 61.56
C SER A 102 -25.20 -3.73 60.79
N PRO A 103 -26.49 -3.62 61.19
CA PRO A 103 -27.52 -4.32 60.43
C PRO A 103 -27.65 -3.77 59.00
N THR A 104 -28.21 -4.58 58.11
CA THR A 104 -28.40 -4.17 56.73
C THR A 104 -29.62 -3.26 56.59
N LEU A 105 -29.65 -2.48 55.52
CA LEU A 105 -30.86 -1.77 55.15
C LEU A 105 -31.68 -2.60 54.16
N PHE A 106 -31.11 -2.85 52.99
CA PHE A 106 -31.83 -3.51 51.89
C PHE A 106 -31.14 -4.78 51.41
N GLY A 107 -30.18 -5.27 52.20
CA GLY A 107 -29.47 -6.51 51.93
C GLY A 107 -28.36 -6.33 50.91
N ASN A 108 -27.53 -7.37 50.77
CA ASN A 108 -26.42 -7.42 49.80
C ASN A 108 -25.36 -6.35 49.98
N ASP A 109 -25.02 -6.04 51.23
CA ASP A 109 -23.93 -5.10 51.49
C ASP A 109 -22.62 -5.58 50.89
N ILE A 110 -21.84 -4.62 50.42
CA ILE A 110 -20.50 -4.88 49.93
C ILE A 110 -19.54 -4.50 51.08
N ASN A 111 -19.01 -5.51 51.76
CA ASN A 111 -18.23 -5.32 53.00
C ASN A 111 -16.94 -4.56 52.79
N SER A 112 -16.33 -4.75 51.62
CA SER A 112 -15.08 -4.11 51.27
C SER A 112 -15.16 -3.41 49.92
N VAL A 113 -14.63 -2.20 49.89
CA VAL A 113 -14.92 -1.23 48.85
C VAL A 113 -13.64 -0.44 48.60
N LEU A 114 -13.48 0.04 47.37
CA LEU A 114 -12.29 0.80 47.01
C LEU A 114 -12.67 2.25 46.70
N PHE A 115 -12.10 3.16 47.48
CA PHE A 115 -12.24 4.58 47.28
C PHE A 115 -11.04 5.07 46.47
N THR A 116 -11.30 5.77 45.39
CA THR A 116 -10.24 6.28 44.52
C THR A 116 -10.54 7.73 44.17
N THR A 117 -9.52 8.59 44.18
CA THR A 117 -9.67 9.99 43.73
C THR A 117 -8.69 10.34 42.61
N GLN A 118 -9.05 11.36 41.84
CA GLN A 118 -8.24 11.84 40.71
C GLN A 118 -8.31 13.35 40.67
N ASN A 119 -7.15 13.96 40.75
CA ASN A 119 -6.99 15.39 40.66
C ASN A 119 -6.87 15.67 39.18
N GLN A 120 -8.01 15.71 38.49
CA GLN A 120 -8.01 15.75 37.03
C GLN A 120 -7.47 17.05 36.45
N THR A 121 -8.03 18.18 36.86
CA THR A 121 -7.52 19.50 36.49
C THR A 121 -7.49 20.42 37.74
N PRO A 122 -6.91 21.64 37.62
CA PRO A 122 -6.97 22.55 38.80
C PRO A 122 -8.41 22.84 39.27
N ASN A 123 -9.38 22.71 38.38
CA ASN A 123 -10.79 22.97 38.69
C ASN A 123 -11.66 21.74 38.84
N ARG A 124 -11.14 20.55 38.53
CA ARG A 124 -11.98 19.38 38.51
C ARG A 124 -11.44 18.22 39.32
N PHE A 125 -12.23 17.83 40.30
CA PHE A 125 -11.85 16.76 41.23
C PHE A 125 -12.81 15.60 41.01
N ARG A 126 -12.28 14.38 41.01
CA ARG A 126 -13.13 13.21 40.86
C ARG A 126 -12.88 12.19 41.96
N PHE A 127 -13.95 11.62 42.50
CA PHE A 127 -13.81 10.43 43.33
C PHE A 127 -14.80 9.36 42.94
N LYS A 128 -14.39 8.12 43.11
CA LYS A 128 -15.31 7.02 42.90
C LYS A 128 -15.18 5.96 43.95
N ILE A 129 -16.28 5.28 44.20
CA ILE A 129 -16.27 4.16 45.13
C ILE A 129 -16.75 2.91 44.42
N THR A 130 -15.84 1.92 44.30
CA THR A 130 -16.08 0.70 43.53
C THR A 130 -15.90 -0.58 44.36
N ASP A 131 -16.31 -1.70 43.79
CA ASP A 131 -16.10 -3.01 44.39
C ASP A 131 -14.84 -3.65 43.78
N PRO A 132 -13.76 -3.77 44.56
CA PRO A 132 -12.54 -4.36 44.02
C PRO A 132 -12.69 -5.83 43.64
N ASN A 133 -13.72 -6.49 44.16
CA ASN A 133 -13.93 -7.92 43.90
C ASN A 133 -15.02 -8.25 42.86
N ASN A 134 -15.76 -7.24 42.43
CA ASN A 134 -16.78 -7.40 41.37
C ASN A 134 -16.78 -6.14 40.54
N ARG A 135 -16.47 -6.26 39.25
CA ARG A 135 -16.57 -5.13 38.34
C ARG A 135 -18.04 -4.71 38.16
N ARG A 136 -18.48 -3.74 38.96
CA ARG A 136 -19.88 -3.29 38.88
C ARG A 136 -20.12 -2.39 37.63
N TYR A 137 -21.38 -2.24 37.24
CA TYR A 137 -21.75 -1.44 36.06
C TYR A 137 -21.23 -0.02 36.18
N GLU A 138 -20.48 0.41 35.16
CA GLU A 138 -20.10 1.82 35.00
C GLU A 138 -20.69 2.39 33.71
N VAL A 139 -21.17 3.63 33.78
CA VAL A 139 -21.76 4.28 32.62
C VAL A 139 -20.74 4.29 31.44
N PRO A 140 -21.10 3.67 30.31
CA PRO A 140 -20.25 3.72 29.12
C PRO A 140 -20.43 5.07 28.38
N HIS A 141 -20.00 6.15 29.01
CA HIS A 141 -20.17 7.47 28.41
C HIS A 141 -19.26 7.62 27.21
N GLN A 142 -19.82 8.14 26.13
CA GLN A 142 -19.11 8.20 24.86
C GLN A 142 -18.19 9.40 24.72
N TYR A 143 -18.26 10.33 25.67
CA TYR A 143 -17.32 11.45 25.68
C TYR A 143 -16.27 11.41 26.81
N VAL A 144 -16.71 11.23 28.06
CA VAL A 144 -15.82 11.29 29.23
C VAL A 144 -14.76 10.20 29.13
N LYS A 145 -13.50 10.62 29.18
CA LYS A 145 -12.37 9.74 28.92
C LYS A 145 -11.75 9.09 30.17
N GLU A 146 -11.04 7.98 29.94
CA GLU A 146 -10.17 7.39 30.95
C GLU A 146 -9.11 8.42 31.34
N PHE A 147 -8.88 8.60 32.64
CA PHE A 147 -7.84 9.53 33.10
C PHE A 147 -6.70 8.79 33.80
N THR A 148 -5.46 9.06 33.40
CA THR A 148 -4.28 8.46 34.04
C THR A 148 -3.16 9.49 34.21
N GLY A 149 -3.49 10.76 34.02
CA GLY A 149 -2.50 11.82 33.98
C GLY A 149 -2.87 12.85 32.91
N PRO A 150 -2.12 13.97 32.84
CA PRO A 150 -0.91 14.17 33.64
C PRO A 150 -1.19 14.76 35.03
N THR A 151 -0.34 14.38 35.99
CA THR A 151 -0.38 14.89 37.36
C THR A 151 -0.48 16.44 37.42
N VAL A 152 -1.45 16.93 38.21
CA VAL A 152 -1.79 18.35 38.31
C VAL A 152 -1.22 18.96 39.59
N SER A 153 -0.25 19.86 39.43
CA SER A 153 0.48 20.43 40.57
C SER A 153 -0.35 21.36 41.46
N ASP A 154 -0.92 22.42 40.87
CA ASP A 154 -1.67 23.41 41.64
C ASP A 154 -3.17 23.31 41.44
N THR A 155 -3.86 22.65 42.37
CA THR A 155 -5.32 22.54 42.33
C THR A 155 -5.99 23.67 43.13
N LEU A 156 -7.24 24.01 42.78
CA LEU A 156 -8.00 24.99 43.56
C LEU A 156 -8.65 24.37 44.80
N TYR A 157 -8.77 23.05 44.79
CA TYR A 157 -9.47 22.30 45.84
C TYR A 157 -8.44 21.58 46.75
N ASP A 158 -8.77 21.43 48.02
CA ASP A 158 -8.04 20.54 48.92
C ASP A 158 -9.01 19.45 49.32
N VAL A 159 -8.49 18.25 49.54
CA VAL A 159 -9.35 17.13 49.88
C VAL A 159 -8.86 16.44 51.15
N LYS A 160 -9.74 16.36 52.15
CA LYS A 160 -9.43 15.66 53.38
C LYS A 160 -10.27 14.40 53.48
N VAL A 161 -9.62 13.28 53.82
CA VAL A 161 -10.31 11.99 53.97
C VAL A 161 -10.23 11.53 55.41
N ALA A 162 -11.38 11.49 56.11
CA ALA A 162 -11.40 11.00 57.49
C ALA A 162 -11.43 9.48 57.46
N GLN A 163 -10.87 8.86 58.50
CA GLN A 163 -10.69 7.42 58.51
C GLN A 163 -11.65 6.65 59.42
N ASN A 164 -12.14 7.30 60.47
CA ASN A 164 -13.01 6.65 61.45
C ASN A 164 -14.17 7.50 61.94
N PRO A 165 -15.30 7.46 61.22
CA PRO A 165 -15.52 6.64 60.03
C PRO A 165 -15.04 7.31 58.75
N PHE A 166 -15.13 6.60 57.63
CA PHE A 166 -14.82 7.19 56.33
C PHE A 166 -15.66 8.42 56.06
N SER A 167 -14.98 9.50 55.67
CA SER A 167 -15.67 10.63 55.09
C SER A 167 -14.72 11.44 54.22
N ILE A 168 -15.29 12.24 53.33
CA ILE A 168 -14.51 13.10 52.44
C ILE A 168 -14.95 14.55 52.62
N GLN A 169 -13.96 15.43 52.61
CA GLN A 169 -14.20 16.85 52.63
C GLN A 169 -13.50 17.48 51.45
N VAL A 170 -14.25 18.18 50.61
CA VAL A 170 -13.67 18.95 49.52
C VAL A 170 -13.73 20.44 49.85
N ILE A 171 -12.55 21.06 49.83
CA ILE A 171 -12.34 22.40 50.35
C ILE A 171 -11.81 23.33 49.25
N ARG A 172 -12.36 24.52 49.16
CA ARG A 172 -11.78 25.54 48.31
C ARG A 172 -10.56 26.09 49.02
N LYS A 173 -9.39 25.89 48.41
CA LYS A 173 -8.10 26.26 49.07
C LYS A 173 -7.94 27.75 49.39
N SER A 174 -8.45 28.61 48.51
CA SER A 174 -8.27 30.06 48.63
C SER A 174 -8.85 30.63 49.93
N ASN A 175 -10.08 30.26 50.27
CA ASN A 175 -10.68 30.76 51.52
C ASN A 175 -10.93 29.68 52.58
N GLY A 176 -10.49 28.45 52.32
CA GLY A 176 -10.65 27.38 53.31
C GLY A 176 -12.09 26.92 53.50
N LYS A 177 -12.98 27.26 52.58
CA LYS A 177 -14.38 26.91 52.72
C LYS A 177 -14.63 25.48 52.25
N THR A 178 -15.28 24.67 53.11
CA THR A 178 -15.65 23.31 52.77
C THR A 178 -16.87 23.34 51.86
N LEU A 179 -16.72 22.76 50.68
CA LEU A 179 -17.79 22.78 49.69
C LEU A 179 -18.67 21.54 49.80
N PHE A 180 -18.04 20.38 50.03
CA PHE A 180 -18.72 19.10 49.91
C PHE A 180 -18.21 18.26 51.07
N ASP A 181 -19.07 18.00 52.03
CA ASP A 181 -18.68 17.34 53.29
C ASP A 181 -19.59 16.15 53.60
N THR A 182 -19.07 14.95 53.39
CA THR A 182 -19.88 13.75 53.60
C THR A 182 -19.88 13.20 55.03
N SER A 183 -19.21 13.86 55.98
CA SER A 183 -19.09 13.27 57.36
C SER A 183 -20.41 13.35 58.11
N ILE A 184 -21.38 14.03 57.52
CA ILE A 184 -22.68 14.27 58.10
C ILE A 184 -23.53 12.99 58.16
N GLY A 185 -23.18 12.03 57.31
CA GLY A 185 -23.92 10.80 57.20
C GLY A 185 -23.05 9.63 56.80
N PRO A 186 -23.65 8.43 56.76
CA PRO A 186 -22.90 7.24 56.39
C PRO A 186 -22.67 7.06 54.88
N LEU A 187 -21.67 6.26 54.56
CA LEU A 187 -21.58 5.62 53.26
C LEU A 187 -22.32 4.30 53.38
N VAL A 188 -23.31 4.10 52.52
CA VAL A 188 -23.96 2.80 52.40
C VAL A 188 -23.66 2.30 51.01
N TYR A 189 -23.19 1.07 50.91
CA TYR A 189 -22.82 0.53 49.63
C TYR A 189 -23.25 -0.93 49.59
N SER A 190 -24.32 -1.19 48.86
CA SER A 190 -24.85 -2.52 48.69
C SER A 190 -25.28 -2.66 47.24
N ASP A 191 -25.52 -3.89 46.79
CA ASP A 191 -25.70 -4.15 45.37
C ASP A 191 -26.74 -3.24 44.68
N GLN A 192 -27.87 -3.02 45.34
CA GLN A 192 -28.98 -2.26 44.78
C GLN A 192 -29.39 -1.08 45.65
N TYR A 193 -28.49 -0.66 46.54
CA TYR A 193 -28.68 0.57 47.28
C TYR A 193 -27.35 1.21 47.59
N LEU A 194 -27.12 2.37 46.99
CA LEU A 194 -25.97 3.20 47.34
C LEU A 194 -26.47 4.47 47.96
N GLN A 195 -25.82 4.91 49.04
CA GLN A 195 -26.20 6.15 49.73
C GLN A 195 -24.99 6.93 50.19
N ILE A 196 -25.04 8.25 49.95
CA ILE A 196 -24.07 9.19 50.45
C ILE A 196 -24.74 10.57 50.56
N SER A 197 -24.36 11.32 51.60
CA SER A 197 -24.84 12.67 51.83
C SER A 197 -23.68 13.64 51.84
N ALA A 198 -23.97 14.91 51.58
CA ALA A 198 -22.98 15.96 51.62
C ALA A 198 -23.61 17.21 52.20
N ARG A 199 -22.95 17.79 53.18
CA ARG A 199 -23.31 19.13 53.60
C ARG A 199 -22.70 20.18 52.63
N LEU A 200 -23.50 21.18 52.30
CA LEU A 200 -23.09 22.28 51.42
C LEU A 200 -22.98 23.59 52.21
N PRO A 201 -22.19 24.56 51.70
CA PRO A 201 -21.89 25.77 52.44
C PRO A 201 -22.84 26.96 52.26
N SER A 202 -23.85 26.85 51.39
CA SER A 202 -24.81 27.93 51.21
C SER A 202 -26.19 27.35 50.90
N ASP A 203 -27.22 28.19 51.04
CA ASP A 203 -28.63 27.79 50.87
C ASP A 203 -29.13 27.90 49.41
N TYR A 204 -28.19 28.05 48.47
CA TYR A 204 -28.52 28.41 47.06
C TYR A 204 -28.02 27.39 46.07
N ILE A 205 -28.92 26.52 45.67
CA ILE A 205 -28.61 25.38 44.82
C ILE A 205 -29.55 25.37 43.62
N TYR A 206 -29.01 24.98 42.46
CA TYR A 206 -29.69 25.04 41.16
C TYR A 206 -29.38 23.80 40.34
N GLY A 207 -30.38 23.23 39.66
CA GLY A 207 -30.11 22.10 38.77
C GLY A 207 -30.87 20.85 39.14
N ILE A 208 -30.36 19.69 38.73
CA ILE A 208 -31.10 18.41 38.83
C ILE A 208 -32.29 18.31 37.83
N GLY A 209 -32.41 17.19 37.13
CA GLY A 209 -33.51 17.00 36.21
C GLY A 209 -33.66 15.59 35.64
N GLU A 210 -34.68 15.35 34.82
CA GLU A 210 -35.67 16.33 34.42
C GLU A 210 -36.92 16.22 35.32
N GLN A 211 -37.24 17.31 36.02
CA GLN A 211 -38.48 17.41 36.77
C GLN A 211 -39.03 18.82 36.58
N VAL A 212 -40.26 19.07 37.02
CA VAL A 212 -40.81 20.42 37.13
C VAL A 212 -40.48 21.02 38.50
N HIS A 213 -39.57 21.99 38.54
CA HIS A 213 -39.18 22.59 39.81
C HIS A 213 -40.03 23.81 40.19
N LYS A 214 -40.62 24.45 39.18
CA LYS A 214 -41.41 25.68 39.34
C LYS A 214 -40.53 26.91 39.61
N ARG A 215 -39.56 26.75 40.51
CA ARG A 215 -38.61 27.80 40.89
C ARG A 215 -37.22 27.32 40.55
N PHE A 216 -36.39 28.22 40.04
CA PHE A 216 -35.02 27.92 39.66
C PHE A 216 -34.13 27.62 40.90
N ARG A 217 -34.20 28.47 41.90
CA ARG A 217 -33.53 28.23 43.18
C ARG A 217 -34.27 27.13 43.98
N HIS A 218 -33.53 26.13 44.46
CA HIS A 218 -34.16 24.99 45.17
C HIS A 218 -34.75 25.31 46.54
N ASP A 219 -36.00 24.92 46.70
CA ASP A 219 -36.64 24.68 47.98
C ASP A 219 -35.83 23.64 48.76
N LEU A 220 -35.40 24.03 49.96
CA LEU A 220 -34.59 23.17 50.80
C LEU A 220 -35.44 22.35 51.76
N SER A 221 -36.75 22.51 51.72
CA SER A 221 -37.59 22.01 52.80
C SER A 221 -38.00 20.53 52.64
N TRP A 222 -37.01 19.64 52.73
CA TRP A 222 -37.23 18.18 52.74
C TRP A 222 -37.91 17.70 51.45
N LYS A 223 -37.22 17.92 50.32
CA LYS A 223 -37.72 17.65 48.98
C LYS A 223 -37.04 16.45 48.31
N THR A 224 -37.84 15.62 47.66
CA THR A 224 -37.32 14.44 46.96
C THR A 224 -37.41 14.62 45.45
N TRP A 225 -36.28 14.44 44.76
CA TRP A 225 -36.20 14.49 43.27
C TRP A 225 -35.76 13.15 42.65
N PRO A 226 -36.72 12.37 42.17
CA PRO A 226 -36.37 11.11 41.50
C PRO A 226 -35.88 11.35 40.06
N ILE A 227 -34.94 10.52 39.63
CA ILE A 227 -34.29 10.60 38.34
C ILE A 227 -34.27 9.21 37.72
N PHE A 228 -35.00 9.06 36.62
CA PHE A 228 -35.10 7.84 35.83
C PHE A 228 -35.95 8.24 34.61
N THR A 229 -35.35 8.20 33.42
CA THR A 229 -36.03 8.70 32.20
C THR A 229 -37.41 8.09 32.08
N ARG A 230 -38.41 8.95 31.89
CA ARG A 230 -39.79 8.53 31.91
C ARG A 230 -40.68 9.40 31.01
N ASP A 231 -41.49 8.74 30.19
CA ASP A 231 -42.54 9.41 29.42
C ASP A 231 -43.72 9.76 30.33
N GLN A 232 -43.82 11.04 30.66
CA GLN A 232 -44.93 11.55 31.48
C GLN A 232 -45.18 13.02 31.19
N LEU A 233 -46.44 13.45 31.19
CA LEU A 233 -46.77 14.89 31.07
C LEU A 233 -46.19 15.66 32.25
N PRO A 234 -45.35 16.68 32.00
CA PRO A 234 -44.95 17.58 33.07
C PRO A 234 -46.17 18.21 33.78
N GLY A 235 -46.11 18.25 35.10
CA GLY A 235 -47.17 18.82 35.94
C GLY A 235 -46.62 19.29 37.28
N ASP A 236 -47.53 19.71 38.15
CA ASP A 236 -47.19 20.28 39.44
C ASP A 236 -46.98 19.13 40.43
N ASN A 237 -45.83 18.47 40.34
CA ASN A 237 -45.47 17.34 41.18
C ASN A 237 -43.97 17.08 41.00
N ASN A 238 -43.43 16.12 41.74
CA ASN A 238 -42.01 15.81 41.63
C ASN A 238 -41.65 14.66 40.69
N ASN A 239 -42.54 14.31 39.75
CA ASN A 239 -42.27 13.14 38.93
C ASN A 239 -40.94 13.26 38.19
N ASN A 240 -40.30 12.12 38.04
CA ASN A 240 -39.21 11.95 37.09
C ASN A 240 -39.78 12.03 35.67
N LEU A 241 -39.14 12.81 34.80
CA LEU A 241 -39.63 12.99 33.46
C LEU A 241 -38.54 12.51 32.50
N TYR A 242 -38.38 13.20 31.37
CA TYR A 242 -37.73 12.57 30.21
C TYR A 242 -36.23 12.38 30.28
N GLY A 243 -35.55 13.33 30.93
CA GLY A 243 -34.10 13.30 31.00
C GLY A 243 -33.55 12.90 32.37
N HIS A 244 -32.30 12.46 32.37
CA HIS A 244 -31.62 11.98 33.56
C HIS A 244 -30.46 12.93 33.77
N GLN A 245 -30.63 13.95 34.61
CA GLN A 245 -29.59 14.96 34.84
C GLN A 245 -29.25 15.13 36.34
N THR A 246 -28.10 14.61 36.78
CA THR A 246 -27.74 14.69 38.19
C THR A 246 -27.05 15.99 38.59
N PHE A 247 -26.62 16.78 37.61
CA PHE A 247 -25.78 17.93 37.90
C PHE A 247 -26.51 19.01 38.69
N PHE A 248 -25.84 19.55 39.70
CA PHE A 248 -26.33 20.77 40.32
C PHE A 248 -25.17 21.65 40.73
N MET A 249 -25.45 22.92 40.87
CA MET A 249 -24.43 23.86 41.26
C MET A 249 -24.91 24.67 42.46
N CYS A 250 -23.97 25.31 43.11
CA CYS A 250 -24.25 26.02 44.36
C CYS A 250 -23.41 27.29 44.36
N ILE A 251 -24.04 28.44 44.64
CA ILE A 251 -23.30 29.69 44.75
C ILE A 251 -22.94 29.90 46.22
N GLU A 252 -21.63 30.03 46.49
CA GLU A 252 -21.10 30.06 47.86
C GLU A 252 -21.25 31.42 48.50
N ASP A 253 -21.15 32.47 47.70
CA ASP A 253 -21.15 33.83 48.22
C ASP A 253 -21.31 34.85 47.11
N THR A 254 -21.40 36.09 47.56
CA THR A 254 -21.63 37.27 46.76
C THR A 254 -20.37 37.62 45.93
N SER A 255 -19.24 36.97 46.26
CA SER A 255 -18.04 37.01 45.42
C SER A 255 -18.27 36.34 44.06
N GLY A 256 -19.17 35.37 44.04
CA GLY A 256 -19.48 34.60 42.84
C GLY A 256 -18.86 33.22 42.82
N LYS A 257 -17.97 32.93 43.76
CA LYS A 257 -17.39 31.57 43.87
C LYS A 257 -18.50 30.54 43.96
N SER A 258 -18.37 29.51 43.15
CA SER A 258 -19.42 28.53 43.02
C SER A 258 -18.78 27.20 42.71
N PHE A 259 -19.54 26.13 42.89
CA PHE A 259 -19.06 24.80 42.54
C PHE A 259 -20.21 23.96 42.00
N GLY A 260 -19.85 22.86 41.36
CA GLY A 260 -20.86 21.95 40.79
C GLY A 260 -20.60 20.57 41.34
N VAL A 261 -21.66 19.76 41.41
CA VAL A 261 -21.56 18.36 41.79
C VAL A 261 -22.23 17.54 40.70
N PHE A 262 -21.48 16.65 40.07
CA PHE A 262 -22.02 15.78 39.08
C PHE A 262 -21.76 14.31 39.46
N LEU A 263 -22.84 13.52 39.55
CA LEU A 263 -22.76 12.06 39.70
C LEU A 263 -22.88 11.33 38.36
N MET A 264 -21.83 10.61 37.97
CA MET A 264 -21.88 9.78 36.78
C MET A 264 -22.50 8.38 37.06
N ASN A 265 -23.81 8.31 36.94
CA ASN A 265 -24.55 7.12 37.28
C ASN A 265 -25.90 7.23 36.61
N SER A 266 -26.26 6.19 35.85
CA SER A 266 -27.51 6.17 35.06
C SER A 266 -28.59 5.29 35.66
N ASN A 267 -28.37 4.74 36.85
CA ASN A 267 -29.38 3.92 37.53
C ASN A 267 -30.48 4.83 38.10
N ALA A 268 -31.69 4.29 38.26
CA ALA A 268 -32.76 5.06 38.90
C ALA A 268 -32.31 5.47 40.29
N MET A 269 -32.64 6.70 40.67
CA MET A 269 -32.17 7.26 41.93
C MET A 269 -33.11 8.34 42.39
N GLU A 270 -32.81 8.83 43.58
CA GLU A 270 -33.50 9.92 44.22
C GLU A 270 -32.40 10.84 44.69
N ILE A 271 -32.63 12.14 44.57
CA ILE A 271 -31.79 13.15 45.24
C ILE A 271 -32.64 13.87 46.29
N PHE A 272 -32.20 13.84 47.54
CA PHE A 272 -33.00 14.39 48.62
C PHE A 272 -32.31 15.63 49.19
N ILE A 273 -33.06 16.71 49.34
CA ILE A 273 -32.51 17.96 49.87
C ILE A 273 -33.19 18.35 51.16
N GLN A 274 -32.40 18.68 52.17
CA GLN A 274 -32.93 19.11 53.47
C GLN A 274 -32.20 20.35 53.95
N PRO A 275 -32.81 21.09 54.91
CA PRO A 275 -32.14 22.31 55.34
C PRO A 275 -30.80 22.02 56.03
N THR A 276 -29.93 23.03 55.94
CA THR A 276 -28.50 23.07 56.32
C THR A 276 -27.68 23.78 55.20
N PRO A 277 -27.80 23.36 53.91
CA PRO A 277 -28.48 22.21 53.31
C PRO A 277 -27.61 20.93 53.28
N ILE A 278 -28.27 19.78 53.28
CA ILE A 278 -27.62 18.50 53.05
C ILE A 278 -28.29 17.85 51.84
N VAL A 279 -27.48 17.35 50.91
CA VAL A 279 -28.00 16.59 49.80
C VAL A 279 -27.65 15.13 50.00
N THR A 280 -28.66 14.27 49.88
CA THR A 280 -28.48 12.83 49.97
C THR A 280 -28.83 12.17 48.63
N TYR A 281 -27.95 11.29 48.18
CA TYR A 281 -28.21 10.48 46.98
C TYR A 281 -28.60 9.07 47.40
N ARG A 282 -29.69 8.55 46.83
CA ARG A 282 -30.09 7.18 47.08
C ARG A 282 -30.23 6.53 45.72
N VAL A 283 -29.32 5.62 45.40
CA VAL A 283 -29.26 5.10 44.04
C VAL A 283 -29.37 3.59 44.02
N THR A 284 -30.01 3.06 42.99
CA THR A 284 -30.42 1.64 42.95
C THR A 284 -29.41 0.67 42.34
N GLY A 285 -28.27 1.18 41.89
CA GLY A 285 -27.25 0.32 41.31
C GLY A 285 -26.04 1.12 40.91
N GLY A 286 -25.16 0.50 40.13
CA GLY A 286 -23.92 1.13 39.69
C GLY A 286 -22.90 1.39 40.79
N ILE A 287 -22.09 2.43 40.60
CA ILE A 287 -21.03 2.81 41.52
C ILE A 287 -21.23 4.30 41.86
N LEU A 288 -20.47 4.78 42.84
CA LEU A 288 -20.46 6.20 43.10
C LEU A 288 -19.28 6.80 42.36
N ASP A 289 -19.56 7.71 41.43
CA ASP A 289 -18.55 8.35 40.59
C ASP A 289 -18.89 9.84 40.47
N PHE A 290 -18.26 10.62 41.35
CA PHE A 290 -18.59 12.03 41.51
C PHE A 290 -17.51 12.94 40.93
N TYR A 291 -17.95 14.07 40.36
CA TYR A 291 -17.04 15.12 39.96
C TYR A 291 -17.43 16.37 40.73
N ILE A 292 -16.47 17.01 41.38
CA ILE A 292 -16.68 18.30 42.00
C ILE A 292 -15.92 19.33 41.17
N LEU A 293 -16.63 20.38 40.76
CA LEU A 293 -16.13 21.32 39.77
C LEU A 293 -16.13 22.71 40.38
N LEU A 294 -14.96 23.33 40.48
CA LEU A 294 -14.84 24.66 41.05
C LEU A 294 -14.83 25.75 39.97
N GLY A 295 -15.51 26.85 40.24
CA GLY A 295 -15.47 28.03 39.39
C GLY A 295 -15.43 29.33 40.18
N ASP A 296 -14.91 30.38 39.56
CA ASP A 296 -14.94 31.70 40.14
C ASP A 296 -16.31 32.34 40.03
N THR A 297 -17.16 31.82 39.16
CA THR A 297 -18.50 32.37 38.91
C THR A 297 -19.38 31.19 38.58
N PRO A 298 -20.72 31.35 38.68
CA PRO A 298 -21.63 30.26 38.26
C PRO A 298 -21.45 29.82 36.79
N GLU A 299 -21.21 30.79 35.91
CA GLU A 299 -20.96 30.51 34.50
C GLU A 299 -19.72 29.60 34.32
N GLN A 300 -18.66 29.86 35.08
CA GLN A 300 -17.45 29.03 34.99
C GLN A 300 -17.69 27.58 35.43
N VAL A 301 -18.57 27.40 36.40
CA VAL A 301 -18.95 26.06 36.85
C VAL A 301 -19.63 25.29 35.72
N VAL A 302 -20.55 25.97 35.04
CA VAL A 302 -21.28 25.38 33.91
C VAL A 302 -20.28 25.01 32.80
N GLN A 303 -19.36 25.94 32.51
CA GLN A 303 -18.29 25.71 31.53
C GLN A 303 -17.43 24.50 31.85
N GLN A 304 -17.02 24.38 33.13
CA GLN A 304 -16.27 23.22 33.61
C GLN A 304 -17.04 21.93 33.45
N TYR A 305 -18.32 21.97 33.75
CA TYR A 305 -19.19 20.83 33.54
C TYR A 305 -19.22 20.35 32.08
N GLN A 306 -19.35 21.28 31.16
CA GLN A 306 -19.38 20.95 29.72
C GLN A 306 -18.05 20.47 29.18
N GLN A 307 -16.97 21.03 29.71
CA GLN A 307 -15.63 20.59 29.47
C GLN A 307 -15.48 19.10 29.82
N LEU A 308 -16.10 18.68 30.92
CA LEU A 308 -16.10 17.27 31.32
C LEU A 308 -16.96 16.36 30.41
N VAL A 309 -18.25 16.68 30.30
CA VAL A 309 -19.19 15.78 29.63
C VAL A 309 -19.32 15.99 28.12
N GLY A 310 -18.80 17.10 27.60
CA GLY A 310 -18.85 17.37 26.16
C GLY A 310 -19.52 18.70 25.87
N LEU A 311 -18.82 19.55 25.14
CA LEU A 311 -19.35 20.83 24.68
C LEU A 311 -20.53 20.63 23.72
N PRO A 312 -21.54 21.53 23.79
CA PRO A 312 -22.73 21.41 22.95
C PRO A 312 -22.43 21.53 21.46
N ALA A 313 -23.12 20.75 20.66
CA ALA A 313 -23.06 20.89 19.19
C ALA A 313 -23.42 22.32 18.71
N MET A 314 -22.72 22.77 17.68
CA MET A 314 -23.07 24.02 17.01
C MET A 314 -24.33 23.77 16.14
N PRO A 315 -25.43 24.51 16.33
CA PRO A 315 -26.58 24.26 15.47
C PRO A 315 -26.37 24.87 14.07
N ALA A 316 -27.11 24.38 13.07
CA ALA A 316 -27.23 25.08 11.79
C ALA A 316 -27.97 26.37 12.05
N TYR A 317 -27.61 27.39 11.31
CA TYR A 317 -28.23 28.71 11.52
C TYR A 317 -29.77 28.65 11.40
N TRP A 318 -30.27 27.83 10.48
CA TRP A 318 -31.71 27.65 10.29
C TRP A 318 -32.43 26.98 11.45
N ASN A 319 -31.70 26.21 12.27
CA ASN A 319 -32.29 25.61 13.47
C ASN A 319 -32.90 26.69 14.36
N LEU A 320 -32.41 27.93 14.21
CA LEU A 320 -32.74 29.04 15.09
C LEU A 320 -33.96 29.80 14.61
N GLY A 321 -34.44 29.45 13.41
CA GLY A 321 -35.68 30.01 12.89
C GLY A 321 -36.89 29.45 13.63
N PHE A 322 -38.00 30.17 13.57
CA PHE A 322 -39.25 29.75 14.19
C PHE A 322 -39.79 28.50 13.47
N GLN A 323 -40.32 27.56 14.24
CA GLN A 323 -40.95 26.34 13.70
C GLN A 323 -42.46 26.26 13.97
N LEU A 324 -43.23 25.78 12.99
CA LEU A 324 -44.67 25.49 13.16
C LEU A 324 -44.89 24.00 13.16
N SER A 325 -45.77 23.54 14.05
CA SER A 325 -45.94 22.13 14.28
C SER A 325 -47.26 21.86 14.97
N ARG A 326 -47.81 20.67 14.74
CA ARG A 326 -48.82 20.11 15.60
C ARG A 326 -48.92 18.61 15.37
N TRP A 327 -49.41 17.95 16.41
CA TRP A 327 -49.84 16.58 16.32
C TRP A 327 -51.18 16.55 15.62
N ASN A 328 -51.24 15.79 14.53
CA ASN A 328 -52.45 15.53 13.77
C ASN A 328 -53.05 16.72 13.00
N TYR A 329 -52.30 17.21 12.00
CA TYR A 329 -52.84 18.10 10.97
C TYR A 329 -53.87 17.29 10.22
N LYS A 330 -53.65 15.96 10.16
CA LYS A 330 -54.58 14.97 9.59
C LYS A 330 -54.40 14.74 8.09
N SER A 331 -54.12 15.80 7.33
CA SER A 331 -53.91 15.67 5.91
C SER A 331 -52.90 16.69 5.43
N LEU A 332 -52.24 16.39 4.30
CA LEU A 332 -51.36 17.36 3.66
C LEU A 332 -52.10 18.64 3.26
N ASP A 333 -53.37 18.52 2.87
CA ASP A 333 -54.19 19.71 2.58
C ASP A 333 -54.26 20.71 3.76
N VAL A 334 -54.43 20.20 4.98
CA VAL A 334 -54.44 21.06 6.16
C VAL A 334 -53.06 21.69 6.36
N VAL A 335 -52.00 20.88 6.25
CA VAL A 335 -50.62 21.38 6.40
C VAL A 335 -50.41 22.55 5.44
N LYS A 336 -50.82 22.38 4.19
CA LYS A 336 -50.67 23.43 3.16
C LYS A 336 -51.44 24.69 3.50
N GLU A 337 -52.62 24.55 4.08
CA GLU A 337 -53.41 25.71 4.46
C GLU A 337 -52.74 26.46 5.61
N VAL A 338 -52.22 25.71 6.59
CA VAL A 338 -51.49 26.32 7.71
C VAL A 338 -50.30 27.11 7.18
N VAL A 339 -49.47 26.47 6.35
CA VAL A 339 -48.33 27.15 5.72
C VAL A 339 -48.77 28.40 4.95
N ARG A 340 -49.82 28.26 4.14
CA ARG A 340 -50.31 29.38 3.33
C ARG A 340 -50.69 30.60 4.16
N ARG A 341 -51.47 30.37 5.22
CA ARG A 341 -52.00 31.49 6.00
C ARG A 341 -50.90 32.21 6.79
N ASN A 342 -49.89 31.48 7.25
CA ASN A 342 -48.82 32.08 8.05
C ASN A 342 -47.82 32.83 7.15
N ARG A 343 -47.55 32.27 5.97
CA ARG A 343 -46.84 33.02 4.91
C ARG A 343 -47.57 34.32 4.58
N GLU A 344 -48.88 34.23 4.41
CA GLU A 344 -49.72 35.40 4.06
C GLU A 344 -49.67 36.50 5.13
N ALA A 345 -49.57 36.09 6.41
CA ALA A 345 -49.50 37.04 7.52
C ALA A 345 -48.11 37.62 7.69
N GLY A 346 -47.14 37.12 6.94
CA GLY A 346 -45.75 37.57 7.09
C GLY A 346 -45.11 37.12 8.40
N ILE A 347 -45.53 35.97 8.91
CA ILE A 347 -44.95 35.37 10.10
C ILE A 347 -43.62 34.77 9.69
N PRO A 348 -42.52 35.23 10.30
CA PRO A 348 -41.23 34.61 10.01
C PRO A 348 -41.23 33.19 10.53
N PHE A 349 -40.94 32.23 9.66
CA PHE A 349 -40.77 30.84 10.08
C PHE A 349 -40.01 30.03 9.08
N ASP A 350 -38.96 29.39 9.57
CA ASP A 350 -38.10 28.58 8.71
C ASP A 350 -38.61 27.21 8.39
N THR A 351 -39.40 26.65 9.32
CA THR A 351 -39.55 25.20 9.41
C THR A 351 -40.99 24.78 9.66
N GLN A 352 -41.42 23.84 8.83
CA GLN A 352 -42.65 23.13 9.02
C GLN A 352 -42.29 21.76 9.54
N VAL A 353 -42.94 21.39 10.64
CA VAL A 353 -42.74 20.10 11.28
C VAL A 353 -43.97 19.27 11.07
N THR A 354 -43.75 17.99 10.83
CA THR A 354 -44.82 17.06 10.69
C THR A 354 -44.65 15.94 11.75
N ASP A 355 -45.70 15.71 12.54
CA ASP A 355 -45.79 14.69 13.59
C ASP A 355 -46.23 13.35 12.97
N ILE A 356 -46.61 12.38 13.82
CA ILE A 356 -46.82 10.98 13.39
C ILE A 356 -47.94 10.74 12.36
N ASP A 357 -48.88 11.68 12.22
CA ASP A 357 -49.91 11.58 11.17
C ASP A 357 -49.41 11.51 9.73
N TYR A 358 -48.22 12.04 9.44
CA TYR A 358 -47.64 11.95 8.06
C TYR A 358 -47.33 10.52 7.65
N MET A 359 -47.15 9.64 8.64
CA MET A 359 -46.72 8.26 8.41
C MET A 359 -47.89 7.42 7.94
N GLU A 360 -47.61 6.30 7.29
CA GLU A 360 -48.64 5.29 7.09
C GLU A 360 -48.83 4.51 8.41
N ASP A 361 -50.00 4.67 9.05
CA ASP A 361 -50.35 3.93 10.27
C ASP A 361 -49.27 4.06 11.37
N LYS A 362 -48.68 5.25 11.43
CA LYS A 362 -47.74 5.65 12.45
C LYS A 362 -46.47 4.80 12.43
N LYS A 363 -46.13 4.24 11.27
CA LYS A 363 -44.87 3.50 11.10
C LYS A 363 -43.76 4.41 10.60
N ASP A 364 -42.60 4.33 11.26
CA ASP A 364 -41.41 5.07 10.83
C ASP A 364 -41.09 4.74 9.38
N PHE A 365 -40.53 5.71 8.67
CA PHE A 365 -39.94 5.47 7.34
C PHE A 365 -41.00 5.10 6.31
N THR A 366 -42.22 5.58 6.54
CA THR A 366 -43.30 5.47 5.56
C THR A 366 -44.00 6.81 5.54
N TYR A 367 -44.73 7.11 4.48
CA TYR A 367 -45.70 8.20 4.56
C TYR A 367 -47.07 7.74 4.05
N ASP A 368 -48.12 8.38 4.57
CA ASP A 368 -49.49 8.03 4.27
C ASP A 368 -49.79 8.41 2.81
N GLN A 369 -49.89 7.41 1.94
CA GLN A 369 -50.13 7.61 0.49
C GLN A 369 -51.51 8.22 0.18
N VAL A 370 -52.42 8.15 1.15
CA VAL A 370 -53.77 8.68 0.98
C VAL A 370 -53.76 10.14 1.46
N ALA A 371 -53.71 10.33 2.79
CA ALA A 371 -53.81 11.65 3.38
C ALA A 371 -52.58 12.53 3.11
N PHE A 372 -51.44 11.93 2.79
CA PHE A 372 -50.25 12.73 2.48
C PHE A 372 -49.69 12.44 1.09
N ASN A 373 -50.59 12.06 0.18
CA ASN A 373 -50.32 12.01 -1.27
C ASN A 373 -49.72 13.34 -1.71
N GLY A 374 -48.58 13.31 -2.39
CA GLY A 374 -47.98 14.58 -2.85
C GLY A 374 -47.06 15.24 -1.83
N LEU A 375 -46.69 14.51 -0.77
CA LEU A 375 -45.76 15.02 0.23
C LEU A 375 -44.41 15.45 -0.34
N PRO A 376 -43.81 14.64 -1.25
CA PRO A 376 -42.52 15.04 -1.84
C PRO A 376 -42.57 16.38 -2.55
N GLN A 377 -43.69 16.65 -3.21
CA GLN A 377 -43.83 17.87 -3.98
C GLN A 377 -44.09 19.04 -3.03
N PHE A 378 -44.72 18.77 -1.90
CA PHE A 378 -44.84 19.78 -0.86
C PHE A 378 -43.46 20.13 -0.26
N VAL A 379 -42.61 19.13 -0.05
CA VAL A 379 -41.27 19.41 0.46
C VAL A 379 -40.51 20.28 -0.55
N GLN A 380 -40.69 20.01 -1.84
CA GLN A 380 -40.09 20.86 -2.88
C GLN A 380 -40.58 22.31 -2.81
N ASP A 381 -41.88 22.50 -2.59
CA ASP A 381 -42.46 23.84 -2.35
C ASP A 381 -41.87 24.57 -1.13
N LEU A 382 -41.67 23.85 -0.02
CA LEU A 382 -41.03 24.45 1.15
C LEU A 382 -39.63 24.92 0.75
N HIS A 383 -38.88 24.05 0.07
CA HIS A 383 -37.50 24.35 -0.31
C HIS A 383 -37.39 25.52 -1.29
N ASP A 384 -38.39 25.65 -2.17
CA ASP A 384 -38.49 26.80 -3.11
C ASP A 384 -38.69 28.12 -2.38
N HIS A 385 -39.35 28.07 -1.23
CA HIS A 385 -39.55 29.26 -0.42
C HIS A 385 -38.43 29.45 0.60
N GLY A 386 -37.36 28.66 0.47
CA GLY A 386 -36.21 28.77 1.41
C GLY A 386 -36.54 28.25 2.80
N GLN A 387 -37.59 27.43 2.90
CA GLN A 387 -37.95 26.81 4.18
C GLN A 387 -37.52 25.36 4.29
N LYS A 388 -37.63 24.82 5.51
CA LYS A 388 -37.07 23.52 5.86
C LYS A 388 -38.21 22.64 6.32
N TYR A 389 -38.00 21.34 6.20
CA TYR A 389 -39.00 20.36 6.62
C TYR A 389 -38.39 19.42 7.66
N VAL A 390 -39.02 19.34 8.83
CA VAL A 390 -38.57 18.43 9.90
C VAL A 390 -39.64 17.36 10.15
N ILE A 391 -39.19 16.11 10.25
CA ILE A 391 -40.07 14.99 10.57
C ILE A 391 -39.76 14.36 11.92
N ILE A 392 -40.81 13.82 12.55
CA ILE A 392 -40.66 13.01 13.75
C ILE A 392 -40.27 11.60 13.34
N LEU A 393 -39.42 10.98 14.17
CA LEU A 393 -39.11 9.57 14.12
C LEU A 393 -39.16 9.03 15.56
N ASP A 394 -39.87 7.91 15.73
CA ASP A 394 -39.89 7.17 16.99
C ASP A 394 -38.90 6.03 16.92
N PRO A 395 -38.35 5.61 18.08
CA PRO A 395 -37.42 4.48 18.01
C PRO A 395 -38.09 3.15 17.67
N ALA A 396 -39.30 2.91 18.17
CA ALA A 396 -39.91 1.59 18.14
C ALA A 396 -40.46 1.23 16.76
N ILE A 397 -40.20 0.00 16.33
CA ILE A 397 -40.52 -0.46 14.98
C ILE A 397 -41.64 -1.49 15.01
N SER A 398 -42.69 -1.22 14.25
CA SER A 398 -43.83 -2.12 14.11
C SER A 398 -43.44 -3.53 13.65
N ILE A 399 -44.07 -4.53 14.28
CA ILE A 399 -43.97 -5.93 13.86
C ILE A 399 -45.07 -6.30 12.86
N GLY A 400 -45.86 -5.32 12.41
CA GLY A 400 -46.99 -5.58 11.51
C GLY A 400 -46.65 -5.41 10.04
N ARG A 401 -47.61 -5.66 9.17
CA ARG A 401 -47.48 -5.46 7.71
C ARG A 401 -47.89 -4.05 7.32
N ARG A 402 -47.52 -3.63 6.12
CA ARG A 402 -47.98 -2.36 5.56
C ARG A 402 -49.45 -2.46 5.10
N ALA A 403 -50.04 -1.31 4.81
CA ALA A 403 -51.48 -1.17 4.50
C ALA A 403 -51.90 -2.01 3.30
N ASN A 404 -51.04 -2.11 2.30
CA ASN A 404 -51.30 -2.99 1.17
C ASN A 404 -51.14 -4.49 1.48
N GLY A 405 -50.72 -4.80 2.72
CA GLY A 405 -50.54 -6.20 3.16
C GLY A 405 -49.11 -6.69 2.91
N THR A 406 -48.26 -5.78 2.45
CA THR A 406 -46.90 -6.13 2.12
C THR A 406 -46.02 -6.05 3.37
N THR A 407 -44.84 -6.65 3.29
CA THR A 407 -43.92 -6.65 4.44
C THR A 407 -43.42 -5.22 4.70
N TYR A 408 -43.22 -4.94 5.97
CA TYR A 408 -42.65 -3.70 6.42
C TYR A 408 -41.14 -3.88 6.35
N ALA A 409 -40.51 -3.32 5.31
CA ALA A 409 -39.10 -3.55 5.02
C ALA A 409 -38.13 -3.06 6.11
N THR A 410 -38.50 -2.00 6.81
CA THR A 410 -37.74 -1.50 7.94
C THR A 410 -37.57 -2.59 9.01
N TYR A 411 -38.65 -3.29 9.32
CA TYR A 411 -38.62 -4.41 10.25
C TYR A 411 -37.86 -5.64 9.70
N GLU A 412 -38.09 -6.00 8.43
CA GLU A 412 -37.37 -7.13 7.82
C GLU A 412 -35.87 -6.94 7.92
N ARG A 413 -35.42 -5.75 7.49
CA ARG A 413 -34.01 -5.39 7.51
C ARG A 413 -33.43 -5.34 8.94
N GLY A 414 -34.21 -4.89 9.91
CA GLY A 414 -33.80 -4.91 11.32
C GLY A 414 -33.63 -6.34 11.82
N ASN A 415 -34.56 -7.22 11.41
CA ASN A 415 -34.46 -8.65 11.73
C ASN A 415 -33.22 -9.30 11.18
N THR A 416 -32.97 -9.08 9.89
CA THR A 416 -31.78 -9.59 9.23
C THR A 416 -30.48 -9.10 9.89
N GLN A 417 -30.49 -7.86 10.39
CA GLN A 417 -29.29 -7.27 10.98
C GLN A 417 -29.17 -7.47 12.49
N HIS A 418 -30.16 -8.12 13.09
CA HIS A 418 -30.21 -8.42 14.54
C HIS A 418 -30.02 -7.21 15.41
N VAL A 419 -30.79 -6.18 15.13
CA VAL A 419 -30.61 -4.86 15.73
C VAL A 419 -31.41 -4.61 17.03
N TRP A 420 -32.24 -5.56 17.43
CA TRP A 420 -33.20 -5.30 18.51
C TRP A 420 -32.67 -5.53 19.93
N ILE A 421 -33.33 -4.90 20.89
CA ILE A 421 -33.16 -5.18 22.30
C ILE A 421 -33.82 -6.53 22.56
N ASN A 422 -33.14 -7.37 23.32
CA ASN A 422 -33.60 -8.69 23.58
C ASN A 422 -34.16 -8.85 24.99
N GLU A 423 -35.03 -9.84 25.15
CA GLU A 423 -35.41 -10.38 26.44
C GLU A 423 -34.16 -10.89 27.20
N SER A 424 -34.34 -11.25 28.48
CA SER A 424 -33.23 -11.75 29.32
C SER A 424 -32.58 -12.99 28.74
N ASP A 425 -33.32 -13.75 27.94
CA ASP A 425 -32.73 -14.91 27.26
C ASP A 425 -31.57 -14.53 26.33
N GLY A 426 -31.50 -13.25 25.95
CA GLY A 426 -30.42 -12.73 25.12
C GLY A 426 -30.54 -13.06 23.64
N SER A 427 -31.70 -13.53 23.20
CA SER A 427 -31.88 -13.90 21.79
C SER A 427 -33.26 -13.59 21.21
N THR A 428 -34.25 -13.38 22.07
CA THR A 428 -35.60 -13.09 21.61
C THR A 428 -35.88 -11.59 21.73
N PRO A 429 -36.20 -10.93 20.60
CA PRO A 429 -36.51 -9.51 20.68
C PRO A 429 -37.68 -9.26 21.64
N ILE A 430 -37.55 -8.28 22.52
CA ILE A 430 -38.62 -7.91 23.45
C ILE A 430 -39.69 -7.09 22.71
N ILE A 431 -40.96 -7.44 22.94
CA ILE A 431 -42.07 -6.75 22.27
C ILE A 431 -42.76 -5.80 23.23
N GLY A 432 -42.90 -4.55 22.83
CA GLY A 432 -43.66 -3.58 23.56
C GLY A 432 -44.79 -3.06 22.69
N GLU A 433 -45.27 -1.86 23.02
CA GLU A 433 -46.31 -1.21 22.23
C GLU A 433 -46.14 0.31 22.22
N VAL A 434 -46.19 0.89 21.03
CA VAL A 434 -46.21 2.34 20.91
C VAL A 434 -47.21 2.69 19.80
N TRP A 435 -46.98 3.78 19.07
CA TRP A 435 -48.00 4.31 18.16
C TRP A 435 -48.51 3.33 17.07
N PRO A 436 -47.60 2.64 16.35
CA PRO A 436 -48.12 1.70 15.31
C PRO A 436 -48.73 0.40 15.83
N GLY A 437 -48.73 0.19 17.14
CA GLY A 437 -49.16 -1.09 17.70
C GLY A 437 -47.96 -1.76 18.35
N LEU A 438 -47.91 -3.09 18.26
CA LEU A 438 -46.83 -3.86 18.83
C LEU A 438 -45.53 -3.55 18.08
N THR A 439 -44.45 -3.40 18.85
CA THR A 439 -43.17 -2.88 18.34
C THR A 439 -41.99 -3.60 18.96
N VAL A 440 -40.90 -3.72 18.20
CA VAL A 440 -39.61 -4.10 18.76
C VAL A 440 -38.80 -2.81 18.91
N TYR A 441 -37.67 -2.88 19.62
CA TYR A 441 -36.92 -1.71 19.99
C TYR A 441 -35.49 -1.84 19.49
N PRO A 442 -35.04 -0.87 18.70
CA PRO A 442 -33.66 -0.92 18.29
C PRO A 442 -32.73 -0.77 19.51
N ASP A 443 -31.66 -1.53 19.50
CA ASP A 443 -30.56 -1.31 20.44
C ASP A 443 -29.53 -0.35 19.82
N PHE A 444 -29.69 0.95 20.06
CA PHE A 444 -28.80 1.98 19.51
C PHE A 444 -27.36 1.91 20.05
N THR A 445 -27.11 1.08 21.07
CA THR A 445 -25.75 0.94 21.60
C THR A 445 -24.95 -0.08 20.81
N ASN A 446 -25.64 -0.85 19.96
CA ASN A 446 -25.09 -1.82 19.04
C ASN A 446 -24.67 -1.13 17.72
N PRO A 447 -23.35 -1.17 17.38
CA PRO A 447 -22.85 -0.65 16.09
C PRO A 447 -23.65 -1.08 14.84
N ASN A 448 -24.15 -2.32 14.83
CA ASN A 448 -24.94 -2.83 13.72
C ASN A 448 -26.30 -2.14 13.63
N CYS A 449 -26.85 -1.79 14.80
CA CYS A 449 -28.09 -1.05 14.86
C CYS A 449 -27.88 0.38 14.36
N ILE A 450 -26.78 1.02 14.75
CA ILE A 450 -26.48 2.36 14.25
C ILE A 450 -26.44 2.39 12.71
N ASP A 451 -25.81 1.38 12.10
CA ASP A 451 -25.70 1.30 10.63
C ASP A 451 -27.07 1.08 9.98
N TRP A 452 -27.87 0.19 10.58
CA TRP A 452 -29.21 -0.07 10.11
C TRP A 452 -30.01 1.22 10.08
N TRP A 453 -29.94 1.99 11.18
CA TRP A 453 -30.70 3.21 11.38
C TRP A 453 -30.31 4.30 10.38
N ALA A 454 -29.00 4.49 10.22
CA ALA A 454 -28.44 5.38 9.22
C ALA A 454 -28.93 5.00 7.83
N ASN A 455 -29.04 3.71 7.57
CA ASN A 455 -29.49 3.25 6.28
C ASN A 455 -30.99 3.46 6.09
N GLU A 456 -31.77 3.29 7.16
CA GLU A 456 -33.21 3.56 7.11
C GLU A 456 -33.51 5.05 6.82
N CYS A 457 -32.73 5.92 7.43
CA CYS A 457 -32.89 7.37 7.29
C CYS A 457 -32.54 7.80 5.88
N SER A 458 -31.49 7.17 5.34
CA SER A 458 -31.04 7.43 3.99
C SER A 458 -32.05 6.97 2.95
N ILE A 459 -32.53 5.74 3.07
CA ILE A 459 -33.59 5.21 2.19
C ILE A 459 -34.82 6.12 2.15
N PHE A 460 -35.25 6.56 3.34
CA PHE A 460 -36.42 7.42 3.45
C PHE A 460 -36.18 8.82 2.90
N HIS A 461 -34.95 9.32 3.04
CA HIS A 461 -34.65 10.63 2.52
C HIS A 461 -34.74 10.71 1.00
N GLN A 462 -34.53 9.59 0.30
CA GLN A 462 -34.74 9.54 -1.17
C GLN A 462 -36.21 9.72 -1.53
N GLU A 463 -37.10 9.33 -0.63
CA GLU A 463 -38.54 9.49 -0.85
C GLU A 463 -39.04 10.86 -0.37
N VAL A 464 -38.62 11.27 0.82
CA VAL A 464 -39.07 12.51 1.45
C VAL A 464 -37.85 13.30 1.88
N GLN A 465 -37.56 14.39 1.17
CA GLN A 465 -36.32 15.13 1.38
C GLN A 465 -36.38 16.04 2.61
N TYR A 466 -36.56 15.45 3.79
CA TYR A 466 -36.55 16.18 5.05
C TYR A 466 -35.19 16.80 5.30
N ASP A 467 -35.17 17.83 6.16
CA ASP A 467 -33.93 18.56 6.42
C ASP A 467 -33.36 18.29 7.79
N GLY A 468 -34.23 17.85 8.70
CA GLY A 468 -33.84 17.52 10.07
C GLY A 468 -34.83 16.56 10.69
N LEU A 469 -34.49 16.09 11.90
CA LEU A 469 -35.16 14.95 12.52
C LEU A 469 -35.54 15.28 13.96
N TRP A 470 -36.75 14.91 14.33
CA TRP A 470 -37.19 15.07 15.71
C TRP A 470 -37.35 13.64 16.28
N ILE A 471 -36.53 13.29 17.28
CA ILE A 471 -36.55 11.92 17.78
C ILE A 471 -37.28 11.92 19.12
N ASP A 472 -38.38 11.18 19.17
CA ASP A 472 -39.34 11.29 20.28
C ASP A 472 -39.53 9.92 20.92
N MET A 473 -40.28 9.86 22.02
CA MET A 473 -40.58 8.58 22.74
C MET A 473 -39.35 7.73 23.07
N ASN A 474 -38.21 8.37 23.29
CA ASN A 474 -36.97 7.62 23.45
C ASN A 474 -36.44 7.49 24.90
N GLU A 475 -37.35 7.36 25.85
CA GLU A 475 -37.03 7.17 27.27
C GLU A 475 -36.38 5.82 27.70
N VAL A 476 -36.75 4.67 27.13
CA VAL A 476 -37.70 4.49 26.03
C VAL A 476 -39.13 4.20 26.53
N SER A 477 -40.11 4.68 25.76
CA SER A 477 -41.50 4.60 26.13
C SER A 477 -42.22 3.36 25.58
N SER A 478 -43.14 2.83 26.38
CA SER A 478 -44.01 1.74 25.96
C SER A 478 -45.37 1.92 26.61
N PHE A 479 -46.42 1.60 25.85
CA PHE A 479 -47.81 1.66 26.30
C PHE A 479 -48.27 0.36 26.96
N ILE A 480 -47.46 -0.69 26.87
CA ILE A 480 -47.66 -1.88 27.72
C ILE A 480 -46.49 -1.96 28.73
N GLN A 481 -46.79 -2.46 29.93
CA GLN A 481 -45.81 -2.47 31.01
C GLN A 481 -44.80 -3.59 30.82
N GLY A 482 -43.55 -3.20 30.60
CA GLY A 482 -42.44 -4.14 30.51
C GLY A 482 -42.36 -4.87 29.19
N SER A 483 -43.38 -5.64 28.87
CA SER A 483 -43.44 -6.34 27.59
C SER A 483 -44.76 -7.06 27.44
N THR A 484 -44.97 -7.53 26.23
CA THR A 484 -46.04 -8.42 25.83
C THR A 484 -46.25 -9.61 26.81
N LYS A 485 -45.17 -10.12 27.39
CA LYS A 485 -45.20 -11.29 28.27
C LYS A 485 -45.17 -10.91 29.74
N GLY A 486 -45.34 -9.62 30.04
CA GLY A 486 -45.07 -9.10 31.37
C GLY A 486 -43.57 -9.11 31.67
N CYS A 487 -43.22 -9.19 32.95
CA CYS A 487 -41.83 -9.18 33.38
C CYS A 487 -41.58 -10.34 34.34
N ASN A 488 -40.37 -10.88 34.34
CA ASN A 488 -40.01 -11.89 35.33
C ASN A 488 -40.02 -11.24 36.71
N VAL A 489 -40.52 -11.95 37.71
CA VAL A 489 -40.53 -11.43 39.07
C VAL A 489 -39.16 -11.73 39.68
N ASN A 490 -38.23 -10.81 39.49
CA ASN A 490 -36.90 -10.89 40.07
C ASN A 490 -36.50 -9.55 40.67
N LYS A 491 -35.27 -9.47 41.14
CA LYS A 491 -34.77 -8.30 41.87
C LYS A 491 -34.59 -7.06 40.99
N LEU A 492 -34.45 -7.26 39.67
CA LEU A 492 -34.28 -6.13 38.76
C LEU A 492 -35.60 -5.45 38.46
N ASN A 493 -36.64 -6.23 38.20
CA ASN A 493 -37.97 -5.66 37.94
C ASN A 493 -38.64 -5.23 39.22
N TYR A 494 -38.22 -5.83 40.33
CA TYR A 494 -38.77 -5.52 41.65
C TYR A 494 -37.63 -5.34 42.67
N PRO A 495 -36.99 -4.15 42.66
CA PRO A 495 -35.82 -3.96 43.54
C PRO A 495 -36.19 -3.76 45.01
N PRO A 496 -35.23 -4.00 45.93
CA PRO A 496 -35.51 -3.90 47.38
C PRO A 496 -35.74 -2.44 47.82
N PHE A 497 -35.07 -1.50 47.13
CA PHE A 497 -35.33 -0.06 47.28
C PHE A 497 -35.87 0.56 45.99
N THR A 498 -37.06 1.15 46.09
CA THR A 498 -37.67 1.84 44.99
C THR A 498 -37.73 3.34 45.28
N PRO A 499 -36.96 4.13 44.52
CA PRO A 499 -37.06 5.58 44.67
C PRO A 499 -38.46 6.08 44.31
N ASP A 500 -38.70 7.35 44.61
CA ASP A 500 -39.99 7.99 44.43
C ASP A 500 -40.30 8.28 42.96
N ILE A 501 -39.92 7.36 42.07
CA ILE A 501 -40.34 7.41 40.66
C ILE A 501 -41.84 7.23 40.50
N LEU A 502 -42.40 7.88 39.48
CA LEU A 502 -43.81 7.74 39.16
C LEU A 502 -44.23 6.28 39.04
N ASP A 503 -45.34 5.94 39.67
CA ASP A 503 -45.86 4.58 39.72
C ASP A 503 -45.10 3.63 40.67
N LYS A 504 -43.93 4.06 41.16
CA LYS A 504 -43.05 3.22 41.99
C LYS A 504 -42.86 1.81 41.43
N LEU A 505 -42.62 1.74 40.13
CA LEU A 505 -42.47 0.48 39.41
C LEU A 505 -41.51 0.76 38.27
N MET A 506 -40.36 0.09 38.33
CA MET A 506 -39.21 0.39 37.47
C MET A 506 -39.56 0.38 35.98
N TYR A 507 -40.34 -0.62 35.58
CA TYR A 507 -40.59 -0.87 34.18
C TYR A 507 -41.90 -0.23 33.74
N SER A 508 -42.44 0.63 34.60
CA SER A 508 -43.66 1.36 34.24
C SER A 508 -43.42 2.26 33.03
N LYS A 509 -44.24 2.11 32.00
CA LYS A 509 -44.16 2.91 30.75
C LYS A 509 -42.90 2.67 29.95
N THR A 510 -42.30 1.50 30.14
CA THR A 510 -41.03 1.20 29.52
C THR A 510 -40.89 -0.33 29.39
N ILE A 511 -39.69 -0.80 29.05
CA ILE A 511 -39.45 -2.22 28.91
C ILE A 511 -38.84 -2.85 30.19
N CYS A 512 -38.88 -4.18 30.24
CA CYS A 512 -38.40 -4.96 31.39
C CYS A 512 -36.98 -4.61 31.75
N MET A 513 -36.73 -4.55 33.06
CA MET A 513 -35.40 -4.24 33.60
C MET A 513 -34.32 -5.26 33.25
N ASP A 514 -34.72 -6.48 32.94
CA ASP A 514 -33.76 -7.53 32.61
C ASP A 514 -33.52 -7.71 31.09
N ALA A 515 -34.10 -6.82 30.29
CA ALA A 515 -33.83 -6.78 28.86
C ALA A 515 -32.35 -6.46 28.62
N VAL A 516 -31.84 -6.92 27.49
CA VAL A 516 -30.43 -6.97 27.17
C VAL A 516 -30.05 -6.04 25.98
N GLN A 517 -29.13 -5.11 26.23
CA GLN A 517 -28.50 -4.31 25.16
C GLN A 517 -27.00 -4.56 25.08
N ASN A 518 -26.38 -4.11 23.99
CA ASN A 518 -24.91 -4.11 23.90
C ASN A 518 -24.21 -3.51 25.15
N TRP A 519 -24.75 -2.39 25.67
CA TRP A 519 -24.12 -1.69 26.80
C TRP A 519 -24.46 -2.29 28.17
N GLY A 520 -25.46 -3.15 28.20
CA GLY A 520 -25.83 -3.83 29.45
C GLY A 520 -27.32 -4.06 29.62
N LYS A 521 -27.68 -4.40 30.85
CA LYS A 521 -29.05 -4.74 31.23
C LYS A 521 -29.84 -3.45 31.32
N GLN A 522 -31.14 -3.51 31.01
CA GLN A 522 -31.98 -2.33 31.03
C GLN A 522 -31.94 -1.60 32.38
N TYR A 523 -31.87 -2.37 33.46
CA TYR A 523 -31.75 -1.87 34.82
C TYR A 523 -30.66 -0.83 34.95
N ASP A 524 -29.52 -1.11 34.33
CA ASP A 524 -28.41 -0.18 34.30
C ASP A 524 -28.47 0.87 33.17
N VAL A 525 -28.90 0.50 31.96
CA VAL A 525 -28.76 1.41 30.80
C VAL A 525 -30.07 2.07 30.33
N HIS A 526 -31.18 1.81 31.03
CA HIS A 526 -32.46 2.42 30.68
C HIS A 526 -32.37 3.91 30.37
N SER A 527 -31.72 4.68 31.27
CA SER A 527 -31.65 6.13 31.14
C SER A 527 -30.69 6.59 30.05
N LEU A 528 -30.01 5.65 29.40
CA LEU A 528 -29.11 5.98 28.30
C LEU A 528 -29.73 5.76 26.91
N TYR A 529 -31.00 5.39 26.87
CA TYR A 529 -31.60 5.09 25.56
C TYR A 529 -31.62 6.33 24.66
N GLY A 530 -32.13 7.45 25.18
CA GLY A 530 -32.26 8.67 24.40
C GLY A 530 -30.89 9.18 24.02
N TYR A 531 -29.97 9.11 24.98
CA TYR A 531 -28.58 9.44 24.72
C TYR A 531 -27.96 8.63 23.57
N SER A 532 -28.10 7.31 23.61
CA SER A 532 -27.57 6.44 22.53
C SER A 532 -28.24 6.69 21.18
N MET A 533 -29.55 6.96 21.22
CA MET A 533 -30.31 7.22 20.00
C MET A 533 -29.90 8.52 19.33
N ALA A 534 -29.54 9.54 20.13
CA ALA A 534 -29.07 10.80 19.58
C ALA A 534 -27.71 10.66 18.93
N ILE A 535 -26.80 9.94 19.58
CA ILE A 535 -25.53 9.55 18.96
C ILE A 535 -25.75 8.82 17.63
N ALA A 536 -26.58 7.78 17.64
CA ALA A 536 -26.95 7.05 16.44
C ALA A 536 -27.49 7.93 15.30
N THR A 537 -28.35 8.87 15.67
CA THR A 537 -29.00 9.76 14.73
C THR A 537 -28.03 10.84 14.19
N GLU A 538 -27.11 11.31 15.05
CA GLU A 538 -25.98 12.11 14.60
C GLU A 538 -25.17 11.38 13.50
N GLN A 539 -24.97 10.08 13.65
CA GLN A 539 -24.31 9.30 12.59
C GLN A 539 -25.20 9.07 11.35
N ALA A 540 -26.53 8.94 11.56
CA ALA A 540 -27.47 8.94 10.43
C ALA A 540 -27.33 10.24 9.60
N VAL A 541 -27.26 11.37 10.30
CA VAL A 541 -27.15 12.70 9.68
C VAL A 541 -25.91 12.79 8.82
N GLN A 542 -24.78 12.27 9.32
CA GLN A 542 -23.57 12.31 8.51
C GLN A 542 -23.67 11.47 7.23
N LYS A 543 -24.45 10.40 7.26
CA LYS A 543 -24.75 9.65 6.04
C LYS A 543 -25.73 10.38 5.13
N VAL A 544 -26.78 10.97 5.69
CA VAL A 544 -27.86 11.54 4.89
C VAL A 544 -27.50 12.92 4.33
N PHE A 545 -26.82 13.72 5.15
CA PHE A 545 -26.43 15.09 4.83
C PHE A 545 -24.93 15.20 5.06
N PRO A 546 -24.12 14.66 4.14
CA PRO A 546 -22.68 14.59 4.46
C PRO A 546 -22.11 15.98 4.75
N ASN A 547 -21.39 16.05 5.87
CA ASN A 547 -20.75 17.28 6.36
C ASN A 547 -21.70 18.44 6.67
N LYS A 548 -22.98 18.16 6.90
CA LYS A 548 -23.94 19.19 7.34
C LYS A 548 -24.40 18.96 8.76
N ARG A 549 -24.90 20.02 9.39
CA ARG A 549 -25.37 19.95 10.77
C ARG A 549 -26.77 19.38 10.89
N SER A 550 -27.64 19.71 9.92
CA SER A 550 -29.02 19.28 9.96
C SER A 550 -29.67 19.77 11.26
N PHE A 551 -30.52 18.93 11.86
CA PHE A 551 -31.20 19.25 13.10
C PHE A 551 -31.60 17.93 13.75
N ILE A 552 -31.32 17.81 15.05
CA ILE A 552 -31.81 16.68 15.83
C ILE A 552 -32.43 17.25 17.11
N LEU A 553 -33.71 17.01 17.27
CA LEU A 553 -34.41 17.36 18.49
C LEU A 553 -34.74 16.08 19.27
N THR A 554 -34.29 15.97 20.52
CA THR A 554 -34.57 14.75 21.29
C THR A 554 -35.43 14.99 22.55
N ARG A 555 -36.20 14.00 22.95
CA ARG A 555 -36.99 14.14 24.16
C ARG A 555 -36.15 13.74 25.36
N SER A 556 -35.61 12.52 25.34
CA SER A 556 -34.83 11.99 26.46
C SER A 556 -33.36 12.34 26.29
N THR A 557 -32.76 12.73 27.42
CA THR A 557 -31.38 13.17 27.48
C THR A 557 -30.69 12.57 28.72
N PHE A 558 -29.38 12.43 28.61
CA PHE A 558 -28.50 12.08 29.72
C PHE A 558 -27.41 13.17 29.71
N ALA A 559 -26.52 13.13 30.71
CA ALA A 559 -25.34 14.01 30.76
C ALA A 559 -24.57 14.06 29.44
N GLY A 560 -24.32 15.27 28.94
CA GLY A 560 -23.58 15.42 27.68
C GLY A 560 -24.39 15.21 26.38
N SER A 561 -25.71 15.05 26.48
CA SER A 561 -26.57 14.90 25.30
C SER A 561 -26.56 16.15 24.41
N GLY A 562 -26.26 17.30 25.01
CA GLY A 562 -26.12 18.56 24.28
C GLY A 562 -25.09 18.55 23.18
N ARG A 563 -24.15 17.60 23.27
CA ARG A 563 -23.13 17.37 22.26
C ARG A 563 -23.74 16.82 20.94
N HIS A 564 -24.92 16.24 21.05
CA HIS A 564 -25.53 15.55 19.92
C HIS A 564 -26.85 16.15 19.50
N ALA A 565 -27.54 16.86 20.39
CA ALA A 565 -28.93 17.24 20.08
C ALA A 565 -29.48 18.46 20.82
N ALA A 566 -30.66 18.89 20.36
CA ALA A 566 -31.44 19.92 21.03
C ALA A 566 -32.49 19.17 21.81
N HIS A 567 -33.22 19.90 22.65
CA HIS A 567 -34.22 19.32 23.53
C HIS A 567 -35.36 20.35 23.66
N TRP A 568 -36.56 19.89 23.96
CA TRP A 568 -37.65 20.79 24.26
C TRP A 568 -38.30 20.20 25.50
N LEU A 569 -38.99 21.02 26.26
CA LEU A 569 -39.43 20.58 27.59
C LEU A 569 -40.55 19.53 27.58
N GLY A 570 -40.94 19.09 26.39
CA GLY A 570 -41.88 17.99 26.26
C GLY A 570 -43.33 18.43 26.24
N ASP A 571 -44.21 17.52 26.63
CA ASP A 571 -45.66 17.64 26.46
C ASP A 571 -46.34 18.51 27.53
N ASN A 572 -46.14 19.82 27.43
CA ASN A 572 -46.71 20.79 28.36
C ASN A 572 -48.22 21.05 28.17
N THR A 573 -48.77 21.93 28.98
CA THR A 573 -50.18 22.25 28.95
C THR A 573 -50.37 23.75 28.68
N ALA A 574 -51.43 24.08 27.96
CA ALA A 574 -51.82 25.46 27.72
C ALA A 574 -52.42 26.10 28.99
N SER A 575 -51.55 26.47 29.93
CA SER A 575 -51.95 27.23 31.09
C SER A 575 -50.86 28.25 31.39
N TRP A 576 -51.22 29.29 32.12
CA TRP A 576 -50.30 30.35 32.50
C TRP A 576 -49.14 29.85 33.32
N GLU A 577 -49.43 28.97 34.29
CA GLU A 577 -48.42 28.32 35.12
C GLU A 577 -47.37 27.59 34.36
N GLN A 578 -47.80 26.78 33.39
CA GLN A 578 -46.87 26.02 32.58
C GLN A 578 -45.96 26.96 31.78
N MET A 579 -46.48 28.11 31.41
CA MET A 579 -45.67 29.05 30.64
C MET A 579 -44.59 29.62 31.56
N GLU A 580 -45.02 29.98 32.76
CA GLU A 580 -44.11 30.47 33.76
C GLU A 580 -43.03 29.43 34.07
N TRP A 581 -43.40 28.16 34.27
CA TRP A 581 -42.43 27.16 34.68
C TRP A 581 -41.44 26.82 33.59
N SER A 582 -41.77 27.15 32.34
CA SER A 582 -40.91 26.82 31.20
C SER A 582 -39.59 27.59 31.26
N ILE A 583 -39.59 28.73 31.94
CA ILE A 583 -38.36 29.52 32.06
C ILE A 583 -37.33 28.79 32.95
N THR A 584 -37.78 28.28 34.09
CA THR A 584 -36.92 27.47 34.97
C THR A 584 -36.45 26.22 34.22
N GLY A 585 -37.37 25.57 33.53
CA GLY A 585 -37.05 24.40 32.72
C GLY A 585 -35.92 24.70 31.76
N MET A 586 -36.09 25.76 30.97
CA MET A 586 -35.08 26.25 30.03
C MET A 586 -33.71 26.49 30.68
N LEU A 587 -33.72 27.24 31.78
CA LEU A 587 -32.52 27.61 32.52
C LEU A 587 -31.75 26.42 33.08
N GLU A 588 -32.48 25.41 33.55
CA GLU A 588 -31.82 24.20 34.00
C GLU A 588 -31.09 23.48 32.87
N PHE A 589 -31.71 23.41 31.69
CA PHE A 589 -31.02 22.81 30.55
C PHE A 589 -29.83 23.58 30.04
N SER A 590 -29.86 24.91 30.19
CA SER A 590 -28.65 25.71 30.03
C SER A 590 -27.51 25.21 30.93
N LEU A 591 -27.83 24.93 32.19
CA LEU A 591 -26.84 24.43 33.15
C LEU A 591 -26.33 23.07 32.70
N PHE A 592 -27.24 22.29 32.13
CA PHE A 592 -26.93 20.94 31.62
C PHE A 592 -26.18 20.94 30.30
N GLY A 593 -25.99 22.13 29.72
CA GLY A 593 -25.20 22.23 28.51
C GLY A 593 -25.98 21.78 27.29
N ILE A 594 -27.29 21.98 27.34
CA ILE A 594 -28.16 21.76 26.18
C ILE A 594 -28.78 23.13 25.84
N PRO A 595 -28.00 24.02 25.20
CA PRO A 595 -28.36 25.42 24.98
C PRO A 595 -29.53 25.63 24.01
N LEU A 596 -29.69 24.77 23.01
CA LEU A 596 -30.84 24.84 22.10
C LEU A 596 -32.03 24.15 22.73
N VAL A 597 -32.85 24.91 23.45
CA VAL A 597 -33.94 24.38 24.24
C VAL A 597 -35.09 25.38 24.21
N GLY A 598 -36.32 24.87 24.31
CA GLY A 598 -37.51 25.71 24.41
C GLY A 598 -38.71 24.87 24.82
N ALA A 599 -39.89 25.48 24.87
CA ALA A 599 -41.12 24.77 25.21
C ALA A 599 -42.13 24.90 24.08
N ASP A 600 -43.13 24.00 24.06
CA ASP A 600 -44.25 24.12 23.11
C ASP A 600 -45.03 25.41 23.35
N ILE A 601 -44.79 26.37 22.46
CA ILE A 601 -45.36 27.72 22.62
C ILE A 601 -46.87 27.61 22.44
N CYS A 602 -47.58 28.31 23.32
CA CYS A 602 -49.05 28.33 23.41
C CYS A 602 -49.62 27.09 24.11
N GLY A 603 -48.82 26.06 24.31
CA GLY A 603 -49.21 24.90 25.14
C GLY A 603 -49.68 23.74 24.31
N PHE A 604 -49.08 22.58 24.56
CA PHE A 604 -49.37 21.36 23.80
C PHE A 604 -50.78 20.80 24.16
N VAL A 605 -50.93 20.22 25.36
CA VAL A 605 -52.25 19.78 25.84
C VAL A 605 -53.21 20.96 26.01
N ALA A 606 -54.47 20.77 25.63
CA ALA A 606 -55.57 21.73 25.85
C ALA A 606 -55.66 22.82 24.78
N GLU A 607 -56.84 23.43 24.66
CA GLU A 607 -57.00 24.61 23.81
C GLU A 607 -56.35 25.83 24.48
N THR A 608 -55.50 26.55 23.74
CA THR A 608 -54.97 27.83 24.22
C THR A 608 -56.06 28.91 24.13
N THR A 609 -55.81 30.06 24.74
CA THR A 609 -56.69 31.22 24.56
C THR A 609 -55.93 32.28 23.76
N GLU A 610 -56.62 33.27 23.21
CA GLU A 610 -55.91 34.30 22.46
C GLU A 610 -54.90 35.03 23.36
N GLU A 611 -55.31 35.37 24.58
CA GLU A 611 -54.43 36.09 25.50
C GLU A 611 -53.18 35.27 25.84
N LEU A 612 -53.38 34.02 26.22
CA LEU A 612 -52.27 33.14 26.58
C LEU A 612 -51.33 32.88 25.38
N CYS A 613 -51.90 32.59 24.21
CA CYS A 613 -51.06 32.31 23.07
C CYS A 613 -50.30 33.59 22.64
N ARG A 614 -50.95 34.76 22.73
CA ARG A 614 -50.29 36.02 22.40
C ARG A 614 -49.09 36.27 23.35
N ARG A 615 -49.32 36.14 24.66
CA ARG A 615 -48.22 36.25 25.66
C ARG A 615 -47.12 35.19 25.44
N TRP A 616 -47.49 33.94 25.20
CA TRP A 616 -46.51 32.88 25.01
C TRP A 616 -45.71 33.05 23.71
N MET A 617 -46.35 33.59 22.67
CA MET A 617 -45.63 33.91 21.41
C MET A 617 -44.58 34.99 21.62
N GLN A 618 -44.93 36.03 22.38
CA GLN A 618 -43.96 37.07 22.80
C GLN A 618 -42.75 36.46 23.52
N LEU A 619 -43.01 35.67 24.57
CA LEU A 619 -41.94 35.01 25.32
C LEU A 619 -41.19 34.02 24.45
N GLY A 620 -41.94 33.20 23.71
CA GLY A 620 -41.38 32.13 22.89
C GLY A 620 -40.48 32.59 21.76
N ALA A 621 -40.64 33.85 21.34
CA ALA A 621 -39.77 34.42 20.30
C ALA A 621 -38.34 34.49 20.85
N PHE A 622 -38.24 34.36 22.19
CA PHE A 622 -36.95 34.44 22.85
C PHE A 622 -36.48 33.14 23.51
N TYR A 623 -37.18 32.05 23.26
CA TYR A 623 -36.60 30.74 23.55
C TYR A 623 -35.45 30.50 22.54
N PRO A 624 -34.30 29.96 22.99
CA PRO A 624 -33.28 29.58 22.00
C PRO A 624 -33.85 28.66 20.93
N PHE A 625 -34.66 27.68 21.33
CA PHE A 625 -35.42 26.85 20.36
C PHE A 625 -36.90 27.28 20.40
N SER A 626 -37.39 27.81 19.28
CA SER A 626 -38.69 28.49 19.22
C SER A 626 -39.61 27.71 18.28
N ARG A 627 -40.59 27.03 18.87
CA ARG A 627 -41.51 26.21 18.12
C ARG A 627 -42.89 26.28 18.77
N ASN A 628 -43.88 26.61 17.94
CA ASN A 628 -45.28 26.50 18.34
C ASN A 628 -45.79 25.10 17.97
N HIS A 629 -46.23 24.33 18.97
CA HIS A 629 -46.64 22.94 18.80
C HIS A 629 -47.92 22.66 19.63
N ASN A 630 -48.80 21.82 19.08
CA ASN A 630 -50.12 21.64 19.61
C ASN A 630 -50.43 20.15 19.65
N SER A 631 -51.22 19.74 20.64
CA SER A 631 -51.67 18.37 20.73
C SER A 631 -52.79 18.03 19.72
N ASP A 632 -53.09 16.74 19.63
CA ASP A 632 -54.12 16.13 18.79
C ASP A 632 -55.55 16.54 19.24
N GLY A 633 -56.33 17.04 18.28
CA GLY A 633 -57.75 17.30 18.52
C GLY A 633 -58.16 18.66 19.06
N TYR A 634 -57.22 19.44 19.55
CA TYR A 634 -57.54 20.81 20.01
C TYR A 634 -57.47 21.79 18.84
N GLU A 635 -58.16 22.93 18.97
CA GLU A 635 -58.20 23.92 17.90
C GLU A 635 -56.79 24.35 17.52
N HIS A 636 -56.63 24.72 16.24
CA HIS A 636 -55.39 25.25 15.71
C HIS A 636 -54.89 26.45 16.51
N GLN A 637 -53.58 26.54 16.69
CA GLN A 637 -53.02 27.65 17.46
C GLN A 637 -51.79 28.24 16.78
N ASP A 638 -51.65 28.01 15.49
CA ASP A 638 -50.61 28.68 14.72
C ASP A 638 -51.02 30.17 14.68
N PRO A 639 -50.05 31.09 14.59
CA PRO A 639 -50.39 32.51 14.70
C PRO A 639 -51.49 33.00 13.74
N ALA A 640 -51.38 32.72 12.44
CA ALA A 640 -52.36 33.27 11.48
C ALA A 640 -53.78 32.76 11.71
N PHE A 641 -53.93 31.63 12.41
CA PHE A 641 -55.27 31.13 12.71
C PHE A 641 -56.11 32.15 13.51
N PHE A 642 -55.45 32.99 14.30
CA PHE A 642 -56.15 34.01 15.09
C PHE A 642 -56.64 35.19 14.27
N GLY A 643 -56.29 35.23 12.98
CA GLY A 643 -56.78 36.27 12.08
C GLY A 643 -55.63 37.10 11.53
N GLN A 644 -55.62 37.23 10.22
CA GLN A 644 -54.66 38.05 9.48
C GLN A 644 -54.48 39.45 10.06
N ASN A 645 -55.56 40.06 10.52
CA ASN A 645 -55.43 41.39 11.13
C ASN A 645 -55.47 41.42 12.67
N SER A 646 -55.38 40.26 13.30
CA SER A 646 -55.44 40.19 14.78
C SER A 646 -54.27 40.88 15.47
N LEU A 647 -54.49 41.22 16.74
CA LEU A 647 -53.45 41.73 17.60
C LEU A 647 -52.39 40.65 17.85
N LEU A 648 -52.81 39.39 17.84
CA LEU A 648 -51.89 38.28 18.07
C LEU A 648 -50.89 38.15 16.91
N VAL A 649 -51.39 38.19 15.67
CA VAL A 649 -50.51 38.13 14.49
C VAL A 649 -49.55 39.30 14.44
N LYS A 650 -50.05 40.50 14.72
CA LYS A 650 -49.23 41.70 14.74
C LYS A 650 -48.13 41.67 15.81
N SER A 651 -48.49 41.30 17.04
CA SER A 651 -47.53 41.12 18.12
C SER A 651 -46.53 39.98 17.80
N SER A 652 -47.05 38.83 17.37
CA SER A 652 -46.18 37.72 17.00
C SER A 652 -45.22 38.07 15.85
N ARG A 653 -45.74 38.70 14.79
CA ARG A 653 -44.90 39.10 13.67
C ARG A 653 -43.78 40.04 14.14
N GLN A 654 -44.10 41.00 15.01
CA GLN A 654 -43.14 41.98 15.50
C GLN A 654 -41.99 41.38 16.36
N TYR A 655 -42.34 40.50 17.28
CA TYR A 655 -41.33 39.93 18.18
C TYR A 655 -40.52 38.86 17.47
N LEU A 656 -41.15 38.12 16.55
CA LEU A 656 -40.40 37.20 15.68
C LEU A 656 -39.49 37.93 14.68
N THR A 657 -39.89 39.12 14.25
CA THR A 657 -38.96 39.95 13.44
C THR A 657 -37.78 40.46 14.26
N ILE A 658 -38.04 40.85 15.50
CA ILE A 658 -36.95 41.15 16.43
C ILE A 658 -36.01 39.95 16.61
N ARG A 659 -36.56 38.78 16.95
CA ARG A 659 -35.77 37.54 16.99
C ARG A 659 -34.88 37.34 15.75
N TYR A 660 -35.51 37.36 14.57
CA TYR A 660 -34.76 37.16 13.32
C TYR A 660 -33.66 38.20 13.15
N THR A 661 -33.94 39.44 13.56
CA THR A 661 -32.97 40.55 13.51
C THR A 661 -31.74 40.24 14.38
N LEU A 662 -31.98 39.60 15.52
CA LEU A 662 -30.95 39.30 16.53
C LEU A 662 -30.25 37.97 16.30
N LEU A 663 -30.60 37.25 15.25
CA LEU A 663 -29.99 35.92 15.03
C LEU A 663 -28.46 35.89 14.92
N PRO A 664 -27.83 36.92 14.31
CA PRO A 664 -26.36 36.95 14.38
C PRO A 664 -25.82 37.00 15.84
N PHE A 665 -26.53 37.69 16.72
CA PHE A 665 -26.16 37.75 18.12
C PHE A 665 -26.39 36.37 18.75
N LEU A 666 -27.59 35.81 18.59
CA LEU A 666 -27.90 34.48 19.10
C LEU A 666 -26.93 33.39 18.60
N TYR A 667 -26.65 33.43 17.31
CA TYR A 667 -25.72 32.51 16.70
C TYR A 667 -24.29 32.62 17.28
N THR A 668 -23.83 33.84 17.55
CA THR A 668 -22.52 34.07 18.20
C THR A 668 -22.49 33.50 19.63
N LEU A 669 -23.63 33.53 20.30
CA LEU A 669 -23.77 32.92 21.63
C LEU A 669 -23.61 31.41 21.54
N PHE A 670 -24.18 30.81 20.50
CA PHE A 670 -24.04 29.39 20.26
C PHE A 670 -22.61 29.01 19.91
N TYR A 671 -21.92 29.87 19.15
CA TYR A 671 -20.49 29.71 18.91
C TYR A 671 -19.72 29.69 20.26
N LYS A 672 -20.08 30.57 21.18
CA LYS A 672 -19.38 30.61 22.47
C LYS A 672 -19.74 29.44 23.38
N ALA A 673 -20.96 28.93 23.24
CA ALA A 673 -21.36 27.73 23.96
C ALA A 673 -20.55 26.53 23.46
N HIS A 674 -20.44 26.42 22.13
CA HIS A 674 -19.82 25.27 21.47
C HIS A 674 -18.32 25.18 21.75
N VAL A 675 -17.69 26.33 21.80
CA VAL A 675 -16.26 26.42 21.96
C VAL A 675 -15.84 26.59 23.42
N PHE A 676 -16.60 27.36 24.22
CA PHE A 676 -16.18 27.65 25.60
C PHE A 676 -17.15 27.16 26.71
N GLY A 677 -18.31 26.63 26.32
CA GLY A 677 -19.30 26.17 27.32
C GLY A 677 -20.12 27.30 27.97
N GLU A 678 -20.02 28.51 27.43
CA GLU A 678 -20.85 29.63 27.92
C GLU A 678 -22.35 29.36 27.66
N THR A 679 -23.22 29.93 28.49
CA THR A 679 -24.66 29.71 28.28
C THR A 679 -25.27 30.66 27.26
N VAL A 680 -26.38 30.23 26.68
CA VAL A 680 -27.10 31.04 25.71
C VAL A 680 -28.26 31.78 26.40
N ALA A 681 -29.31 31.06 26.78
CA ALA A 681 -30.32 31.60 27.70
C ALA A 681 -29.70 31.48 29.10
N ARG A 682 -29.58 32.62 29.76
CA ARG A 682 -28.69 32.75 30.90
C ARG A 682 -29.50 33.25 32.09
N PRO A 683 -29.32 32.62 33.27
CA PRO A 683 -30.00 33.12 34.46
C PRO A 683 -29.45 34.50 34.77
N VAL A 684 -30.27 35.38 35.34
CA VAL A 684 -29.83 36.68 35.80
C VAL A 684 -28.68 36.53 36.83
N LEU A 685 -28.74 35.48 37.64
CA LEU A 685 -27.70 35.15 38.62
C LEU A 685 -26.30 35.04 38.01
N HIS A 686 -26.21 34.59 36.77
CA HIS A 686 -24.92 34.41 36.14
C HIS A 686 -24.19 35.71 35.84
N GLU A 687 -24.93 36.82 35.71
CA GLU A 687 -24.32 38.10 35.39
C GLU A 687 -24.30 39.00 36.61
N PHE A 688 -25.29 38.81 37.49
CA PHE A 688 -25.50 39.72 38.62
C PHE A 688 -25.45 39.05 40.01
N TYR A 689 -24.62 38.01 40.12
CA TYR A 689 -24.44 37.23 41.36
C TYR A 689 -24.01 38.06 42.58
N GLU A 690 -23.44 39.25 42.34
CA GLU A 690 -23.03 40.12 43.44
C GLU A 690 -24.25 40.68 44.17
N ASP A 691 -25.41 40.56 43.53
CA ASP A 691 -26.66 41.07 44.04
C ASP A 691 -27.52 39.88 44.41
N THR A 692 -27.80 39.70 45.70
CA THR A 692 -28.50 38.48 46.17
C THR A 692 -29.95 38.35 45.66
N ASN A 693 -30.54 39.47 45.24
CA ASN A 693 -31.82 39.44 44.53
C ASN A 693 -31.80 38.60 43.25
N SER A 694 -30.63 38.50 42.62
CA SER A 694 -30.52 37.71 41.38
C SER A 694 -30.53 36.22 41.69
N TRP A 695 -30.24 35.87 42.95
CA TRP A 695 -30.13 34.48 43.38
C TRP A 695 -31.44 33.72 43.29
N ILE A 696 -32.56 34.43 43.32
CA ILE A 696 -33.87 33.79 43.22
C ILE A 696 -34.63 34.18 41.92
N GLU A 697 -34.01 34.99 41.07
CA GLU A 697 -34.69 35.56 39.88
C GLU A 697 -34.96 34.53 38.78
N ASP A 698 -36.23 34.28 38.48
CA ASP A 698 -36.55 33.26 37.47
C ASP A 698 -37.80 33.53 36.62
N THR A 699 -38.34 34.74 36.71
CA THR A 699 -39.47 35.15 35.87
C THR A 699 -39.00 36.08 34.72
N GLU A 700 -37.69 36.28 34.66
CA GLU A 700 -37.05 36.92 33.53
C GLU A 700 -35.73 36.21 33.27
N PHE A 701 -35.14 36.44 32.09
CA PHE A 701 -33.86 35.82 31.78
C PHE A 701 -33.06 36.65 30.79
N LEU A 702 -31.82 36.23 30.51
CA LEU A 702 -30.94 36.93 29.58
C LEU A 702 -30.65 36.09 28.32
N TRP A 703 -30.46 36.77 27.20
CA TRP A 703 -29.71 36.20 26.08
C TRP A 703 -28.27 36.61 26.30
N GLY A 704 -27.41 35.64 26.60
CA GLY A 704 -26.02 35.90 26.95
C GLY A 704 -25.93 36.93 28.08
N PRO A 705 -24.98 37.86 27.97
CA PRO A 705 -24.84 38.86 29.02
C PRO A 705 -25.61 40.16 28.74
N ALA A 706 -26.26 40.25 27.57
CA ALA A 706 -26.55 41.57 26.97
C ALA A 706 -28.03 41.97 26.86
N LEU A 707 -28.94 40.99 26.83
CA LEU A 707 -30.36 41.27 26.57
C LEU A 707 -31.27 40.66 27.64
N LEU A 708 -32.08 41.51 28.26
CA LEU A 708 -32.98 41.09 29.34
C LEU A 708 -34.42 40.98 28.82
N ILE A 709 -34.98 39.79 28.98
CA ILE A 709 -36.32 39.49 28.54
C ILE A 709 -37.22 39.33 29.76
N THR A 710 -38.28 40.15 29.82
CA THR A 710 -39.21 40.20 30.93
C THR A 710 -40.63 40.02 30.40
N PRO A 711 -41.18 38.79 30.47
CA PRO A 711 -42.55 38.47 30.00
C PRO A 711 -43.71 38.69 30.98
N VAL A 712 -44.92 38.87 30.44
CA VAL A 712 -46.15 38.79 31.22
C VAL A 712 -46.54 37.32 31.39
N LEU A 713 -46.77 36.91 32.62
CA LEU A 713 -46.87 35.49 32.96
C LEU A 713 -48.11 35.20 33.79
N LYS A 714 -48.95 36.22 33.95
CA LYS A 714 -50.14 36.12 34.76
C LYS A 714 -51.32 36.57 33.93
N GLN A 715 -52.39 35.78 33.97
CA GLN A 715 -53.59 36.03 33.20
C GLN A 715 -54.19 37.37 33.62
N GLY A 716 -54.47 38.20 32.63
CA GLY A 716 -55.16 39.47 32.84
C GLY A 716 -54.24 40.63 33.10
N ALA A 717 -52.94 40.38 33.14
CA ALA A 717 -51.97 41.40 33.55
C ALA A 717 -51.47 42.28 32.40
N ASP A 718 -51.23 43.56 32.70
CA ASP A 718 -50.58 44.50 31.79
C ASP A 718 -49.40 45.16 32.51
N THR A 719 -49.09 44.63 33.67
CA THR A 719 -48.05 45.14 34.57
C THR A 719 -47.33 43.94 35.19
N VAL A 720 -46.00 44.01 35.22
CA VAL A 720 -45.21 42.93 35.80
C VAL A 720 -44.22 43.50 36.82
N SER A 721 -44.24 42.91 38.00
CA SER A 721 -43.27 43.21 39.04
C SER A 721 -41.96 42.61 38.57
N ALA A 722 -40.97 43.44 38.32
CA ALA A 722 -39.74 42.94 37.69
C ALA A 722 -38.54 43.43 38.46
N TYR A 723 -37.52 42.58 38.60
CA TYR A 723 -36.27 43.05 39.16
C TYR A 723 -35.33 43.55 38.07
N ILE A 724 -34.90 44.79 38.22
CA ILE A 724 -33.95 45.43 37.34
C ILE A 724 -32.59 45.42 38.02
N PRO A 725 -31.63 44.64 37.49
CA PRO A 725 -30.27 44.51 38.02
C PRO A 725 -29.40 45.77 37.95
N ASP A 726 -28.24 45.69 38.60
CA ASP A 726 -27.27 46.77 38.69
C ASP A 726 -26.50 46.99 37.37
N ALA A 727 -27.15 47.61 36.39
CA ALA A 727 -26.53 47.94 35.10
C ALA A 727 -27.30 49.08 34.52
N ILE A 728 -26.77 49.69 33.46
CA ILE A 728 -27.58 50.59 32.63
C ILE A 728 -28.42 49.75 31.69
N TRP A 729 -29.71 50.06 31.61
CA TRP A 729 -30.61 49.38 30.69
C TRP A 729 -31.27 50.34 29.67
N TYR A 730 -31.25 49.93 28.41
CA TYR A 730 -31.93 50.62 27.32
C TYR A 730 -33.09 49.80 26.82
N ASP A 731 -34.27 50.42 26.76
CA ASP A 731 -35.42 49.80 26.08
C ASP A 731 -35.02 49.47 24.64
N TYR A 732 -35.27 48.23 24.22
CA TYR A 732 -34.84 47.76 22.90
C TYR A 732 -35.49 48.54 21.74
N GLU A 733 -36.82 48.67 21.78
CA GLU A 733 -37.54 49.18 20.62
C GLU A 733 -37.30 50.67 20.39
N SER A 734 -37.09 51.42 21.47
CA SER A 734 -36.90 52.88 21.36
C SER A 734 -35.47 53.37 21.60
N GLY A 735 -34.63 52.52 22.20
CA GLY A 735 -33.25 52.89 22.52
C GLY A 735 -33.08 53.76 23.76
N ALA A 736 -34.20 54.17 24.36
CA ALA A 736 -34.19 55.09 25.49
C ALA A 736 -33.71 54.43 26.78
N LYS A 737 -32.81 55.10 27.48
CA LYS A 737 -32.29 54.65 28.77
C LYS A 737 -33.43 54.59 29.78
N ARG A 738 -33.52 53.47 30.50
CA ARG A 738 -34.50 53.32 31.57
C ARG A 738 -33.99 53.96 32.86
N PRO A 739 -34.88 54.66 33.58
CA PRO A 739 -34.52 55.27 34.87
C PRO A 739 -34.64 54.24 36.00
N TRP A 740 -34.13 53.04 35.76
CA TRP A 740 -34.20 51.95 36.72
C TRP A 740 -32.84 51.37 36.88
N ARG A 741 -32.49 51.05 38.12
CA ARG A 741 -31.25 50.34 38.41
C ARG A 741 -31.31 49.66 39.78
N LYS A 742 -31.00 48.37 39.79
CA LYS A 742 -30.87 47.58 41.03
C LYS A 742 -32.10 47.78 41.92
N GLN A 743 -33.27 47.54 41.32
CA GLN A 743 -34.54 47.82 42.00
C GLN A 743 -35.64 47.00 41.38
N ARG A 744 -36.68 46.77 42.17
CA ARG A 744 -37.88 46.10 41.71
C ARG A 744 -38.88 47.15 41.19
N VAL A 745 -39.34 46.97 39.95
CA VAL A 745 -40.23 47.94 39.31
C VAL A 745 -41.55 47.30 38.92
N ASP A 746 -42.58 48.12 38.76
CA ASP A 746 -43.82 47.68 38.12
C ASP A 746 -43.75 48.11 36.66
N MET A 747 -43.37 47.16 35.81
CA MET A 747 -43.11 47.41 34.41
C MET A 747 -44.43 47.36 33.64
N TYR A 748 -44.78 48.45 32.96
CA TYR A 748 -45.98 48.47 32.13
C TYR A 748 -45.76 47.74 30.81
N LEU A 749 -46.50 46.66 30.62
CA LEU A 749 -46.41 45.84 29.41
C LEU A 749 -47.82 45.54 28.93
N PRO A 750 -48.40 46.45 28.13
CA PRO A 750 -49.76 46.21 27.61
C PRO A 750 -49.80 45.04 26.64
N ALA A 751 -50.99 44.73 26.14
CA ALA A 751 -51.25 43.54 25.31
C ALA A 751 -50.22 43.23 24.23
N ASP A 752 -49.64 44.25 23.62
CA ASP A 752 -48.76 44.02 22.47
C ASP A 752 -47.25 44.14 22.79
N LYS A 753 -46.92 44.12 24.08
CA LYS A 753 -45.57 44.41 24.52
C LYS A 753 -45.03 43.33 25.44
N ILE A 754 -43.80 42.86 25.17
CA ILE A 754 -43.00 42.11 26.16
C ILE A 754 -41.76 42.95 26.51
N GLY A 755 -41.27 42.83 27.75
CA GLY A 755 -40.10 43.63 28.19
C GLY A 755 -38.81 43.20 27.53
N LEU A 756 -38.15 44.14 26.85
CA LEU A 756 -36.85 43.88 26.23
C LEU A 756 -35.89 45.00 26.47
N HIS A 757 -34.82 44.67 27.17
CA HIS A 757 -33.83 45.68 27.52
C HIS A 757 -32.43 45.24 27.13
N LEU A 758 -31.66 46.20 26.60
CA LEU A 758 -30.25 45.96 26.30
C LEU A 758 -29.43 46.54 27.45
N ARG A 759 -28.39 45.80 27.83
CA ARG A 759 -27.50 46.18 28.92
C ARG A 759 -26.38 47.06 28.40
N GLY A 760 -26.10 48.15 29.10
CA GLY A 760 -24.96 49.00 28.76
C GLY A 760 -23.63 48.26 28.94
N GLY A 761 -22.71 48.48 28.01
CA GLY A 761 -21.39 47.88 28.04
C GLY A 761 -21.22 46.85 26.96
N TYR A 762 -22.27 46.60 26.17
CA TYR A 762 -22.25 45.53 25.17
C TYR A 762 -22.61 46.00 23.76
N ILE A 763 -21.94 45.36 22.79
CA ILE A 763 -22.12 45.59 21.37
C ILE A 763 -22.65 44.30 20.74
N ILE A 764 -23.85 44.34 20.18
CA ILE A 764 -24.41 43.13 19.59
C ILE A 764 -24.57 43.27 18.05
N PRO A 765 -24.26 42.19 17.33
CA PRO A 765 -24.48 42.13 15.88
C PRO A 765 -25.90 41.78 15.51
N ILE A 766 -26.40 42.39 14.42
CA ILE A 766 -27.71 42.13 13.90
C ILE A 766 -27.68 42.04 12.38
N GLN A 767 -28.76 41.53 11.82
CA GLN A 767 -28.90 41.47 10.38
C GLN A 767 -30.33 41.83 10.06
N GLU A 768 -30.47 42.66 9.04
CA GLU A 768 -31.75 43.04 8.47
C GLU A 768 -32.59 41.78 8.23
N PRO A 769 -33.78 41.73 8.81
CA PRO A 769 -34.57 40.49 8.86
C PRO A 769 -35.34 40.14 7.56
N ASP A 770 -35.82 38.91 7.50
CA ASP A 770 -36.77 38.48 6.46
C ASP A 770 -37.56 37.32 7.06
N VAL A 771 -38.40 36.67 6.27
CA VAL A 771 -39.29 35.66 6.82
C VAL A 771 -38.67 34.26 6.88
N THR A 772 -37.48 34.08 6.32
CA THR A 772 -36.74 32.83 6.50
C THR A 772 -35.29 33.20 6.78
N THR A 773 -34.54 32.33 7.43
CA THR A 773 -33.10 32.57 7.59
C THR A 773 -32.35 32.47 6.27
N THR A 774 -32.88 31.71 5.33
CA THR A 774 -32.29 31.63 3.99
C THR A 774 -32.17 33.04 3.37
N ALA A 775 -33.25 33.82 3.44
CA ALA A 775 -33.25 35.20 2.93
C ALA A 775 -32.52 36.18 3.86
N SER A 776 -32.74 36.08 5.17
CA SER A 776 -32.12 37.04 6.08
C SER A 776 -30.59 36.98 6.01
N ARG A 777 -30.02 35.80 5.76
CA ARG A 777 -28.56 35.65 5.71
C ARG A 777 -27.89 36.44 4.59
N LYS A 778 -28.63 36.79 3.54
CA LYS A 778 -28.09 37.59 2.43
C LYS A 778 -28.20 39.10 2.69
N ASN A 779 -28.82 39.50 3.80
CA ASN A 779 -29.13 40.92 4.06
C ASN A 779 -27.99 41.68 4.71
N PRO A 780 -28.02 43.03 4.65
CA PRO A 780 -27.03 43.86 5.35
C PRO A 780 -26.99 43.62 6.87
N LEU A 781 -25.80 43.76 7.45
CA LEU A 781 -25.57 43.60 8.87
C LEU A 781 -25.55 44.96 9.54
N GLY A 782 -25.62 44.95 10.86
CA GLY A 782 -25.53 46.16 11.66
C GLY A 782 -25.00 45.88 13.05
N LEU A 783 -24.81 46.94 13.82
CA LEU A 783 -24.29 46.82 15.16
C LEU A 783 -25.08 47.73 16.05
N ILE A 784 -25.41 47.24 17.24
CA ILE A 784 -25.99 48.07 18.28
C ILE A 784 -24.95 48.16 19.40
N VAL A 785 -24.54 49.39 19.70
CA VAL A 785 -23.62 49.68 20.77
C VAL A 785 -24.43 50.30 21.88
N ALA A 786 -24.53 49.58 23.00
CA ALA A 786 -25.20 50.12 24.16
C ALA A 786 -24.13 50.53 25.16
N LEU A 787 -23.94 51.84 25.35
CA LEU A 787 -22.82 52.34 26.13
C LEU A 787 -23.02 52.13 27.63
N GLY A 788 -21.95 51.75 28.33
CA GLY A 788 -22.00 51.61 29.79
C GLY A 788 -21.75 52.92 30.52
N GLU A 789 -21.69 52.84 31.85
CA GLU A 789 -21.40 53.98 32.76
C GLU A 789 -20.21 54.83 32.36
N ASN A 790 -19.11 54.22 31.92
CA ASN A 790 -17.97 55.04 31.46
C ASN A 790 -17.89 55.14 29.94
N ASN A 791 -19.04 54.93 29.29
CA ASN A 791 -19.16 55.13 27.85
C ASN A 791 -18.21 54.21 27.11
N THR A 792 -18.15 52.95 27.55
CA THR A 792 -17.39 51.93 26.87
C THR A 792 -18.35 50.80 26.58
N ALA A 793 -17.92 49.87 25.73
CA ALA A 793 -18.71 48.71 25.33
C ALA A 793 -17.82 47.72 24.62
N LYS A 794 -18.20 46.46 24.65
CA LYS A 794 -17.48 45.43 23.91
C LYS A 794 -18.42 44.35 23.45
N GLY A 795 -17.96 43.53 22.52
CA GLY A 795 -18.72 42.37 22.08
C GLY A 795 -18.01 41.65 20.96
N ASP A 796 -18.71 40.70 20.33
CA ASP A 796 -18.12 39.99 19.20
C ASP A 796 -19.15 39.36 18.27
N PHE A 797 -18.65 38.68 17.25
CA PHE A 797 -19.47 38.27 16.13
C PHE A 797 -18.80 37.13 15.40
N PHE A 798 -19.50 36.01 15.28
CA PHE A 798 -19.01 34.85 14.57
C PHE A 798 -19.86 34.72 13.31
N TRP A 799 -19.22 34.42 12.19
CA TRP A 799 -19.99 34.20 10.96
C TRP A 799 -19.37 33.09 10.13
N ASP A 800 -20.17 32.12 9.73
CA ASP A 800 -19.69 31.08 8.82
C ASP A 800 -20.83 30.73 7.84
N ASP A 801 -20.71 29.62 7.12
CA ASP A 801 -21.75 29.26 6.13
C ASP A 801 -23.10 28.81 6.69
N GLY A 802 -23.17 28.57 8.00
CA GLY A 802 -24.42 28.33 8.69
C GLY A 802 -24.86 26.88 8.72
N GLU A 803 -24.09 25.99 8.09
CA GLU A 803 -24.56 24.61 7.91
C GLU A 803 -23.51 23.50 7.96
N THR A 804 -22.25 23.81 7.65
CA THR A 804 -21.23 22.78 7.53
C THR A 804 -20.75 22.34 8.92
N LYS A 805 -20.65 21.03 9.09
CA LYS A 805 -20.19 20.45 10.36
C LYS A 805 -18.69 20.68 10.46
N ASP A 806 -18.21 21.10 11.64
CA ASP A 806 -16.76 21.31 11.82
C ASP A 806 -16.13 22.56 11.13
N THR A 807 -16.93 23.57 10.77
CA THR A 807 -16.32 24.83 10.31
C THR A 807 -15.39 25.40 11.38
N ILE A 808 -15.78 25.26 12.65
CA ILE A 808 -14.98 25.86 13.72
C ILE A 808 -13.67 25.10 13.90
N GLN A 809 -13.76 23.79 13.87
CA GLN A 809 -12.61 22.88 13.92
C GLN A 809 -11.63 23.15 12.79
N ASN A 810 -12.16 23.35 11.58
CA ASN A 810 -11.32 23.54 10.40
C ASN A 810 -10.95 25.00 10.14
N GLY A 811 -11.44 25.91 10.98
CA GLY A 811 -11.11 27.32 10.85
C GLY A 811 -11.76 28.07 9.70
N ASN A 812 -12.86 27.53 9.15
CA ASN A 812 -13.52 28.18 8.03
C ASN A 812 -14.68 29.07 8.48
N TYR A 813 -14.32 30.25 8.97
CA TYR A 813 -15.28 31.17 9.55
C TYR A 813 -14.68 32.57 9.63
N ILE A 814 -15.51 33.54 9.94
CA ILE A 814 -15.06 34.90 10.16
C ILE A 814 -15.33 35.22 11.62
N LEU A 815 -14.40 35.88 12.29
CA LEU A 815 -14.60 36.21 13.72
C LEU A 815 -14.23 37.66 13.98
N TYR A 816 -15.11 38.40 14.64
CA TYR A 816 -14.85 39.78 15.02
C TYR A 816 -14.86 40.00 16.53
N THR A 817 -14.04 40.95 16.97
CA THR A 817 -14.25 41.62 18.25
C THR A 817 -14.62 43.08 18.00
N PHE A 818 -15.48 43.60 18.86
CA PHE A 818 -15.85 45.02 18.82
C PHE A 818 -15.46 45.70 20.13
N SER A 819 -15.01 46.94 20.05
CA SER A 819 -14.74 47.70 21.27
C SER A 819 -14.98 49.20 21.07
N VAL A 820 -15.65 49.82 22.04
CA VAL A 820 -15.88 51.27 22.04
C VAL A 820 -15.31 51.88 23.29
N SER A 821 -14.58 52.99 23.13
CA SER A 821 -14.28 53.89 24.23
C SER A 821 -14.05 55.25 23.66
N ASN A 822 -14.47 56.28 24.39
CA ASN A 822 -14.29 57.66 23.97
C ASN A 822 -14.70 57.91 22.51
N ASN A 823 -15.89 57.47 22.15
CA ASN A 823 -16.49 57.78 20.83
C ASN A 823 -15.74 57.24 19.63
N THR A 824 -15.12 56.08 19.81
CA THR A 824 -14.41 55.36 18.77
C THR A 824 -14.78 53.90 18.84
N LEU A 825 -15.39 53.40 17.76
CA LEU A 825 -15.69 51.99 17.63
C LEU A 825 -14.60 51.32 16.81
N ASP A 826 -13.97 50.30 17.38
CA ASP A 826 -12.97 49.49 16.69
C ASP A 826 -13.59 48.16 16.31
N ILE A 827 -13.44 47.79 15.05
CA ILE A 827 -14.04 46.58 14.51
C ILE A 827 -12.87 45.77 14.01
N VAL A 828 -12.53 44.71 14.74
CA VAL A 828 -11.30 43.98 14.50
C VAL A 828 -11.65 42.58 14.04
N CYS A 829 -11.20 42.23 12.84
CA CYS A 829 -11.33 40.89 12.34
C CYS A 829 -10.16 40.02 12.81
N THR A 830 -10.43 39.10 13.73
CA THR A 830 -9.37 38.25 14.29
C THR A 830 -9.21 36.95 13.52
N HIS A 831 -10.21 36.59 12.73
CA HIS A 831 -10.10 35.43 11.83
C HIS A 831 -10.98 35.65 10.60
N SER A 832 -10.46 35.29 9.44
CA SER A 832 -11.22 35.41 8.22
C SER A 832 -10.88 34.29 7.22
N SER A 833 -11.69 33.25 7.21
CA SER A 833 -11.45 32.17 6.28
C SER A 833 -12.77 31.64 5.75
N TYR A 834 -13.61 32.55 5.27
CA TYR A 834 -14.93 32.20 4.71
C TYR A 834 -15.29 33.24 3.65
N GLN A 835 -14.90 32.95 2.42
CA GLN A 835 -14.94 33.87 1.28
C GLN A 835 -16.35 34.46 1.06
N GLU A 836 -17.35 33.62 1.04
CA GLU A 836 -18.71 34.09 0.84
C GLU A 836 -19.17 35.10 1.92
N GLY A 837 -18.73 34.92 3.17
CA GLY A 837 -19.04 35.90 4.23
C GLY A 837 -18.63 37.31 3.87
N THR A 838 -17.52 37.41 3.13
CA THR A 838 -16.93 38.64 2.62
C THR A 838 -17.84 39.50 1.70
N THR A 839 -18.92 38.92 1.20
CA THR A 839 -19.87 39.65 0.35
C THR A 839 -20.87 40.43 1.23
N LEU A 840 -20.83 40.19 2.53
CA LEU A 840 -21.68 40.92 3.48
C LEU A 840 -20.94 42.10 4.04
N ALA A 841 -21.71 43.03 4.61
CA ALA A 841 -21.14 44.23 5.14
C ALA A 841 -22.01 44.74 6.26
N PHE A 842 -21.38 45.33 7.28
CA PHE A 842 -22.07 46.19 8.23
C PHE A 842 -22.50 47.48 7.53
N GLN A 843 -23.79 47.78 7.60
CA GLN A 843 -24.35 48.93 6.89
C GLN A 843 -24.96 49.98 7.82
N THR A 844 -25.15 49.59 9.08
CA THR A 844 -25.80 50.42 10.09
C THR A 844 -25.08 50.24 11.43
N VAL A 845 -24.82 51.36 12.12
CA VAL A 845 -24.32 51.34 13.49
C VAL A 845 -25.23 52.22 14.31
N LYS A 846 -25.71 51.68 15.40
CA LYS A 846 -26.57 52.40 16.33
C LYS A 846 -25.83 52.48 17.69
N ILE A 847 -25.70 53.70 18.21
CA ILE A 847 -25.07 53.91 19.51
C ILE A 847 -26.11 54.47 20.46
N LEU A 848 -26.28 53.77 21.58
CA LEU A 848 -27.26 54.12 22.60
C LEU A 848 -26.55 54.73 23.80
N GLY A 849 -27.23 55.65 24.48
CA GLY A 849 -26.70 56.32 25.67
C GLY A 849 -25.59 57.31 25.38
N LEU A 850 -25.56 57.81 24.15
CA LEU A 850 -24.52 58.75 23.75
C LEU A 850 -24.86 60.15 24.22
N THR A 851 -24.06 60.65 25.15
CA THR A 851 -24.31 61.89 25.87
C THR A 851 -23.65 63.15 25.26
N ASP A 852 -22.63 62.96 24.44
CA ASP A 852 -22.00 64.08 23.75
C ASP A 852 -22.42 64.19 22.28
N SER A 853 -22.70 65.42 21.85
CA SER A 853 -23.09 65.75 20.46
C SER A 853 -22.05 65.27 19.47
N VAL A 854 -22.51 65.03 18.25
CA VAL A 854 -21.68 64.56 17.15
C VAL A 854 -21.57 65.68 16.10
N THR A 855 -20.32 66.08 15.83
CA THR A 855 -20.00 67.05 14.79
C THR A 855 -19.85 66.34 13.45
N GLU A 856 -19.26 65.15 13.49
CA GLU A 856 -18.69 64.53 12.32
C GLU A 856 -18.56 63.05 12.61
N VAL A 857 -18.88 62.21 11.61
CA VAL A 857 -18.59 60.78 11.69
C VAL A 857 -17.49 60.46 10.68
N ARG A 858 -16.49 59.71 11.11
CA ARG A 858 -15.35 59.39 10.26
C ARG A 858 -15.07 57.91 10.30
N VAL A 859 -14.70 57.36 9.16
CA VAL A 859 -14.50 55.92 9.02
C VAL A 859 -13.12 55.67 8.43
N ALA A 860 -12.41 54.70 8.99
CA ALA A 860 -11.15 54.25 8.43
C ALA A 860 -11.23 52.74 8.19
N GLU A 861 -10.71 52.29 7.04
CA GLU A 861 -10.72 50.88 6.69
C GLU A 861 -9.29 50.36 6.63
N ASN A 862 -9.02 49.27 7.33
CA ASN A 862 -7.72 48.60 7.30
C ASN A 862 -6.57 49.57 7.56
N ASN A 863 -6.71 50.36 8.63
CA ASN A 863 -5.77 51.43 8.94
C ASN A 863 -5.31 52.37 7.79
N GLN A 864 -6.22 52.72 6.90
CA GLN A 864 -6.03 53.82 5.94
C GLN A 864 -6.67 55.09 6.49
N PRO A 865 -6.32 56.28 5.95
CA PRO A 865 -6.85 57.55 6.47
C PRO A 865 -8.39 57.62 6.60
N MET A 866 -8.85 58.45 7.54
CA MET A 866 -10.27 58.64 7.87
C MET A 866 -10.99 59.46 6.80
N ASN A 867 -12.15 58.98 6.35
CA ASN A 867 -13.02 59.75 5.47
C ASN A 867 -14.28 60.14 6.21
N ALA A 868 -14.72 61.38 5.96
CA ALA A 868 -15.98 61.87 6.47
C ALA A 868 -17.12 61.00 5.95
N HIS A 869 -18.07 60.71 6.82
CA HIS A 869 -19.25 59.97 6.46
C HIS A 869 -20.45 60.90 6.70
N SER A 870 -21.26 61.14 5.68
CA SER A 870 -22.28 62.18 5.81
C SER A 870 -23.62 61.70 6.37
N ASN A 871 -23.93 60.41 6.23
CA ASN A 871 -25.23 59.90 6.63
C ASN A 871 -25.29 59.40 8.09
N PHE A 872 -25.55 60.33 9.00
CA PHE A 872 -25.87 59.97 10.38
C PHE A 872 -26.97 60.87 10.90
N THR A 873 -27.62 60.41 11.95
CA THR A 873 -28.61 61.18 12.68
C THR A 873 -28.28 61.14 14.17
N TYR A 874 -28.01 62.28 14.78
CA TYR A 874 -27.84 62.34 16.23
C TYR A 874 -29.12 62.82 16.90
N ASP A 875 -29.79 61.94 17.64
CA ASP A 875 -30.97 62.31 18.40
C ASP A 875 -30.60 62.58 19.86
N ALA A 876 -30.45 63.86 20.22
CA ALA A 876 -30.04 64.22 21.58
C ALA A 876 -31.12 63.98 22.63
N SER A 877 -32.38 64.02 22.20
CA SER A 877 -33.55 63.80 23.06
C SER A 877 -33.53 62.40 23.59
N ASN A 878 -33.12 61.48 22.73
CA ASN A 878 -33.08 60.07 23.06
C ASN A 878 -31.66 59.56 23.34
N GLN A 879 -30.64 60.37 23.09
CA GLN A 879 -29.24 59.96 23.27
C GLN A 879 -28.84 58.83 22.30
N VAL A 880 -29.40 58.84 21.08
CA VAL A 880 -29.11 57.81 20.08
C VAL A 880 -28.43 58.37 18.81
N LEU A 881 -27.31 57.76 18.41
CA LEU A 881 -26.65 58.11 17.17
C LEU A 881 -26.93 56.97 16.22
N LEU A 882 -27.50 57.31 15.08
CA LEU A 882 -27.74 56.37 14.00
C LEU A 882 -26.75 56.66 12.87
N ILE A 883 -25.87 55.71 12.55
CA ILE A 883 -24.95 55.86 11.43
C ILE A 883 -25.42 54.89 10.34
N ALA A 884 -25.82 55.42 9.19
CA ALA A 884 -26.48 54.63 8.16
C ALA A 884 -25.67 54.63 6.86
N ASP A 885 -25.98 53.70 5.96
CA ASP A 885 -25.36 53.60 4.63
C ASP A 885 -23.84 53.42 4.66
N LEU A 886 -23.39 52.69 5.68
CA LEU A 886 -22.01 52.24 5.76
C LEU A 886 -21.84 51.07 4.81
N LYS A 887 -20.61 50.84 4.39
CA LYS A 887 -20.33 49.62 3.66
C LYS A 887 -19.04 49.00 4.18
N LEU A 888 -19.13 48.38 5.35
CA LEU A 888 -17.96 47.84 6.02
C LEU A 888 -17.90 46.33 5.79
N ASN A 889 -17.20 45.91 4.75
CA ASN A 889 -17.22 44.50 4.37
C ASN A 889 -16.54 43.58 5.37
N LEU A 890 -17.19 42.44 5.64
CA LEU A 890 -16.63 41.39 6.47
C LEU A 890 -15.29 40.91 5.91
N GLY A 891 -14.32 40.70 6.77
CA GLY A 891 -13.00 40.25 6.36
C GLY A 891 -11.95 41.33 6.57
N ARG A 892 -12.40 42.54 6.86
CA ARG A 892 -11.55 43.71 7.01
C ARG A 892 -11.73 44.40 8.35
N ASN A 893 -10.76 45.23 8.69
CA ASN A 893 -10.76 45.99 9.93
C ASN A 893 -11.24 47.40 9.72
N PHE A 894 -11.98 47.92 10.69
CA PHE A 894 -12.52 49.26 10.53
C PHE A 894 -12.44 50.01 11.83
N SER A 895 -12.43 51.33 11.70
CA SER A 895 -12.56 52.20 12.83
C SER A 895 -13.57 53.28 12.52
N VAL A 896 -14.46 53.51 13.45
CA VAL A 896 -15.53 54.50 13.28
C VAL A 896 -15.50 55.46 14.46
N GLN A 897 -15.30 56.74 14.16
CA GLN A 897 -15.26 57.79 15.17
C GLN A 897 -16.43 58.74 15.06
N TRP A 898 -16.95 59.15 16.21
CA TRP A 898 -17.94 60.22 16.27
C TRP A 898 -17.55 61.20 17.37
N CYS B 30 -20.52 -14.98 -3.91
CA CYS B 30 -19.21 -15.40 -4.52
C CYS B 30 -19.21 -16.93 -4.78
N PRO B 31 -18.87 -17.33 -6.03
CA PRO B 31 -18.93 -18.73 -6.49
C PRO B 31 -18.02 -19.62 -5.66
N ASN B 32 -18.43 -20.87 -5.46
CA ASN B 32 -17.64 -21.81 -4.68
C ASN B 32 -16.35 -22.26 -5.41
N VAL B 33 -16.47 -22.38 -6.73
CA VAL B 33 -15.37 -22.80 -7.58
C VAL B 33 -14.56 -21.61 -8.12
N LEU B 34 -13.24 -21.76 -8.08
CA LEU B 34 -12.28 -20.77 -8.62
C LEU B 34 -12.52 -20.37 -10.07
N ASN B 35 -12.99 -21.33 -10.88
CA ASN B 35 -13.08 -21.13 -12.32
C ASN B 35 -14.47 -20.82 -12.88
N ASP B 36 -15.05 -19.72 -12.41
CA ASP B 36 -16.27 -19.14 -12.98
C ASP B 36 -16.00 -18.63 -14.42
N PRO B 37 -17.05 -18.56 -15.29
CA PRO B 37 -16.81 -18.05 -16.65
C PRO B 37 -16.46 -16.56 -16.59
N VAL B 38 -15.21 -16.24 -16.91
CA VAL B 38 -14.70 -14.88 -16.65
C VAL B 38 -15.30 -13.80 -17.53
N ASN B 39 -15.73 -14.14 -18.74
CA ASN B 39 -16.26 -13.11 -19.65
C ASN B 39 -17.65 -12.61 -19.26
N VAL B 40 -18.29 -13.24 -18.30
CA VAL B 40 -19.61 -12.79 -17.88
C VAL B 40 -19.53 -12.07 -16.53
N ARG B 41 -18.32 -11.90 -15.98
CA ARG B 41 -18.18 -11.09 -14.73
C ARG B 41 -18.56 -9.65 -14.99
N ILE B 42 -19.43 -9.14 -14.15
CA ILE B 42 -19.80 -7.74 -14.25
C ILE B 42 -19.14 -6.95 -13.11
N ASN B 43 -18.38 -5.93 -13.49
CA ASN B 43 -17.42 -5.28 -12.62
C ASN B 43 -18.09 -4.49 -11.51
N CYS B 44 -17.79 -4.88 -10.28
CA CYS B 44 -18.33 -4.23 -9.11
C CYS B 44 -17.47 -3.01 -8.68
N ILE B 45 -16.26 -2.90 -9.23
CA ILE B 45 -15.42 -1.71 -9.05
C ILE B 45 -14.97 -1.10 -10.41
N PRO B 46 -15.91 -0.51 -11.16
CA PRO B 46 -15.55 -0.06 -12.51
C PRO B 46 -14.72 1.22 -12.50
N GLU B 47 -14.77 1.96 -11.39
CA GLU B 47 -14.25 3.33 -11.34
C GLU B 47 -12.80 3.49 -10.80
N GLN B 48 -12.24 2.43 -10.21
CA GLN B 48 -10.86 2.49 -9.69
C GLN B 48 -10.21 1.12 -9.84
N PHE B 49 -8.90 1.05 -9.62
CA PHE B 49 -8.21 -0.23 -9.55
C PHE B 49 -8.82 -1.05 -8.40
N PRO B 50 -9.19 -2.32 -8.67
CA PRO B 50 -9.88 -3.16 -7.68
C PRO B 50 -9.02 -3.59 -6.51
N THR B 51 -9.68 -3.66 -5.37
CA THR B 51 -9.04 -3.84 -4.10
C THR B 51 -9.95 -4.73 -3.25
N GLU B 52 -9.35 -5.61 -2.46
CA GLU B 52 -10.13 -6.53 -1.63
C GLU B 52 -11.00 -5.81 -0.58
N GLY B 53 -10.42 -4.81 0.10
CA GLY B 53 -11.19 -4.00 1.07
C GLY B 53 -12.41 -3.31 0.46
N ILE B 54 -12.26 -2.72 -0.71
CA ILE B 54 -13.40 -2.10 -1.38
C ILE B 54 -14.47 -3.15 -1.77
N CYS B 55 -13.99 -4.30 -2.22
CA CYS B 55 -14.88 -5.37 -2.68
C CYS B 55 -15.76 -5.90 -1.56
N ALA B 56 -15.14 -6.24 -0.42
CA ALA B 56 -15.87 -6.68 0.78
C ALA B 56 -16.85 -5.59 1.25
N GLN B 57 -16.41 -4.35 1.18
CA GLN B 57 -17.24 -3.22 1.57
C GLN B 57 -18.49 -3.10 0.66
N ARG B 58 -18.33 -3.42 -0.62
CA ARG B 58 -19.48 -3.42 -1.54
C ARG B 58 -20.31 -4.71 -1.48
N GLY B 59 -19.83 -5.71 -0.74
CA GLY B 59 -20.53 -6.99 -0.66
C GLY B 59 -20.51 -7.70 -2.01
N CYS B 60 -19.40 -7.57 -2.74
CA CYS B 60 -19.25 -8.23 -4.03
C CYS B 60 -18.25 -9.38 -3.92
N CYS B 61 -17.98 -10.05 -5.03
CA CYS B 61 -17.07 -11.20 -4.99
C CYS B 61 -15.62 -10.85 -5.40
N TRP B 62 -14.66 -11.21 -4.53
CA TRP B 62 -13.25 -10.96 -4.76
C TRP B 62 -12.57 -12.22 -5.31
N ARG B 63 -12.12 -12.14 -6.55
CA ARG B 63 -11.47 -13.25 -7.18
C ARG B 63 -10.47 -12.78 -8.24
N PRO B 64 -9.26 -12.47 -7.80
CA PRO B 64 -8.27 -11.91 -8.71
C PRO B 64 -7.88 -12.88 -9.82
N TRP B 65 -7.56 -12.33 -10.99
CA TRP B 65 -7.34 -13.13 -12.17
C TRP B 65 -5.92 -12.87 -12.70
N ASN B 66 -5.51 -13.65 -13.69
CA ASN B 66 -4.17 -13.57 -14.26
C ASN B 66 -4.06 -12.52 -15.39
N ASP B 67 -5.06 -11.65 -15.50
CA ASP B 67 -4.90 -10.38 -16.21
C ASP B 67 -5.79 -9.28 -15.65
N SER B 68 -5.53 -8.04 -16.06
CA SER B 68 -6.35 -6.93 -15.58
C SER B 68 -7.50 -6.49 -16.50
N LEU B 69 -7.68 -7.13 -17.66
CA LEU B 69 -8.95 -6.92 -18.39
C LEU B 69 -10.13 -7.54 -17.65
N ILE B 70 -9.94 -8.70 -17.07
CA ILE B 70 -10.99 -9.36 -16.31
C ILE B 70 -11.20 -8.72 -14.92
N PRO B 71 -12.47 -8.40 -14.55
CA PRO B 71 -12.77 -7.76 -13.25
C PRO B 71 -12.37 -8.70 -12.13
N TRP B 72 -11.66 -8.18 -11.15
CA TRP B 72 -11.27 -8.97 -10.01
C TRP B 72 -12.37 -8.93 -8.95
N CYS B 73 -13.23 -7.93 -9.03
CA CYS B 73 -14.34 -7.77 -8.11
C CYS B 73 -15.62 -7.64 -8.92
N PHE B 74 -16.51 -8.58 -8.73
CA PHE B 74 -17.68 -8.65 -9.60
C PHE B 74 -18.94 -8.98 -8.80
N PHE B 75 -20.09 -8.70 -9.42
CA PHE B 75 -21.37 -8.76 -8.73
C PHE B 75 -21.90 -10.15 -8.42
N VAL B 76 -21.77 -11.09 -9.34
CA VAL B 76 -22.58 -12.32 -9.27
C VAL B 76 -24.08 -11.92 -9.03
N ASP B 77 -24.70 -12.48 -7.99
CA ASP B 77 -26.11 -12.19 -7.66
C ASP B 77 -26.27 -11.51 -6.28
N ASN B 78 -25.30 -10.66 -5.95
CA ASN B 78 -25.28 -9.98 -4.65
C ASN B 78 -26.16 -8.71 -4.56
N HIS B 79 -26.25 -8.01 -5.68
CA HIS B 79 -27.00 -6.75 -5.79
C HIS B 79 -28.19 -6.92 -6.73
N GLY B 80 -29.11 -5.96 -6.74
CA GLY B 80 -30.20 -5.93 -7.71
C GLY B 80 -31.52 -5.54 -7.07
N TYR B 81 -32.60 -5.82 -7.79
CA TYR B 81 -33.97 -5.58 -7.36
C TYR B 81 -34.83 -6.81 -7.54
N ASN B 82 -35.89 -6.92 -6.74
CA ASN B 82 -36.90 -7.96 -6.89
C ASN B 82 -38.20 -7.32 -7.32
N VAL B 83 -39.05 -8.06 -8.03
CA VAL B 83 -40.36 -7.54 -8.36
C VAL B 83 -41.29 -7.73 -7.16
N GLN B 84 -41.81 -6.65 -6.60
CA GLN B 84 -42.82 -6.75 -5.53
C GLN B 84 -44.18 -7.20 -6.10
N ASP B 85 -44.64 -6.50 -7.13
CA ASP B 85 -45.89 -6.86 -7.81
C ASP B 85 -45.82 -6.44 -9.25
N MET B 86 -46.59 -7.14 -10.08
CA MET B 86 -46.63 -6.93 -11.53
C MET B 86 -48.08 -6.86 -11.97
N THR B 87 -48.39 -5.89 -12.83
CA THR B 87 -49.74 -5.72 -13.32
C THR B 87 -49.73 -5.46 -14.83
N THR B 88 -50.68 -6.08 -15.53
CA THR B 88 -50.85 -5.89 -16.97
C THR B 88 -51.65 -4.62 -17.19
N THR B 89 -51.20 -3.83 -18.17
CA THR B 89 -51.92 -2.64 -18.63
C THR B 89 -52.37 -2.89 -20.07
N SER B 90 -53.12 -1.95 -20.63
CA SER B 90 -53.54 -2.06 -22.02
C SER B 90 -52.36 -2.05 -23.02
N ILE B 91 -51.23 -1.47 -22.61
CA ILE B 91 -50.09 -1.31 -23.52
C ILE B 91 -48.78 -2.03 -23.13
N GLY B 92 -48.86 -2.87 -22.09
CA GLY B 92 -47.70 -3.61 -21.60
C GLY B 92 -47.87 -4.00 -20.13
N VAL B 93 -46.80 -3.89 -19.35
CA VAL B 93 -46.86 -4.22 -17.91
C VAL B 93 -46.21 -3.14 -17.06
N GLU B 94 -46.54 -3.18 -15.77
CA GLU B 94 -46.06 -2.20 -14.82
C GLU B 94 -45.70 -2.97 -13.55
N ALA B 95 -44.49 -2.79 -13.05
CA ALA B 95 -44.02 -3.54 -11.89
C ALA B 95 -43.28 -2.67 -10.85
N LYS B 96 -43.70 -2.81 -9.61
CA LYS B 96 -42.98 -2.22 -8.49
C LYS B 96 -41.75 -3.08 -8.20
N LEU B 97 -40.58 -2.45 -8.21
CA LEU B 97 -39.35 -3.15 -7.89
C LEU B 97 -38.78 -2.66 -6.57
N ASN B 98 -38.34 -3.62 -5.74
CA ASN B 98 -37.65 -3.28 -4.52
C ASN B 98 -36.23 -3.77 -4.43
N ARG B 99 -35.37 -2.91 -3.92
CA ARG B 99 -33.94 -3.14 -3.90
C ARG B 99 -33.61 -4.31 -2.98
N ILE B 100 -32.78 -5.21 -3.48
CA ILE B 100 -32.22 -6.29 -2.68
C ILE B 100 -31.25 -5.64 -1.68
N PRO B 101 -31.44 -5.89 -0.37
CA PRO B 101 -30.60 -5.22 0.64
C PRO B 101 -29.12 -5.59 0.58
N SER B 102 -28.33 -4.82 -0.14
CA SER B 102 -26.91 -5.06 -0.27
C SER B 102 -26.29 -3.74 0.13
N PRO B 103 -24.96 -3.71 0.34
CA PRO B 103 -24.32 -2.42 0.55
C PRO B 103 -24.42 -1.54 -0.71
N THR B 104 -24.24 -0.24 -0.52
CA THR B 104 -24.25 0.72 -1.63
C THR B 104 -22.95 0.72 -2.42
N LEU B 105 -23.01 1.14 -3.67
CA LEU B 105 -21.80 1.46 -4.44
C LEU B 105 -21.46 2.94 -4.30
N PHE B 106 -22.33 3.83 -4.78
CA PHE B 106 -22.03 5.26 -4.74
C PHE B 106 -22.99 6.09 -3.86
N GLY B 107 -23.78 5.41 -3.03
CA GLY B 107 -24.66 6.10 -2.08
C GLY B 107 -25.97 6.49 -2.74
N ASN B 108 -26.95 6.87 -1.92
CA ASN B 108 -28.24 7.39 -2.38
C ASN B 108 -29.04 6.45 -3.27
N ASP B 109 -29.06 5.18 -2.91
CA ASP B 109 -29.86 4.19 -3.64
C ASP B 109 -31.32 4.48 -3.43
N ILE B 110 -32.07 4.28 -4.50
CA ILE B 110 -33.50 4.48 -4.48
C ILE B 110 -34.10 3.11 -4.25
N ASN B 111 -34.74 2.95 -3.10
CA ASN B 111 -35.11 1.62 -2.65
C ASN B 111 -36.24 0.98 -3.46
N SER B 112 -37.12 1.82 -3.99
CA SER B 112 -38.29 1.39 -4.72
C SER B 112 -38.36 2.12 -6.06
N VAL B 113 -38.39 1.37 -7.16
CA VAL B 113 -38.55 1.96 -8.48
C VAL B 113 -39.71 1.29 -9.22
N LEU B 114 -40.15 1.94 -10.30
CA LEU B 114 -41.25 1.44 -11.10
C LEU B 114 -40.75 1.08 -12.49
N PHE B 115 -41.02 -0.14 -12.89
CA PHE B 115 -40.69 -0.65 -14.22
C PHE B 115 -41.99 -0.60 -15.08
N THR B 116 -41.94 0.06 -16.22
CA THR B 116 -43.11 0.18 -17.10
C THR B 116 -42.68 -0.25 -18.51
N THR B 117 -43.45 -1.13 -19.14
CA THR B 117 -43.22 -1.41 -20.55
C THR B 117 -44.31 -0.83 -21.43
N GLN B 118 -43.93 -0.51 -22.65
CA GLN B 118 -44.88 -0.10 -23.67
C GLN B 118 -44.61 -0.85 -24.97
N ASN B 119 -45.60 -1.59 -25.41
CA ASN B 119 -45.56 -2.25 -26.71
C ASN B 119 -46.05 -1.23 -27.74
N GLN B 120 -45.13 -0.42 -28.25
CA GLN B 120 -45.50 0.75 -29.05
C GLN B 120 -45.94 0.45 -30.49
N THR B 121 -45.17 -0.40 -31.18
CA THR B 121 -45.51 -0.90 -32.51
C THR B 121 -45.07 -2.38 -32.59
N PRO B 122 -45.48 -3.11 -33.66
CA PRO B 122 -44.94 -4.48 -33.80
C PRO B 122 -43.38 -4.58 -33.82
N ASN B 123 -42.70 -3.50 -34.19
CA ASN B 123 -41.23 -3.51 -34.25
C ASN B 123 -40.54 -2.78 -33.09
N ARG B 124 -41.29 -1.98 -32.33
CA ARG B 124 -40.69 -1.14 -31.31
C ARG B 124 -41.24 -1.41 -29.91
N PHE B 125 -40.32 -1.74 -29.01
CA PHE B 125 -40.63 -2.05 -27.64
C PHE B 125 -39.94 -1.01 -26.74
N ARG B 126 -40.63 -0.57 -25.70
CA ARG B 126 -40.06 0.40 -24.78
C ARG B 126 -40.18 -0.08 -23.32
N PHE B 127 -39.15 0.18 -22.53
CA PHE B 127 -39.28 -0.04 -21.09
C PHE B 127 -38.53 1.08 -20.38
N LYS B 128 -39.11 1.58 -19.30
CA LYS B 128 -38.46 2.63 -18.56
C LYS B 128 -38.51 2.28 -17.07
N ILE B 129 -37.48 2.71 -16.36
CA ILE B 129 -37.43 2.49 -14.92
C ILE B 129 -37.35 3.86 -14.27
N THR B 130 -38.40 4.19 -13.53
CA THR B 130 -38.53 5.52 -13.00
C THR B 130 -38.73 5.51 -11.48
N ASP B 131 -38.65 6.70 -10.91
CA ASP B 131 -38.97 6.94 -9.53
C ASP B 131 -40.38 7.49 -9.50
N PRO B 132 -41.37 6.65 -9.15
CA PRO B 132 -42.79 6.97 -9.41
C PRO B 132 -43.31 8.15 -8.57
N ASN B 133 -42.77 8.34 -7.37
CA ASN B 133 -43.29 9.36 -6.47
C ASN B 133 -42.38 10.59 -6.34
N ASN B 134 -41.21 10.57 -6.97
CA ASN B 134 -40.34 11.75 -7.01
C ASN B 134 -39.95 12.05 -8.44
N ARG B 135 -40.05 13.32 -8.84
CA ARG B 135 -39.74 13.73 -10.22
C ARG B 135 -38.24 13.59 -10.49
N ARG B 136 -37.85 12.72 -11.41
CA ARG B 136 -36.48 12.64 -11.86
C ARG B 136 -36.39 13.22 -13.27
N TYR B 137 -35.27 13.85 -13.59
CA TYR B 137 -35.04 14.43 -14.91
C TYR B 137 -35.28 13.38 -16.01
N GLU B 138 -36.14 13.74 -16.95
CA GLU B 138 -36.31 12.99 -18.21
C GLU B 138 -35.95 13.92 -19.38
N VAL B 139 -35.28 13.40 -20.41
CA VAL B 139 -34.93 14.22 -21.59
C VAL B 139 -36.17 14.88 -22.22
N PRO B 140 -36.23 16.21 -22.28
CA PRO B 140 -37.39 16.80 -22.97
C PRO B 140 -37.19 16.76 -24.50
N HIS B 141 -37.32 15.58 -25.10
CA HIS B 141 -37.09 15.45 -26.51
C HIS B 141 -38.19 16.15 -27.29
N GLN B 142 -37.83 16.81 -28.40
CA GLN B 142 -38.80 17.65 -29.07
C GLN B 142 -39.61 16.93 -30.15
N TYR B 143 -39.23 15.70 -30.46
CA TYR B 143 -39.98 14.90 -31.43
C TYR B 143 -40.70 13.70 -30.80
N VAL B 144 -39.97 12.93 -29.98
CA VAL B 144 -40.51 11.70 -29.41
C VAL B 144 -41.83 11.99 -28.69
N LYS B 145 -42.86 11.30 -29.13
CA LYS B 145 -44.25 11.57 -28.77
C LYS B 145 -44.63 10.64 -27.63
N GLU B 146 -45.36 11.14 -26.62
CA GLU B 146 -45.79 10.23 -25.55
C GLU B 146 -46.82 9.25 -26.09
N PHE B 147 -46.75 8.02 -25.57
CA PHE B 147 -47.54 6.91 -26.07
C PHE B 147 -48.64 6.50 -25.08
N THR B 148 -49.88 6.45 -25.57
CA THR B 148 -51.04 6.06 -24.75
C THR B 148 -51.76 4.83 -25.31
N GLY B 149 -51.59 4.56 -26.61
CA GLY B 149 -52.28 3.46 -27.28
C GLY B 149 -52.18 3.62 -28.79
N PRO B 150 -52.90 2.78 -29.56
CA PRO B 150 -53.74 1.68 -29.05
C PRO B 150 -52.93 0.39 -28.84
N THR B 151 -53.54 -0.56 -28.12
CA THR B 151 -52.96 -1.89 -27.90
C THR B 151 -52.47 -2.54 -29.20
N VAL B 152 -51.19 -2.89 -29.24
CA VAL B 152 -50.62 -3.54 -30.41
C VAL B 152 -50.84 -5.07 -30.35
N SER B 153 -51.58 -5.61 -31.31
CA SER B 153 -51.64 -7.05 -31.47
C SER B 153 -50.52 -7.51 -32.44
N ASP B 154 -50.03 -8.73 -32.26
CA ASP B 154 -48.94 -9.27 -33.10
C ASP B 154 -47.66 -8.42 -33.11
N THR B 155 -47.03 -8.33 -31.96
CA THR B 155 -45.71 -7.75 -31.91
C THR B 155 -44.72 -8.79 -32.44
N LEU B 156 -43.59 -8.33 -32.95
CA LEU B 156 -42.54 -9.25 -33.40
C LEU B 156 -41.67 -9.72 -32.23
N TYR B 157 -41.82 -9.06 -31.08
CA TYR B 157 -41.03 -9.35 -29.87
C TYR B 157 -41.90 -9.98 -28.79
N ASP B 158 -41.30 -10.81 -27.95
CA ASP B 158 -41.93 -11.29 -26.71
C ASP B 158 -41.06 -10.83 -25.55
N VAL B 159 -41.69 -10.45 -24.45
CA VAL B 159 -40.96 -9.91 -23.29
C VAL B 159 -41.20 -10.77 -22.05
N LYS B 160 -40.13 -11.28 -21.44
CA LYS B 160 -40.26 -12.01 -20.19
C LYS B 160 -39.65 -11.23 -19.05
N VAL B 161 -40.38 -11.12 -17.95
CA VAL B 161 -39.87 -10.44 -16.77
C VAL B 161 -39.61 -11.46 -15.68
N ALA B 162 -38.34 -11.61 -15.30
CA ALA B 162 -38.01 -12.42 -14.14
C ALA B 162 -38.27 -11.61 -12.87
N GLN B 163 -38.63 -12.28 -11.79
CA GLN B 163 -39.08 -11.55 -10.62
C GLN B 163 -38.09 -11.55 -9.45
N ASN B 164 -37.37 -12.66 -9.26
CA ASN B 164 -36.39 -12.77 -8.17
C ASN B 164 -35.08 -13.40 -8.63
N PRO B 165 -34.11 -12.56 -9.04
CA PRO B 165 -34.24 -11.11 -9.09
C PRO B 165 -34.89 -10.56 -10.38
N PHE B 166 -35.20 -9.26 -10.37
CA PHE B 166 -35.73 -8.61 -11.55
C PHE B 166 -34.76 -8.69 -12.71
N SER B 167 -35.26 -9.04 -13.89
CA SER B 167 -34.52 -8.88 -15.13
C SER B 167 -35.49 -8.96 -16.32
N ILE B 168 -35.07 -8.41 -17.45
CA ILE B 168 -35.93 -8.47 -18.64
C ILE B 168 -35.24 -9.26 -19.73
N GLN B 169 -36.01 -10.01 -20.50
CA GLN B 169 -35.54 -10.71 -21.67
C GLN B 169 -36.43 -10.32 -22.85
N VAL B 170 -35.84 -9.70 -23.88
CA VAL B 170 -36.60 -9.38 -25.11
C VAL B 170 -36.24 -10.42 -26.16
N ILE B 171 -37.26 -11.12 -26.66
CA ILE B 171 -37.05 -12.26 -27.53
C ILE B 171 -37.72 -12.04 -28.90
N ARG B 172 -37.04 -12.44 -29.96
CA ARG B 172 -37.65 -12.42 -31.28
C ARG B 172 -38.58 -13.62 -31.34
N LYS B 173 -39.87 -13.40 -31.50
CA LYS B 173 -40.73 -14.58 -31.37
C LYS B 173 -40.73 -15.54 -32.55
N SER B 174 -40.35 -15.11 -33.75
CA SER B 174 -40.35 -16.03 -34.91
C SER B 174 -39.35 -17.19 -34.80
N ASN B 175 -38.18 -16.94 -34.22
CA ASN B 175 -37.19 -18.01 -34.01
C ASN B 175 -36.79 -18.24 -32.54
N GLY B 176 -37.43 -17.54 -31.61
CA GLY B 176 -37.09 -17.67 -30.17
C GLY B 176 -35.75 -17.10 -29.74
N LYS B 177 -35.16 -16.21 -30.54
CA LYS B 177 -33.83 -15.71 -30.22
C LYS B 177 -33.88 -14.60 -29.18
N THR B 178 -33.08 -14.77 -28.12
CA THR B 178 -32.95 -13.75 -27.08
C THR B 178 -32.07 -12.61 -27.56
N LEU B 179 -32.67 -11.45 -27.72
CA LEU B 179 -31.96 -10.28 -28.24
C LEU B 179 -31.32 -9.42 -27.14
N PHE B 180 -32.04 -9.26 -26.04
CA PHE B 180 -31.67 -8.32 -25.00
C PHE B 180 -31.99 -8.99 -23.68
N ASP B 181 -30.95 -9.35 -22.93
CA ASP B 181 -31.11 -10.15 -21.73
C ASP B 181 -30.35 -9.54 -20.55
N THR B 182 -31.08 -8.95 -19.60
CA THR B 182 -30.44 -8.24 -18.50
C THR B 182 -30.12 -9.10 -17.26
N SER B 183 -30.36 -10.41 -17.35
CA SER B 183 -30.27 -11.32 -16.18
C SER B 183 -28.85 -11.54 -15.70
N ILE B 184 -27.87 -11.25 -16.57
CA ILE B 184 -26.45 -11.47 -16.27
C ILE B 184 -25.85 -10.47 -15.28
N GLY B 185 -26.61 -9.44 -14.95
CA GLY B 185 -26.13 -8.42 -14.04
C GLY B 185 -27.24 -7.79 -13.21
N PRO B 186 -26.86 -7.01 -12.20
CA PRO B 186 -27.86 -6.35 -11.37
C PRO B 186 -28.41 -5.08 -12.03
N LEU B 187 -29.62 -4.69 -11.61
CA LEU B 187 -30.04 -3.31 -11.73
C LEU B 187 -29.50 -2.54 -10.49
N VAL B 188 -28.76 -1.45 -10.76
CA VAL B 188 -28.38 -0.45 -9.76
C VAL B 188 -29.11 0.85 -10.12
N TYR B 189 -29.76 1.44 -9.13
CA TYR B 189 -30.57 2.62 -9.32
C TYR B 189 -30.44 3.54 -8.11
N SER B 190 -29.52 4.49 -8.25
CA SER B 190 -29.22 5.43 -7.17
C SER B 190 -29.23 6.81 -7.81
N ASP B 191 -29.22 7.85 -6.98
CA ASP B 191 -29.46 9.20 -7.48
C ASP B 191 -28.54 9.66 -8.61
N GLN B 192 -27.26 9.27 -8.54
CA GLN B 192 -26.25 9.71 -9.51
C GLN B 192 -25.43 8.54 -10.05
N TYR B 193 -26.01 7.35 -9.92
CA TYR B 193 -25.45 6.16 -10.55
C TYR B 193 -26.57 5.18 -10.91
N LEU B 194 -26.73 4.98 -12.21
CA LEU B 194 -27.65 3.98 -12.73
C LEU B 194 -26.80 2.97 -13.49
N GLN B 195 -27.12 1.70 -13.34
CA GLN B 195 -26.41 0.64 -14.06
C GLN B 195 -27.34 -0.46 -14.45
N ILE B 196 -27.15 -0.95 -15.68
CA ILE B 196 -27.85 -2.12 -16.20
C ILE B 196 -26.96 -2.74 -17.30
N SER B 197 -26.98 -4.07 -17.40
CA SER B 197 -26.22 -4.78 -18.42
C SER B 197 -27.15 -5.62 -19.28
N ALA B 198 -26.69 -6.00 -20.46
CA ALA B 198 -27.50 -6.85 -21.32
C ALA B 198 -26.60 -7.71 -22.14
N ARG B 199 -26.87 -8.99 -22.09
CA ARG B 199 -26.24 -9.94 -22.95
C ARG B 199 -26.95 -9.90 -24.30
N LEU B 200 -26.15 -9.90 -25.37
CA LEU B 200 -26.67 -9.92 -26.74
C LEU B 200 -26.36 -11.25 -27.45
N PRO B 201 -27.07 -11.54 -28.55
CA PRO B 201 -26.94 -12.88 -29.17
C PRO B 201 -25.84 -13.03 -30.22
N SER B 202 -25.16 -11.94 -30.59
CA SER B 202 -24.14 -12.02 -31.63
C SER B 202 -22.98 -11.11 -31.29
N ASP B 203 -21.82 -11.38 -31.86
CA ASP B 203 -20.59 -10.63 -31.57
C ASP B 203 -20.41 -9.38 -32.48
N TYR B 204 -21.48 -8.93 -33.12
CA TYR B 204 -21.39 -7.88 -34.16
C TYR B 204 -22.25 -6.69 -33.80
N ILE B 205 -21.62 -5.62 -33.33
CA ILE B 205 -22.26 -4.44 -32.74
C ILE B 205 -21.73 -3.21 -33.48
N TYR B 206 -22.60 -2.26 -33.81
CA TYR B 206 -22.25 -1.07 -34.60
C TYR B 206 -22.95 0.12 -33.97
N GLY B 207 -22.24 1.22 -33.76
CA GLY B 207 -22.88 2.43 -33.22
C GLY B 207 -22.17 3.01 -32.02
N ILE B 208 -22.90 3.78 -31.21
CA ILE B 208 -22.39 4.53 -30.08
C ILE B 208 -21.55 5.69 -30.58
N GLY B 209 -21.75 6.88 -30.01
CA GLY B 209 -20.95 8.05 -30.38
C GLY B 209 -21.10 9.25 -29.46
N GLU B 210 -20.35 10.32 -29.70
CA GLU B 210 -19.36 10.43 -30.76
C GLU B 210 -17.98 10.20 -30.14
N GLN B 211 -17.27 9.21 -30.68
CA GLN B 211 -15.89 8.91 -30.33
C GLN B 211 -15.24 8.47 -31.63
N VAL B 212 -13.91 8.37 -31.63
CA VAL B 212 -13.18 7.80 -32.77
C VAL B 212 -13.10 6.28 -32.54
N HIS B 213 -13.84 5.50 -33.31
CA HIS B 213 -13.78 4.03 -33.16
C HIS B 213 -12.69 3.36 -34.02
N LYS B 214 -12.33 4.00 -35.13
CA LYS B 214 -11.39 3.42 -36.10
C LYS B 214 -12.02 2.29 -36.92
N ARG B 215 -12.60 1.29 -36.26
CA ARG B 215 -13.30 0.19 -36.96
C ARG B 215 -14.81 0.29 -36.76
N PHE B 216 -15.59 -0.01 -37.79
CA PHE B 216 -17.05 0.06 -37.71
C PHE B 216 -17.64 -1.05 -36.79
N ARG B 217 -17.17 -2.27 -36.98
CA ARG B 217 -17.55 -3.38 -36.14
C ARG B 217 -16.80 -3.22 -34.81
N HIS B 218 -17.54 -3.17 -33.70
CA HIS B 218 -16.96 -2.99 -32.36
C HIS B 218 -16.02 -4.10 -31.93
N ASP B 219 -14.84 -3.70 -31.48
CA ASP B 219 -13.95 -4.53 -30.67
C ASP B 219 -14.68 -4.88 -29.35
N LEU B 220 -14.72 -6.15 -29.01
CA LEU B 220 -15.45 -6.60 -27.85
C LEU B 220 -14.58 -6.71 -26.59
N SER B 221 -13.30 -6.43 -26.72
CA SER B 221 -12.35 -6.79 -25.69
C SER B 221 -12.27 -5.76 -24.56
N TRP B 222 -13.34 -5.63 -23.77
CA TRP B 222 -13.35 -4.82 -22.55
C TRP B 222 -13.08 -3.33 -22.84
N LYS B 223 -13.97 -2.72 -23.63
CA LYS B 223 -13.76 -1.36 -24.14
C LYS B 223 -14.75 -0.40 -23.50
N THR B 224 -14.29 0.80 -23.15
CA THR B 224 -15.15 1.79 -22.51
C THR B 224 -15.38 2.96 -23.46
N TRP B 225 -16.65 3.34 -23.62
CA TRP B 225 -17.05 4.44 -24.48
C TRP B 225 -17.82 5.46 -23.68
N PRO B 226 -17.13 6.52 -23.25
CA PRO B 226 -17.78 7.60 -22.53
C PRO B 226 -18.55 8.53 -23.49
N ILE B 227 -19.67 9.04 -23.00
CA ILE B 227 -20.56 9.85 -23.79
C ILE B 227 -20.93 11.07 -22.97
N PHE B 228 -20.52 12.24 -23.46
CA PHE B 228 -20.78 13.54 -22.84
C PHE B 228 -20.23 14.54 -23.81
N THR B 229 -21.09 15.39 -24.37
CA THR B 229 -20.65 16.27 -25.46
C THR B 229 -19.46 17.11 -25.00
N ARG B 230 -18.41 17.08 -25.80
CA ARG B 230 -17.17 17.72 -25.43
C ARG B 230 -16.39 18.25 -26.63
N ASP B 231 -15.82 19.44 -26.48
CA ASP B 231 -14.90 19.99 -27.47
C ASP B 231 -13.50 19.43 -27.27
N GLN B 232 -13.10 18.50 -28.14
CA GLN B 232 -11.78 17.90 -28.10
C GLN B 232 -11.42 17.47 -29.50
N LEU B 233 -10.16 17.69 -29.91
CA LEU B 233 -9.63 17.23 -31.19
C LEU B 233 -9.67 15.71 -31.27
N PRO B 234 -10.38 15.14 -32.28
CA PRO B 234 -10.43 13.68 -32.46
C PRO B 234 -9.03 13.08 -32.62
N GLY B 235 -8.82 11.93 -31.96
CA GLY B 235 -7.51 11.28 -31.97
C GLY B 235 -7.65 9.80 -31.74
N ASP B 236 -6.51 9.14 -31.57
CA ASP B 236 -6.46 7.69 -31.38
C ASP B 236 -6.66 7.36 -29.90
N ASN B 237 -7.90 7.52 -29.43
CA ASN B 237 -8.25 7.22 -28.05
C ASN B 237 -9.77 7.09 -27.89
N ASN B 238 -10.23 6.90 -26.66
CA ASN B 238 -11.65 6.67 -26.43
C ASN B 238 -12.37 7.92 -25.94
N ASN B 239 -11.78 9.10 -26.11
CA ASN B 239 -12.42 10.30 -25.58
C ASN B 239 -13.84 10.52 -26.10
N ASN B 240 -14.68 11.06 -25.23
CA ASN B 240 -15.97 11.59 -25.58
C ASN B 240 -15.75 12.83 -26.45
N LEU B 241 -16.47 12.91 -27.56
CA LEU B 241 -16.31 14.03 -28.47
C LEU B 241 -17.62 14.80 -28.58
N TYR B 242 -17.87 15.41 -29.74
CA TYR B 242 -18.89 16.46 -29.86
C TYR B 242 -20.33 16.03 -29.64
N GLY B 243 -20.66 14.82 -30.01
CA GLY B 243 -22.05 14.36 -30.01
C GLY B 243 -22.34 13.37 -28.88
N HIS B 244 -23.62 13.23 -28.55
CA HIS B 244 -24.10 12.30 -27.52
C HIS B 244 -25.09 11.31 -28.18
N GLN B 245 -24.60 10.13 -28.58
CA GLN B 245 -25.40 9.15 -29.34
C GLN B 245 -25.34 7.73 -28.75
N THR B 246 -26.39 7.32 -28.04
CA THR B 246 -26.38 6.03 -27.36
C THR B 246 -26.72 4.83 -28.28
N PHE B 247 -27.39 5.11 -29.41
CA PHE B 247 -27.86 4.06 -30.31
C PHE B 247 -26.75 3.10 -30.79
N PHE B 248 -27.04 1.81 -30.71
CA PHE B 248 -26.27 0.82 -31.43
C PHE B 248 -27.16 -0.24 -32.01
N MET B 249 -26.58 -1.03 -32.89
CA MET B 249 -27.31 -1.99 -33.66
C MET B 249 -26.54 -3.28 -33.62
N CYS B 250 -27.25 -4.39 -33.75
CA CYS B 250 -26.64 -5.72 -33.70
C CYS B 250 -27.21 -6.54 -34.81
N ILE B 251 -26.37 -7.16 -35.61
CA ILE B 251 -26.86 -8.13 -36.60
C ILE B 251 -26.85 -9.54 -36.00
N GLU B 252 -28.02 -10.18 -35.97
CA GLU B 252 -28.20 -11.52 -35.35
C GLU B 252 -27.65 -12.69 -36.20
N ASP B 253 -27.85 -12.66 -37.51
CA ASP B 253 -27.44 -13.76 -38.37
C ASP B 253 -27.48 -13.39 -39.84
N THR B 254 -27.11 -14.35 -40.69
CA THR B 254 -27.00 -14.14 -42.13
C THR B 254 -28.34 -14.02 -42.88
N SER B 255 -29.45 -14.25 -42.18
CA SER B 255 -30.77 -13.91 -42.71
C SER B 255 -30.97 -12.39 -42.77
N GLY B 256 -30.15 -11.63 -42.06
CA GLY B 256 -30.29 -10.19 -42.01
C GLY B 256 -31.03 -9.66 -40.79
N LYS B 257 -31.77 -10.52 -40.10
CA LYS B 257 -32.45 -10.12 -38.87
C LYS B 257 -31.49 -9.45 -37.88
N SER B 258 -31.92 -8.28 -37.39
CA SER B 258 -31.10 -7.40 -36.58
C SER B 258 -32.00 -6.68 -35.61
N PHE B 259 -31.37 -6.02 -34.63
CA PHE B 259 -32.13 -5.19 -33.73
C PHE B 259 -31.27 -4.02 -33.27
N GLY B 260 -31.90 -3.01 -32.70
CA GLY B 260 -31.17 -1.86 -32.21
C GLY B 260 -31.58 -1.54 -30.79
N VAL B 261 -30.70 -0.86 -30.06
CA VAL B 261 -30.94 -0.51 -28.66
C VAL B 261 -30.64 0.96 -28.49
N PHE B 262 -31.64 1.71 -28.03
CA PHE B 262 -31.51 3.14 -27.84
C PHE B 262 -31.83 3.53 -26.39
N LEU B 263 -30.90 4.20 -25.70
CA LEU B 263 -31.17 4.76 -24.35
C LEU B 263 -31.47 6.26 -24.44
N MET B 264 -32.70 6.66 -24.08
CA MET B 264 -33.02 8.09 -24.01
C MET B 264 -32.60 8.69 -22.65
N ASN B 265 -31.38 9.20 -22.63
CA ASN B 265 -30.77 9.75 -21.42
C ASN B 265 -29.64 10.63 -21.92
N SER B 266 -29.54 11.83 -21.39
CA SER B 266 -28.54 12.81 -21.84
C SER B 266 -27.49 13.11 -20.77
N ASN B 267 -27.50 12.34 -19.68
CA ASN B 267 -26.50 12.52 -18.61
C ASN B 267 -25.14 11.97 -19.04
N ALA B 268 -24.07 12.45 -18.42
CA ALA B 268 -22.77 11.82 -18.62
C ALA B 268 -22.91 10.34 -18.31
N MET B 269 -22.31 9.52 -19.16
CA MET B 269 -22.38 8.08 -19.01
C MET B 269 -21.19 7.44 -19.70
N GLU B 270 -21.05 6.13 -19.48
CA GLU B 270 -20.13 5.24 -20.19
C GLU B 270 -20.95 4.07 -20.69
N ILE B 271 -20.62 3.56 -21.87
CA ILE B 271 -21.11 2.26 -22.31
C ILE B 271 -19.91 1.32 -22.33
N PHE B 272 -20.05 0.17 -21.66
CA PHE B 272 -18.91 -0.73 -21.51
C PHE B 272 -19.18 -2.03 -22.23
N ILE B 273 -18.20 -2.51 -23.00
CA ILE B 273 -18.43 -3.70 -23.85
C ILE B 273 -17.42 -4.79 -23.54
N GLN B 274 -17.91 -6.00 -23.26
CA GLN B 274 -17.04 -7.10 -22.93
C GLN B 274 -17.43 -8.31 -23.77
N PRO B 275 -16.53 -9.30 -23.90
CA PRO B 275 -16.93 -10.48 -24.68
C PRO B 275 -18.11 -11.25 -24.11
N THR B 276 -18.87 -11.85 -25.01
CA THR B 276 -20.06 -12.67 -24.81
C THR B 276 -21.04 -12.43 -25.99
N PRO B 277 -21.34 -11.17 -26.34
CA PRO B 277 -20.98 -9.90 -25.67
C PRO B 277 -21.99 -9.45 -24.63
N ILE B 278 -21.54 -8.59 -23.73
CA ILE B 278 -22.40 -7.98 -22.75
C ILE B 278 -22.08 -6.50 -22.78
N VAL B 279 -23.12 -5.70 -22.81
CA VAL B 279 -22.99 -4.26 -22.76
C VAL B 279 -23.44 -3.82 -21.38
N THR B 280 -22.69 -2.91 -20.77
CA THR B 280 -23.11 -2.32 -19.50
C THR B 280 -23.18 -0.80 -19.66
N TYR B 281 -24.27 -0.24 -19.18
CA TYR B 281 -24.45 1.20 -19.14
C TYR B 281 -24.19 1.68 -17.72
N ARG B 282 -23.43 2.77 -17.60
CA ARG B 282 -23.11 3.41 -16.31
C ARG B 282 -23.41 4.89 -16.44
N VAL B 283 -24.52 5.33 -15.86
CA VAL B 283 -25.01 6.68 -16.08
C VAL B 283 -25.14 7.50 -14.78
N THR B 284 -24.84 8.79 -14.88
CA THR B 284 -24.63 9.66 -13.72
C THR B 284 -25.90 10.33 -13.27
N GLY B 285 -27.02 10.04 -13.91
CA GLY B 285 -28.27 10.74 -13.60
C GLY B 285 -29.43 10.31 -14.47
N GLY B 286 -30.56 10.99 -14.30
CA GLY B 286 -31.77 10.70 -15.07
C GLY B 286 -32.42 9.37 -14.76
N ILE B 287 -33.10 8.83 -15.77
CA ILE B 287 -33.77 7.54 -15.65
C ILE B 287 -33.22 6.60 -16.71
N LEU B 288 -33.66 5.36 -16.63
CA LEU B 288 -33.40 4.38 -17.66
C LEU B 288 -34.65 4.34 -18.56
N ASP B 289 -34.46 4.67 -19.82
CA ASP B 289 -35.59 4.74 -20.76
C ASP B 289 -35.10 4.10 -22.06
N PHE B 290 -35.46 2.85 -22.28
CA PHE B 290 -34.86 2.08 -23.38
C PHE B 290 -35.86 1.78 -24.45
N TYR B 291 -35.38 1.73 -25.69
CA TYR B 291 -36.19 1.33 -26.82
C TYR B 291 -35.46 0.19 -27.51
N ILE B 292 -36.15 -0.92 -27.73
CA ILE B 292 -35.56 -2.03 -28.45
C ILE B 292 -36.33 -2.16 -29.78
N LEU B 293 -35.58 -2.14 -30.88
CA LEU B 293 -36.16 -1.98 -32.22
C LEU B 293 -35.79 -3.17 -33.08
N LEU B 294 -36.77 -3.92 -33.56
CA LEU B 294 -36.51 -5.10 -34.37
C LEU B 294 -36.63 -4.82 -35.88
N GLY B 295 -35.85 -5.55 -36.67
CA GLY B 295 -35.84 -5.39 -38.11
C GLY B 295 -35.48 -6.69 -38.80
N ASP B 296 -35.98 -6.87 -40.02
CA ASP B 296 -35.63 -8.02 -40.84
C ASP B 296 -34.28 -7.86 -41.53
N THR B 297 -33.77 -6.63 -41.54
CA THR B 297 -32.48 -6.29 -42.14
C THR B 297 -31.89 -5.18 -41.27
N PRO B 298 -30.57 -4.91 -41.39
CA PRO B 298 -29.95 -3.75 -40.71
C PRO B 298 -30.54 -2.38 -41.07
N GLU B 299 -30.93 -2.21 -42.32
CA GLU B 299 -31.54 -0.98 -42.80
C GLU B 299 -32.88 -0.71 -42.09
N GLN B 300 -33.65 -1.78 -41.91
CA GLN B 300 -34.93 -1.72 -41.21
C GLN B 300 -34.78 -1.30 -39.72
N VAL B 301 -33.74 -1.76 -39.04
CA VAL B 301 -33.46 -1.30 -37.68
C VAL B 301 -33.24 0.21 -37.68
N VAL B 302 -32.39 0.69 -38.59
CA VAL B 302 -32.08 2.11 -38.72
C VAL B 302 -33.33 2.95 -39.06
N GLN B 303 -34.20 2.43 -39.93
CA GLN B 303 -35.48 3.09 -40.26
C GLN B 303 -36.37 3.19 -39.03
N GLN B 304 -36.46 2.07 -38.28
CA GLN B 304 -37.18 2.06 -37.00
C GLN B 304 -36.66 3.10 -36.03
N TYR B 305 -35.35 3.20 -35.88
CA TYR B 305 -34.76 4.20 -35.00
C TYR B 305 -35.14 5.63 -35.37
N GLN B 306 -34.98 5.99 -36.66
CA GLN B 306 -35.28 7.34 -37.14
C GLN B 306 -36.74 7.69 -37.07
N GLN B 307 -37.61 6.70 -37.29
CA GLN B 307 -39.04 6.84 -37.07
C GLN B 307 -39.36 7.14 -35.62
N LEU B 308 -38.49 6.69 -34.73
CA LEU B 308 -38.67 7.00 -33.33
C LEU B 308 -38.20 8.42 -33.02
N VAL B 309 -36.92 8.71 -33.28
CA VAL B 309 -36.34 9.98 -32.83
C VAL B 309 -36.50 11.17 -33.76
N GLY B 310 -36.99 10.94 -34.98
CA GLY B 310 -37.17 12.02 -35.97
C GLY B 310 -36.47 11.71 -37.28
N LEU B 311 -37.24 11.67 -38.36
CA LEU B 311 -36.68 11.47 -39.69
C LEU B 311 -35.86 12.67 -40.12
N PRO B 312 -34.74 12.44 -40.83
CA PRO B 312 -33.80 13.53 -41.16
C PRO B 312 -34.42 14.58 -42.07
N ALA B 313 -34.00 15.83 -41.89
CA ALA B 313 -34.47 16.92 -42.74
C ALA B 313 -33.99 16.69 -44.16
N MET B 314 -34.86 17.04 -45.11
CA MET B 314 -34.54 17.09 -46.52
C MET B 314 -33.56 18.25 -46.76
N PRO B 315 -32.34 17.98 -47.25
CA PRO B 315 -31.41 19.08 -47.57
C PRO B 315 -31.87 19.90 -48.80
N ALA B 316 -31.40 21.14 -48.90
CA ALA B 316 -31.50 21.91 -50.15
C ALA B 316 -30.52 21.26 -51.11
N TYR B 317 -30.88 21.23 -52.38
CA TYR B 317 -30.08 20.56 -53.38
C TYR B 317 -28.65 21.14 -53.41
N TRP B 318 -28.53 22.46 -53.25
CA TRP B 318 -27.21 23.12 -53.21
C TRP B 318 -26.30 22.71 -52.02
N ASN B 319 -26.91 22.23 -50.92
CA ASN B 319 -26.19 21.70 -49.76
C ASN B 319 -25.23 20.58 -50.14
N LEU B 320 -25.60 19.85 -51.20
CA LEU B 320 -24.82 18.71 -51.72
C LEU B 320 -23.66 19.12 -52.63
N GLY B 321 -23.59 20.40 -53.00
CA GLY B 321 -22.43 20.89 -53.76
C GLY B 321 -21.18 20.94 -52.91
N PHE B 322 -20.04 20.93 -53.56
CA PHE B 322 -18.76 21.04 -52.88
C PHE B 322 -18.61 22.42 -52.21
N GLN B 323 -18.01 22.44 -51.02
CA GLN B 323 -17.75 23.69 -50.28
C GLN B 323 -16.27 23.92 -50.03
N LEU B 324 -15.83 25.16 -50.19
CA LEU B 324 -14.47 25.55 -49.83
C LEU B 324 -14.51 26.42 -48.59
N SER B 325 -13.55 26.18 -47.70
CA SER B 325 -13.55 26.84 -46.41
C SER B 325 -12.14 26.82 -45.87
N ARG B 326 -11.84 27.78 -45.00
CA ARG B 326 -10.70 27.63 -44.09
C ARG B 326 -10.85 28.55 -42.90
N TRP B 327 -10.21 28.16 -41.81
CA TRP B 327 -10.01 29.07 -40.71
C TRP B 327 -8.89 30.04 -41.08
N ASN B 328 -9.23 31.33 -41.02
CA ASN B 328 -8.30 32.43 -41.16
C ASN B 328 -7.73 32.66 -42.56
N TYR B 329 -8.60 33.05 -43.48
CA TYR B 329 -8.17 33.61 -44.77
C TYR B 329 -7.52 34.95 -44.49
N LYS B 330 -7.97 35.57 -43.38
CA LYS B 330 -7.43 36.81 -42.81
C LYS B 330 -7.94 38.09 -43.49
N SER B 331 -8.03 38.08 -44.81
CA SER B 331 -8.60 39.21 -45.54
C SER B 331 -9.56 38.73 -46.61
N LEU B 332 -10.47 39.60 -47.02
CA LEU B 332 -11.37 39.33 -48.13
C LEU B 332 -10.62 39.19 -49.45
N ASP B 333 -9.47 39.86 -49.54
CA ASP B 333 -8.59 39.76 -50.69
C ASP B 333 -8.11 38.33 -50.88
N VAL B 334 -7.78 37.67 -49.78
CA VAL B 334 -7.34 36.27 -49.85
C VAL B 334 -8.51 35.36 -50.27
N VAL B 335 -9.69 35.61 -49.70
CA VAL B 335 -10.91 34.86 -50.05
C VAL B 335 -11.18 34.94 -51.55
N LYS B 336 -11.15 36.16 -52.09
CA LYS B 336 -11.30 36.42 -53.54
C LYS B 336 -10.27 35.69 -54.41
N GLU B 337 -9.01 35.71 -53.97
CA GLU B 337 -7.91 35.01 -54.66
C GLU B 337 -8.14 33.48 -54.72
N VAL B 338 -8.63 32.90 -53.61
CA VAL B 338 -8.92 31.46 -53.53
C VAL B 338 -10.09 31.11 -54.44
N VAL B 339 -11.16 31.89 -54.33
CA VAL B 339 -12.35 31.75 -55.15
C VAL B 339 -12.02 31.82 -56.65
N ARG B 340 -11.22 32.81 -57.04
CA ARG B 340 -10.93 32.97 -58.47
C ARG B 340 -10.08 31.85 -59.05
N ARG B 341 -9.05 31.40 -58.33
CA ARG B 341 -8.18 30.34 -58.86
C ARG B 341 -8.93 29.02 -59.04
N ASN B 342 -9.86 28.74 -58.12
CA ASN B 342 -10.73 27.55 -58.20
C ASN B 342 -11.84 27.64 -59.29
N ARG B 343 -12.42 28.82 -59.49
CA ARG B 343 -13.24 29.06 -60.69
C ARG B 343 -12.44 28.86 -61.99
N GLU B 344 -11.23 29.43 -62.03
CA GLU B 344 -10.36 29.34 -63.22
C GLU B 344 -10.01 27.89 -63.50
N ALA B 345 -9.81 27.11 -62.43
CA ALA B 345 -9.48 25.69 -62.55
C ALA B 345 -10.68 24.83 -62.94
N GLY B 346 -11.88 25.39 -62.85
CA GLY B 346 -13.08 24.65 -63.21
C GLY B 346 -13.43 23.61 -62.14
N ILE B 347 -13.04 23.89 -60.89
CA ILE B 347 -13.42 23.06 -59.73
C ILE B 347 -14.90 23.28 -59.47
N PRO B 348 -15.72 22.22 -59.58
CA PRO B 348 -17.10 22.37 -59.16
C PRO B 348 -17.20 22.74 -57.69
N PHE B 349 -17.85 23.87 -57.39
CA PHE B 349 -18.12 24.23 -56.01
C PHE B 349 -19.22 25.28 -55.89
N ASP B 350 -20.22 24.95 -55.07
CA ASP B 350 -21.39 25.80 -54.85
C ASP B 350 -21.20 26.85 -53.79
N THR B 351 -20.30 26.61 -52.84
CA THR B 351 -20.33 27.36 -51.59
C THR B 351 -18.96 27.78 -51.12
N GLN B 352 -18.86 29.05 -50.80
CA GLN B 352 -17.71 29.58 -50.12
C GLN B 352 -18.09 29.73 -48.67
N VAL B 353 -17.21 29.29 -47.78
CA VAL B 353 -17.51 29.36 -46.35
C VAL B 353 -16.54 30.33 -45.72
N THR B 354 -17.02 31.10 -44.77
CA THR B 354 -16.18 32.05 -44.10
C THR B 354 -16.26 31.80 -42.57
N ASP B 355 -15.07 31.56 -41.98
CA ASP B 355 -14.89 31.23 -40.58
C ASP B 355 -14.76 32.54 -39.76
N ILE B 356 -14.43 32.42 -38.47
CA ILE B 356 -14.47 33.55 -37.53
C ILE B 356 -13.65 34.81 -37.85
N ASP B 357 -12.75 34.72 -38.84
CA ASP B 357 -12.00 35.91 -39.27
C ASP B 357 -12.82 36.99 -40.00
N TYR B 358 -13.99 36.62 -40.53
CA TYR B 358 -14.89 37.61 -41.16
C TYR B 358 -15.48 38.57 -40.14
N MET B 359 -15.71 38.08 -38.93
CA MET B 359 -16.22 38.88 -37.82
C MET B 359 -15.26 40.01 -37.42
N GLU B 360 -15.83 41.05 -36.82
CA GLU B 360 -15.09 42.05 -36.08
C GLU B 360 -14.70 41.50 -34.70
N ASP B 361 -13.41 41.27 -34.50
CA ASP B 361 -12.88 40.74 -33.23
C ASP B 361 -13.60 39.47 -32.75
N LYS B 362 -13.92 38.59 -33.69
CA LYS B 362 -14.57 37.30 -33.42
C LYS B 362 -15.96 37.37 -32.75
N LYS B 363 -16.63 38.50 -32.90
CA LYS B 363 -18.02 38.66 -32.43
C LYS B 363 -19.07 38.30 -33.49
N ASP B 364 -19.99 37.42 -33.09
CA ASP B 364 -21.20 37.04 -33.84
C ASP B 364 -21.95 38.28 -34.31
N PHE B 365 -22.45 38.24 -35.54
CA PHE B 365 -23.33 39.30 -36.07
C PHE B 365 -22.60 40.62 -36.23
N THR B 366 -21.35 40.52 -36.68
CA THR B 366 -20.54 41.67 -37.09
C THR B 366 -19.70 41.15 -38.25
N TYR B 367 -19.16 42.07 -39.04
CA TYR B 367 -18.05 41.71 -39.92
C TYR B 367 -16.93 42.74 -39.77
N ASP B 368 -15.71 42.32 -40.08
CA ASP B 368 -14.54 43.19 -40.00
C ASP B 368 -14.63 44.21 -41.13
N GLN B 369 -14.86 45.47 -40.77
CA GLN B 369 -15.02 46.54 -41.76
C GLN B 369 -13.69 46.84 -42.46
N VAL B 370 -12.58 46.50 -41.80
CA VAL B 370 -11.25 46.75 -42.36
C VAL B 370 -10.80 45.54 -43.18
N ALA B 371 -10.56 44.40 -42.51
CA ALA B 371 -10.09 43.18 -43.19
C ALA B 371 -11.08 42.65 -44.23
N PHE B 372 -12.38 42.82 -43.96
CA PHE B 372 -13.41 42.32 -44.87
C PHE B 372 -14.29 43.43 -45.47
N ASN B 373 -13.68 44.60 -45.69
CA ASN B 373 -14.27 45.72 -46.44
C ASN B 373 -14.79 45.22 -47.79
N GLY B 374 -16.03 45.54 -48.11
CA GLY B 374 -16.63 45.12 -49.37
C GLY B 374 -17.23 43.72 -49.35
N LEU B 375 -17.41 43.16 -48.15
CA LEU B 375 -18.02 41.82 -48.02
C LEU B 375 -19.38 41.70 -48.71
N PRO B 376 -20.33 42.64 -48.45
CA PRO B 376 -21.62 42.64 -49.16
C PRO B 376 -21.49 42.57 -50.68
N GLN B 377 -20.54 43.33 -51.23
CA GLN B 377 -20.21 43.33 -52.64
C GLN B 377 -19.68 41.94 -53.08
N PHE B 378 -18.82 41.35 -52.25
CA PHE B 378 -18.33 40.00 -52.52
C PHE B 378 -19.45 38.94 -52.53
N VAL B 379 -20.39 39.04 -51.61
CA VAL B 379 -21.54 38.12 -51.56
C VAL B 379 -22.40 38.23 -52.83
N GLN B 380 -22.67 39.45 -53.30
CA GLN B 380 -23.34 39.66 -54.59
C GLN B 380 -22.63 38.95 -55.76
N ASP B 381 -21.30 38.99 -55.77
CA ASP B 381 -20.48 38.30 -56.77
C ASP B 381 -20.70 36.78 -56.77
N LEU B 382 -20.75 36.20 -55.56
CA LEU B 382 -21.02 34.77 -55.44
C LEU B 382 -22.38 34.46 -56.03
N HIS B 383 -23.40 35.23 -55.67
CA HIS B 383 -24.74 34.98 -56.18
C HIS B 383 -24.85 35.17 -57.70
N ASP B 384 -24.14 36.16 -58.24
CA ASP B 384 -24.07 36.38 -59.69
C ASP B 384 -23.55 35.15 -60.40
N HIS B 385 -22.70 34.41 -59.70
CA HIS B 385 -22.13 33.18 -60.20
C HIS B 385 -22.95 31.93 -59.86
N GLY B 386 -24.05 32.10 -59.13
CA GLY B 386 -24.91 30.98 -58.80
C GLY B 386 -24.33 30.18 -57.65
N GLN B 387 -23.49 30.84 -56.85
CA GLN B 387 -22.86 30.22 -55.71
C GLN B 387 -23.50 30.72 -54.42
N LYS B 388 -23.20 30.04 -53.33
CA LYS B 388 -23.81 30.34 -52.04
C LYS B 388 -22.76 30.74 -51.01
N TYR B 389 -23.19 31.48 -50.00
CA TYR B 389 -22.31 31.93 -48.93
C TYR B 389 -22.81 31.42 -47.57
N VAL B 390 -21.91 30.73 -46.86
CA VAL B 390 -22.20 30.19 -45.54
C VAL B 390 -21.26 30.85 -44.53
N ILE B 391 -21.82 31.30 -43.42
CA ILE B 391 -21.03 31.87 -42.33
C ILE B 391 -21.07 30.99 -41.10
N ILE B 392 -20.00 31.05 -40.32
CA ILE B 392 -19.96 30.41 -39.01
C ILE B 392 -20.63 31.34 -37.99
N LEU B 393 -21.33 30.74 -37.03
CA LEU B 393 -21.86 31.44 -35.86
C LEU B 393 -21.56 30.64 -34.59
N ASP B 394 -21.04 31.32 -33.57
CA ASP B 394 -20.82 30.67 -32.30
C ASP B 394 -21.98 30.96 -31.34
N PRO B 395 -22.21 30.07 -30.37
CA PRO B 395 -23.27 30.40 -29.43
C PRO B 395 -22.89 31.52 -28.44
N ALA B 396 -21.65 31.52 -27.96
CA ALA B 396 -21.27 32.43 -26.89
C ALA B 396 -21.14 33.88 -27.37
N ILE B 397 -21.66 34.81 -26.55
CA ILE B 397 -21.76 36.22 -26.91
C ILE B 397 -20.87 37.06 -26.01
N SER B 398 -20.01 37.85 -26.64
CA SER B 398 -19.06 38.73 -25.96
C SER B 398 -19.73 39.73 -25.03
N ILE B 399 -19.15 39.91 -23.84
CA ILE B 399 -19.67 40.88 -22.87
C ILE B 399 -19.01 42.27 -23.01
N GLY B 400 -18.18 42.42 -24.05
CA GLY B 400 -17.40 43.62 -24.26
C GLY B 400 -17.92 44.48 -25.39
N ARG B 401 -17.23 45.59 -25.66
CA ARG B 401 -17.74 46.58 -26.60
C ARG B 401 -17.16 46.44 -28.00
N ARG B 402 -17.84 47.04 -28.98
CA ARG B 402 -17.33 47.14 -30.34
C ARG B 402 -16.30 48.28 -30.49
N ALA B 403 -16.23 48.89 -31.69
CA ALA B 403 -15.15 49.79 -32.15
C ALA B 403 -14.65 50.87 -31.17
N ASN B 404 -15.54 51.75 -30.73
CA ASN B 404 -15.22 52.65 -29.63
C ASN B 404 -15.70 51.98 -28.34
N GLY B 405 -15.94 52.74 -27.28
CA GLY B 405 -16.71 52.18 -26.17
C GLY B 405 -18.12 51.82 -26.65
N THR B 406 -18.25 51.66 -27.98
CA THR B 406 -19.50 51.41 -28.66
C THR B 406 -20.13 50.08 -28.21
N THR B 407 -21.42 50.10 -27.87
CA THR B 407 -22.14 48.92 -27.39
C THR B 407 -22.28 47.82 -28.46
N TYR B 408 -22.23 46.58 -28.00
CA TYR B 408 -22.45 45.44 -28.87
C TYR B 408 -23.93 45.14 -28.70
N ALA B 409 -24.71 45.48 -29.74
CA ALA B 409 -26.17 45.42 -29.68
C ALA B 409 -26.74 44.01 -29.50
N THR B 410 -26.02 43.02 -30.01
CA THR B 410 -26.41 41.63 -29.81
C THR B 410 -26.48 41.33 -28.31
N TYR B 411 -25.45 41.75 -27.58
CA TYR B 411 -25.38 41.58 -26.13
C TYR B 411 -26.44 42.38 -25.40
N GLU B 412 -26.61 43.65 -25.77
CA GLU B 412 -27.61 44.52 -25.15
C GLU B 412 -29.05 44.02 -25.35
N ARG B 413 -29.36 43.53 -26.54
CA ARG B 413 -30.67 42.95 -26.83
C ARG B 413 -30.88 41.64 -26.05
N GLY B 414 -29.79 40.89 -25.86
CA GLY B 414 -29.81 39.67 -25.09
C GLY B 414 -30.03 39.94 -23.63
N ASN B 415 -29.39 40.99 -23.11
CA ASN B 415 -29.65 41.42 -21.73
C ASN B 415 -31.09 41.85 -21.49
N THR B 416 -31.62 42.68 -22.39
CA THR B 416 -33.00 43.17 -22.33
C THR B 416 -33.99 42.01 -22.28
N GLN B 417 -33.71 40.96 -23.03
CA GLN B 417 -34.64 39.86 -23.23
C GLN B 417 -34.42 38.71 -22.24
N HIS B 418 -33.36 38.81 -21.43
CA HIS B 418 -33.00 37.81 -20.39
C HIS B 418 -32.80 36.38 -20.90
N VAL B 419 -31.94 36.25 -21.90
CA VAL B 419 -31.78 35.00 -22.66
C VAL B 419 -30.63 34.12 -22.21
N TRP B 420 -29.92 34.51 -21.14
CA TRP B 420 -28.68 33.83 -20.78
C TRP B 420 -28.87 32.67 -19.83
N ILE B 421 -27.97 31.69 -19.94
CA ILE B 421 -27.81 30.66 -18.92
C ILE B 421 -27.31 31.34 -17.64
N ASN B 422 -27.95 31.03 -16.51
CA ASN B 422 -27.56 31.57 -15.21
C ASN B 422 -26.75 30.62 -14.35
N GLU B 423 -26.02 31.17 -13.38
CA GLU B 423 -25.50 30.41 -12.24
C GLU B 423 -26.64 29.76 -11.45
N SER B 424 -26.29 28.97 -10.44
CA SER B 424 -27.25 28.26 -9.59
C SER B 424 -28.18 29.18 -8.77
N ASP B 425 -27.78 30.44 -8.55
CA ASP B 425 -28.69 31.37 -7.89
C ASP B 425 -29.92 31.69 -8.77
N GLY B 426 -29.87 31.27 -10.03
CA GLY B 426 -30.98 31.44 -10.98
C GLY B 426 -31.22 32.86 -11.45
N SER B 427 -30.29 33.77 -11.18
CA SER B 427 -30.43 35.15 -11.65
C SER B 427 -29.19 35.74 -12.33
N THR B 428 -28.01 35.26 -11.95
CA THR B 428 -26.77 35.84 -12.45
C THR B 428 -26.26 35.07 -13.66
N PRO B 429 -26.07 35.76 -14.79
CA PRO B 429 -25.56 35.08 -15.97
C PRO B 429 -24.17 34.52 -15.71
N ILE B 430 -23.95 33.28 -16.13
CA ILE B 430 -22.64 32.66 -16.01
C ILE B 430 -21.76 33.19 -17.14
N ILE B 431 -20.48 33.41 -16.81
CA ILE B 431 -19.49 33.96 -17.74
C ILE B 431 -18.39 32.92 -18.00
N GLY B 432 -18.20 32.58 -19.27
CA GLY B 432 -17.14 31.71 -19.69
C GLY B 432 -16.23 32.49 -20.61
N GLU B 433 -15.57 31.79 -21.52
CA GLU B 433 -14.62 32.42 -22.43
C GLU B 433 -14.57 31.64 -23.73
N VAL B 434 -14.71 32.32 -24.86
CA VAL B 434 -14.48 31.70 -26.17
C VAL B 434 -13.73 32.69 -27.06
N TRP B 435 -13.94 32.61 -28.38
CA TRP B 435 -13.12 33.38 -29.35
C TRP B 435 -13.05 34.88 -29.08
N PRO B 436 -14.21 35.55 -28.87
CA PRO B 436 -14.15 37.01 -28.68
C PRO B 436 -13.61 37.40 -27.31
N GLY B 437 -13.47 36.44 -26.41
CA GLY B 437 -13.01 36.72 -25.05
C GLY B 437 -14.08 36.28 -24.07
N LEU B 438 -14.19 36.98 -22.96
CA LEU B 438 -15.22 36.71 -21.97
C LEU B 438 -16.59 36.76 -22.62
N THR B 439 -17.44 35.76 -22.34
CA THR B 439 -18.73 35.55 -23.00
C THR B 439 -19.86 35.07 -22.08
N VAL B 440 -21.08 35.53 -22.36
CA VAL B 440 -22.30 34.92 -21.80
C VAL B 440 -22.83 33.87 -22.78
N TYR B 441 -23.68 32.96 -22.29
CA TYR B 441 -24.19 31.88 -23.11
C TYR B 441 -25.70 31.92 -23.27
N PRO B 442 -26.20 31.93 -24.52
CA PRO B 442 -27.65 31.82 -24.72
C PRO B 442 -28.24 30.47 -24.22
N ASP B 443 -29.40 30.57 -23.59
CA ASP B 443 -30.17 29.40 -23.21
C ASP B 443 -31.15 29.16 -24.34
N PHE B 444 -30.77 28.29 -25.28
CA PHE B 444 -31.57 28.03 -26.46
C PHE B 444 -32.83 27.19 -26.17
N THR B 445 -32.93 26.66 -24.94
CA THR B 445 -34.13 25.95 -24.50
C THR B 445 -35.28 26.90 -24.13
N ASN B 446 -34.95 28.18 -24.03
CA ASN B 446 -35.85 29.26 -23.64
C ASN B 446 -36.45 29.90 -24.91
N PRO B 447 -37.78 29.83 -25.09
CA PRO B 447 -38.44 30.51 -26.23
C PRO B 447 -38.02 31.97 -26.40
N ASN B 448 -37.76 32.68 -25.31
CA ASN B 448 -37.31 34.06 -25.39
C ASN B 448 -35.95 34.21 -26.06
N CYS B 449 -35.07 33.25 -25.78
CA CYS B 449 -33.78 33.17 -26.44
C CYS B 449 -33.90 32.79 -27.90
N ILE B 450 -34.85 31.91 -28.22
CA ILE B 450 -35.09 31.53 -29.61
C ILE B 450 -35.49 32.76 -30.44
N ASP B 451 -36.41 33.58 -29.91
CA ASP B 451 -36.82 34.80 -30.62
C ASP B 451 -35.66 35.77 -30.77
N TRP B 452 -34.82 35.86 -29.75
CA TRP B 452 -33.68 36.76 -29.79
C TRP B 452 -32.68 36.33 -30.87
N TRP B 453 -32.42 35.03 -30.95
CA TRP B 453 -31.48 34.46 -31.92
C TRP B 453 -31.98 34.64 -33.36
N ALA B 454 -33.26 34.35 -33.59
CA ALA B 454 -33.87 34.57 -34.90
C ALA B 454 -33.78 36.04 -35.30
N ASN B 455 -34.10 36.93 -34.37
CA ASN B 455 -33.96 38.36 -34.58
C ASN B 455 -32.55 38.80 -34.94
N GLU B 456 -31.55 38.29 -34.21
CA GLU B 456 -30.14 38.58 -34.50
C GLU B 456 -29.72 38.09 -35.89
N CYS B 457 -30.12 36.88 -36.26
CA CYS B 457 -29.79 36.32 -37.58
C CYS B 457 -30.40 37.16 -38.69
N SER B 458 -31.63 37.61 -38.45
CA SER B 458 -32.43 38.37 -39.39
C SER B 458 -31.91 39.79 -39.57
N ILE B 459 -31.48 40.41 -38.48
CA ILE B 459 -30.85 41.74 -38.52
C ILE B 459 -29.56 41.67 -39.34
N PHE B 460 -28.72 40.67 -39.03
CA PHE B 460 -27.45 40.49 -39.73
C PHE B 460 -27.61 40.20 -41.22
N HIS B 461 -28.62 39.41 -41.58
CA HIS B 461 -28.87 39.11 -43.00
C HIS B 461 -29.00 40.38 -43.85
N GLN B 462 -29.57 41.43 -43.27
CA GLN B 462 -29.63 42.75 -43.93
C GLN B 462 -28.25 43.28 -44.31
N GLU B 463 -27.33 43.21 -43.35
CA GLU B 463 -25.94 43.67 -43.45
C GLU B 463 -25.16 42.72 -44.39
N VAL B 464 -25.28 41.42 -44.15
CA VAL B 464 -24.55 40.38 -44.87
C VAL B 464 -25.50 39.27 -45.34
N GLN B 465 -25.70 39.17 -46.66
CA GLN B 465 -26.71 38.25 -47.21
C GLN B 465 -26.29 36.77 -47.33
N TYR B 466 -26.06 36.15 -46.18
CA TYR B 466 -25.62 34.76 -46.16
C TYR B 466 -26.76 33.84 -46.62
N ASP B 467 -26.41 32.62 -47.04
CA ASP B 467 -27.37 31.64 -47.54
C ASP B 467 -27.56 30.50 -46.54
N GLY B 468 -26.58 30.33 -45.65
CA GLY B 468 -26.62 29.21 -44.73
C GLY B 468 -25.77 29.46 -43.53
N LEU B 469 -25.91 28.59 -42.53
CA LEU B 469 -25.24 28.81 -41.26
C LEU B 469 -24.52 27.57 -40.81
N TRP B 470 -23.36 27.81 -40.22
CA TRP B 470 -22.57 26.76 -39.64
C TRP B 470 -22.44 27.08 -38.16
N ILE B 471 -23.00 26.23 -37.31
CA ILE B 471 -23.00 26.51 -35.87
C ILE B 471 -22.01 25.62 -35.15
N ASP B 472 -21.11 26.25 -34.42
CA ASP B 472 -19.90 25.60 -33.95
C ASP B 472 -19.74 25.83 -32.46
N MET B 473 -18.82 25.11 -31.82
CA MET B 473 -18.49 25.31 -30.39
C MET B 473 -19.71 25.16 -29.48
N ASN B 474 -20.67 24.35 -29.90
CA ASN B 474 -21.95 24.24 -29.19
C ASN B 474 -22.10 22.97 -28.33
N GLU B 475 -21.01 22.54 -27.71
CA GLU B 475 -21.07 21.36 -26.81
C GLU B 475 -21.85 21.55 -25.49
N VAL B 476 -21.78 22.70 -24.82
CA VAL B 476 -21.18 23.96 -25.24
C VAL B 476 -19.72 24.11 -24.75
N SER B 477 -18.87 24.76 -25.55
CA SER B 477 -17.44 24.85 -25.24
C SER B 477 -17.02 26.15 -24.50
N SER B 478 -16.02 26.03 -23.62
CA SER B 478 -15.44 27.19 -22.93
C SER B 478 -13.91 27.07 -22.79
N PHE B 479 -13.20 28.19 -22.94
CA PHE B 479 -11.74 28.20 -22.78
C PHE B 479 -11.35 28.44 -21.34
N ILE B 480 -12.33 28.62 -20.47
CA ILE B 480 -12.09 28.49 -19.04
C ILE B 480 -12.95 27.39 -18.42
N GLN B 481 -12.52 26.90 -17.28
CA GLN B 481 -13.15 25.75 -16.64
C GLN B 481 -14.32 26.21 -15.78
N GLY B 482 -15.53 25.90 -16.24
CA GLY B 482 -16.74 26.08 -15.46
C GLY B 482 -17.30 27.48 -15.56
N SER B 483 -16.55 28.42 -15.01
CA SER B 483 -16.93 29.81 -15.10
C SER B 483 -15.78 30.67 -14.68
N THR B 484 -16.00 31.96 -14.86
CA THR B 484 -15.11 33.02 -14.47
C THR B 484 -14.73 32.95 -12.96
N LYS B 485 -15.65 32.43 -12.15
CA LYS B 485 -15.47 32.34 -10.71
C LYS B 485 -15.21 30.90 -10.28
N GLY B 486 -14.98 30.04 -11.27
CA GLY B 486 -14.79 28.62 -11.02
C GLY B 486 -16.12 27.96 -10.64
N CYS B 487 -16.03 26.85 -9.92
CA CYS B 487 -17.22 26.08 -9.60
C CYS B 487 -17.39 25.84 -8.12
N ASN B 488 -18.64 25.82 -7.70
CA ASN B 488 -19.00 25.32 -6.38
C ASN B 488 -18.59 23.86 -6.22
N VAL B 489 -17.97 23.55 -5.09
CA VAL B 489 -17.59 22.17 -4.80
C VAL B 489 -18.84 21.46 -4.27
N ASN B 490 -19.53 20.72 -5.14
CA ASN B 490 -20.72 19.99 -4.75
C ASN B 490 -20.89 18.71 -5.58
N LYS B 491 -21.88 17.88 -5.25
CA LYS B 491 -22.15 16.64 -5.97
C LYS B 491 -22.42 16.78 -7.48
N LEU B 492 -22.84 17.96 -7.94
CA LEU B 492 -23.05 18.17 -9.39
C LEU B 492 -21.74 18.41 -10.14
N ASN B 493 -20.90 19.32 -9.62
CA ASN B 493 -19.59 19.54 -10.23
C ASN B 493 -18.59 18.43 -9.96
N TYR B 494 -18.78 17.72 -8.84
CA TYR B 494 -17.88 16.63 -8.43
C TYR B 494 -18.68 15.40 -8.01
N PRO B 495 -19.22 14.66 -9.00
CA PRO B 495 -20.15 13.57 -8.75
C PRO B 495 -19.46 12.32 -8.16
N PRO B 496 -20.22 11.43 -7.50
CA PRO B 496 -19.61 10.27 -6.86
C PRO B 496 -19.09 9.25 -7.87
N PHE B 497 -19.75 9.10 -9.03
CA PHE B 497 -19.18 8.28 -10.12
C PHE B 497 -18.91 9.18 -11.32
N THR B 498 -17.67 9.11 -11.80
CA THR B 498 -17.25 9.84 -13.01
C THR B 498 -16.89 8.83 -14.07
N PRO B 499 -17.63 8.83 -15.19
CA PRO B 499 -17.28 7.97 -16.30
C PRO B 499 -15.95 8.42 -16.91
N ASP B 500 -15.44 7.62 -17.84
CA ASP B 500 -14.12 7.84 -18.42
C ASP B 500 -14.04 9.05 -19.36
N ILE B 501 -14.80 10.10 -19.06
CA ILE B 501 -14.73 11.34 -19.84
C ILE B 501 -13.36 12.00 -19.72
N LEU B 502 -13.00 12.75 -20.74
CA LEU B 502 -11.72 13.40 -20.78
C LEU B 502 -11.56 14.36 -19.60
N ASP B 503 -10.39 14.31 -18.95
CA ASP B 503 -10.06 15.10 -17.76
C ASP B 503 -10.72 14.59 -16.47
N LYS B 504 -11.66 13.66 -16.61
CA LYS B 504 -12.54 13.16 -15.53
C LYS B 504 -13.11 14.28 -14.63
N LEU B 505 -13.42 15.39 -15.28
CA LEU B 505 -13.97 16.58 -14.67
C LEU B 505 -15.19 17.00 -15.49
N MET B 506 -16.35 16.96 -14.86
CA MET B 506 -17.62 17.25 -15.52
C MET B 506 -17.59 18.58 -16.30
N TYR B 507 -17.03 19.62 -15.68
CA TYR B 507 -17.10 20.95 -16.25
C TYR B 507 -15.88 21.34 -17.07
N SER B 508 -14.98 20.37 -17.29
CA SER B 508 -13.81 20.65 -18.10
C SER B 508 -14.23 21.12 -19.50
N LYS B 509 -13.72 22.27 -19.94
CA LYS B 509 -13.95 22.80 -21.29
C LYS B 509 -15.43 23.20 -21.51
N THR B 510 -16.13 23.49 -20.43
CA THR B 510 -17.54 23.82 -20.49
C THR B 510 -17.93 24.62 -19.25
N ILE B 511 -19.22 24.77 -19.02
CA ILE B 511 -19.73 25.57 -17.91
C ILE B 511 -20.13 24.70 -16.69
N CYS B 512 -20.35 25.34 -15.55
CA CYS B 512 -20.68 24.65 -14.28
C CYS B 512 -21.88 23.71 -14.37
N MET B 513 -21.80 22.57 -13.69
CA MET B 513 -22.89 21.58 -13.73
C MET B 513 -24.17 22.04 -13.05
N ASP B 514 -24.07 22.99 -12.12
CA ASP B 514 -25.26 23.56 -11.47
C ASP B 514 -25.76 24.88 -12.10
N ALA B 515 -25.23 25.21 -13.28
CA ALA B 515 -25.80 26.28 -14.11
C ALA B 515 -27.22 25.91 -14.51
N VAL B 516 -28.09 26.92 -14.66
CA VAL B 516 -29.50 26.66 -14.98
C VAL B 516 -29.99 27.19 -16.34
N GLN B 517 -30.82 26.35 -16.97
CA GLN B 517 -31.53 26.65 -18.20
C GLN B 517 -33.03 26.37 -18.03
N ASN B 518 -33.85 26.83 -18.98
CA ASN B 518 -35.28 26.52 -19.01
C ASN B 518 -35.56 25.02 -18.86
N TRP B 519 -34.82 24.18 -19.58
CA TRP B 519 -35.02 22.74 -19.52
C TRP B 519 -34.45 22.06 -18.26
N GLY B 520 -33.57 22.75 -17.54
CA GLY B 520 -33.09 22.23 -16.27
C GLY B 520 -31.64 22.58 -16.00
N LYS B 521 -31.04 21.84 -15.07
CA LYS B 521 -29.63 22.03 -14.69
C LYS B 521 -28.67 21.50 -15.74
N GLN B 522 -27.54 22.18 -15.91
CA GLN B 522 -26.49 21.77 -16.85
C GLN B 522 -26.04 20.33 -16.66
N TYR B 523 -26.02 19.87 -15.41
CA TYR B 523 -25.70 18.46 -15.11
C TYR B 523 -26.54 17.51 -15.97
N ASP B 524 -27.82 17.85 -16.12
CA ASP B 524 -28.77 17.07 -16.91
C ASP B 524 -28.82 17.43 -18.40
N VAL B 525 -28.89 18.74 -18.72
CA VAL B 525 -29.11 19.20 -20.11
C VAL B 525 -27.86 19.60 -20.88
N HIS B 526 -26.69 19.42 -20.27
CA HIS B 526 -25.40 19.73 -20.93
C HIS B 526 -25.36 19.22 -22.37
N SER B 527 -25.71 17.96 -22.57
CA SER B 527 -25.53 17.26 -23.84
C SER B 527 -26.61 17.60 -24.88
N LEU B 528 -27.54 18.46 -24.46
CA LEU B 528 -28.64 18.90 -25.30
C LEU B 528 -28.41 20.31 -25.81
N TYR B 529 -27.28 20.92 -25.46
CA TYR B 529 -27.00 22.29 -25.95
C TYR B 529 -27.04 22.45 -27.47
N GLY B 530 -26.29 21.60 -28.16
CA GLY B 530 -26.16 21.66 -29.59
C GLY B 530 -27.49 21.33 -30.22
N TYR B 531 -28.15 20.33 -29.65
CA TYR B 531 -29.50 19.90 -30.05
C TYR B 531 -30.48 21.07 -30.02
N SER B 532 -30.57 21.74 -28.86
CA SER B 532 -31.44 22.90 -28.69
C SER B 532 -31.01 24.10 -29.58
N MET B 533 -29.70 24.27 -29.77
CA MET B 533 -29.21 25.34 -30.64
C MET B 533 -29.59 25.12 -32.10
N ALA B 534 -29.48 23.88 -32.56
CA ALA B 534 -29.90 23.52 -33.91
C ALA B 534 -31.40 23.74 -34.18
N ILE B 535 -32.24 23.37 -33.21
CA ILE B 535 -33.68 23.67 -33.25
C ILE B 535 -33.93 25.17 -33.34
N ALA B 536 -33.20 25.95 -32.54
CA ALA B 536 -33.32 27.43 -32.56
C ALA B 536 -32.89 28.02 -33.90
N THR B 537 -31.88 27.40 -34.52
CA THR B 537 -31.36 27.90 -35.78
C THR B 537 -32.30 27.53 -36.95
N GLU B 538 -32.95 26.38 -36.82
CA GLU B 538 -33.99 25.95 -37.75
C GLU B 538 -35.13 26.95 -37.75
N GLN B 539 -35.48 27.46 -36.56
CA GLN B 539 -36.45 28.55 -36.40
C GLN B 539 -35.96 29.85 -37.02
N ALA B 540 -34.70 30.18 -36.72
CA ALA B 540 -34.07 31.40 -37.24
C ALA B 540 -34.12 31.42 -38.77
N VAL B 541 -33.87 30.24 -39.37
CA VAL B 541 -33.90 30.02 -40.80
C VAL B 541 -35.29 30.26 -41.38
N GLN B 542 -36.33 29.83 -40.67
CA GLN B 542 -37.72 30.17 -41.06
C GLN B 542 -38.06 31.66 -41.01
N LYS B 543 -37.37 32.43 -40.16
CA LYS B 543 -37.56 33.89 -40.20
C LYS B 543 -36.73 34.56 -41.31
N VAL B 544 -35.49 34.09 -41.48
CA VAL B 544 -34.55 34.69 -42.44
C VAL B 544 -34.84 34.30 -43.89
N PHE B 545 -35.10 33.01 -44.12
CA PHE B 545 -35.46 32.50 -45.45
C PHE B 545 -36.80 31.78 -45.33
N PRO B 546 -37.93 32.51 -45.33
CA PRO B 546 -39.23 31.84 -45.14
C PRO B 546 -39.53 30.77 -46.19
N ASN B 547 -40.02 29.62 -45.73
CA ASN B 547 -40.33 28.46 -46.57
C ASN B 547 -39.13 27.89 -47.38
N LYS B 548 -37.91 28.14 -46.92
CA LYS B 548 -36.72 27.60 -47.58
C LYS B 548 -35.98 26.69 -46.63
N ARG B 549 -35.12 25.84 -47.19
CA ARG B 549 -34.36 24.88 -46.38
C ARG B 549 -33.07 25.48 -45.87
N SER B 550 -32.49 26.42 -46.64
CA SER B 550 -31.19 27.01 -46.30
C SER B 550 -30.16 25.90 -45.98
N PHE B 551 -29.31 26.13 -44.99
CA PHE B 551 -28.30 25.15 -44.60
C PHE B 551 -27.89 25.38 -43.17
N ILE B 552 -27.83 24.30 -42.40
CA ILE B 552 -27.39 24.33 -41.01
C ILE B 552 -26.47 23.16 -40.78
N LEU B 553 -25.23 23.48 -40.46
CA LEU B 553 -24.22 22.49 -40.11
C LEU B 553 -23.91 22.66 -38.62
N THR B 554 -24.04 21.58 -37.85
CA THR B 554 -23.80 21.64 -36.42
C THR B 554 -22.68 20.69 -35.96
N ARG B 555 -21.91 21.10 -34.95
CA ARG B 555 -20.88 20.24 -34.43
C ARG B 555 -21.48 19.27 -33.41
N SER B 556 -22.04 19.81 -32.33
CA SER B 556 -22.62 18.96 -31.27
C SER B 556 -24.01 18.48 -31.66
N THR B 557 -24.26 17.17 -31.42
CA THR B 557 -25.56 16.56 -31.70
C THR B 557 -26.04 15.66 -30.55
N PHE B 558 -27.35 15.41 -30.55
CA PHE B 558 -27.98 14.44 -29.69
C PHE B 558 -28.88 13.59 -30.60
N ALA B 559 -29.52 12.59 -30.02
CA ALA B 559 -30.51 11.77 -30.74
C ALA B 559 -31.59 12.60 -31.42
N GLY B 560 -31.70 12.42 -32.72
CA GLY B 560 -32.72 13.09 -33.50
C GLY B 560 -32.26 14.40 -34.11
N SER B 561 -30.97 14.74 -33.96
CA SER B 561 -30.44 16.02 -34.50
C SER B 561 -30.50 16.14 -36.03
N GLY B 562 -30.53 15.00 -36.72
CA GLY B 562 -30.58 14.95 -38.15
C GLY B 562 -31.86 15.55 -38.68
N ARG B 563 -32.86 15.66 -37.81
CA ARG B 563 -34.10 16.31 -38.16
C ARG B 563 -33.88 17.82 -38.39
N HIS B 564 -32.81 18.37 -37.82
CA HIS B 564 -32.62 19.82 -37.84
C HIS B 564 -31.40 20.32 -38.59
N ALA B 565 -30.41 19.44 -38.76
CA ALA B 565 -29.13 19.90 -39.22
C ALA B 565 -28.26 18.81 -39.81
N ALA B 566 -27.22 19.26 -40.52
CA ALA B 566 -26.14 18.40 -41.02
C ALA B 566 -25.03 18.36 -39.97
N HIS B 567 -24.04 17.47 -40.17
CA HIS B 567 -22.94 17.33 -39.23
C HIS B 567 -21.61 17.14 -39.97
N TRP B 568 -20.51 17.62 -39.40
CA TRP B 568 -19.21 17.14 -39.87
C TRP B 568 -18.44 16.57 -38.70
N LEU B 569 -17.43 15.77 -39.00
CA LEU B 569 -16.78 14.97 -37.97
C LEU B 569 -15.79 15.75 -37.08
N GLY B 570 -15.69 17.06 -37.31
CA GLY B 570 -14.97 17.95 -36.42
C GLY B 570 -13.52 18.17 -36.79
N ASP B 571 -12.74 18.65 -35.82
CA ASP B 571 -11.36 19.07 -36.05
C ASP B 571 -10.38 17.92 -36.28
N ASN B 572 -10.47 17.27 -37.43
CA ASN B 572 -9.57 16.18 -37.78
C ASN B 572 -8.14 16.65 -38.11
N THR B 573 -7.28 15.70 -38.47
CA THR B 573 -5.89 15.94 -38.71
C THR B 573 -5.53 15.42 -40.08
N ALA B 574 -4.64 16.14 -40.76
CA ALA B 574 -4.11 15.74 -42.06
C ALA B 574 -3.14 14.56 -41.93
N SER B 575 -3.70 13.37 -41.74
CA SER B 575 -2.92 12.14 -41.75
C SER B 575 -3.72 11.06 -42.46
N TRP B 576 -3.01 10.05 -42.96
CA TRP B 576 -3.62 8.91 -43.64
C TRP B 576 -4.61 8.16 -42.74
N GLU B 577 -4.22 7.95 -41.49
CA GLU B 577 -5.10 7.31 -40.48
C GLU B 577 -6.45 8.02 -40.33
N GLN B 578 -6.40 9.34 -40.14
CA GLN B 578 -7.63 10.11 -39.94
C GLN B 578 -8.54 10.04 -41.16
N MET B 579 -7.95 9.99 -42.36
CA MET B 579 -8.77 9.85 -43.57
C MET B 579 -9.51 8.50 -43.55
N GLU B 580 -8.78 7.44 -43.22
CA GLU B 580 -9.37 6.13 -43.01
C GLU B 580 -10.47 6.12 -41.94
N TRP B 581 -10.21 6.72 -40.78
CA TRP B 581 -11.17 6.69 -39.69
C TRP B 581 -12.46 7.41 -40.04
N SER B 582 -12.38 8.42 -40.93
CA SER B 582 -13.56 9.21 -41.34
C SER B 582 -14.66 8.34 -41.91
N ILE B 583 -14.28 7.29 -42.62
CA ILE B 583 -15.30 6.39 -43.16
C ILE B 583 -16.19 5.76 -42.05
N THR B 584 -15.57 5.23 -41.01
CA THR B 584 -16.34 4.67 -39.88
C THR B 584 -17.17 5.76 -39.20
N GLY B 585 -16.57 6.93 -39.01
CA GLY B 585 -17.25 8.07 -38.40
C GLY B 585 -18.53 8.42 -39.16
N MET B 586 -18.41 8.53 -40.49
CA MET B 586 -19.53 8.75 -41.41
C MET B 586 -20.63 7.70 -41.32
N LEU B 587 -20.26 6.43 -41.41
CA LEU B 587 -21.20 5.32 -41.36
C LEU B 587 -22.00 5.26 -40.05
N GLU B 588 -21.35 5.61 -38.94
CA GLU B 588 -22.02 5.65 -37.64
C GLU B 588 -23.05 6.79 -37.60
N PHE B 589 -22.73 7.93 -38.22
CA PHE B 589 -23.73 8.99 -38.33
C PHE B 589 -24.90 8.68 -39.22
N SER B 590 -24.67 7.93 -40.30
CA SER B 590 -25.77 7.29 -41.06
C SER B 590 -26.69 6.48 -40.16
N LEU B 591 -26.12 5.62 -39.28
CA LEU B 591 -26.93 4.87 -38.31
C LEU B 591 -27.73 5.83 -37.43
N PHE B 592 -27.10 6.95 -37.06
CA PHE B 592 -27.69 7.94 -36.17
C PHE B 592 -28.76 8.83 -36.82
N GLY B 593 -29.00 8.66 -38.12
CA GLY B 593 -30.03 9.42 -38.82
C GLY B 593 -29.58 10.81 -39.16
N ILE B 594 -28.27 11.00 -39.34
CA ILE B 594 -27.73 12.28 -39.79
C ILE B 594 -27.01 12.01 -41.13
N PRO B 595 -27.80 11.86 -42.20
CA PRO B 595 -27.25 11.41 -43.48
C PRO B 595 -26.30 12.44 -44.11
N LEU B 596 -26.54 13.73 -43.88
CA LEU B 596 -25.68 14.78 -44.44
C LEU B 596 -24.49 15.01 -43.54
N VAL B 597 -23.43 14.25 -43.79
CA VAL B 597 -22.29 14.20 -42.90
C VAL B 597 -21.04 13.98 -43.72
N GLY B 598 -19.93 14.51 -43.23
CA GLY B 598 -18.63 14.21 -43.83
C GLY B 598 -17.51 14.72 -42.94
N ALA B 599 -16.28 14.59 -43.40
CA ALA B 599 -15.11 15.03 -42.66
C ALA B 599 -14.42 16.17 -43.41
N ASP B 600 -13.60 16.97 -42.70
CA ASP B 600 -12.83 18.06 -43.31
C ASP B 600 -11.81 17.50 -44.32
N ILE B 601 -12.06 17.66 -45.61
CA ILE B 601 -11.22 17.08 -46.66
C ILE B 601 -9.81 17.66 -46.68
N CYS B 602 -8.82 16.75 -46.70
CA CYS B 602 -7.38 17.01 -46.72
C CYS B 602 -6.83 17.24 -45.32
N GLY B 603 -7.74 17.33 -44.35
CA GLY B 603 -7.36 17.39 -42.95
C GLY B 603 -7.29 18.80 -42.42
N PHE B 604 -7.97 19.02 -41.30
CA PHE B 604 -8.08 20.33 -40.67
C PHE B 604 -6.74 20.72 -40.03
N VAL B 605 -6.35 20.04 -38.95
CA VAL B 605 -5.07 20.30 -38.28
C VAL B 605 -3.90 19.81 -39.15
N ALA B 606 -2.80 20.54 -39.10
CA ALA B 606 -1.54 20.26 -39.81
C ALA B 606 -1.60 20.57 -41.31
N GLU B 607 -0.42 20.75 -41.90
CA GLU B 607 -0.27 20.97 -43.33
C GLU B 607 -0.45 19.64 -44.03
N THR B 608 -1.33 19.62 -45.04
CA THR B 608 -1.53 18.41 -45.84
C THR B 608 -0.37 18.25 -46.84
N THR B 609 -0.28 17.09 -47.48
CA THR B 609 0.65 16.87 -48.59
C THR B 609 -0.14 16.71 -49.88
N GLU B 610 0.55 16.76 -51.02
CA GLU B 610 -0.11 16.64 -52.32
C GLU B 610 -0.77 15.26 -52.47
N GLU B 611 -0.04 14.21 -52.09
CA GLU B 611 -0.58 12.85 -52.19
C GLU B 611 -1.80 12.63 -51.28
N LEU B 612 -1.68 13.02 -50.01
CA LEU B 612 -2.81 12.91 -49.07
C LEU B 612 -4.06 13.70 -49.52
N CYS B 613 -3.85 14.95 -49.93
CA CYS B 613 -4.94 15.79 -50.42
C CYS B 613 -5.60 15.26 -51.70
N ARG B 614 -4.79 14.72 -52.63
CA ARG B 614 -5.35 14.13 -53.85
C ARG B 614 -6.22 12.91 -53.53
N ARG B 615 -5.70 11.98 -52.72
CA ARG B 615 -6.50 10.83 -52.26
C ARG B 615 -7.75 11.26 -51.47
N TRP B 616 -7.58 12.23 -50.59
CA TRP B 616 -8.71 12.72 -49.78
C TRP B 616 -9.77 13.49 -50.61
N MET B 617 -9.34 14.20 -51.65
CA MET B 617 -10.31 14.84 -52.56
C MET B 617 -11.08 13.80 -53.36
N GLN B 618 -10.43 12.71 -53.75
CA GLN B 618 -11.14 11.60 -54.40
C GLN B 618 -12.19 10.99 -53.47
N LEU B 619 -11.78 10.67 -52.24
CA LEU B 619 -12.69 10.12 -51.25
C LEU B 619 -13.79 11.10 -50.88
N GLY B 620 -13.38 12.35 -50.61
CA GLY B 620 -14.29 13.38 -50.19
C GLY B 620 -15.33 13.79 -51.21
N ALA B 621 -15.08 13.54 -52.49
CA ALA B 621 -16.07 13.80 -53.56
C ALA B 621 -17.31 12.95 -53.31
N PHE B 622 -17.11 11.87 -52.55
CA PHE B 622 -18.19 10.91 -52.24
C PHE B 622 -18.66 10.88 -50.79
N TYR B 623 -18.19 11.82 -49.96
CA TYR B 623 -18.89 12.13 -48.70
C TYR B 623 -20.25 12.74 -49.01
N PRO B 624 -21.32 12.32 -48.30
CA PRO B 624 -22.58 13.04 -48.49
C PRO B 624 -22.45 14.56 -48.25
N PHE B 625 -21.77 14.93 -47.17
CA PHE B 625 -21.40 16.35 -47.01
C PHE B 625 -19.93 16.56 -47.35
N SER B 626 -19.69 17.41 -48.37
CA SER B 626 -18.38 17.51 -49.00
C SER B 626 -17.78 18.91 -48.90
N ARG B 627 -16.78 19.05 -48.05
CA ARG B 627 -16.17 20.34 -47.76
C ARG B 627 -14.69 20.20 -47.49
N ASN B 628 -13.88 21.00 -48.18
CA ASN B 628 -12.44 21.11 -47.92
C ASN B 628 -12.27 22.18 -46.86
N HIS B 629 -11.74 21.81 -45.69
CA HIS B 629 -11.55 22.79 -44.61
C HIS B 629 -10.16 22.62 -43.97
N ASN B 630 -9.62 23.72 -43.48
CA ASN B 630 -8.22 23.81 -43.05
C ASN B 630 -8.10 24.69 -41.81
N SER B 631 -7.12 24.38 -40.96
CA SER B 631 -6.93 25.12 -39.72
C SER B 631 -6.09 26.38 -39.91
N ASP B 632 -5.98 27.16 -38.84
CA ASP B 632 -5.35 28.47 -38.85
C ASP B 632 -3.82 28.36 -38.96
N GLY B 633 -3.24 29.13 -39.87
CA GLY B 633 -1.78 29.20 -40.00
C GLY B 633 -1.16 28.23 -41.00
N TYR B 634 -1.80 27.09 -41.23
CA TYR B 634 -1.29 26.09 -42.18
C TYR B 634 -1.42 26.56 -43.61
N GLU B 635 -0.58 25.99 -44.48
CA GLU B 635 -0.59 26.37 -45.88
C GLU B 635 -1.95 26.02 -46.50
N HIS B 636 -2.37 26.86 -47.45
CA HIS B 636 -3.62 26.67 -48.19
C HIS B 636 -3.68 25.25 -48.78
N GLN B 637 -4.86 24.65 -48.73
CA GLN B 637 -5.07 23.31 -49.29
C GLN B 637 -6.31 23.20 -50.16
N ASP B 638 -6.81 24.34 -50.64
CA ASP B 638 -7.82 24.34 -51.70
C ASP B 638 -7.23 23.71 -52.97
N PRO B 639 -8.07 23.06 -53.80
CA PRO B 639 -7.57 22.25 -54.93
C PRO B 639 -6.67 23.03 -55.91
N ALA B 640 -7.09 24.23 -56.32
CA ALA B 640 -6.29 25.00 -57.30
C ALA B 640 -4.96 25.52 -56.74
N PHE B 641 -4.82 25.58 -55.41
CA PHE B 641 -3.54 26.00 -54.82
C PHE B 641 -2.37 25.11 -55.28
N PHE B 642 -2.70 23.88 -55.61
CA PHE B 642 -1.68 22.91 -56.03
C PHE B 642 -1.28 23.04 -57.48
N GLY B 643 -1.95 23.93 -58.21
CA GLY B 643 -1.49 24.33 -59.54
C GLY B 643 -2.53 24.01 -60.58
N GLN B 644 -2.79 24.96 -61.46
CA GLN B 644 -3.80 24.83 -62.52
C GLN B 644 -3.63 23.58 -63.38
N ASN B 645 -2.39 23.15 -63.60
CA ASN B 645 -2.12 22.01 -64.46
C ASN B 645 -1.73 20.74 -63.70
N SER B 646 -1.87 20.77 -62.37
CA SER B 646 -1.43 19.67 -61.52
C SER B 646 -2.34 18.44 -61.63
N LEU B 647 -1.79 17.29 -61.23
CA LEU B 647 -2.57 16.05 -61.17
C LEU B 647 -3.72 16.17 -60.17
N LEU B 648 -3.44 16.80 -59.03
CA LEU B 648 -4.46 16.96 -57.99
C LEU B 648 -5.73 17.67 -58.51
N VAL B 649 -5.53 18.74 -59.28
CA VAL B 649 -6.64 19.49 -59.88
C VAL B 649 -7.43 18.66 -60.90
N LYS B 650 -6.71 17.97 -61.78
CA LYS B 650 -7.29 17.08 -62.79
C LYS B 650 -8.13 15.97 -62.17
N SER B 651 -7.58 15.32 -61.14
CA SER B 651 -8.26 14.27 -60.38
C SER B 651 -9.45 14.84 -59.62
N SER B 652 -9.23 15.95 -58.93
CA SER B 652 -10.31 16.59 -58.15
C SER B 652 -11.44 17.09 -59.04
N ARG B 653 -11.09 17.67 -60.20
CA ARG B 653 -12.09 18.12 -61.16
C ARG B 653 -12.91 16.92 -61.64
N GLN B 654 -12.24 15.82 -61.98
CA GLN B 654 -12.93 14.65 -62.52
C GLN B 654 -13.90 14.03 -61.51
N TYR B 655 -13.44 13.81 -60.28
CA TYR B 655 -14.32 13.14 -59.30
C TYR B 655 -15.40 14.04 -58.74
N LEU B 656 -15.11 15.33 -58.57
CA LEU B 656 -16.19 16.29 -58.27
C LEU B 656 -17.20 16.39 -59.41
N THR B 657 -16.73 16.26 -60.66
CA THR B 657 -17.65 16.30 -61.81
C THR B 657 -18.54 15.06 -61.85
N ILE B 658 -17.97 13.91 -61.50
CA ILE B 658 -18.75 12.70 -61.30
C ILE B 658 -19.75 12.89 -60.17
N ARG B 659 -19.29 13.40 -59.02
CA ARG B 659 -20.23 13.68 -57.93
C ARG B 659 -21.39 14.54 -58.43
N TYR B 660 -21.07 15.62 -59.13
CA TYR B 660 -22.11 16.52 -59.65
C TYR B 660 -23.09 15.84 -60.62
N THR B 661 -22.55 15.03 -61.51
CA THR B 661 -23.35 14.18 -62.40
C THR B 661 -24.35 13.31 -61.62
N LEU B 662 -23.88 12.76 -60.49
CA LEU B 662 -24.63 11.78 -59.69
C LEU B 662 -25.56 12.41 -58.67
N LEU B 663 -25.65 13.74 -58.64
CA LEU B 663 -26.48 14.42 -57.64
C LEU B 663 -27.98 14.10 -57.65
N PRO B 664 -28.63 13.91 -58.84
CA PRO B 664 -30.02 13.45 -58.78
C PRO B 664 -30.24 12.11 -58.04
N PHE B 665 -29.24 11.24 -58.10
CA PHE B 665 -29.21 9.98 -57.34
C PHE B 665 -29.02 10.26 -55.86
N LEU B 666 -27.98 11.03 -55.51
CA LEU B 666 -27.75 11.42 -54.12
C LEU B 666 -29.00 12.06 -53.54
N TYR B 667 -29.60 12.99 -54.28
CA TYR B 667 -30.78 13.70 -53.80
C TYR B 667 -31.99 12.78 -53.59
N THR B 668 -32.16 11.78 -54.44
CA THR B 668 -33.24 10.81 -54.26
C THR B 668 -32.98 9.93 -53.01
N LEU B 669 -31.72 9.60 -52.72
CA LEU B 669 -31.38 8.88 -51.49
C LEU B 669 -31.79 9.69 -50.27
N PHE B 670 -31.51 11.01 -50.31
CA PHE B 670 -31.98 11.91 -49.25
C PHE B 670 -33.49 11.98 -49.13
N TYR B 671 -34.19 12.00 -50.27
CA TYR B 671 -35.64 11.87 -50.26
C TYR B 671 -36.08 10.58 -49.52
N LYS B 672 -35.46 9.47 -49.85
CA LYS B 672 -35.75 8.19 -49.19
C LYS B 672 -35.36 8.20 -47.71
N ALA B 673 -34.32 8.93 -47.35
CA ALA B 673 -33.93 9.07 -45.96
C ALA B 673 -35.00 9.87 -45.21
N HIS B 674 -35.44 10.96 -45.85
CA HIS B 674 -36.40 11.89 -45.26
C HIS B 674 -37.79 11.26 -45.07
N VAL B 675 -38.20 10.47 -46.05
CA VAL B 675 -39.51 9.83 -46.02
C VAL B 675 -39.53 8.48 -45.25
N PHE B 676 -38.51 7.64 -45.49
CA PHE B 676 -38.51 6.26 -45.00
C PHE B 676 -37.46 5.99 -43.89
N GLY B 677 -36.47 6.86 -43.75
CA GLY B 677 -35.37 6.62 -42.78
C GLY B 677 -34.24 5.73 -43.31
N GLU B 678 -34.20 5.53 -44.62
CA GLU B 678 -33.13 4.74 -45.26
C GLU B 678 -31.81 5.50 -45.27
N THR B 679 -30.68 4.78 -45.28
CA THR B 679 -29.38 5.44 -45.26
C THR B 679 -28.94 5.94 -46.65
N VAL B 680 -28.04 6.91 -46.63
CA VAL B 680 -27.45 7.53 -47.83
C VAL B 680 -26.07 6.89 -48.04
N ALA B 681 -25.10 7.25 -47.20
CA ALA B 681 -23.83 6.54 -47.19
C ALA B 681 -24.10 5.27 -46.38
N ARG B 682 -23.87 4.12 -47.02
CA ARG B 682 -24.44 2.89 -46.50
C ARG B 682 -23.33 1.87 -46.30
N PRO B 683 -23.31 1.22 -45.11
CA PRO B 683 -22.32 0.16 -44.89
C PRO B 683 -22.53 -0.97 -45.89
N VAL B 684 -21.44 -1.58 -46.33
CA VAL B 684 -21.54 -2.76 -47.18
C VAL B 684 -22.41 -3.88 -46.57
N LEU B 685 -22.37 -4.02 -45.25
CA LEU B 685 -23.19 -5.04 -44.60
C LEU B 685 -24.69 -4.81 -44.67
N HIS B 686 -25.14 -3.57 -44.85
CA HIS B 686 -26.57 -3.34 -44.99
C HIS B 686 -27.14 -3.93 -46.28
N GLU B 687 -26.31 -4.13 -47.29
CA GLU B 687 -26.80 -4.70 -48.53
C GLU B 687 -26.39 -6.16 -48.68
N PHE B 688 -25.29 -6.53 -48.02
CA PHE B 688 -24.66 -7.83 -48.23
C PHE B 688 -24.54 -8.70 -46.97
N TYR B 689 -25.46 -8.48 -46.05
CA TYR B 689 -25.50 -9.15 -44.74
C TYR B 689 -25.48 -10.69 -44.78
N GLU B 690 -25.79 -11.29 -45.94
CA GLU B 690 -25.79 -12.75 -46.11
C GLU B 690 -24.37 -13.30 -46.14
N ASP B 691 -23.44 -12.40 -46.38
CA ASP B 691 -22.03 -12.70 -46.48
C ASP B 691 -21.34 -12.19 -45.21
N THR B 692 -20.89 -13.10 -44.35
CA THR B 692 -20.26 -12.69 -43.06
C THR B 692 -19.02 -11.82 -43.28
N ASN B 693 -18.38 -11.97 -44.44
CA ASN B 693 -17.33 -11.05 -44.84
C ASN B 693 -17.76 -9.61 -44.87
N SER B 694 -19.01 -9.34 -45.23
CA SER B 694 -19.47 -7.94 -45.19
C SER B 694 -19.53 -7.32 -43.76
N TRP B 695 -19.65 -8.17 -42.73
CA TRP B 695 -19.90 -7.71 -41.34
C TRP B 695 -18.79 -6.86 -40.72
N ILE B 696 -17.60 -6.90 -41.32
CA ILE B 696 -16.47 -6.13 -40.79
C ILE B 696 -15.93 -5.09 -41.77
N GLU B 697 -16.52 -5.03 -42.96
CA GLU B 697 -16.03 -4.18 -44.05
C GLU B 697 -16.24 -2.69 -43.76
N ASP B 698 -15.15 -1.94 -43.65
CA ASP B 698 -15.24 -0.50 -43.36
C ASP B 698 -14.21 0.39 -44.12
N THR B 699 -13.52 -0.16 -45.11
CA THR B 699 -12.61 0.62 -45.95
C THR B 699 -13.23 0.92 -47.33
N GLU B 700 -14.48 0.52 -47.46
CA GLU B 700 -15.35 0.70 -48.62
C GLU B 700 -16.69 1.10 -48.06
N PHE B 701 -17.50 1.76 -48.89
CA PHE B 701 -18.88 2.04 -48.55
C PHE B 701 -19.73 2.23 -49.80
N LEU B 702 -21.04 2.32 -49.61
CA LEU B 702 -21.99 2.47 -50.70
C LEU B 702 -22.70 3.82 -50.61
N TRP B 703 -23.14 4.34 -51.75
CA TRP B 703 -24.23 5.32 -51.84
C TRP B 703 -25.47 4.50 -52.12
N GLY B 704 -26.39 4.46 -51.16
CA GLY B 704 -27.59 3.64 -51.30
C GLY B 704 -27.23 2.19 -51.55
N PRO B 705 -28.00 1.49 -52.40
CA PRO B 705 -27.72 0.10 -52.71
C PRO B 705 -26.83 -0.10 -53.95
N ALA B 706 -26.45 0.98 -54.63
CA ALA B 706 -26.10 0.92 -56.06
C ALA B 706 -24.67 1.24 -56.48
N LEU B 707 -23.93 1.97 -55.63
CA LEU B 707 -22.59 2.48 -55.96
C LEU B 707 -21.57 2.17 -54.88
N LEU B 708 -20.53 1.42 -55.23
CA LEU B 708 -19.45 1.07 -54.30
C LEU B 708 -18.25 1.97 -54.53
N ILE B 709 -17.81 2.61 -53.45
CA ILE B 709 -16.67 3.50 -53.45
C ILE B 709 -15.51 2.86 -52.67
N THR B 710 -14.37 2.69 -53.36
CA THR B 710 -13.22 2.00 -52.80
C THR B 710 -11.99 2.91 -52.89
N PRO B 711 -11.69 3.62 -51.79
CA PRO B 711 -10.60 4.57 -51.81
C PRO B 711 -9.23 4.00 -51.48
N VAL B 712 -8.20 4.73 -51.89
CA VAL B 712 -6.84 4.42 -51.50
C VAL B 712 -6.58 5.15 -50.18
N LEU B 713 -6.19 4.39 -49.15
CA LEU B 713 -6.14 4.89 -47.77
C LEU B 713 -4.76 4.74 -47.16
N LYS B 714 -3.81 4.23 -47.96
CA LYS B 714 -2.45 4.06 -47.48
C LYS B 714 -1.47 4.82 -48.35
N GLN B 715 -0.54 5.51 -47.69
CA GLN B 715 0.47 6.34 -48.31
C GLN B 715 1.37 5.55 -49.25
N GLY B 716 1.49 6.04 -50.49
CA GLY B 716 2.36 5.41 -51.50
C GLY B 716 1.73 4.25 -52.25
N ALA B 717 0.49 3.91 -51.92
CA ALA B 717 -0.19 2.78 -52.53
C ALA B 717 -0.74 3.03 -53.94
N ASP B 718 -0.66 1.97 -54.72
CA ASP B 718 -0.97 1.87 -56.12
C ASP B 718 -2.21 0.97 -56.23
N THR B 719 -2.43 0.21 -55.17
CA THR B 719 -3.22 -1.02 -55.19
C THR B 719 -3.87 -1.16 -53.83
N VAL B 720 -5.14 -1.57 -53.80
CA VAL B 720 -5.87 -1.72 -52.56
C VAL B 720 -6.50 -3.11 -52.50
N SER B 721 -6.31 -3.79 -51.36
CA SER B 721 -7.01 -5.03 -51.12
C SER B 721 -8.46 -4.69 -50.80
N ALA B 722 -9.37 -5.21 -51.61
CA ALA B 722 -10.76 -4.78 -51.54
C ALA B 722 -11.72 -5.97 -51.54
N TYR B 723 -12.68 -5.95 -50.65
CA TYR B 723 -13.68 -7.01 -50.67
C TYR B 723 -14.73 -6.62 -51.68
N ILE B 724 -14.95 -7.45 -52.67
CA ILE B 724 -15.98 -7.13 -53.61
C ILE B 724 -17.16 -8.04 -53.32
N PRO B 725 -18.29 -7.45 -52.91
CA PRO B 725 -19.45 -8.22 -52.46
C PRO B 725 -20.09 -9.11 -53.53
N ASP B 726 -21.08 -9.90 -53.13
CA ASP B 726 -21.77 -10.83 -54.00
C ASP B 726 -22.80 -10.13 -54.90
N ALA B 727 -22.33 -9.52 -55.99
CA ALA B 727 -23.18 -8.87 -57.00
C ALA B 727 -22.43 -8.81 -58.31
N ILE B 728 -23.13 -8.51 -59.41
CA ILE B 728 -22.45 -8.09 -60.63
C ILE B 728 -21.98 -6.66 -60.41
N TRP B 729 -20.69 -6.39 -60.59
CA TRP B 729 -20.18 -5.02 -60.52
C TRP B 729 -19.65 -4.53 -61.87
N TYR B 730 -19.99 -3.29 -62.19
CA TYR B 730 -19.52 -2.61 -63.41
C TYR B 730 -18.62 -1.43 -63.04
N ASP B 731 -17.43 -1.40 -63.60
CA ASP B 731 -16.57 -0.23 -63.46
C ASP B 731 -17.34 1.01 -63.94
N TYR B 732 -17.33 2.08 -63.14
CA TYR B 732 -18.16 3.25 -63.43
C TYR B 732 -17.72 4.00 -64.69
N GLU B 733 -16.41 4.17 -64.85
CA GLU B 733 -15.85 4.98 -65.92
C GLU B 733 -15.91 4.34 -67.32
N SER B 734 -15.70 3.03 -67.40
CA SER B 734 -15.76 2.30 -68.67
C SER B 734 -17.09 1.57 -68.87
N GLY B 735 -17.77 1.23 -67.78
CA GLY B 735 -19.01 0.46 -67.83
C GLY B 735 -18.82 -1.05 -67.95
N ALA B 736 -17.56 -1.49 -68.00
CA ALA B 736 -17.24 -2.90 -68.17
C ALA B 736 -17.51 -3.70 -66.89
N LYS B 737 -18.01 -4.93 -67.10
CA LYS B 737 -18.25 -5.87 -66.03
C LYS B 737 -16.92 -6.43 -65.48
N ARG B 738 -16.73 -6.29 -64.18
CA ARG B 738 -15.55 -6.86 -63.54
C ARG B 738 -15.70 -8.37 -63.45
N PRO B 739 -14.59 -9.11 -63.61
CA PRO B 739 -14.68 -10.55 -63.43
C PRO B 739 -14.54 -10.95 -61.95
N TRP B 740 -14.99 -10.07 -61.05
CA TRP B 740 -14.89 -10.27 -59.60
C TRP B 740 -16.28 -10.39 -59.00
N ARG B 741 -16.46 -11.35 -58.09
CA ARG B 741 -17.70 -11.43 -57.34
C ARG B 741 -17.51 -12.21 -56.03
N LYS B 742 -17.87 -11.57 -54.92
CA LYS B 742 -17.79 -12.21 -53.60
C LYS B 742 -16.39 -12.77 -53.35
N GLN B 743 -15.39 -11.90 -53.43
CA GLN B 743 -14.00 -12.32 -53.31
C GLN B 743 -13.19 -11.10 -52.96
N ARG B 744 -12.02 -11.32 -52.37
CA ARG B 744 -11.09 -10.25 -52.11
C ARG B 744 -10.15 -10.11 -53.31
N VAL B 745 -10.02 -8.90 -53.82
CA VAL B 745 -9.13 -8.63 -54.97
C VAL B 745 -8.11 -7.55 -54.62
N ASP B 746 -6.94 -7.63 -55.26
CA ASP B 746 -6.00 -6.50 -55.25
C ASP B 746 -6.35 -5.52 -56.38
N MET B 747 -7.06 -4.45 -56.02
CA MET B 747 -7.58 -3.47 -56.95
C MET B 747 -6.50 -2.47 -57.38
N TYR B 748 -6.20 -2.40 -58.68
CA TYR B 748 -5.25 -1.42 -59.18
C TYR B 748 -5.86 0.00 -59.20
N LEU B 749 -5.29 0.89 -58.38
CA LEU B 749 -5.78 2.27 -58.28
C LEU B 749 -4.61 3.27 -58.34
N PRO B 750 -4.22 3.68 -59.56
CA PRO B 750 -3.11 4.60 -59.70
C PRO B 750 -3.44 6.00 -59.17
N ALA B 751 -2.44 6.88 -59.23
CA ALA B 751 -2.46 8.19 -58.60
C ALA B 751 -3.73 8.99 -58.83
N ASP B 752 -4.34 8.80 -59.99
CA ASP B 752 -5.47 9.60 -60.41
C ASP B 752 -6.81 8.86 -60.34
N LYS B 753 -6.86 7.75 -59.59
CA LYS B 753 -8.04 6.90 -59.60
C LYS B 753 -8.51 6.44 -58.21
N ILE B 754 -9.83 6.53 -58.00
CA ILE B 754 -10.53 5.90 -56.88
C ILE B 754 -11.45 4.80 -57.46
N GLY B 755 -11.67 3.74 -56.70
CA GLY B 755 -12.58 2.67 -57.11
C GLY B 755 -14.04 3.10 -57.08
N LEU B 756 -14.74 2.89 -58.19
CA LEU B 756 -16.16 3.20 -58.35
C LEU B 756 -16.81 2.12 -59.18
N HIS B 757 -17.77 1.43 -58.58
CA HIS B 757 -18.46 0.35 -59.26
C HIS B 757 -19.95 0.45 -59.07
N LEU B 758 -20.67 0.24 -60.17
CA LEU B 758 -22.12 0.22 -60.12
C LEU B 758 -22.57 -1.21 -59.96
N ARG B 759 -23.46 -1.45 -58.99
CA ARG B 759 -24.04 -2.76 -58.74
C ARG B 759 -25.09 -3.08 -59.80
N GLY B 760 -25.02 -4.29 -60.36
CA GLY B 760 -26.08 -4.77 -61.26
C GLY B 760 -27.43 -4.92 -60.56
N GLY B 761 -28.50 -4.70 -61.30
CA GLY B 761 -29.87 -4.75 -60.78
C GLY B 761 -30.46 -3.41 -60.42
N TYR B 762 -29.70 -2.32 -60.64
CA TYR B 762 -30.08 -0.97 -60.15
C TYR B 762 -30.03 0.09 -61.27
N ILE B 763 -31.01 1.00 -61.26
CA ILE B 763 -31.12 2.05 -62.27
C ILE B 763 -30.95 3.37 -61.53
N ILE B 764 -29.95 4.17 -61.90
CA ILE B 764 -29.76 5.45 -61.24
C ILE B 764 -29.91 6.71 -62.13
N PRO B 765 -30.52 7.78 -61.59
CA PRO B 765 -30.70 9.03 -62.30
C PRO B 765 -29.48 9.95 -62.23
N ILE B 766 -29.23 10.64 -63.33
CA ILE B 766 -28.11 11.58 -63.41
C ILE B 766 -28.54 12.85 -64.14
N GLN B 767 -27.72 13.90 -64.03
CA GLN B 767 -27.94 15.14 -64.76
C GLN B 767 -26.60 15.63 -65.24
N GLU B 768 -26.53 16.07 -66.50
CA GLU B 768 -25.30 16.58 -67.10
C GLU B 768 -24.71 17.65 -66.20
N PRO B 769 -23.42 17.53 -65.86
CA PRO B 769 -22.89 18.37 -64.79
C PRO B 769 -22.52 19.80 -65.23
N ASP B 770 -22.26 20.66 -64.24
CA ASP B 770 -21.68 21.99 -64.44
C ASP B 770 -20.96 22.35 -63.15
N VAL B 771 -20.50 23.59 -63.03
CA VAL B 771 -19.61 23.95 -61.93
C VAL B 771 -20.35 24.36 -60.67
N THR B 772 -21.66 24.55 -60.78
CA THR B 772 -22.56 24.81 -59.65
C THR B 772 -23.85 24.01 -59.84
N THR B 773 -24.61 23.82 -58.76
CA THR B 773 -25.91 23.14 -58.86
C THR B 773 -26.98 24.06 -59.46
N THR B 774 -26.85 25.37 -59.26
CA THR B 774 -27.77 26.30 -59.92
C THR B 774 -27.72 26.03 -61.42
N ALA B 775 -26.50 25.91 -61.95
CA ALA B 775 -26.31 25.64 -63.37
C ALA B 775 -26.70 24.21 -63.74
N SER B 776 -26.22 23.22 -62.98
CA SER B 776 -26.46 21.82 -63.34
C SER B 776 -27.95 21.43 -63.33
N ARG B 777 -28.74 22.01 -62.42
CA ARG B 777 -30.16 21.71 -62.32
C ARG B 777 -30.97 22.03 -63.58
N LYS B 778 -30.43 22.90 -64.43
CA LYS B 778 -31.04 23.29 -65.70
C LYS B 778 -30.73 22.32 -66.83
N ASN B 779 -29.75 21.44 -66.61
CA ASN B 779 -29.25 20.56 -67.66
C ASN B 779 -30.10 19.32 -67.91
N PRO B 780 -29.96 18.71 -69.10
CA PRO B 780 -30.58 17.41 -69.41
C PRO B 780 -30.30 16.31 -68.38
N LEU B 781 -31.29 15.46 -68.15
CA LEU B 781 -31.17 14.32 -67.25
C LEU B 781 -30.86 13.05 -68.03
N GLY B 782 -30.48 12.01 -67.30
CA GLY B 782 -30.20 10.71 -67.88
C GLY B 782 -30.41 9.62 -66.85
N LEU B 783 -30.31 8.38 -67.30
CA LEU B 783 -30.41 7.21 -66.44
C LEU B 783 -29.29 6.26 -66.77
N ILE B 784 -28.72 5.61 -65.75
CA ILE B 784 -27.77 4.52 -65.93
C ILE B 784 -28.44 3.25 -65.44
N VAL B 785 -28.63 2.29 -66.34
CA VAL B 785 -29.18 1.00 -66.01
C VAL B 785 -28.02 0.00 -65.94
N ALA B 786 -27.83 -0.61 -64.77
CA ALA B 786 -26.83 -1.65 -64.57
C ALA B 786 -27.60 -2.94 -64.47
N LEU B 787 -27.47 -3.81 -65.47
CA LEU B 787 -28.26 -5.04 -65.53
C LEU B 787 -27.82 -6.08 -64.49
N GLY B 788 -28.80 -6.66 -63.80
CA GLY B 788 -28.55 -7.73 -62.83
C GLY B 788 -28.41 -9.07 -63.54
N GLU B 789 -28.18 -10.11 -62.75
CA GLU B 789 -27.89 -11.47 -63.25
C GLU B 789 -29.05 -12.11 -63.99
N ASN B 790 -30.27 -11.70 -63.63
CA ASN B 790 -31.48 -12.14 -64.33
C ASN B 790 -31.92 -11.16 -65.42
N ASN B 791 -31.04 -10.23 -65.78
CA ASN B 791 -31.29 -9.22 -66.83
C ASN B 791 -32.37 -8.23 -66.50
N THR B 792 -32.45 -7.91 -65.22
CA THR B 792 -33.49 -7.05 -64.66
C THR B 792 -32.80 -5.95 -63.87
N ALA B 793 -33.54 -4.86 -63.61
CA ALA B 793 -33.03 -3.73 -62.82
C ALA B 793 -34.20 -2.88 -62.36
N LYS B 794 -34.05 -2.17 -61.25
CA LYS B 794 -35.10 -1.29 -60.76
C LYS B 794 -34.43 -0.05 -60.22
N GLY B 795 -35.16 1.06 -60.21
CA GLY B 795 -34.69 2.26 -59.56
C GLY B 795 -35.83 3.22 -59.33
N ASP B 796 -35.51 4.39 -58.81
CA ASP B 796 -36.47 5.50 -58.70
C ASP B 796 -35.78 6.88 -58.74
N PHE B 797 -36.56 7.95 -58.77
CA PHE B 797 -36.03 9.30 -58.97
C PHE B 797 -37.01 10.28 -58.38
N PHE B 798 -36.49 11.18 -57.55
CA PHE B 798 -37.31 12.22 -56.96
C PHE B 798 -36.83 13.56 -57.47
N TRP B 799 -37.78 14.45 -57.77
CA TRP B 799 -37.44 15.79 -58.26
C TRP B 799 -38.42 16.85 -57.79
N ASP B 800 -37.90 17.85 -57.08
CA ASP B 800 -38.70 19.03 -56.74
C ASP B 800 -37.88 20.28 -57.08
N ASP B 801 -38.29 21.44 -56.58
CA ASP B 801 -37.59 22.73 -56.83
C ASP B 801 -36.26 22.86 -56.10
N GLY B 802 -35.94 21.86 -55.27
CA GLY B 802 -34.63 21.77 -54.66
C GLY B 802 -34.35 22.69 -53.50
N GLU B 803 -35.38 23.40 -53.01
CA GLU B 803 -35.17 24.38 -51.95
C GLU B 803 -36.34 24.66 -50.99
N THR B 804 -37.58 24.35 -51.40
CA THR B 804 -38.74 24.73 -50.59
C THR B 804 -39.01 23.74 -49.45
N LYS B 805 -39.19 24.29 -48.25
CA LYS B 805 -39.22 23.52 -47.01
C LYS B 805 -40.14 22.29 -47.01
N ASP B 806 -41.43 22.49 -47.29
CA ASP B 806 -42.37 21.36 -47.20
C ASP B 806 -42.90 20.78 -48.54
N THR B 807 -42.04 20.65 -49.54
CA THR B 807 -42.48 20.17 -50.86
C THR B 807 -43.09 18.77 -50.81
N ILE B 808 -42.47 17.89 -50.02
CA ILE B 808 -42.90 16.50 -49.94
C ILE B 808 -44.20 16.41 -49.15
N GLN B 809 -44.21 17.07 -47.99
CA GLN B 809 -45.41 17.21 -47.18
C GLN B 809 -46.59 17.70 -48.00
N ASN B 810 -46.34 18.66 -48.90
CA ASN B 810 -47.43 19.28 -49.69
C ASN B 810 -47.66 18.66 -51.06
N GLY B 811 -46.86 17.64 -51.39
CA GLY B 811 -47.03 16.90 -52.64
C GLY B 811 -46.56 17.66 -53.88
N ASN B 812 -45.70 18.65 -53.68
CA ASN B 812 -45.23 19.46 -54.80
C ASN B 812 -43.90 19.00 -55.37
N TYR B 813 -43.94 17.90 -56.13
CA TYR B 813 -42.76 17.22 -56.60
C TYR B 813 -43.11 16.22 -57.70
N ILE B 814 -42.06 15.63 -58.28
CA ILE B 814 -42.21 14.61 -59.32
C ILE B 814 -41.49 13.35 -58.85
N LEU B 815 -42.19 12.21 -58.92
CA LEU B 815 -41.62 10.95 -58.45
C LEU B 815 -41.71 9.91 -59.54
N TYR B 816 -40.62 9.18 -59.73
CA TYR B 816 -40.56 8.15 -60.75
C TYR B 816 -40.14 6.80 -60.17
N THR B 817 -40.68 5.73 -60.76
CA THR B 817 -40.08 4.41 -60.62
C THR B 817 -39.54 3.99 -61.98
N PHE B 818 -38.46 3.23 -61.95
CA PHE B 818 -37.88 2.65 -63.16
C PHE B 818 -37.86 1.14 -63.03
N SER B 819 -38.09 0.46 -64.14
CA SER B 819 -38.09 -0.99 -64.14
C SER B 819 -37.54 -1.51 -65.45
N VAL B 820 -36.67 -2.51 -65.40
CA VAL B 820 -36.13 -3.14 -66.61
C VAL B 820 -36.32 -4.66 -66.61
N SER B 821 -36.87 -5.18 -67.71
CA SER B 821 -36.87 -6.61 -67.97
C SER B 821 -37.19 -6.83 -69.45
N ASN B 822 -36.85 -8.01 -69.96
CA ASN B 822 -37.00 -8.35 -71.38
C ASN B 822 -36.50 -7.22 -72.28
N ASN B 823 -35.35 -6.63 -71.91
CA ASN B 823 -34.66 -5.58 -72.68
C ASN B 823 -35.56 -4.39 -72.95
N THR B 824 -36.28 -3.99 -71.92
CA THR B 824 -37.30 -2.94 -71.97
C THR B 824 -37.23 -2.11 -70.70
N LEU B 825 -36.96 -0.82 -70.84
CA LEU B 825 -36.96 0.13 -69.73
C LEU B 825 -38.33 0.81 -69.59
N ASP B 826 -39.02 0.50 -68.49
CA ASP B 826 -40.28 1.18 -68.19
C ASP B 826 -40.04 2.30 -67.20
N ILE B 827 -40.50 3.48 -67.59
CA ILE B 827 -40.27 4.73 -66.87
C ILE B 827 -41.64 5.24 -66.46
N VAL B 828 -41.98 5.05 -65.18
CA VAL B 828 -43.33 5.32 -64.70
C VAL B 828 -43.32 6.50 -63.74
N CYS B 829 -44.07 7.53 -64.11
CA CYS B 829 -44.25 8.67 -63.26
C CYS B 829 -45.36 8.33 -62.28
N THR B 830 -45.02 8.25 -60.99
CA THR B 830 -46.01 7.91 -59.97
C THR B 830 -46.65 9.14 -59.34
N HIS B 831 -45.98 10.29 -59.39
CA HIS B 831 -46.54 11.55 -58.90
C HIS B 831 -45.99 12.76 -59.66
N SER B 832 -46.84 13.73 -59.97
CA SER B 832 -46.40 14.89 -60.76
C SER B 832 -47.09 16.20 -60.42
N SER B 833 -46.42 17.03 -59.63
CA SER B 833 -46.98 18.30 -59.16
C SER B 833 -45.89 19.36 -58.96
N TYR B 834 -45.16 19.62 -60.03
CA TYR B 834 -44.11 20.62 -60.04
C TYR B 834 -43.84 20.99 -61.50
N GLN B 835 -44.59 21.98 -61.98
CA GLN B 835 -44.58 22.40 -63.39
C GLN B 835 -43.21 22.78 -63.96
N GLU B 836 -42.41 23.53 -63.20
CA GLU B 836 -41.06 23.88 -63.62
C GLU B 836 -40.23 22.63 -63.94
N GLY B 837 -40.49 21.54 -63.22
CA GLY B 837 -39.80 20.28 -63.45
C GLY B 837 -40.09 19.64 -64.78
N THR B 838 -41.29 19.84 -65.30
CA THR B 838 -41.73 19.21 -66.56
C THR B 838 -40.97 19.77 -67.78
N THR B 839 -40.31 20.91 -67.56
CA THR B 839 -39.34 21.51 -68.49
C THR B 839 -38.14 20.60 -68.80
N LEU B 840 -37.86 19.67 -67.89
CA LEU B 840 -36.69 18.80 -68.02
C LEU B 840 -37.04 17.47 -68.69
N ALA B 841 -36.02 16.80 -69.23
CA ALA B 841 -36.23 15.55 -69.93
C ALA B 841 -35.05 14.60 -69.72
N PHE B 842 -35.33 13.30 -69.69
CA PHE B 842 -34.30 12.28 -69.84
C PHE B 842 -33.86 12.32 -71.29
N GLN B 843 -32.59 12.64 -71.51
CA GLN B 843 -32.10 12.78 -72.86
C GLN B 843 -31.15 11.66 -73.22
N THR B 844 -30.78 10.88 -72.21
CA THR B 844 -29.80 9.82 -72.38
C THR B 844 -30.02 8.61 -71.46
N VAL B 845 -29.76 7.43 -72.01
CA VAL B 845 -29.87 6.19 -71.28
C VAL B 845 -28.67 5.29 -71.63
N LYS B 846 -27.94 4.87 -70.59
CA LYS B 846 -26.88 3.89 -70.71
C LYS B 846 -27.34 2.56 -70.13
N ILE B 847 -27.04 1.47 -70.82
CA ILE B 847 -27.33 0.15 -70.29
C ILE B 847 -26.02 -0.60 -70.22
N LEU B 848 -25.70 -1.06 -69.01
CA LEU B 848 -24.48 -1.81 -68.77
C LEU B 848 -24.83 -3.27 -68.56
N GLY B 849 -24.01 -4.15 -69.09
CA GLY B 849 -24.16 -5.58 -68.88
C GLY B 849 -24.99 -6.29 -69.93
N LEU B 850 -24.95 -5.77 -71.16
CA LEU B 850 -25.68 -6.35 -72.29
C LEU B 850 -25.29 -7.79 -72.57
N THR B 851 -26.29 -8.59 -72.90
CA THR B 851 -26.11 -10.02 -73.03
C THR B 851 -26.09 -10.41 -74.52
N ASP B 852 -26.40 -9.43 -75.37
CA ASP B 852 -26.21 -9.56 -76.82
C ASP B 852 -26.34 -8.22 -77.55
N SER B 853 -25.96 -8.21 -78.82
CA SER B 853 -25.92 -6.99 -79.61
C SER B 853 -27.24 -6.22 -79.66
N VAL B 854 -27.12 -4.90 -79.87
CA VAL B 854 -28.27 -4.02 -80.02
C VAL B 854 -28.39 -3.56 -81.47
N THR B 855 -29.49 -3.97 -82.09
CA THR B 855 -29.78 -3.75 -83.50
C THR B 855 -30.74 -2.58 -83.71
N GLU B 856 -31.75 -2.49 -82.86
CA GLU B 856 -32.74 -1.41 -82.95
C GLU B 856 -33.07 -0.92 -81.54
N VAL B 857 -33.35 0.37 -81.45
CA VAL B 857 -33.81 0.99 -80.21
C VAL B 857 -35.16 1.62 -80.51
N ARG B 858 -36.13 1.31 -79.66
CA ARG B 858 -37.51 1.79 -79.80
C ARG B 858 -38.02 2.49 -78.54
N VAL B 859 -38.74 3.59 -78.76
CA VAL B 859 -39.26 4.41 -77.67
C VAL B 859 -40.78 4.56 -77.84
N ALA B 860 -41.51 4.59 -76.72
CA ALA B 860 -42.94 4.89 -76.76
C ALA B 860 -43.34 5.76 -75.59
N GLU B 861 -44.24 6.71 -75.84
CA GLU B 861 -44.95 7.35 -74.75
C GLU B 861 -46.24 6.59 -74.45
N ASN B 862 -46.46 6.32 -73.16
CA ASN B 862 -47.62 5.55 -72.68
C ASN B 862 -47.69 4.10 -73.17
N ASN B 863 -48.80 3.79 -73.81
CA ASN B 863 -49.03 2.49 -74.39
C ASN B 863 -49.19 2.68 -75.87
N GLN B 864 -49.02 3.92 -76.31
CA GLN B 864 -49.13 4.29 -77.71
C GLN B 864 -47.92 3.75 -78.50
N PRO B 865 -48.07 3.59 -79.83
CA PRO B 865 -47.18 2.80 -80.69
C PRO B 865 -45.68 2.99 -80.48
N MET B 866 -44.95 1.87 -80.49
CA MET B 866 -43.48 1.85 -80.40
C MET B 866 -42.83 2.42 -81.68
N ASN B 867 -41.94 3.40 -81.52
CA ASN B 867 -41.29 4.05 -82.66
C ASN B 867 -39.77 3.87 -82.67
N ALA B 868 -39.18 3.85 -83.87
CA ALA B 868 -37.74 3.66 -84.03
C ALA B 868 -36.96 4.90 -83.61
N HIS B 869 -35.92 4.68 -82.80
CA HIS B 869 -34.99 5.73 -82.39
C HIS B 869 -33.65 5.41 -83.04
N SER B 870 -33.08 6.38 -83.77
CA SER B 870 -31.87 6.12 -84.55
C SER B 870 -30.55 6.38 -83.80
N ASN B 871 -30.57 7.25 -82.79
CA ASN B 871 -29.36 7.71 -82.13
C ASN B 871 -28.92 6.91 -80.89
N PHE B 872 -28.03 5.95 -81.11
CA PHE B 872 -27.45 5.14 -80.06
C PHE B 872 -26.04 4.73 -80.46
N THR B 873 -25.27 4.31 -79.46
CA THR B 873 -23.95 3.74 -79.67
C THR B 873 -23.85 2.38 -78.98
N TYR B 874 -23.53 1.35 -79.76
CA TYR B 874 -23.36 0.02 -79.19
C TYR B 874 -21.86 -0.33 -79.11
N ASP B 875 -21.36 -0.41 -77.89
CA ASP B 875 -19.98 -0.75 -77.65
C ASP B 875 -19.91 -2.21 -77.26
N ALA B 876 -19.56 -3.07 -78.23
CA ALA B 876 -19.46 -4.50 -77.98
C ALA B 876 -18.29 -4.89 -77.09
N SER B 877 -17.20 -4.13 -77.17
CA SER B 877 -16.01 -4.38 -76.37
C SER B 877 -16.31 -4.44 -74.88
N ASN B 878 -17.10 -3.47 -74.41
CA ASN B 878 -17.45 -3.34 -72.99
C ASN B 878 -18.89 -3.76 -72.70
N GLN B 879 -19.63 -4.04 -73.78
CA GLN B 879 -21.05 -4.48 -73.68
C GLN B 879 -21.93 -3.38 -73.10
N VAL B 880 -21.78 -2.18 -73.64
CA VAL B 880 -22.52 -1.00 -73.19
C VAL B 880 -23.37 -0.43 -74.34
N LEU B 881 -24.55 0.07 -73.98
CA LEU B 881 -25.38 0.77 -74.95
C LEU B 881 -25.55 2.18 -74.45
N LEU B 882 -25.21 3.16 -75.29
CA LEU B 882 -25.59 4.53 -75.01
C LEU B 882 -26.75 4.89 -75.95
N ILE B 883 -27.87 5.30 -75.39
CA ILE B 883 -28.99 5.84 -76.16
C ILE B 883 -29.00 7.33 -75.93
N ALA B 884 -28.83 8.11 -77.00
CA ALA B 884 -28.70 9.55 -76.85
C ALA B 884 -29.78 10.34 -77.60
N ASP B 885 -29.90 11.63 -77.28
CA ASP B 885 -30.87 12.56 -77.91
C ASP B 885 -32.33 12.20 -77.71
N LEU B 886 -32.63 11.46 -76.64
CA LEU B 886 -34.00 11.17 -76.29
C LEU B 886 -34.65 12.44 -75.77
N LYS B 887 -35.97 12.48 -75.78
CA LYS B 887 -36.69 13.62 -75.25
C LYS B 887 -37.84 13.12 -74.39
N LEU B 888 -37.48 12.55 -73.25
CA LEU B 888 -38.46 11.98 -72.32
C LEU B 888 -38.76 12.96 -71.18
N ASN B 889 -39.69 13.87 -71.45
CA ASN B 889 -40.06 14.91 -70.48
C ASN B 889 -40.58 14.37 -69.15
N LEU B 890 -40.18 15.03 -68.07
CA LEU B 890 -40.63 14.69 -66.73
C LEU B 890 -42.14 14.93 -66.61
N GLY B 891 -42.80 14.08 -65.84
CA GLY B 891 -44.25 14.13 -65.71
C GLY B 891 -44.98 13.18 -66.65
N ARG B 892 -44.26 12.59 -67.60
CA ARG B 892 -44.86 11.67 -68.55
C ARG B 892 -44.30 10.25 -68.42
N ASN B 893 -45.04 9.27 -68.95
CA ASN B 893 -44.65 7.86 -68.89
C ASN B 893 -44.02 7.41 -70.20
N PHE B 894 -42.93 6.66 -70.10
CA PHE B 894 -42.18 6.24 -71.30
C PHE B 894 -41.69 4.82 -71.17
N SER B 895 -41.48 4.22 -72.32
CA SER B 895 -40.97 2.87 -72.44
C SER B 895 -39.83 2.91 -73.45
N VAL B 896 -38.69 2.29 -73.12
CA VAL B 896 -37.55 2.24 -74.03
C VAL B 896 -37.08 0.79 -74.19
N GLN B 897 -36.99 0.33 -75.44
CA GLN B 897 -36.58 -1.05 -75.72
C GLN B 897 -35.33 -1.12 -76.58
N TRP B 898 -34.51 -2.14 -76.35
CA TRP B 898 -33.34 -2.38 -77.16
C TRP B 898 -33.21 -3.86 -77.49
N ARG C 28 -7.80 20.81 11.44
CA ARG C 28 -7.53 21.55 10.17
C ARG C 28 -6.48 20.83 9.34
N LYS C 29 -6.91 20.25 8.23
CA LYS C 29 -6.04 19.44 7.41
C LYS C 29 -5.47 20.23 6.24
N CYS C 30 -6.11 21.34 5.91
CA CYS C 30 -5.76 22.10 4.70
C CYS C 30 -4.87 23.31 4.99
N PRO C 31 -4.14 23.82 3.97
CA PRO C 31 -3.33 25.04 4.15
C PRO C 31 -4.21 26.22 4.60
N ASN C 32 -3.66 27.11 5.42
CA ASN C 32 -4.36 28.30 5.87
C ASN C 32 -4.78 29.19 4.71
N VAL C 33 -3.92 29.23 3.70
CA VAL C 33 -4.13 30.01 2.50
C VAL C 33 -5.10 29.29 1.57
N LEU C 34 -6.21 29.96 1.23
CA LEU C 34 -7.21 29.42 0.29
C LEU C 34 -6.60 29.11 -1.07
N ASN C 35 -5.69 29.98 -1.50
CA ASN C 35 -5.00 29.89 -2.78
C ASN C 35 -3.58 29.29 -2.70
N ASP C 36 -3.47 28.10 -2.10
CA ASP C 36 -2.19 27.42 -1.91
C ASP C 36 -1.47 27.19 -3.25
N PRO C 37 -0.12 27.09 -3.24
CA PRO C 37 0.60 26.80 -4.50
C PRO C 37 0.31 25.39 -4.97
N VAL C 38 -0.40 25.25 -6.09
CA VAL C 38 -0.83 23.94 -6.57
C VAL C 38 0.30 22.98 -6.90
N ASN C 39 1.43 23.48 -7.42
CA ASN C 39 2.49 22.59 -7.92
C ASN C 39 3.28 21.89 -6.82
N VAL C 40 2.94 22.22 -5.58
CA VAL C 40 3.64 21.75 -4.41
C VAL C 40 2.79 20.73 -3.66
N ARG C 41 1.57 20.51 -4.15
CA ARG C 41 0.65 19.52 -3.59
C ARG C 41 1.19 18.12 -3.82
N ILE C 42 1.31 17.33 -2.76
CA ILE C 42 1.75 15.94 -2.89
C ILE C 42 0.52 15.04 -2.77
N ASN C 43 0.32 14.23 -3.81
CA ASN C 43 -0.93 13.49 -3.97
C ASN C 43 -1.13 12.45 -2.87
N CYS C 44 -2.22 12.60 -2.12
CA CYS C 44 -2.56 11.66 -1.04
C CYS C 44 -3.42 10.48 -1.55
N ILE C 45 -3.87 10.55 -2.80
CA ILE C 45 -4.59 9.44 -3.45
C ILE C 45 -4.00 9.15 -4.84
N PRO C 46 -2.75 8.64 -4.88
CA PRO C 46 -2.05 8.46 -6.13
C PRO C 46 -2.55 7.32 -6.99
N GLU C 47 -3.19 6.33 -6.36
CA GLU C 47 -3.46 5.03 -6.99
C GLU C 47 -4.88 4.87 -7.58
N GLN C 48 -5.73 5.88 -7.37
CA GLN C 48 -7.14 5.79 -7.77
C GLN C 48 -7.74 7.18 -7.98
N PHE C 49 -8.91 7.24 -8.61
CA PHE C 49 -9.59 8.51 -8.77
C PHE C 49 -9.96 9.14 -7.41
N PRO C 50 -9.51 10.37 -7.17
CA PRO C 50 -9.69 10.97 -5.84
C PRO C 50 -11.16 11.20 -5.48
N THR C 51 -11.49 10.98 -4.20
CA THR C 51 -12.82 11.22 -3.68
C THR C 51 -12.74 11.83 -2.28
N GLU C 52 -13.76 12.61 -1.90
CA GLU C 52 -13.79 13.24 -0.58
C GLU C 52 -13.79 12.22 0.56
N GLY C 53 -14.53 11.13 0.38
CA GLY C 53 -14.59 10.05 1.37
C GLY C 53 -13.24 9.39 1.66
N ILE C 54 -12.49 9.05 0.62
CA ILE C 54 -11.16 8.49 0.81
C ILE C 54 -10.18 9.52 1.39
N CYS C 55 -10.29 10.77 0.96
CA CYS C 55 -9.47 11.83 1.49
C CYS C 55 -9.68 12.00 3.00
N ALA C 56 -10.95 12.10 3.41
CA ALA C 56 -11.33 12.15 4.81
C ALA C 56 -10.77 10.95 5.60
N GLN C 57 -10.94 9.75 5.05
CA GLN C 57 -10.43 8.52 5.66
C GLN C 57 -8.92 8.55 5.89
N ARG C 58 -8.17 9.06 4.91
CA ARG C 58 -6.72 9.13 5.03
C ARG C 58 -6.23 10.35 5.83
N GLY C 59 -7.14 11.21 6.24
CA GLY C 59 -6.80 12.37 7.05
C GLY C 59 -6.06 13.44 6.27
N CYS C 60 -6.33 13.52 4.98
CA CYS C 60 -5.65 14.47 4.10
C CYS C 60 -6.53 15.69 3.77
N CYS C 61 -6.02 16.60 2.94
CA CYS C 61 -6.75 17.80 2.59
C CYS C 61 -7.50 17.63 1.26
N TRP C 62 -8.79 17.91 1.28
CA TRP C 62 -9.65 17.84 0.11
C TRP C 62 -9.88 19.24 -0.44
N ARG C 63 -9.39 19.49 -1.65
CA ARG C 63 -9.53 20.79 -2.29
C ARG C 63 -9.52 20.62 -3.83
N PRO C 64 -10.63 20.11 -4.40
CA PRO C 64 -10.69 19.73 -5.82
C PRO C 64 -10.29 20.89 -6.73
N TRP C 65 -9.54 20.59 -7.78
CA TRP C 65 -9.11 21.61 -8.71
C TRP C 65 -9.84 21.54 -10.05
N ASN C 66 -9.49 22.45 -10.96
CA ASN C 66 -10.21 22.57 -12.24
C ASN C 66 -9.49 21.89 -13.41
N ASP C 67 -8.58 20.96 -13.08
CA ASP C 67 -8.11 19.98 -14.04
C ASP C 67 -7.76 18.62 -13.42
N SER C 68 -7.34 17.70 -14.26
CA SER C 68 -6.99 16.34 -13.89
C SER C 68 -5.54 16.14 -13.39
N LEU C 69 -4.71 17.17 -13.50
CA LEU C 69 -3.27 17.02 -13.20
C LEU C 69 -2.95 17.34 -11.76
N ILE C 70 -3.51 18.44 -11.26
CA ILE C 70 -3.32 18.91 -9.89
C ILE C 70 -4.06 17.98 -8.89
N PRO C 71 -3.34 17.48 -7.86
CA PRO C 71 -3.97 16.61 -6.87
C PRO C 71 -5.14 17.31 -6.20
N TRP C 72 -6.29 16.65 -6.17
CA TRP C 72 -7.46 17.16 -5.45
C TRP C 72 -7.37 16.79 -3.97
N CYS C 73 -6.66 15.68 -3.69
CA CYS C 73 -6.40 15.25 -2.31
C CYS C 73 -4.89 15.13 -2.06
N PHE C 74 -4.42 15.92 -1.11
CA PHE C 74 -2.99 16.03 -0.89
C PHE C 74 -2.62 16.11 0.59
N PHE C 75 -1.36 15.78 0.87
CA PHE C 75 -0.87 15.56 2.23
C PHE C 75 -0.78 16.80 3.11
N VAL C 76 -0.36 17.93 2.52
CA VAL C 76 0.05 19.07 3.34
C VAL C 76 1.04 18.56 4.41
N ASP C 77 0.75 18.80 5.68
CA ASP C 77 1.62 18.43 6.79
C ASP C 77 1.00 17.35 7.67
N ASN C 78 0.05 16.59 7.12
CA ASN C 78 -0.80 15.69 7.91
C ASN C 78 -0.16 14.34 8.24
N HIS C 79 0.73 13.87 7.35
CA HIS C 79 1.43 12.59 7.50
C HIS C 79 2.92 12.81 7.68
N GLY C 80 3.62 11.78 8.13
CA GLY C 80 5.08 11.81 8.17
C GLY C 80 5.67 11.26 9.46
N TYR C 81 6.93 11.62 9.71
CA TYR C 81 7.66 11.17 10.90
C TYR C 81 8.32 12.36 11.57
N ASN C 82 8.49 12.26 12.89
CA ASN C 82 9.28 13.20 13.69
C ASN C 82 10.58 12.52 14.13
N VAL C 83 11.67 13.29 14.29
CA VAL C 83 12.88 12.68 14.83
C VAL C 83 12.82 12.65 16.36
N GLN C 84 12.98 11.46 16.90
CA GLN C 84 12.98 11.22 18.33
C GLN C 84 14.35 11.58 18.87
N ASP C 85 15.40 11.06 18.23
CA ASP C 85 16.77 11.36 18.63
C ASP C 85 17.69 11.50 17.43
N MET C 86 18.74 12.27 17.59
CA MET C 86 19.78 12.40 16.59
C MET C 86 21.15 12.10 17.20
N THR C 87 21.87 11.15 16.61
CA THR C 87 23.16 10.70 17.12
C THR C 87 24.23 10.82 16.04
N THR C 88 25.42 11.28 16.41
CA THR C 88 26.53 11.42 15.46
C THR C 88 27.37 10.14 15.47
N THR C 89 27.87 9.73 14.31
CA THR C 89 28.79 8.60 14.22
C THR C 89 30.07 9.10 13.58
N SER C 90 31.06 8.23 13.41
CA SER C 90 32.31 8.60 12.74
C SER C 90 32.12 8.88 11.24
N ILE C 91 31.07 8.32 10.65
CA ILE C 91 30.87 8.44 9.19
C ILE C 91 29.64 9.20 8.76
N GLY C 92 28.87 9.68 9.74
CA GLY C 92 27.70 10.48 9.46
C GLY C 92 26.84 10.73 10.66
N VAL C 93 25.55 10.52 10.47
CA VAL C 93 24.56 10.75 11.52
C VAL C 93 23.58 9.57 11.58
N GLU C 94 22.95 9.36 12.73
CA GLU C 94 21.83 8.45 12.86
C GLU C 94 20.68 9.14 13.58
N ALA C 95 19.47 8.96 13.07
CA ALA C 95 18.28 9.54 13.68
C ALA C 95 17.14 8.53 13.82
N LYS C 96 16.54 8.49 15.01
CA LYS C 96 15.39 7.64 15.30
C LYS C 96 14.13 8.39 14.98
N LEU C 97 13.30 7.84 14.11
CA LEU C 97 12.11 8.55 13.69
C LEU C 97 10.89 7.82 14.17
N ASN C 98 9.91 8.56 14.67
CA ASN C 98 8.62 7.99 15.01
C ASN C 98 7.46 8.55 14.19
N ARG C 99 6.54 7.69 13.81
CA ARG C 99 5.47 8.07 12.90
C ARG C 99 4.49 9.04 13.58
N ILE C 100 4.19 10.14 12.91
CA ILE C 100 3.08 11.01 13.30
C ILE C 100 1.82 10.16 13.17
N PRO C 101 1.06 10.01 14.28
CA PRO C 101 -0.09 9.07 14.30
C PRO C 101 -1.29 9.46 13.43
N SER C 102 -1.09 9.51 12.12
CA SER C 102 -2.17 9.77 11.18
C SER C 102 -2.82 8.45 10.73
N PRO C 103 -3.98 8.53 10.02
CA PRO C 103 -4.49 7.31 9.39
C PRO C 103 -3.47 6.65 8.42
N THR C 104 -3.63 5.36 8.19
CA THR C 104 -2.75 4.66 7.26
C THR C 104 -3.16 4.92 5.81
N LEU C 105 -2.27 4.61 4.88
CA LEU C 105 -2.64 4.66 3.47
C LEU C 105 -2.94 3.23 3.04
N PHE C 106 -1.92 2.37 3.06
CA PHE C 106 -2.05 1.01 2.57
C PHE C 106 -1.89 -0.10 3.61
N GLY C 107 -1.85 0.28 4.89
CA GLY C 107 -1.76 -0.68 6.00
C GLY C 107 -0.33 -1.03 6.40
N ASN C 108 -0.19 -1.64 7.57
CA ASN C 108 1.13 -2.11 8.03
C ASN C 108 2.23 -1.05 8.05
N ASP C 109 1.89 0.16 8.51
CA ASP C 109 2.90 1.18 8.75
C ASP C 109 3.93 0.73 9.78
N ILE C 110 5.17 1.19 9.59
CA ILE C 110 6.25 0.94 10.51
C ILE C 110 6.42 2.19 11.39
N ASN C 111 5.95 2.09 12.64
CA ASN C 111 5.87 3.26 13.52
C ASN C 111 7.22 3.84 13.93
N SER C 112 8.23 2.98 13.91
CA SER C 112 9.56 3.36 14.38
C SER C 112 10.60 3.00 13.34
N VAL C 113 11.30 4.02 12.84
CA VAL C 113 12.19 3.86 11.70
C VAL C 113 13.60 4.46 11.98
N LEU C 114 14.62 3.94 11.31
CA LEU C 114 15.98 4.48 11.44
C LEU C 114 16.58 5.15 10.18
N PHE C 115 16.91 6.43 10.34
CA PHE C 115 17.60 7.22 9.32
C PHE C 115 19.11 7.20 9.58
N THR C 116 19.89 6.71 8.62
CA THR C 116 21.34 6.63 8.74
C THR C 116 21.95 7.33 7.56
N THR C 117 23.01 8.11 7.79
CA THR C 117 23.77 8.73 6.70
C THR C 117 25.22 8.24 6.69
N GLN C 118 25.81 8.23 5.49
CA GLN C 118 27.23 7.93 5.35
C GLN C 118 27.85 8.93 4.41
N ASN C 119 28.84 9.64 4.92
CA ASN C 119 29.63 10.57 4.10
C ASN C 119 30.71 9.72 3.46
N GLN C 120 30.44 9.20 2.26
CA GLN C 120 31.28 8.15 1.71
C GLN C 120 32.55 8.66 1.02
N THR C 121 32.40 9.71 0.22
CA THR C 121 33.53 10.36 -0.45
C THR C 121 33.19 11.86 -0.51
N PRO C 122 34.16 12.73 -0.88
CA PRO C 122 33.79 14.14 -1.05
C PRO C 122 32.62 14.39 -2.01
N ASN C 123 32.45 13.54 -3.03
CA ASN C 123 31.36 13.67 -4.01
C ASN C 123 30.10 12.83 -3.78
N ARG C 124 30.18 11.83 -2.91
CA ARG C 124 29.08 10.89 -2.75
C ARG C 124 28.54 10.79 -1.34
N PHE C 125 27.27 11.16 -1.22
CA PHE C 125 26.53 11.10 0.03
C PHE C 125 25.52 9.94 -0.07
N ARG C 126 25.39 9.22 1.03
CA ARG C 126 24.41 8.16 1.15
C ARG C 126 23.51 8.35 2.35
N PHE C 127 22.21 8.11 2.17
CA PHE C 127 21.33 7.93 3.32
C PHE C 127 20.39 6.75 3.11
N LYS C 128 20.08 6.05 4.20
CA LYS C 128 19.06 4.99 4.15
C LYS C 128 18.10 5.05 5.30
N ILE C 129 16.87 4.65 5.02
CA ILE C 129 15.82 4.58 6.03
C ILE C 129 15.40 3.12 6.13
N THR C 130 15.62 2.56 7.31
CA THR C 130 15.42 1.13 7.56
C THR C 130 14.56 0.88 8.79
N ASP C 131 14.14 -0.36 8.97
CA ASP C 131 13.37 -0.78 10.12
C ASP C 131 14.33 -1.44 11.11
N PRO C 132 14.55 -0.80 12.27
CA PRO C 132 15.53 -1.34 13.22
C PRO C 132 15.03 -2.57 13.99
N ASN C 133 13.77 -2.95 13.80
CA ASN C 133 13.15 -4.08 14.49
C ASN C 133 12.90 -5.31 13.62
N ASN C 134 13.14 -5.17 12.31
CA ASN C 134 12.97 -6.24 11.33
C ASN C 134 14.01 -6.02 10.24
N ARG C 135 14.80 -7.04 9.90
CA ARG C 135 15.76 -6.93 8.79
C ARG C 135 15.11 -7.01 7.40
N ARG C 136 14.64 -5.86 6.88
CA ARG C 136 14.01 -5.77 5.54
C ARG C 136 14.96 -6.09 4.39
N TYR C 137 14.40 -6.58 3.29
CA TYR C 137 15.19 -6.91 2.11
C TYR C 137 16.02 -5.71 1.67
N GLU C 138 17.31 -5.94 1.39
CA GLU C 138 18.20 -4.96 0.77
C GLU C 138 18.84 -5.64 -0.41
N VAL C 139 19.07 -4.86 -1.48
CA VAL C 139 19.60 -5.39 -2.75
C VAL C 139 21.00 -6.01 -2.54
N PRO C 140 21.15 -7.30 -2.86
CA PRO C 140 22.49 -7.86 -2.70
C PRO C 140 23.36 -7.56 -3.93
N HIS C 141 23.68 -6.29 -4.13
CA HIS C 141 24.50 -5.87 -5.27
C HIS C 141 25.88 -6.49 -5.18
N GLN C 142 26.39 -6.93 -6.32
CA GLN C 142 27.64 -7.67 -6.34
C GLN C 142 28.86 -6.75 -6.52
N TYR C 143 28.61 -5.47 -6.72
CA TYR C 143 29.71 -4.54 -6.80
C TYR C 143 29.74 -3.55 -5.65
N VAL C 144 28.60 -2.94 -5.34
CA VAL C 144 28.54 -1.95 -4.26
C VAL C 144 29.01 -2.50 -2.91
N LYS C 145 30.03 -1.87 -2.35
CA LYS C 145 30.64 -2.33 -1.11
C LYS C 145 29.96 -1.70 0.11
N GLU C 146 30.07 -2.38 1.25
CA GLU C 146 29.63 -1.76 2.50
C GLU C 146 30.64 -0.68 2.89
N PHE C 147 30.15 0.30 3.64
CA PHE C 147 31.00 1.41 4.01
C PHE C 147 31.10 1.47 5.52
N THR C 148 32.32 1.36 6.03
CA THR C 148 32.55 1.44 7.47
C THR C 148 33.49 2.60 7.80
N GLY C 149 34.12 3.16 6.77
CA GLY C 149 35.12 4.21 6.94
C GLY C 149 36.08 4.25 5.76
N PRO C 150 37.06 5.18 5.80
CA PRO C 150 37.38 6.08 6.93
C PRO C 150 36.55 7.36 6.89
N THR C 151 36.69 8.21 7.91
CA THR C 151 36.02 9.52 7.92
C THR C 151 36.53 10.40 6.78
N VAL C 152 35.58 11.03 6.08
CA VAL C 152 35.90 11.99 5.03
C VAL C 152 35.85 13.39 5.63
N SER C 153 36.95 14.12 5.51
CA SER C 153 37.00 15.49 6.01
C SER C 153 36.21 16.49 5.16
N ASP C 154 36.67 16.72 3.94
CA ASP C 154 36.18 17.85 3.14
C ASP C 154 35.15 17.43 2.08
N THR C 155 33.92 17.20 2.51
CA THR C 155 32.85 16.81 1.62
C THR C 155 32.32 18.02 0.84
N LEU C 156 31.83 17.77 -0.37
CA LEU C 156 31.26 18.84 -1.21
C LEU C 156 29.81 19.18 -0.84
N TYR C 157 29.20 18.30 -0.06
CA TYR C 157 27.80 18.41 0.35
C TYR C 157 27.69 18.74 1.82
N ASP C 158 26.58 19.39 2.18
CA ASP C 158 26.16 19.57 3.55
C ASP C 158 24.77 18.94 3.67
N VAL C 159 24.48 18.40 4.85
CA VAL C 159 23.20 17.74 5.09
C VAL C 159 22.50 18.38 6.28
N LYS C 160 21.25 18.78 6.05
CA LYS C 160 20.44 19.42 7.07
C LYS C 160 19.23 18.54 7.35
N VAL C 161 19.00 18.23 8.62
CA VAL C 161 17.88 17.38 9.01
C VAL C 161 16.87 18.14 9.85
N ALA C 162 15.67 18.34 9.31
CA ALA C 162 14.59 18.93 10.09
C ALA C 162 14.01 17.88 11.05
N GLN C 163 13.46 18.35 12.17
CA GLN C 163 13.06 17.49 13.28
C GLN C 163 11.55 17.26 13.36
N ASN C 164 10.76 18.33 13.25
CA ASN C 164 9.29 18.21 13.33
C ASN C 164 8.56 18.92 12.17
N PRO C 165 8.20 18.18 11.10
CA PRO C 165 8.47 16.76 10.87
C PRO C 165 9.86 16.52 10.31
N PHE C 166 10.26 15.26 10.22
CA PHE C 166 11.53 14.87 9.59
C PHE C 166 11.55 15.25 8.13
N SER C 167 12.66 15.84 7.72
CA SER C 167 13.00 15.95 6.33
C SER C 167 14.51 16.14 6.23
N ILE C 168 15.04 15.91 5.04
CA ILE C 168 16.45 16.10 4.75
C ILE C 168 16.63 17.09 3.60
N GLN C 169 17.60 17.98 3.77
CA GLN C 169 18.12 18.80 2.68
C GLN C 169 19.55 18.41 2.40
N VAL C 170 19.81 18.07 1.13
CA VAL C 170 21.19 17.91 0.71
C VAL C 170 21.59 19.17 -0.04
N ILE C 171 22.66 19.81 0.42
CA ILE C 171 23.06 21.13 -0.04
C ILE C 171 24.47 21.09 -0.61
N ARG C 172 24.67 21.80 -1.71
CA ARG C 172 26.01 21.98 -2.26
C ARG C 172 26.72 23.06 -1.47
N LYS C 173 27.84 22.72 -0.83
CA LYS C 173 28.52 23.67 0.06
C LYS C 173 29.07 24.90 -0.63
N SER C 174 29.65 24.71 -1.80
CA SER C 174 30.30 25.82 -2.51
C SER C 174 29.37 27.04 -2.72
N ASN C 175 28.14 26.82 -3.16
CA ASN C 175 27.21 27.94 -3.37
C ASN C 175 25.98 27.94 -2.47
N GLY C 176 25.89 26.97 -1.56
CA GLY C 176 24.76 26.88 -0.63
C GLY C 176 23.43 26.52 -1.28
N LYS C 177 23.49 25.93 -2.49
CA LYS C 177 22.29 25.54 -3.20
C LYS C 177 21.73 24.18 -2.73
N THR C 178 20.44 24.15 -2.39
CA THR C 178 19.77 22.93 -1.97
C THR C 178 19.44 22.07 -3.18
N LEU C 179 19.97 20.85 -3.18
CA LEU C 179 19.91 19.98 -4.34
C LEU C 179 18.75 19.02 -4.23
N PHE C 180 18.48 18.58 -3.01
CA PHE C 180 17.55 17.49 -2.74
C PHE C 180 16.84 17.88 -1.46
N ASP C 181 15.57 18.22 -1.56
CA ASP C 181 14.86 18.74 -0.39
C ASP C 181 13.55 18.00 -0.20
N THR C 182 13.51 17.27 0.91
CA THR C 182 12.50 16.30 1.25
C THR C 182 11.32 16.89 2.05
N SER C 183 11.43 18.16 2.45
CA SER C 183 10.50 18.80 3.38
C SER C 183 9.15 19.05 2.73
N ILE C 184 9.12 18.87 1.42
CA ILE C 184 7.97 19.19 0.63
C ILE C 184 6.83 18.19 0.84
N GLY C 185 7.21 16.96 1.21
CA GLY C 185 6.25 15.88 1.40
C GLY C 185 6.50 15.04 2.64
N PRO C 186 5.57 14.12 2.96
CA PRO C 186 5.78 13.20 4.08
C PRO C 186 6.74 12.07 3.70
N LEU C 187 7.43 11.53 4.70
CA LEU C 187 7.99 10.21 4.56
C LEU C 187 6.87 9.22 4.90
N VAL C 188 6.63 8.28 4.00
CA VAL C 188 5.67 7.21 4.27
C VAL C 188 6.49 5.93 4.25
N TYR C 189 6.28 5.11 5.28
CA TYR C 189 7.08 3.93 5.46
C TYR C 189 6.22 2.81 6.05
N SER C 190 5.78 1.91 5.18
CA SER C 190 4.96 0.77 5.53
C SER C 190 5.49 -0.47 4.79
N ASP C 191 5.05 -1.67 5.18
CA ASP C 191 5.68 -2.91 4.71
C ASP C 191 5.75 -3.06 3.18
N GLN C 192 4.68 -2.64 2.49
CA GLN C 192 4.63 -2.73 1.03
C GLN C 192 4.32 -1.39 0.37
N TYR C 193 4.66 -0.31 1.07
CA TYR C 193 4.56 1.03 0.50
C TYR C 193 5.50 2.05 1.16
N LEU C 194 6.51 2.46 0.40
CA LEU C 194 7.44 3.49 0.83
C LEU C 194 7.25 4.69 -0.09
N GLN C 195 7.25 5.89 0.49
CA GLN C 195 7.12 7.10 -0.28
C GLN C 195 7.98 8.16 0.32
N ILE C 196 8.65 8.90 -0.58
CA ILE C 196 9.46 10.04 -0.22
C ILE C 196 9.50 10.95 -1.45
N SER C 197 9.44 12.27 -1.23
CA SER C 197 9.45 13.24 -2.31
C SER C 197 10.66 14.16 -2.16
N ALA C 198 11.18 14.68 -3.28
CA ALA C 198 12.28 15.64 -3.21
C ALA C 198 12.09 16.78 -4.21
N ARG C 199 12.13 18.00 -3.72
CA ARG C 199 12.19 19.17 -4.61
C ARG C 199 13.63 19.33 -5.11
N LEU C 200 13.76 19.61 -6.40
CA LEU C 200 15.06 19.76 -7.00
C LEU C 200 15.23 21.24 -7.38
N PRO C 201 16.50 21.68 -7.61
CA PRO C 201 16.74 23.11 -7.85
C PRO C 201 16.66 23.58 -9.31
N SER C 202 16.48 22.68 -10.28
CA SER C 202 16.24 23.12 -11.68
C SER C 202 15.21 22.26 -12.40
N ASP C 203 14.78 22.74 -13.57
CA ASP C 203 13.75 22.08 -14.39
C ASP C 203 14.30 21.04 -15.35
N TYR C 204 15.56 20.68 -15.20
CA TYR C 204 16.28 19.89 -16.21
C TYR C 204 16.81 18.57 -15.65
N ILE C 205 16.06 17.52 -15.97
CA ILE C 205 16.23 16.18 -15.43
C ILE C 205 16.36 15.17 -16.58
N TYR C 206 17.28 14.21 -16.41
CA TYR C 206 17.66 13.22 -17.42
C TYR C 206 17.85 11.87 -16.73
N GLY C 207 17.34 10.79 -17.30
CA GLY C 207 17.57 9.44 -16.74
C GLY C 207 16.28 8.70 -16.44
N ILE C 208 16.36 7.70 -15.55
CA ILE C 208 15.25 6.80 -15.23
C ILE C 208 14.99 5.84 -16.41
N GLY C 209 14.79 4.57 -16.11
CA GLY C 209 14.63 3.59 -17.17
C GLY C 209 14.22 2.25 -16.60
N GLU C 210 13.85 1.31 -17.45
CA GLU C 210 13.84 1.49 -18.90
C GLU C 210 12.41 1.70 -19.39
N GLN C 211 12.18 2.85 -20.03
CA GLN C 211 10.91 3.20 -20.67
C GLN C 211 11.25 3.96 -21.95
N VAL C 212 10.25 4.22 -22.78
CA VAL C 212 10.39 5.14 -23.94
C VAL C 212 10.05 6.53 -23.51
N HIS C 213 11.06 7.37 -23.35
CA HIS C 213 10.80 8.75 -22.97
C HIS C 213 10.53 9.65 -24.17
N LYS C 214 11.05 9.25 -25.34
CA LYS C 214 10.95 10.04 -26.59
C LYS C 214 11.82 11.30 -26.59
N ARG C 215 11.84 12.04 -25.49
CA ARG C 215 12.66 13.23 -25.32
C ARG C 215 13.63 12.98 -24.17
N PHE C 216 14.89 13.37 -24.36
CA PHE C 216 15.94 13.17 -23.39
C PHE C 216 15.71 14.01 -22.12
N ARG C 217 15.44 15.31 -22.28
CA ARG C 217 15.08 16.16 -21.16
C ARG C 217 13.66 15.84 -20.67
N HIS C 218 13.52 15.54 -19.38
CA HIS C 218 12.20 15.13 -18.87
C HIS C 218 11.06 16.16 -18.99
N ASP C 219 9.90 15.66 -19.40
CA ASP C 219 8.67 16.43 -19.33
C ASP C 219 8.28 16.44 -17.83
N LEU C 220 7.95 17.61 -17.31
CA LEU C 220 7.72 17.76 -15.88
C LEU C 220 6.26 17.71 -15.52
N SER C 221 5.40 17.56 -16.52
CA SER C 221 4.01 17.86 -16.28
C SER C 221 3.24 16.64 -15.76
N TRP C 222 3.49 16.27 -14.50
CA TRP C 222 2.74 15.22 -13.79
C TRP C 222 2.83 13.84 -14.49
N LYS C 223 4.07 13.40 -14.68
CA LYS C 223 4.39 12.16 -15.40
C LYS C 223 4.78 11.00 -14.47
N THR C 224 4.29 9.81 -14.81
CA THR C 224 4.56 8.58 -14.04
C THR C 224 5.44 7.63 -14.84
N TRP C 225 6.54 7.19 -14.23
CA TRP C 225 7.45 6.24 -14.85
C TRP C 225 7.56 5.05 -13.91
N PRO C 226 6.93 3.92 -14.28
CA PRO C 226 6.97 2.70 -13.48
C PRO C 226 8.23 1.91 -13.85
N ILE C 227 8.81 1.20 -12.87
CA ILE C 227 10.06 0.50 -13.06
C ILE C 227 9.89 -0.87 -12.45
N PHE C 228 10.09 -1.91 -13.28
CA PHE C 228 9.96 -3.31 -12.92
C PHE C 228 10.21 -4.09 -14.19
N THR C 229 11.29 -4.87 -14.22
CA THR C 229 11.72 -5.48 -15.47
C THR C 229 10.56 -6.23 -16.11
N ARG C 230 10.38 -6.00 -17.42
CA ARG C 230 9.24 -6.54 -18.11
C ARG C 230 9.58 -6.72 -19.58
N ASP C 231 9.24 -7.90 -20.09
CA ASP C 231 9.26 -8.18 -21.52
C ASP C 231 8.04 -7.52 -22.16
N GLN C 232 8.28 -6.42 -22.88
CA GLN C 232 7.24 -5.70 -23.63
C GLN C 232 7.91 -4.89 -24.74
N LEU C 233 7.32 -4.95 -25.95
CA LEU C 233 7.76 -4.11 -27.07
C LEU C 233 7.71 -2.62 -26.71
N PRO C 234 8.83 -1.90 -26.88
CA PRO C 234 8.81 -0.45 -26.73
C PRO C 234 7.73 0.17 -27.63
N GLY C 235 6.98 1.12 -27.10
CA GLY C 235 5.89 1.76 -27.85
C GLY C 235 5.69 3.16 -27.30
N ASP C 236 4.62 3.82 -27.74
CA ASP C 236 4.38 5.21 -27.41
C ASP C 236 3.53 5.27 -26.15
N ASN C 237 4.15 5.03 -25.00
CA ASN C 237 3.45 4.90 -23.72
C ASN C 237 4.49 4.91 -22.62
N ASN C 238 4.02 4.94 -21.37
CA ASN C 238 4.96 4.93 -20.23
C ASN C 238 5.27 3.54 -19.65
N ASN C 239 4.99 2.47 -20.40
CA ASN C 239 5.28 1.12 -19.90
C ASN C 239 6.68 0.91 -19.32
N ASN C 240 6.74 0.18 -18.21
CA ASN C 240 7.99 -0.39 -17.72
C ASN C 240 8.48 -1.45 -18.71
N LEU C 241 9.77 -1.39 -19.03
CA LEU C 241 10.33 -2.27 -20.03
C LEU C 241 11.43 -3.10 -19.39
N TYR C 242 12.44 -3.47 -20.18
CA TYR C 242 13.33 -4.58 -19.85
C TYR C 242 14.22 -4.38 -18.64
N GLY C 243 14.65 -3.14 -18.42
CA GLY C 243 15.61 -2.79 -17.37
C GLY C 243 15.03 -2.01 -16.20
N HIS C 244 15.74 -2.05 -15.08
CA HIS C 244 15.38 -1.39 -13.83
C HIS C 244 16.47 -0.39 -13.48
N GLN C 245 16.26 0.87 -13.88
CA GLN C 245 17.28 1.89 -13.75
C GLN C 245 16.70 3.12 -13.07
N THR C 246 17.01 3.29 -11.77
CA THR C 246 16.45 4.40 -10.99
C THR C 246 17.21 5.73 -11.13
N PHE C 247 18.47 5.67 -11.58
CA PHE C 247 19.36 6.85 -11.67
C PHE C 247 18.81 7.98 -12.56
N PHE C 248 18.89 9.19 -12.04
CA PHE C 248 18.65 10.36 -12.82
C PHE C 248 19.62 11.44 -12.39
N MET C 249 19.80 12.39 -13.29
CA MET C 249 20.75 13.47 -13.13
C MET C 249 20.03 14.81 -13.37
N CYS C 250 20.56 15.87 -12.77
CA CYS C 250 20.00 17.21 -12.91
C CYS C 250 21.16 18.20 -13.12
N ILE C 251 21.06 19.07 -14.14
CA ILE C 251 22.01 20.18 -14.28
C ILE C 251 21.41 21.41 -13.57
N GLU C 252 22.21 22.02 -12.69
CA GLU C 252 21.76 23.08 -11.78
C GLU C 252 21.79 24.43 -12.48
N ASP C 253 22.76 24.62 -13.37
CA ASP C 253 22.87 25.86 -14.16
C ASP C 253 24.03 25.82 -15.17
N THR C 254 24.28 26.94 -15.84
CA THR C 254 25.24 26.99 -16.94
C THR C 254 26.71 26.83 -16.54
N SER C 255 26.99 26.90 -15.23
CA SER C 255 28.33 26.60 -14.73
C SER C 255 28.67 25.13 -15.02
N GLY C 256 27.63 24.33 -15.27
CA GLY C 256 27.81 22.89 -15.44
C GLY C 256 27.61 22.06 -14.19
N LYS C 257 27.56 22.70 -13.02
CA LYS C 257 27.35 21.98 -11.76
C LYS C 257 26.07 21.16 -11.82
N SER C 258 26.21 19.88 -11.48
CA SER C 258 25.15 18.87 -11.60
C SER C 258 25.20 17.87 -10.46
N PHE C 259 24.11 17.12 -10.29
CA PHE C 259 24.08 16.03 -9.32
C PHE C 259 23.19 14.93 -9.88
N GLY C 260 23.38 13.73 -9.31
CA GLY C 260 22.57 12.58 -9.61
C GLY C 260 22.00 11.97 -8.34
N VAL C 261 20.86 11.32 -8.51
CA VAL C 261 20.15 10.66 -7.42
C VAL C 261 19.94 9.23 -7.86
N PHE C 262 20.43 8.31 -7.05
CA PHE C 262 20.30 6.89 -7.31
C PHE C 262 19.65 6.17 -6.11
N LEU C 263 18.52 5.52 -6.38
CA LEU C 263 17.87 4.68 -5.38
C LEU C 263 18.25 3.21 -5.59
N MET C 264 18.88 2.63 -4.57
CA MET C 264 19.27 1.23 -4.59
C MET C 264 18.14 0.41 -4.02
N ASN C 265 17.23 0.04 -4.90
CA ASN C 265 16.03 -0.71 -4.56
C ASN C 265 15.58 -1.40 -5.83
N SER C 266 15.27 -2.69 -5.72
CA SER C 266 14.93 -3.51 -6.89
C SER C 266 13.45 -3.91 -6.90
N ASN C 267 12.67 -3.38 -5.98
CA ASN C 267 11.25 -3.69 -5.95
C ASN C 267 10.54 -2.89 -7.02
N ALA C 268 9.33 -3.35 -7.37
CA ALA C 268 8.46 -2.61 -8.27
C ALA C 268 8.19 -1.24 -7.67
N MET C 269 8.19 -0.22 -8.51
CA MET C 269 8.03 1.16 -8.04
C MET C 269 7.58 2.03 -9.18
N GLU C 270 7.16 3.26 -8.82
CA GLU C 270 6.86 4.39 -9.72
C GLU C 270 7.72 5.55 -9.31
N ILE C 271 8.22 6.30 -10.28
CA ILE C 271 8.78 7.61 -10.03
C ILE C 271 7.83 8.60 -10.69
N PHE C 272 7.40 9.60 -9.91
CA PHE C 272 6.44 10.56 -10.37
C PHE C 272 7.11 11.91 -10.39
N ILE C 273 6.95 12.63 -11.50
CA ILE C 273 7.56 13.96 -11.63
C ILE C 273 6.50 15.03 -11.84
N GLN C 274 6.54 16.09 -11.03
CA GLN C 274 5.59 17.20 -11.17
C GLN C 274 6.33 18.53 -11.27
N PRO C 275 5.65 19.60 -11.74
CA PRO C 275 6.35 20.87 -11.82
C PRO C 275 6.87 21.38 -10.46
N THR C 276 7.98 22.13 -10.53
CA THR C 276 8.71 22.77 -9.43
C THR C 276 10.20 22.66 -9.72
N PRO C 277 10.73 21.46 -9.99
CA PRO C 277 10.15 20.11 -9.99
C PRO C 277 10.25 19.39 -8.65
N ILE C 278 9.33 18.46 -8.45
CA ILE C 278 9.32 17.53 -7.31
C ILE C 278 9.24 16.13 -7.88
N VAL C 279 10.12 15.26 -7.42
CA VAL C 279 10.11 13.85 -7.81
C VAL C 279 9.63 13.04 -6.59
N THR C 280 8.62 12.18 -6.79
CA THR C 280 8.13 11.34 -5.69
C THR C 280 8.37 9.89 -6.07
N TYR C 281 8.95 9.17 -5.13
CA TYR C 281 9.13 7.74 -5.25
C TYR C 281 8.01 7.01 -4.53
N ARG C 282 7.41 6.04 -5.21
CA ARG C 282 6.40 5.18 -4.60
C ARG C 282 6.88 3.75 -4.84
N VAL C 283 7.24 3.05 -3.76
CA VAL C 283 7.99 1.80 -3.85
C VAL C 283 7.23 0.68 -3.11
N THR C 284 7.28 -0.55 -3.63
CA THR C 284 6.42 -1.62 -3.08
C THR C 284 7.08 -2.48 -2.00
N GLY C 285 8.28 -2.12 -1.54
CA GLY C 285 8.96 -2.94 -0.54
C GLY C 285 10.41 -2.55 -0.43
N GLY C 286 11.20 -3.40 0.22
CA GLY C 286 12.61 -3.12 0.43
C GLY C 286 12.77 -1.92 1.34
N ILE C 287 13.85 -1.18 1.16
CA ILE C 287 14.15 0.02 1.96
C ILE C 287 14.42 1.26 1.07
N LEU C 288 14.47 2.44 1.70
CA LEU C 288 14.91 3.63 0.98
C LEU C 288 16.41 3.73 1.18
N ASP C 289 17.16 3.58 0.08
CA ASP C 289 18.62 3.55 0.12
C ASP C 289 19.13 4.46 -1.00
N PHE C 290 19.43 5.71 -0.64
CA PHE C 290 19.71 6.76 -1.63
C PHE C 290 21.17 7.20 -1.64
N TYR C 291 21.69 7.42 -2.84
CA TYR C 291 22.97 8.07 -3.01
C TYR C 291 22.76 9.35 -3.79
N ILE C 292 23.40 10.42 -3.34
CA ILE C 292 23.39 11.69 -4.01
C ILE C 292 24.81 11.99 -4.41
N LEU C 293 24.99 12.25 -5.70
CA LEU C 293 26.31 12.31 -6.30
C LEU C 293 26.53 13.71 -6.87
N LEU C 294 27.57 14.39 -6.39
CA LEU C 294 27.85 15.76 -6.82
C LEU C 294 28.93 15.77 -7.88
N GLY C 295 28.69 16.55 -8.93
CA GLY C 295 29.68 16.76 -10.00
C GLY C 295 29.85 18.21 -10.41
N ASP C 296 30.99 18.53 -10.99
CA ASP C 296 31.25 19.86 -11.53
C ASP C 296 30.67 19.98 -12.93
N THR C 297 30.43 18.84 -13.57
CA THR C 297 29.89 18.80 -14.92
C THR C 297 28.92 17.63 -15.00
N PRO C 298 28.03 17.63 -16.03
CA PRO C 298 27.20 16.44 -16.27
C PRO C 298 28.02 15.16 -16.35
N GLU C 299 29.17 15.21 -17.00
CA GLU C 299 30.00 14.04 -17.14
C GLU C 299 30.55 13.56 -15.78
N GLN C 300 30.95 14.49 -14.92
CA GLN C 300 31.46 14.12 -13.62
C GLN C 300 30.42 13.34 -12.82
N VAL C 301 29.13 13.73 -12.91
CA VAL C 301 28.05 13.02 -12.22
C VAL C 301 27.94 11.54 -12.65
N VAL C 302 27.94 11.34 -13.97
CA VAL C 302 27.90 10.01 -14.60
C VAL C 302 29.10 9.14 -14.18
N GLN C 303 30.29 9.73 -14.21
CA GLN C 303 31.50 9.09 -13.68
C GLN C 303 31.35 8.68 -12.20
N GLN C 304 30.79 9.57 -11.39
CA GLN C 304 30.60 9.30 -9.98
C GLN C 304 29.64 8.12 -9.79
N TYR C 305 28.59 8.08 -10.61
CA TYR C 305 27.63 6.99 -10.59
C TYR C 305 28.29 5.66 -10.88
N GLN C 306 29.12 5.63 -11.92
CA GLN C 306 29.80 4.42 -12.32
C GLN C 306 30.87 3.99 -11.32
N GLN C 307 31.51 4.95 -10.67
CA GLN C 307 32.43 4.64 -9.60
C GLN C 307 31.72 3.91 -8.47
N LEU C 308 30.45 4.25 -8.23
CA LEU C 308 29.62 3.57 -7.21
C LEU C 308 29.16 2.16 -7.62
N VAL C 309 28.48 2.04 -8.76
CA VAL C 309 27.84 0.77 -9.15
C VAL C 309 28.74 -0.19 -9.94
N GLY C 310 29.84 0.33 -10.47
CA GLY C 310 30.78 -0.47 -11.23
C GLY C 310 31.06 0.16 -12.56
N LEU C 311 32.34 0.31 -12.88
CA LEU C 311 32.77 0.86 -14.17
C LEU C 311 32.49 -0.15 -15.27
N PRO C 312 32.16 0.31 -16.50
CA PRO C 312 31.71 -0.66 -17.52
C PRO C 312 32.81 -1.57 -18.05
N ALA C 313 32.41 -2.73 -18.54
CA ALA C 313 33.33 -3.69 -19.12
C ALA C 313 33.98 -3.12 -20.38
N MET C 314 35.20 -3.46 -20.55
CA MET C 314 35.91 -3.10 -21.75
C MET C 314 35.49 -4.11 -22.82
N PRO C 315 34.99 -3.68 -24.00
CA PRO C 315 34.57 -4.62 -25.05
C PRO C 315 35.78 -5.15 -25.80
N ALA C 316 35.63 -6.32 -26.43
CA ALA C 316 36.61 -6.75 -27.43
C ALA C 316 36.45 -5.80 -28.61
N TYR C 317 37.53 -5.57 -29.32
CA TYR C 317 37.54 -4.65 -30.46
C TYR C 317 36.49 -5.06 -31.49
N TRP C 318 36.34 -6.37 -31.67
CA TRP C 318 35.38 -6.93 -32.63
C TRP C 318 33.91 -6.75 -32.26
N ASN C 319 33.62 -6.52 -30.97
CA ASN C 319 32.27 -6.18 -30.55
C ASN C 319 31.74 -4.92 -31.20
N LEU C 320 32.65 -4.12 -31.74
CA LEU C 320 32.36 -2.79 -32.30
C LEU C 320 32.18 -2.83 -33.83
N GLY C 321 32.47 -3.98 -34.45
CA GLY C 321 32.14 -4.22 -35.84
C GLY C 321 30.65 -4.45 -36.04
N PHE C 322 30.15 -4.13 -37.24
CA PHE C 322 28.74 -4.31 -37.59
C PHE C 322 28.27 -5.79 -37.53
N GLN C 323 27.05 -5.99 -37.03
CA GLN C 323 26.48 -7.33 -36.84
C GLN C 323 25.24 -7.51 -37.69
N LEU C 324 25.10 -8.69 -38.29
CA LEU C 324 23.89 -9.06 -39.00
C LEU C 324 23.13 -10.16 -38.28
N SER C 325 21.83 -9.96 -38.15
CA SER C 325 20.98 -10.85 -37.38
C SER C 325 19.54 -10.75 -37.88
N ARG C 326 18.75 -11.80 -37.63
CA ARG C 326 17.31 -11.75 -37.75
C ARG C 326 16.70 -12.94 -37.02
N TRP C 327 15.49 -12.76 -36.52
CA TRP C 327 14.69 -13.85 -35.98
C TRP C 327 14.17 -14.64 -37.16
N ASN C 328 14.56 -15.91 -37.21
CA ASN C 328 14.07 -16.86 -38.19
C ASN C 328 14.58 -16.68 -39.62
N TYR C 329 15.87 -16.93 -39.83
CA TYR C 329 16.42 -17.13 -41.16
C TYR C 329 15.83 -18.40 -41.74
N LYS C 330 15.46 -19.32 -40.83
CA LYS C 330 14.76 -20.60 -41.12
C LYS C 330 15.69 -21.79 -41.32
N SER C 331 16.79 -21.57 -42.03
CA SER C 331 17.78 -22.61 -42.28
C SER C 331 19.16 -22.00 -42.46
N LEU C 332 20.19 -22.83 -42.29
CA LEU C 332 21.57 -22.42 -42.52
C LEU C 332 21.81 -21.95 -43.95
N ASP C 333 21.05 -22.50 -44.90
CA ASP C 333 21.11 -22.10 -46.30
C ASP C 333 20.77 -20.63 -46.52
N VAL C 334 19.76 -20.15 -45.81
CA VAL C 334 19.38 -18.74 -45.87
C VAL C 334 20.45 -17.89 -45.20
N VAL C 335 20.92 -18.34 -44.03
CA VAL C 335 21.98 -17.62 -43.29
C VAL C 335 23.23 -17.47 -44.17
N LYS C 336 23.58 -18.55 -44.89
CA LYS C 336 24.72 -18.55 -45.83
C LYS C 336 24.53 -17.58 -46.99
N GLU C 337 23.33 -17.53 -47.57
CA GLU C 337 23.02 -16.61 -48.69
C GLU C 337 22.99 -15.14 -48.25
N VAL C 338 22.54 -14.88 -47.02
CA VAL C 338 22.61 -13.53 -46.46
C VAL C 338 24.06 -13.11 -46.26
N VAL C 339 24.86 -14.00 -45.69
CA VAL C 339 26.28 -13.76 -45.48
C VAL C 339 27.00 -13.51 -46.81
N ARG C 340 26.77 -14.38 -47.79
CA ARG C 340 27.48 -14.20 -49.06
C ARG C 340 27.07 -12.94 -49.82
N ARG C 341 25.80 -12.55 -49.77
CA ARG C 341 25.38 -11.39 -50.57
C ARG C 341 25.92 -10.09 -49.96
N ASN C 342 25.99 -10.05 -48.63
CA ASN C 342 26.60 -8.91 -47.95
C ASN C 342 28.12 -8.87 -48.07
N ARG C 343 28.79 -10.02 -47.98
CA ARG C 343 30.22 -10.10 -48.32
C ARG C 343 30.48 -9.60 -49.72
N GLU C 344 29.62 -9.99 -50.66
CA GLU C 344 29.82 -9.67 -52.08
C GLU C 344 29.56 -8.19 -52.36
N ALA C 345 28.69 -7.59 -51.57
CA ALA C 345 28.38 -6.17 -51.71
C ALA C 345 29.41 -5.29 -51.00
N GLY C 346 30.42 -5.92 -50.41
CA GLY C 346 31.50 -5.21 -49.70
C GLY C 346 31.05 -4.55 -48.41
N ILE C 347 29.89 -4.94 -47.89
CA ILE C 347 29.40 -4.41 -46.61
C ILE C 347 30.30 -4.88 -45.47
N PRO C 348 30.93 -3.95 -44.72
CA PRO C 348 31.70 -4.32 -43.55
C PRO C 348 30.78 -4.92 -42.49
N PHE C 349 31.13 -6.11 -42.01
CA PHE C 349 30.44 -6.72 -40.86
C PHE C 349 31.28 -7.80 -40.25
N ASP C 350 31.41 -7.75 -38.93
CA ASP C 350 32.28 -8.68 -38.23
C ASP C 350 31.58 -9.96 -37.86
N THR C 351 30.30 -9.86 -37.54
CA THR C 351 29.62 -10.94 -36.87
C THR C 351 28.30 -11.32 -37.52
N GLN C 352 28.07 -12.62 -37.60
CA GLN C 352 26.78 -13.17 -37.95
C GLN C 352 26.16 -13.69 -36.67
N VAL C 353 24.88 -13.40 -36.51
CA VAL C 353 24.15 -13.79 -35.32
C VAL C 353 23.07 -14.75 -35.78
N THR C 354 22.79 -15.76 -34.97
CA THR C 354 21.66 -16.64 -35.22
C THR C 354 20.74 -16.63 -34.00
N ASP C 355 19.47 -16.33 -34.26
CA ASP C 355 18.40 -16.35 -33.26
C ASP C 355 17.94 -17.80 -32.97
N ILE C 356 16.80 -17.96 -32.29
CA ILE C 356 16.38 -19.25 -31.70
C ILE C 356 16.17 -20.40 -32.71
N ASP C 357 16.16 -20.07 -34.01
CA ASP C 357 15.93 -21.06 -35.06
C ASP C 357 17.13 -21.99 -35.31
N TYR C 358 18.30 -21.64 -34.78
CA TYR C 358 19.48 -22.50 -34.94
C TYR C 358 19.36 -23.74 -34.05
N MET C 359 18.61 -23.60 -32.96
CA MET C 359 18.43 -24.64 -31.94
C MET C 359 17.50 -25.75 -32.43
N GLU C 360 17.63 -26.93 -31.84
CA GLU C 360 16.65 -27.99 -32.04
C GLU C 360 15.43 -27.72 -31.15
N ASP C 361 14.32 -27.35 -31.78
CA ASP C 361 13.05 -27.06 -31.11
C ASP C 361 13.16 -25.99 -30.04
N LYS C 362 13.98 -24.97 -30.32
CA LYS C 362 14.15 -23.80 -29.47
C LYS C 362 14.70 -24.15 -28.06
N LYS C 363 15.46 -25.23 -27.99
CA LYS C 363 16.15 -25.64 -26.77
C LYS C 363 17.62 -25.17 -26.78
N ASP C 364 18.02 -24.50 -25.69
CA ASP C 364 19.41 -24.09 -25.46
C ASP C 364 20.35 -25.28 -25.58
N PHE C 365 21.55 -25.04 -26.12
CA PHE C 365 22.64 -26.02 -26.12
C PHE C 365 22.37 -27.23 -27.04
N THR C 366 21.66 -26.95 -28.13
CA THR C 366 21.34 -27.90 -29.18
C THR C 366 21.43 -27.10 -30.45
N TYR C 367 21.61 -27.78 -31.59
CA TYR C 367 21.29 -27.12 -32.86
C TYR C 367 20.40 -28.02 -33.72
N ASP C 368 19.61 -27.41 -34.61
CA ASP C 368 18.72 -28.15 -35.50
C ASP C 368 19.57 -28.90 -36.52
N GLN C 369 19.75 -30.20 -36.30
CA GLN C 369 20.64 -31.00 -37.12
C GLN C 369 20.09 -31.31 -38.51
N VAL C 370 18.85 -30.84 -38.77
CA VAL C 370 18.24 -30.85 -40.10
C VAL C 370 18.37 -29.47 -40.78
N ALA C 371 17.69 -28.46 -40.23
CA ALA C 371 17.63 -27.13 -40.83
C ALA C 371 18.96 -26.39 -40.77
N PHE C 372 19.78 -26.73 -39.79
CA PHE C 372 21.08 -26.12 -39.60
C PHE C 372 22.14 -27.22 -39.60
N ASN C 373 21.96 -28.18 -40.50
CA ASN C 373 22.91 -29.25 -40.74
C ASN C 373 24.21 -28.66 -41.29
N GLY C 374 25.33 -29.08 -40.71
CA GLY C 374 26.63 -28.54 -41.06
C GLY C 374 26.89 -27.16 -40.49
N LEU C 375 26.27 -26.85 -39.35
CA LEU C 375 26.53 -25.60 -38.62
C LEU C 375 28.01 -25.42 -38.24
N PRO C 376 28.65 -26.45 -37.62
CA PRO C 376 30.07 -26.35 -37.28
C PRO C 376 30.98 -25.97 -38.44
N GLN C 377 30.68 -26.45 -39.64
CA GLN C 377 31.51 -26.14 -40.82
C GLN C 377 31.29 -24.68 -41.30
N PHE C 378 30.07 -24.19 -41.12
CA PHE C 378 29.76 -22.81 -41.43
C PHE C 378 30.51 -21.83 -40.51
N VAL C 379 30.61 -22.19 -39.23
CA VAL C 379 31.34 -21.38 -38.26
C VAL C 379 32.83 -21.34 -38.64
N GLN C 380 33.34 -22.48 -39.09
CA GLN C 380 34.70 -22.54 -39.60
C GLN C 380 34.88 -21.53 -40.75
N ASP C 381 33.92 -21.48 -41.66
CA ASP C 381 33.94 -20.55 -42.80
C ASP C 381 33.88 -19.07 -42.41
N LEU C 382 33.14 -18.76 -41.35
CA LEU C 382 33.09 -17.40 -40.82
C LEU C 382 34.48 -17.04 -40.33
N HIS C 383 35.06 -17.93 -39.52
CA HIS C 383 36.37 -17.70 -38.94
C HIS C 383 37.46 -17.54 -40.00
N ASP C 384 37.34 -18.32 -41.08
CA ASP C 384 38.23 -18.25 -42.26
C ASP C 384 38.22 -16.89 -42.92
N HIS C 385 37.15 -16.11 -42.68
CA HIS C 385 36.99 -14.77 -43.25
C HIS C 385 37.21 -13.70 -42.19
N GLY C 386 37.75 -14.12 -41.05
CA GLY C 386 38.03 -13.22 -39.93
C GLY C 386 36.78 -12.70 -39.26
N GLN C 387 35.69 -13.45 -39.37
CA GLN C 387 34.41 -13.07 -38.83
C GLN C 387 34.04 -13.90 -37.60
N LYS C 388 32.99 -13.45 -36.90
CA LYS C 388 32.60 -14.07 -35.63
C LYS C 388 31.17 -14.61 -35.66
N TYR C 389 30.88 -15.52 -34.73
CA TYR C 389 29.57 -16.14 -34.60
C TYR C 389 28.99 -15.89 -33.21
N VAL C 390 27.84 -15.21 -33.16
CA VAL C 390 27.17 -14.93 -31.89
C VAL C 390 25.85 -15.68 -31.85
N ILE C 391 25.65 -16.43 -30.76
CA ILE C 391 24.42 -17.22 -30.59
C ILE C 391 23.57 -16.67 -29.48
N ILE C 392 22.27 -16.87 -29.59
CA ILE C 392 21.34 -16.50 -28.53
C ILE C 392 21.20 -17.68 -27.55
N LEU C 393 20.98 -17.35 -26.27
CA LEU C 393 20.69 -18.34 -25.22
C LEU C 393 19.62 -17.73 -24.34
N ASP C 394 18.58 -18.50 -24.02
CA ASP C 394 17.53 -18.02 -23.12
C ASP C 394 17.72 -18.63 -21.71
N PRO C 395 17.19 -17.98 -20.65
CA PRO C 395 17.36 -18.58 -19.34
C PRO C 395 16.61 -19.90 -19.19
N ALA C 396 15.36 -19.92 -19.62
CA ALA C 396 14.47 -21.03 -19.37
C ALA C 396 14.84 -22.29 -20.14
N ILE C 397 14.74 -23.43 -19.44
CA ILE C 397 15.15 -24.72 -19.93
C ILE C 397 13.94 -25.62 -20.05
N SER C 398 13.82 -26.25 -21.22
CA SER C 398 12.79 -27.24 -21.49
C SER C 398 12.80 -28.44 -20.51
N ILE C 399 11.60 -28.84 -20.09
CA ILE C 399 11.39 -30.04 -19.27
C ILE C 399 11.13 -31.28 -20.12
N GLY C 400 11.13 -31.11 -21.44
CA GLY C 400 10.93 -32.20 -22.39
C GLY C 400 12.18 -32.97 -22.78
N ARG C 401 12.03 -33.81 -23.81
CA ARG C 401 13.11 -34.67 -24.32
C ARG C 401 13.59 -34.16 -25.68
N ARG C 402 14.73 -34.68 -26.15
CA ARG C 402 15.28 -34.33 -27.46
C ARG C 402 14.39 -34.85 -28.59
N ALA C 403 14.59 -34.33 -29.80
CA ALA C 403 13.81 -34.74 -30.96
C ALA C 403 14.06 -36.21 -31.32
N ASN C 404 15.26 -36.69 -30.97
CA ASN C 404 15.66 -38.11 -30.97
C ASN C 404 14.78 -38.99 -30.10
N GLY C 405 14.26 -38.42 -29.01
CA GLY C 405 13.62 -39.21 -27.96
C GLY C 405 14.54 -39.40 -26.77
N THR C 406 15.83 -39.14 -26.97
CA THR C 406 16.82 -39.20 -25.89
C THR C 406 16.63 -38.03 -24.92
N THR C 407 17.11 -38.18 -23.69
CA THR C 407 16.95 -37.14 -22.65
C THR C 407 17.76 -35.89 -22.95
N TYR C 408 17.16 -34.73 -22.68
CA TYR C 408 17.82 -33.41 -22.78
C TYR C 408 18.78 -33.27 -21.60
N ALA C 409 20.08 -33.38 -21.86
CA ALA C 409 21.09 -33.44 -20.80
C ALA C 409 21.19 -32.17 -19.93
N THR C 410 21.06 -31.00 -20.56
CA THR C 410 20.95 -29.71 -19.85
C THR C 410 19.90 -29.71 -18.73
N TYR C 411 18.71 -30.23 -19.05
CA TYR C 411 17.66 -30.42 -18.05
C TYR C 411 18.10 -31.40 -16.96
N GLU C 412 18.57 -32.58 -17.37
CA GLU C 412 18.99 -33.64 -16.44
C GLU C 412 20.10 -33.18 -15.49
N ARG C 413 21.12 -32.54 -16.06
CA ARG C 413 22.25 -32.05 -15.27
C ARG C 413 21.84 -30.90 -14.33
N GLY C 414 20.92 -30.08 -14.80
CA GLY C 414 20.30 -29.06 -13.96
C GLY C 414 19.53 -29.63 -12.77
N ASN C 415 18.81 -30.72 -13.01
CA ASN C 415 18.07 -31.43 -11.96
C ASN C 415 19.00 -32.00 -10.89
N THR C 416 20.07 -32.65 -11.34
CA THR C 416 21.08 -33.25 -10.48
C THR C 416 21.70 -32.21 -9.55
N GLN C 417 21.97 -31.01 -10.08
CA GLN C 417 22.62 -29.96 -9.30
C GLN C 417 21.65 -29.01 -8.56
N HIS C 418 20.35 -29.31 -8.66
CA HIS C 418 19.27 -28.57 -7.99
C HIS C 418 19.36 -27.05 -8.23
N VAL C 419 19.44 -26.68 -9.51
CA VAL C 419 19.75 -25.30 -9.90
C VAL C 419 18.55 -24.40 -10.16
N TRP C 420 17.34 -24.94 -9.98
CA TRP C 420 16.11 -24.23 -10.41
C TRP C 420 15.50 -23.32 -9.36
N ILE C 421 14.84 -22.25 -9.81
CA ILE C 421 13.95 -21.47 -8.96
C ILE C 421 12.77 -22.34 -8.48
N ASN C 422 12.44 -22.26 -7.19
CA ASN C 422 11.35 -23.06 -6.63
C ASN C 422 10.11 -22.24 -6.33
N GLU C 423 8.96 -22.92 -6.29
CA GLU C 423 7.72 -22.37 -5.72
C GLU C 423 7.96 -21.96 -4.27
N SER C 424 6.97 -21.29 -3.68
CA SER C 424 7.05 -20.83 -2.28
C SER C 424 7.40 -21.94 -1.25
N ASP C 425 7.07 -23.19 -1.56
CA ASP C 425 7.39 -24.33 -0.65
C ASP C 425 8.90 -24.59 -0.48
N GLY C 426 9.71 -23.93 -1.30
CA GLY C 426 11.16 -24.09 -1.27
C GLY C 426 11.75 -25.38 -1.83
N SER C 427 10.93 -26.20 -2.51
CA SER C 427 11.42 -27.47 -3.07
C SER C 427 10.93 -27.87 -4.47
N THR C 428 9.72 -27.45 -4.84
CA THR C 428 9.17 -27.79 -6.17
C THR C 428 9.64 -26.76 -7.20
N PRO C 429 10.34 -27.20 -8.26
CA PRO C 429 10.72 -26.20 -9.29
C PRO C 429 9.49 -25.60 -9.98
N ILE C 430 9.43 -24.29 -10.03
CA ILE C 430 8.34 -23.59 -10.69
C ILE C 430 8.44 -23.77 -12.22
N ILE C 431 7.30 -23.98 -12.85
CA ILE C 431 7.25 -24.26 -14.29
C ILE C 431 6.55 -23.11 -14.99
N GLY C 432 7.23 -22.51 -15.96
CA GLY C 432 6.59 -21.54 -16.83
C GLY C 432 6.59 -22.06 -18.25
N GLU C 433 6.55 -21.12 -19.20
CA GLU C 433 6.53 -21.42 -20.62
C GLU C 433 7.26 -20.36 -21.41
N VAL C 434 8.19 -20.79 -22.25
CA VAL C 434 8.83 -19.87 -23.20
C VAL C 434 8.89 -20.58 -24.58
N TRP C 435 9.93 -20.31 -25.37
CA TRP C 435 9.99 -20.79 -26.76
C TRP C 435 9.93 -22.31 -26.97
N PRO C 436 10.64 -23.10 -26.12
CA PRO C 436 10.56 -24.54 -26.37
C PRO C 436 9.30 -25.18 -25.79
N GLY C 437 8.45 -24.38 -25.15
CA GLY C 437 7.30 -24.91 -24.40
C GLY C 437 7.51 -24.76 -22.90
N LEU C 438 6.95 -25.67 -22.12
CA LEU C 438 7.06 -25.62 -20.65
C LEU C 438 8.53 -25.70 -20.22
N THR C 439 8.87 -24.91 -19.20
CA THR C 439 10.27 -24.72 -18.81
C THR C 439 10.40 -24.50 -17.31
N VAL C 440 11.55 -24.91 -16.79
CA VAL C 440 12.02 -24.48 -15.50
C VAL C 440 13.03 -23.34 -15.74
N TYR C 441 13.33 -22.60 -14.68
CA TYR C 441 14.18 -21.43 -14.72
C TYR C 441 15.37 -21.56 -13.81
N PRO C 442 16.59 -21.36 -14.35
CA PRO C 442 17.79 -21.34 -13.52
C PRO C 442 17.77 -20.23 -12.48
N ASP C 443 18.28 -20.55 -11.30
CA ASP C 443 18.51 -19.54 -10.28
C ASP C 443 19.96 -19.08 -10.40
N PHE C 444 20.20 -18.01 -11.16
CA PHE C 444 21.58 -17.56 -11.40
C PHE C 444 22.26 -16.96 -10.17
N THR C 445 21.48 -16.70 -9.13
CA THR C 445 22.00 -16.18 -7.85
C THR C 445 22.64 -17.28 -6.98
N ASN C 446 22.47 -18.53 -7.40
CA ASN C 446 23.01 -19.70 -6.73
C ASN C 446 24.30 -20.15 -7.42
N PRO C 447 25.43 -20.17 -6.69
CA PRO C 447 26.76 -20.56 -7.20
C PRO C 447 26.78 -21.87 -7.99
N ASN C 448 26.03 -22.86 -7.51
CA ASN C 448 25.92 -24.15 -8.18
C ASN C 448 25.23 -24.03 -9.52
N CYS C 449 24.34 -23.05 -9.64
CA CYS C 449 23.70 -22.79 -10.92
C CYS C 449 24.66 -22.15 -11.90
N ILE C 450 25.53 -21.26 -11.40
CA ILE C 450 26.55 -20.63 -12.23
C ILE C 450 27.50 -21.69 -12.80
N ASP C 451 27.91 -22.63 -11.95
CA ASP C 451 28.78 -23.74 -12.36
C ASP C 451 28.13 -24.62 -13.43
N TRP C 452 26.85 -24.95 -13.21
CA TRP C 452 26.08 -25.70 -14.20
C TRP C 452 26.02 -24.97 -15.57
N TRP C 453 25.77 -23.67 -15.51
CA TRP C 453 25.62 -22.82 -16.69
C TRP C 453 26.93 -22.72 -17.45
N ALA C 454 28.01 -22.52 -16.72
CA ALA C 454 29.35 -22.43 -17.31
C ALA C 454 29.72 -23.73 -18.00
N ASN C 455 29.29 -24.85 -17.42
CA ASN C 455 29.57 -26.17 -17.99
C ASN C 455 28.75 -26.49 -19.25
N GLU C 456 27.48 -26.11 -19.26
CA GLU C 456 26.64 -26.17 -20.47
C GLU C 456 27.27 -25.39 -21.64
N CYS C 457 27.70 -24.17 -21.35
CA CYS C 457 28.33 -23.31 -22.34
C CYS C 457 29.61 -23.93 -22.89
N SER C 458 30.42 -24.52 -22.01
CA SER C 458 31.65 -25.22 -22.38
C SER C 458 31.40 -26.52 -23.18
N ILE C 459 30.51 -27.38 -22.69
CA ILE C 459 30.07 -28.57 -23.45
C ILE C 459 29.56 -28.19 -24.84
N PHE C 460 28.77 -27.12 -24.94
CA PHE C 460 28.23 -26.72 -26.22
C PHE C 460 29.27 -26.10 -27.16
N HIS C 461 30.23 -25.35 -26.60
CA HIS C 461 31.27 -24.75 -27.42
C HIS C 461 32.10 -25.77 -28.19
N GLN C 462 32.12 -27.01 -27.70
CA GLN C 462 32.89 -28.06 -28.35
C GLN C 462 32.22 -28.57 -29.62
N GLU C 463 30.88 -28.54 -29.64
CA GLU C 463 30.11 -28.88 -30.84
C GLU C 463 29.99 -27.66 -31.79
N VAL C 464 29.70 -26.50 -31.21
CA VAL C 464 29.46 -25.29 -31.98
C VAL C 464 30.34 -24.18 -31.41
N GLN C 465 31.33 -23.76 -32.20
CA GLN C 465 32.38 -22.85 -31.73
C GLN C 465 32.00 -21.38 -31.89
N TYR C 466 30.95 -20.97 -31.17
CA TYR C 466 30.50 -19.58 -31.11
C TYR C 466 31.59 -18.73 -30.48
N ASP C 467 31.53 -17.42 -30.72
CA ASP C 467 32.54 -16.50 -30.21
C ASP C 467 31.94 -15.57 -29.17
N GLY C 468 30.62 -15.47 -29.15
CA GLY C 468 29.92 -14.54 -28.28
C GLY C 468 28.50 -14.98 -28.00
N LEU C 469 27.92 -14.41 -26.95
CA LEU C 469 26.61 -14.83 -26.46
C LEU C 469 25.65 -13.67 -26.33
N TRP C 470 24.41 -13.92 -26.69
CA TRP C 470 23.36 -12.95 -26.59
C TRP C 470 22.34 -13.58 -25.64
N ILE C 471 22.14 -12.94 -24.48
CA ILE C 471 21.25 -13.50 -23.47
C ILE C 471 19.98 -12.68 -23.42
N ASP C 472 18.87 -13.37 -23.66
CA ASP C 472 17.63 -12.72 -23.96
C ASP C 472 16.54 -13.29 -23.04
N MET C 473 15.34 -12.68 -23.04
CA MET C 473 14.17 -13.18 -22.26
C MET C 473 14.45 -13.28 -20.74
N ASN C 474 15.36 -12.46 -20.23
CA ASN C 474 15.82 -12.61 -18.85
C ASN C 474 15.28 -11.57 -17.88
N GLU C 475 14.04 -11.14 -18.11
CA GLU C 475 13.36 -10.23 -17.19
C GLU C 475 12.99 -10.76 -15.77
N VAL C 476 12.63 -12.03 -15.57
CA VAL C 476 12.58 -13.13 -16.51
C VAL C 476 11.18 -13.26 -17.13
N SER C 477 11.13 -13.69 -18.39
CA SER C 477 9.90 -13.70 -19.19
C SER C 477 9.22 -15.07 -19.18
N SER C 478 7.90 -15.07 -19.11
CA SER C 478 7.11 -16.27 -19.22
C SER C 478 5.88 -16.03 -20.10
N PHE C 479 5.55 -17.01 -20.95
CA PHE C 479 4.33 -16.93 -21.78
C PHE C 479 3.06 -17.43 -21.08
N ILE C 480 3.20 -17.97 -19.88
CA ILE C 480 2.06 -18.23 -19.00
C ILE C 480 2.20 -17.34 -17.78
N GLN C 481 1.10 -16.89 -17.22
CA GLN C 481 1.13 -15.91 -16.13
C GLN C 481 1.47 -16.60 -14.82
N GLY C 482 2.63 -16.29 -14.24
CA GLY C 482 2.97 -16.81 -12.92
C GLY C 482 3.55 -18.21 -12.96
N SER C 483 2.79 -19.17 -13.49
CA SER C 483 3.24 -20.56 -13.57
C SER C 483 2.12 -21.41 -14.10
N THR C 484 2.45 -22.66 -14.45
CA THR C 484 1.48 -23.67 -14.92
C THR C 484 0.26 -23.80 -14.01
N LYS C 485 0.43 -23.50 -12.74
CA LYS C 485 -0.69 -23.66 -11.81
C LYS C 485 -1.25 -22.33 -11.27
N GLY C 486 -0.93 -21.24 -11.96
CA GLY C 486 -1.34 -19.91 -11.52
C GLY C 486 -0.57 -19.44 -10.30
N CYS C 487 -1.16 -18.52 -9.55
CA CYS C 487 -0.51 -17.92 -8.40
C CYS C 487 -1.39 -17.95 -7.19
N ASN C 488 -0.77 -18.11 -6.03
CA ASN C 488 -1.46 -17.93 -4.78
C ASN C 488 -1.99 -16.51 -4.68
N VAL C 489 -3.24 -16.39 -4.25
CA VAL C 489 -3.81 -15.09 -3.96
C VAL C 489 -3.29 -14.71 -2.57
N ASN C 490 -2.24 -13.89 -2.57
CA ASN C 490 -1.69 -13.33 -1.36
C ASN C 490 -1.15 -11.94 -1.68
N LYS C 491 -0.63 -11.28 -0.64
CA LYS C 491 -0.13 -9.90 -0.73
C LYS C 491 1.11 -9.70 -1.61
N LEU C 492 1.84 -10.77 -1.93
CA LEU C 492 2.99 -10.62 -2.83
C LEU C 492 2.55 -10.59 -4.31
N ASN C 493 1.62 -11.46 -4.66
CA ASN C 493 1.10 -11.52 -6.02
C ASN C 493 0.06 -10.44 -6.27
N TYR C 494 -0.64 -10.03 -5.19
CA TYR C 494 -1.63 -8.96 -5.24
C TYR C 494 -1.39 -7.95 -4.12
N PRO C 495 -0.44 -7.04 -4.31
CA PRO C 495 0.01 -6.15 -3.23
C PRO C 495 -0.99 -4.99 -3.01
N PRO C 496 -0.93 -4.32 -1.85
CA PRO C 496 -1.86 -3.24 -1.55
C PRO C 496 -1.67 -2.01 -2.44
N PHE C 497 -0.46 -1.75 -2.89
CA PHE C 497 -0.21 -0.67 -3.85
C PHE C 497 0.44 -1.24 -5.09
N THR C 498 -0.19 -1.01 -6.24
CA THR C 498 0.34 -1.44 -7.50
C THR C 498 0.74 -0.20 -8.30
N PRO C 499 2.03 -0.07 -8.64
CA PRO C 499 2.47 1.05 -9.47
C PRO C 499 1.92 0.89 -10.89
N ASP C 500 2.14 1.91 -11.72
CA ASP C 500 1.55 1.97 -13.05
C ASP C 500 2.25 1.00 -14.04
N ILE C 501 2.61 -0.19 -13.55
CA ILE C 501 3.23 -1.20 -14.39
C ILE C 501 2.18 -1.74 -15.38
N LEU C 502 2.68 -2.20 -16.52
CA LEU C 502 1.82 -2.69 -17.59
C LEU C 502 1.06 -3.90 -17.08
N ASP C 503 -0.25 -3.90 -17.35
CA ASP C 503 -1.19 -4.91 -16.86
C ASP C 503 -1.55 -4.75 -15.37
N LYS C 504 -0.84 -3.90 -14.62
CA LYS C 504 -1.08 -3.72 -13.16
C LYS C 504 -1.20 -5.05 -12.43
N LEU C 505 -0.32 -5.96 -12.84
CA LEU C 505 -0.31 -7.31 -12.35
C LEU C 505 1.16 -7.66 -12.21
N MET C 506 1.60 -7.83 -10.97
CA MET C 506 3.00 -8.03 -10.65
C MET C 506 3.62 -9.15 -11.46
N TYR C 507 2.93 -10.29 -11.52
CA TYR C 507 3.51 -11.48 -12.17
C TYR C 507 3.14 -11.56 -13.67
N SER C 508 2.53 -10.50 -14.20
CA SER C 508 2.25 -10.48 -15.63
C SER C 508 3.52 -10.67 -16.44
N LYS C 509 3.48 -11.62 -17.37
CA LYS C 509 4.59 -11.94 -18.27
C LYS C 509 5.84 -12.46 -17.55
N THR C 510 5.66 -12.93 -16.31
CA THR C 510 6.78 -13.43 -15.52
C THR C 510 6.32 -14.56 -14.55
N ILE C 511 7.15 -14.88 -13.57
CA ILE C 511 6.83 -15.94 -12.63
C ILE C 511 6.20 -15.36 -11.36
N CYS C 512 5.60 -16.24 -10.57
CA CYS C 512 5.00 -15.93 -9.29
C CYS C 512 5.91 -15.14 -8.37
N MET C 513 5.34 -14.13 -7.71
CA MET C 513 6.08 -13.26 -6.78
C MET C 513 6.55 -13.94 -5.49
N ASP C 514 5.96 -15.08 -5.16
CA ASP C 514 6.40 -15.84 -3.99
C ASP C 514 7.34 -17.00 -4.33
N ALA C 515 7.80 -17.03 -5.58
CA ALA C 515 8.84 -17.99 -5.97
C ALA C 515 10.17 -17.60 -5.32
N VAL C 516 11.04 -18.59 -5.09
CA VAL C 516 12.22 -18.40 -4.27
C VAL C 516 13.54 -18.70 -4.98
N GLN C 517 14.51 -17.84 -4.71
CA GLN C 517 15.87 -17.97 -5.22
C GLN C 517 16.82 -17.83 -4.05
N ASN C 518 18.11 -18.08 -4.29
CA ASN C 518 19.16 -17.87 -3.29
C ASN C 518 19.16 -16.43 -2.71
N TRP C 519 18.99 -15.42 -3.56
CA TRP C 519 18.92 -14.01 -3.08
C TRP C 519 17.58 -13.61 -2.43
N GLY C 520 16.52 -14.37 -2.67
CA GLY C 520 15.26 -14.12 -2.00
C GLY C 520 14.02 -14.37 -2.81
N LYS C 521 12.90 -13.81 -2.35
CA LYS C 521 11.59 -13.98 -2.98
C LYS C 521 11.60 -13.22 -4.31
N GLN C 522 10.95 -13.79 -5.31
CA GLN C 522 10.81 -13.12 -6.60
C GLN C 522 10.27 -11.70 -6.47
N TYR C 523 9.35 -11.48 -5.54
CA TYR C 523 8.84 -10.13 -5.21
C TYR C 523 9.96 -9.10 -5.03
N ASP C 524 11.02 -9.51 -4.32
CA ASP C 524 12.13 -8.61 -4.04
C ASP C 524 13.16 -8.64 -5.17
N VAL C 525 13.43 -9.82 -5.74
CA VAL C 525 14.59 -9.99 -6.61
C VAL C 525 14.25 -10.13 -8.10
N HIS C 526 12.97 -9.96 -8.46
CA HIS C 526 12.53 -10.06 -9.84
C HIS C 526 13.38 -9.25 -10.83
N SER C 527 13.61 -7.97 -10.53
CA SER C 527 14.36 -7.08 -11.41
C SER C 527 15.88 -7.35 -11.44
N LEU C 528 16.32 -8.35 -10.68
CA LEU C 528 17.73 -8.73 -10.64
C LEU C 528 18.05 -9.96 -11.49
N TYR C 529 17.02 -10.58 -12.07
CA TYR C 529 17.24 -11.79 -12.86
C TYR C 529 18.28 -11.61 -13.97
N GLY C 530 18.06 -10.64 -14.85
CA GLY C 530 18.99 -10.41 -15.95
C GLY C 530 20.39 -10.01 -15.50
N TYR C 531 20.44 -9.10 -14.53
CA TYR C 531 21.67 -8.76 -13.82
C TYR C 531 22.43 -10.02 -13.32
N SER C 532 21.75 -10.86 -12.55
CA SER C 532 22.38 -12.10 -12.04
C SER C 532 22.79 -13.05 -13.16
N MET C 533 22.00 -13.09 -14.23
CA MET C 533 22.32 -13.95 -15.36
C MET C 533 23.53 -13.46 -16.11
N ALA C 534 23.70 -12.14 -16.16
CA ALA C 534 24.82 -11.52 -16.89
C ALA C 534 26.11 -11.80 -16.16
N ILE C 535 26.02 -11.74 -14.83
CA ILE C 535 27.15 -12.10 -13.96
C ILE C 535 27.53 -13.56 -14.21
N ALA C 536 26.52 -14.43 -14.25
CA ALA C 536 26.72 -15.87 -14.46
C ALA C 536 27.34 -16.18 -15.83
N THR C 537 26.96 -15.42 -16.84
CA THR C 537 27.47 -15.62 -18.19
C THR C 537 28.89 -15.11 -18.30
N GLU C 538 29.22 -14.06 -17.54
CA GLU C 538 30.59 -13.56 -17.47
C GLU C 538 31.54 -14.63 -16.88
N GLN C 539 31.06 -15.39 -15.90
CA GLN C 539 31.85 -16.48 -15.35
C GLN C 539 31.95 -17.64 -16.34
N ALA C 540 30.85 -17.91 -17.06
CA ALA C 540 30.85 -18.89 -18.14
C ALA C 540 31.88 -18.58 -19.22
N VAL C 541 31.90 -17.31 -19.65
CA VAL C 541 32.86 -16.81 -20.64
C VAL C 541 34.31 -17.08 -20.20
N GLN C 542 34.61 -16.84 -18.92
CA GLN C 542 35.93 -17.15 -18.35
C GLN C 542 36.33 -18.61 -18.49
N LYS C 543 35.34 -19.50 -18.44
CA LYS C 543 35.63 -20.92 -18.57
C LYS C 543 35.79 -21.33 -20.04
N VAL C 544 34.91 -20.80 -20.90
CA VAL C 544 34.92 -21.13 -22.34
C VAL C 544 36.08 -20.45 -23.07
N PHE C 545 36.31 -19.18 -22.75
CA PHE C 545 37.40 -18.38 -23.30
C PHE C 545 38.23 -17.76 -22.17
N PRO C 546 39.12 -18.56 -21.53
CA PRO C 546 39.98 -18.03 -20.46
C PRO C 546 40.76 -16.76 -20.83
N ASN C 547 40.54 -15.70 -20.05
CA ASN C 547 41.22 -14.42 -20.22
C ASN C 547 40.91 -13.71 -21.56
N LYS C 548 39.76 -14.04 -22.15
CA LYS C 548 39.23 -13.28 -23.30
C LYS C 548 37.94 -12.53 -22.94
N ARG C 549 37.62 -11.51 -23.72
CA ARG C 549 36.46 -10.66 -23.44
C ARG C 549 35.18 -11.22 -24.05
N SER C 550 35.33 -11.85 -25.22
CA SER C 550 34.17 -12.43 -25.93
C SER C 550 33.14 -11.33 -26.19
N PHE C 551 31.88 -11.61 -25.90
CA PHE C 551 30.74 -10.69 -26.10
C PHE C 551 29.56 -11.20 -25.31
N ILE C 552 28.92 -10.30 -24.57
CA ILE C 552 27.67 -10.64 -23.90
C ILE C 552 26.73 -9.47 -24.10
N LEU C 553 25.61 -9.76 -24.77
CA LEU C 553 24.52 -8.80 -24.98
C LEU C 553 23.34 -9.24 -24.15
N THR C 554 22.81 -8.35 -23.33
CA THR C 554 21.71 -8.73 -22.45
C THR C 554 20.50 -7.83 -22.67
N ARG C 555 19.31 -8.39 -22.57
CA ARG C 555 18.10 -7.57 -22.68
C ARG C 555 17.81 -6.87 -21.36
N SER C 556 17.68 -7.65 -20.28
CA SER C 556 17.31 -7.08 -18.99
C SER C 556 18.56 -6.59 -18.24
N THR C 557 18.44 -5.43 -17.61
CA THR C 557 19.56 -4.86 -16.86
C THR C 557 19.11 -4.31 -15.51
N PHE C 558 20.10 -4.07 -14.66
CA PHE C 558 19.95 -3.37 -13.38
C PHE C 558 21.14 -2.42 -13.27
N ALA C 559 21.07 -1.49 -12.32
CA ALA C 559 22.21 -0.67 -11.91
C ALA C 559 23.53 -1.43 -11.87
N GLY C 560 24.50 -1.01 -12.67
CA GLY C 560 25.80 -1.68 -12.69
C GLY C 560 25.95 -2.81 -13.69
N SER C 561 24.89 -3.13 -14.44
CA SER C 561 24.96 -4.18 -15.47
C SER C 561 26.04 -3.93 -16.56
N GLY C 562 26.44 -2.68 -16.79
CA GLY C 562 27.50 -2.37 -17.77
C GLY C 562 28.85 -2.98 -17.45
N ARG C 563 29.05 -3.33 -16.18
CA ARG C 563 30.27 -3.99 -15.73
C ARG C 563 30.38 -5.39 -16.34
N HIS C 564 29.26 -5.95 -16.78
CA HIS C 564 29.21 -7.35 -17.24
C HIS C 564 28.76 -7.52 -18.69
N ALA C 565 27.95 -6.58 -19.19
CA ALA C 565 27.33 -6.76 -20.50
C ALA C 565 27.05 -5.52 -21.33
N ALA C 566 26.87 -5.76 -22.64
CA ALA C 566 26.28 -4.81 -23.58
C ALA C 566 24.75 -4.89 -23.49
N HIS C 567 24.07 -3.89 -24.03
CA HIS C 567 22.61 -3.88 -24.03
C HIS C 567 22.15 -3.40 -25.41
N TRP C 568 20.97 -3.85 -25.84
CA TRP C 568 20.32 -3.19 -26.97
C TRP C 568 18.91 -2.80 -26.59
N LEU C 569 18.34 -1.85 -27.32
CA LEU C 569 17.09 -1.23 -26.89
C LEU C 569 15.82 -2.06 -27.08
N GLY C 570 15.93 -3.25 -27.63
CA GLY C 570 14.81 -4.19 -27.59
C GLY C 570 13.99 -4.32 -28.87
N ASP C 571 12.82 -4.94 -28.75
CA ASP C 571 11.97 -5.27 -29.89
C ASP C 571 11.28 -4.01 -30.43
N ASN C 572 12.05 -3.16 -31.07
CA ASN C 572 11.51 -1.93 -31.65
C ASN C 572 10.70 -2.20 -32.92
N THR C 573 10.28 -1.13 -33.59
CA THR C 573 9.43 -1.21 -34.76
C THR C 573 10.03 -0.39 -35.90
N ALA C 574 9.85 -0.87 -37.12
CA ALA C 574 10.27 -0.17 -38.32
C ALA C 574 9.37 1.04 -38.57
N SER C 575 9.57 2.09 -37.78
CA SER C 575 8.90 3.36 -38.00
C SER C 575 9.90 4.49 -37.82
N TRP C 576 9.64 5.62 -38.47
CA TRP C 576 10.46 6.82 -38.27
C TRP C 576 10.53 7.29 -36.81
N GLU C 577 9.38 7.36 -36.13
CA GLU C 577 9.28 7.66 -34.68
C GLU C 577 10.26 6.82 -33.85
N GLN C 578 10.22 5.51 -34.05
CA GLN C 578 11.07 4.63 -33.25
C GLN C 578 12.56 4.87 -33.51
N MET C 579 12.91 5.20 -34.76
CA MET C 579 14.28 5.58 -35.08
C MET C 579 14.69 6.84 -34.31
N GLU C 580 13.81 7.83 -34.32
CA GLU C 580 14.04 9.05 -33.54
C GLU C 580 14.23 8.77 -32.04
N TRP C 581 13.36 7.95 -31.45
CA TRP C 581 13.39 7.69 -30.01
C TRP C 581 14.62 6.95 -29.55
N SER C 582 15.25 6.22 -30.47
CA SER C 582 16.41 5.40 -30.15
C SER C 582 17.61 6.22 -29.67
N ILE C 583 17.67 7.49 -30.06
CA ILE C 583 18.77 8.34 -29.67
C ILE C 583 18.66 8.67 -28.18
N THR C 584 17.45 9.02 -27.76
CA THR C 584 17.20 9.26 -26.34
C THR C 584 17.44 7.98 -25.52
N GLY C 585 16.90 6.86 -25.99
CA GLY C 585 17.13 5.58 -25.32
C GLY C 585 18.60 5.29 -25.15
N MET C 586 19.37 5.48 -26.24
CA MET C 586 20.83 5.26 -26.22
C MET C 586 21.53 6.18 -25.22
N LEU C 587 21.19 7.48 -25.22
CA LEU C 587 21.82 8.41 -24.31
C LEU C 587 21.52 8.13 -22.83
N GLU C 588 20.32 7.64 -22.55
CA GLU C 588 19.98 7.23 -21.18
C GLU C 588 20.87 6.08 -20.68
N PHE C 589 21.08 5.08 -21.53
CA PHE C 589 22.05 4.02 -21.20
C PHE C 589 23.49 4.47 -21.04
N SER C 590 23.90 5.50 -21.79
CA SER C 590 25.16 6.16 -21.49
C SER C 590 25.21 6.68 -20.03
N LEU C 591 24.14 7.33 -19.57
CA LEU C 591 24.08 7.78 -18.16
C LEU C 591 24.15 6.60 -17.19
N PHE C 592 23.58 5.46 -17.62
CA PHE C 592 23.46 4.27 -16.79
C PHE C 592 24.73 3.42 -16.76
N GLY C 593 25.74 3.82 -17.51
CA GLY C 593 27.05 3.18 -17.44
C GLY C 593 27.09 1.92 -18.27
N ILE C 594 26.26 1.91 -19.31
CA ILE C 594 26.19 0.82 -20.28
C ILE C 594 26.52 1.41 -21.65
N PRO C 595 27.82 1.62 -21.92
CA PRO C 595 28.22 2.37 -23.12
C PRO C 595 28.05 1.61 -24.42
N LEU C 596 28.08 0.27 -24.37
CA LEU C 596 27.91 -0.54 -25.58
C LEU C 596 26.42 -0.84 -25.73
N VAL C 597 25.76 0.05 -26.48
CA VAL C 597 24.31 0.04 -26.57
C VAL C 597 23.94 0.54 -27.96
N GLY C 598 22.87 -0.01 -28.52
CA GLY C 598 22.29 0.48 -29.78
C GLY C 598 20.86 0.00 -29.88
N ALA C 599 20.24 0.22 -31.04
CA ALA C 599 18.88 -0.24 -31.33
C ALA C 599 18.92 -1.15 -32.54
N ASP C 600 17.92 -2.03 -32.71
CA ASP C 600 17.83 -2.84 -33.95
C ASP C 600 17.65 -1.92 -35.19
N ILE C 601 18.71 -1.81 -36.00
CA ILE C 601 18.73 -0.94 -37.18
C ILE C 601 17.70 -1.39 -38.25
N CYS C 602 16.95 -0.43 -38.79
CA CYS C 602 15.85 -0.66 -39.76
C CYS C 602 14.54 -1.14 -39.12
N GLY C 603 14.59 -1.52 -37.85
CA GLY C 603 13.39 -1.84 -37.06
C GLY C 603 13.10 -3.33 -37.01
N PHE C 604 12.91 -3.83 -35.79
CA PHE C 604 12.60 -5.24 -35.55
C PHE C 604 11.20 -5.59 -36.04
N VAL C 605 10.15 -5.14 -35.37
CA VAL C 605 8.77 -5.40 -35.85
C VAL C 605 8.56 -4.68 -37.18
N ALA C 606 7.76 -5.28 -38.06
CA ALA C 606 7.29 -4.65 -39.31
C ALA C 606 8.32 -4.73 -40.41
N GLU C 607 7.81 -4.72 -41.64
CA GLU C 607 8.64 -4.59 -42.83
C GLU C 607 9.09 -3.13 -42.93
N THR C 608 10.38 -2.96 -43.11
CA THR C 608 10.93 -1.62 -43.23
C THR C 608 10.71 -1.12 -44.67
N THR C 609 11.13 0.12 -44.96
CA THR C 609 11.09 0.62 -46.34
C THR C 609 12.53 0.93 -46.74
N GLU C 610 12.78 1.04 -48.04
CA GLU C 610 14.10 1.43 -48.52
C GLU C 610 14.54 2.76 -47.89
N GLU C 611 13.63 3.72 -47.76
CA GLU C 611 14.00 5.05 -47.28
C GLU C 611 14.34 5.05 -45.79
N LEU C 612 13.48 4.44 -44.98
CA LEU C 612 13.72 4.28 -43.56
C LEU C 612 15.00 3.48 -43.32
N CYS C 613 15.16 2.33 -43.96
CA CYS C 613 16.32 1.50 -43.71
C CYS C 613 17.61 2.21 -44.11
N ARG C 614 17.60 2.91 -45.26
CA ARG C 614 18.75 3.74 -45.65
C ARG C 614 19.14 4.77 -44.59
N ARG C 615 18.17 5.53 -44.08
CA ARG C 615 18.47 6.53 -43.06
C ARG C 615 18.90 5.86 -41.77
N TRP C 616 18.26 4.74 -41.43
CA TRP C 616 18.54 4.05 -40.19
C TRP C 616 19.95 3.43 -40.23
N MET C 617 20.33 2.88 -41.39
CA MET C 617 21.70 2.39 -41.59
C MET C 617 22.75 3.48 -41.43
N GLN C 618 22.44 4.68 -41.93
CA GLN C 618 23.27 5.88 -41.72
C GLN C 618 23.43 6.22 -40.23
N LEU C 619 22.31 6.34 -39.52
CA LEU C 619 22.36 6.57 -38.08
C LEU C 619 23.06 5.43 -37.34
N GLY C 620 22.58 4.20 -37.59
CA GLY C 620 23.02 3.00 -36.89
C GLY C 620 24.48 2.70 -36.98
N ALA C 621 25.13 3.22 -38.04
CA ALA C 621 26.58 3.12 -38.22
C ALA C 621 27.34 3.82 -37.09
N PHE C 622 26.64 4.71 -36.37
CA PHE C 622 27.21 5.48 -35.28
C PHE C 622 26.54 5.20 -33.92
N TYR C 623 25.78 4.12 -33.83
CA TYR C 623 25.47 3.51 -32.51
C TYR C 623 26.76 2.86 -32.03
N PRO C 624 27.09 3.01 -30.74
CA PRO C 624 28.27 2.30 -30.22
C PRO C 624 28.18 0.80 -30.52
N PHE C 625 27.00 0.23 -30.34
CA PHE C 625 26.73 -1.16 -30.70
C PHE C 625 25.85 -1.17 -31.95
N SER C 626 26.39 -1.69 -33.06
CA SER C 626 25.78 -1.55 -34.37
C SER C 626 25.32 -2.90 -34.90
N ARG C 627 24.00 -3.11 -34.93
CA ARG C 627 23.42 -4.36 -35.44
C ARG C 627 22.06 -4.14 -36.10
N ASN C 628 21.92 -4.74 -37.28
CA ASN C 628 20.69 -4.75 -38.05
C ASN C 628 19.96 -6.06 -37.72
N HIS C 629 18.80 -5.96 -37.07
CA HIS C 629 18.06 -7.11 -36.57
C HIS C 629 16.57 -6.99 -36.93
N ASN C 630 15.96 -8.11 -37.27
CA ASN C 630 14.65 -8.14 -37.88
C ASN C 630 13.81 -9.22 -37.22
N SER C 631 12.52 -8.96 -37.11
CA SER C 631 11.60 -9.94 -36.56
C SER C 631 11.29 -11.08 -37.54
N ASP C 632 10.52 -12.06 -37.05
CA ASP C 632 10.17 -13.26 -37.77
C ASP C 632 9.11 -12.97 -38.86
N GLY C 633 9.37 -13.46 -40.06
CA GLY C 633 8.37 -13.37 -41.13
C GLY C 633 8.30 -12.10 -41.97
N TYR C 634 9.03 -11.06 -41.59
CA TYR C 634 9.05 -9.85 -42.40
C TYR C 634 10.16 -9.95 -43.43
N GLU C 635 10.00 -9.25 -44.54
CA GLU C 635 10.98 -9.27 -45.64
C GLU C 635 12.37 -8.95 -45.09
N HIS C 636 13.38 -9.68 -45.57
CA HIS C 636 14.79 -9.40 -45.24
C HIS C 636 15.10 -7.92 -45.34
N GLN C 637 15.98 -7.46 -44.45
CA GLN C 637 16.38 -6.06 -44.39
C GLN C 637 17.89 -5.88 -44.18
N ASP C 638 18.66 -6.94 -44.40
CA ASP C 638 20.10 -6.81 -44.42
C ASP C 638 20.41 -5.90 -45.63
N PRO C 639 21.51 -5.13 -45.56
CA PRO C 639 21.68 -4.09 -46.59
C PRO C 639 21.73 -4.64 -48.03
N ALA C 640 22.50 -5.69 -48.27
CA ALA C 640 22.66 -6.26 -49.62
C ALA C 640 21.36 -6.75 -50.28
N PHE C 641 20.36 -7.12 -49.47
CA PHE C 641 19.04 -7.47 -50.01
C PHE C 641 18.42 -6.37 -50.90
N PHE C 642 18.79 -5.12 -50.63
CA PHE C 642 18.23 -3.99 -51.36
C PHE C 642 18.83 -3.77 -52.75
N GLY C 643 19.87 -4.55 -53.06
CA GLY C 643 20.52 -4.54 -54.36
C GLY C 643 22.02 -4.25 -54.30
N GLN C 644 22.79 -4.94 -55.15
CA GLN C 644 24.23 -4.74 -55.29
C GLN C 644 24.64 -3.27 -55.34
N ASN C 645 24.00 -2.54 -56.24
CA ASN C 645 24.42 -1.22 -56.64
C ASN C 645 23.35 -0.21 -56.27
N SER C 646 22.53 -0.57 -55.29
CA SER C 646 21.46 0.31 -54.84
C SER C 646 22.05 1.47 -54.03
N LEU C 647 21.34 2.58 -53.99
CA LEU C 647 21.75 3.72 -53.20
C LEU C 647 21.84 3.35 -51.70
N LEU C 648 20.96 2.46 -51.24
CA LEU C 648 20.99 2.03 -49.83
C LEU C 648 22.32 1.37 -49.50
N VAL C 649 22.73 0.44 -50.37
CA VAL C 649 24.01 -0.26 -50.23
C VAL C 649 25.24 0.66 -50.32
N LYS C 650 25.27 1.58 -51.29
CA LYS C 650 26.38 2.56 -51.39
C LYS C 650 26.50 3.44 -50.14
N SER C 651 25.37 3.97 -49.70
CA SER C 651 25.30 4.76 -48.47
C SER C 651 25.71 3.90 -47.25
N SER C 652 25.12 2.71 -47.11
CA SER C 652 25.43 1.85 -45.97
C SER C 652 26.89 1.44 -45.94
N ARG C 653 27.43 1.10 -47.10
CA ARG C 653 28.85 0.74 -47.19
C ARG C 653 29.78 1.94 -46.89
N GLN C 654 29.48 3.12 -47.45
CA GLN C 654 30.25 4.33 -47.15
C GLN C 654 30.28 4.68 -45.65
N TYR C 655 29.12 4.70 -45.00
CA TYR C 655 29.06 5.12 -43.60
C TYR C 655 29.62 4.08 -42.62
N LEU C 656 29.49 2.79 -42.95
CA LEU C 656 30.14 1.73 -42.15
C LEU C 656 31.64 1.73 -42.37
N THR C 657 32.07 2.13 -43.55
CA THR C 657 33.49 2.27 -43.87
C THR C 657 34.06 3.41 -43.03
N ILE C 658 33.28 4.48 -42.87
CA ILE C 658 33.62 5.56 -41.95
C ILE C 658 33.66 5.09 -40.48
N ARG C 659 32.64 4.38 -40.01
CA ARG C 659 32.70 3.78 -38.65
C ARG C 659 33.96 2.96 -38.45
N TYR C 660 34.25 2.05 -39.39
CA TYR C 660 35.42 1.17 -39.26
C TYR C 660 36.73 1.97 -39.23
N THR C 661 36.82 3.00 -40.07
CA THR C 661 37.98 3.90 -40.09
C THR C 661 38.17 4.55 -38.71
N LEU C 662 37.04 4.88 -38.08
CA LEU C 662 37.03 5.59 -36.79
C LEU C 662 37.09 4.68 -35.57
N LEU C 663 37.20 3.38 -35.78
CA LEU C 663 37.21 2.43 -34.67
C LEU C 663 38.29 2.62 -33.59
N PRO C 664 39.54 3.02 -33.96
CA PRO C 664 40.51 3.29 -32.90
C PRO C 664 40.08 4.44 -31.97
N PHE C 665 39.39 5.44 -32.54
CA PHE C 665 38.84 6.54 -31.75
C PHE C 665 37.75 6.01 -30.79
N LEU C 666 36.70 5.39 -31.34
CA LEU C 666 35.66 4.72 -30.54
C LEU C 666 36.21 3.79 -29.45
N TYR C 667 37.21 3.00 -29.81
CA TYR C 667 37.83 2.06 -28.88
C TYR C 667 38.51 2.82 -27.75
N THR C 668 39.20 3.91 -28.09
CA THR C 668 39.81 4.76 -27.07
C THR C 668 38.76 5.36 -26.13
N LEU C 669 37.58 5.69 -26.66
CA LEU C 669 36.47 6.14 -25.81
C LEU C 669 36.01 5.08 -24.81
N PHE C 670 36.06 3.82 -25.23
CA PHE C 670 35.73 2.70 -24.34
C PHE C 670 36.76 2.50 -23.23
N TYR C 671 38.05 2.60 -23.59
CA TYR C 671 39.11 2.68 -22.58
C TYR C 671 38.79 3.75 -21.52
N LYS C 672 38.50 4.97 -21.96
CA LYS C 672 38.17 6.04 -21.02
C LYS C 672 36.91 5.74 -20.17
N ALA C 673 35.91 5.12 -20.80
CA ALA C 673 34.73 4.65 -20.07
C ALA C 673 35.11 3.59 -19.03
N HIS C 674 35.90 2.61 -19.44
CA HIS C 674 36.24 1.51 -18.57
C HIS C 674 37.07 1.98 -17.38
N VAL C 675 38.01 2.89 -17.64
CA VAL C 675 38.93 3.37 -16.64
C VAL C 675 38.41 4.57 -15.83
N PHE C 676 37.76 5.52 -16.50
CA PHE C 676 37.32 6.74 -15.83
C PHE C 676 35.80 6.90 -15.72
N GLY C 677 35.04 6.10 -16.46
CA GLY C 677 33.56 6.22 -16.47
C GLY C 677 33.01 7.33 -17.35
N GLU C 678 33.83 7.81 -18.26
CA GLU C 678 33.41 8.81 -19.24
C GLU C 678 32.45 8.16 -20.24
N THR C 679 31.60 8.96 -20.87
CA THR C 679 30.63 8.43 -21.82
C THR C 679 31.25 8.25 -23.21
N VAL C 680 30.69 7.33 -23.99
CA VAL C 680 31.08 7.08 -25.38
C VAL C 680 30.13 7.85 -26.32
N ALA C 681 28.92 7.34 -26.53
CA ALA C 681 27.85 8.16 -27.11
C ALA C 681 27.42 9.13 -26.01
N ARG C 682 27.50 10.43 -26.33
CA ARG C 682 27.44 11.50 -25.35
C ARG C 682 26.41 12.57 -25.75
N PRO C 683 25.54 12.96 -24.80
CA PRO C 683 24.63 14.07 -25.08
C PRO C 683 25.38 15.36 -25.41
N VAL C 684 24.85 16.13 -26.36
CA VAL C 684 25.42 17.45 -26.65
C VAL C 684 25.59 18.26 -25.32
N LEU C 685 24.64 18.11 -24.40
CA LEU C 685 24.65 18.70 -23.04
C LEU C 685 25.98 18.58 -22.28
N HIS C 686 26.61 17.41 -22.36
CA HIS C 686 27.82 17.12 -21.60
C HIS C 686 29.01 17.94 -22.05
N GLU C 687 29.03 18.34 -23.33
CA GLU C 687 30.16 19.16 -23.83
C GLU C 687 29.83 20.63 -23.92
N PHE C 688 28.54 20.94 -23.98
CA PHE C 688 28.09 22.33 -24.26
C PHE C 688 27.10 22.90 -23.26
N TYR C 689 27.15 22.38 -22.03
CA TYR C 689 26.29 22.79 -20.92
C TYR C 689 26.24 24.30 -20.66
N GLU C 690 27.26 25.04 -21.07
CA GLU C 690 27.24 26.51 -20.89
C GLU C 690 26.20 27.18 -21.78
N ASP C 691 25.67 26.41 -22.72
CA ASP C 691 24.64 26.88 -23.65
C ASP C 691 23.36 26.12 -23.34
N THR C 692 22.34 26.84 -22.85
CA THR C 692 21.07 26.19 -22.49
C THR C 692 20.31 25.55 -23.67
N ASN C 693 20.64 25.93 -24.90
CA ASN C 693 20.09 25.22 -26.07
C ASN C 693 20.47 23.75 -26.11
N SER C 694 21.67 23.44 -25.61
CA SER C 694 22.13 22.05 -25.55
C SER C 694 21.35 21.24 -24.51
N TRP C 695 20.71 21.93 -23.57
CA TRP C 695 19.98 21.25 -22.48
C TRP C 695 18.78 20.41 -22.97
N ILE C 696 18.24 20.74 -24.14
CA ILE C 696 17.12 19.95 -24.68
C ILE C 696 17.44 19.19 -25.98
N GLU C 697 18.73 19.05 -26.28
CA GLU C 697 19.17 18.55 -27.60
C GLU C 697 19.27 17.05 -27.61
N ASP C 698 18.49 16.40 -28.47
CA ASP C 698 18.45 14.94 -28.52
C ASP C 698 18.15 14.36 -29.91
N THR C 699 18.29 15.17 -30.95
CA THR C 699 18.14 14.62 -32.29
C THR C 699 19.50 14.56 -32.99
N GLU C 700 20.55 14.74 -32.20
CA GLU C 700 21.94 14.59 -32.64
C GLU C 700 22.71 14.25 -31.37
N PHE C 701 23.94 13.79 -31.53
CA PHE C 701 24.74 13.33 -30.38
C PHE C 701 26.20 13.26 -30.77
N LEU C 702 27.05 13.08 -29.76
CA LEU C 702 28.48 13.06 -29.95
C LEU C 702 29.02 11.66 -29.75
N TRP C 703 30.07 11.33 -30.49
CA TRP C 703 31.02 10.32 -30.04
C TRP C 703 32.06 11.11 -29.26
N GLY C 704 32.14 10.88 -27.96
CA GLY C 704 33.13 11.56 -27.12
C GLY C 704 32.96 13.06 -27.22
N PRO C 705 34.09 13.81 -27.17
CA PRO C 705 33.97 15.24 -27.28
C PRO C 705 34.06 15.78 -28.71
N ALA C 706 34.38 14.93 -29.68
CA ALA C 706 34.94 15.37 -30.96
C ALA C 706 34.06 15.21 -32.21
N LEU C 707 33.13 14.26 -32.22
CA LEU C 707 32.35 14.00 -33.43
C LEU C 707 30.85 14.15 -33.20
N LEU C 708 30.24 15.00 -34.02
CA LEU C 708 28.83 15.29 -33.92
C LEU C 708 28.12 14.58 -35.05
N ILE C 709 27.15 13.74 -34.68
CA ILE C 709 26.37 13.00 -35.64
C ILE C 709 24.97 13.61 -35.72
N THR C 710 24.55 13.97 -36.94
CA THR C 710 23.25 14.62 -37.13
C THR C 710 22.40 13.89 -38.18
N PRO C 711 21.55 12.92 -37.74
CA PRO C 711 20.74 12.06 -38.65
C PRO C 711 19.49 12.73 -39.22
N VAL C 712 18.99 12.20 -40.34
CA VAL C 712 17.69 12.65 -40.87
C VAL C 712 16.66 11.71 -40.23
N LEU C 713 15.62 12.27 -39.62
CA LEU C 713 14.71 11.49 -38.75
C LEU C 713 13.26 11.62 -39.19
N LYS C 714 13.01 12.37 -40.25
CA LYS C 714 11.66 12.55 -40.75
C LYS C 714 11.59 12.07 -42.21
N GLN C 715 10.50 11.37 -42.52
CA GLN C 715 10.32 10.77 -43.82
C GLN C 715 10.19 11.84 -44.90
N GLY C 716 10.85 11.63 -46.04
CA GLY C 716 10.80 12.55 -47.17
C GLY C 716 11.80 13.68 -47.04
N ALA C 717 12.42 13.81 -45.88
CA ALA C 717 13.28 14.98 -45.62
C ALA C 717 14.64 14.87 -46.31
N ASP C 718 15.10 15.97 -46.90
CA ASP C 718 16.49 16.10 -47.36
C ASP C 718 17.21 17.28 -46.64
N THR C 719 16.54 17.81 -45.62
CA THR C 719 17.04 18.93 -44.82
C THR C 719 16.64 18.67 -43.37
N VAL C 720 17.55 18.95 -42.43
CA VAL C 720 17.24 18.85 -41.00
C VAL C 720 17.55 20.16 -40.26
N SER C 721 16.58 20.59 -39.45
CA SER C 721 16.80 21.65 -38.49
C SER C 721 17.77 21.14 -37.41
N ALA C 722 18.95 21.75 -37.33
CA ALA C 722 19.96 21.27 -36.39
C ALA C 722 20.61 22.40 -35.59
N TYR C 723 20.87 22.13 -34.31
CA TYR C 723 21.60 23.08 -33.46
C TYR C 723 23.08 22.82 -33.59
N ILE C 724 23.82 23.85 -33.97
CA ILE C 724 25.28 23.77 -34.10
C ILE C 724 25.88 24.41 -32.84
N PRO C 725 26.56 23.61 -32.01
CA PRO C 725 27.07 24.21 -30.77
C PRO C 725 28.20 25.25 -30.96
N ASP C 726 28.64 25.84 -29.86
CA ASP C 726 29.63 26.90 -29.87
C ASP C 726 31.06 26.36 -29.99
N ALA C 727 31.44 26.03 -31.21
CA ALA C 727 32.74 25.45 -31.51
C ALA C 727 32.97 25.64 -33.00
N ILE C 728 34.20 25.40 -33.44
CA ILE C 728 34.50 25.23 -34.87
C ILE C 728 34.15 23.80 -35.27
N TRP C 729 33.46 23.68 -36.40
CA TRP C 729 33.03 22.39 -36.94
C TRP C 729 33.55 22.19 -38.35
N TYR C 730 34.15 21.04 -38.60
CA TYR C 730 34.57 20.61 -39.92
C TYR C 730 33.68 19.49 -40.42
N ASP C 731 33.19 19.61 -41.66
CA ASP C 731 32.52 18.50 -42.33
C ASP C 731 33.50 17.33 -42.40
N TYR C 732 33.11 16.16 -41.89
CA TYR C 732 34.01 15.00 -41.87
C TYR C 732 34.50 14.59 -43.28
N GLU C 733 33.57 14.49 -44.23
CA GLU C 733 33.90 13.96 -45.56
C GLU C 733 34.88 14.84 -46.34
N SER C 734 34.56 16.12 -46.51
CA SER C 734 35.40 17.02 -47.29
C SER C 734 36.50 17.68 -46.44
N GLY C 735 36.28 17.77 -45.14
CA GLY C 735 37.25 18.43 -44.26
C GLY C 735 37.03 19.92 -44.10
N ALA C 736 36.11 20.49 -44.87
CA ALA C 736 35.96 21.93 -44.91
C ALA C 736 35.21 22.46 -43.67
N LYS C 737 35.70 23.58 -43.15
CA LYS C 737 35.07 24.25 -42.02
C LYS C 737 33.66 24.75 -42.38
N ARG C 738 32.69 24.43 -41.52
CA ARG C 738 31.33 24.93 -41.70
C ARG C 738 31.26 26.39 -41.28
N PRO C 739 30.45 27.22 -41.98
CA PRO C 739 30.28 28.61 -41.52
C PRO C 739 29.20 28.76 -40.43
N TRP C 740 29.11 27.79 -39.53
CA TRP C 740 28.09 27.77 -38.49
C TRP C 740 28.72 27.72 -37.10
N ARG C 741 28.09 28.41 -36.15
CA ARG C 741 28.54 28.42 -34.78
C ARG C 741 27.42 28.89 -33.84
N LYS C 742 27.12 28.09 -32.82
CA LYS C 742 26.20 28.48 -31.76
C LYS C 742 24.87 28.99 -32.33
N GLN C 743 24.29 28.18 -33.20
CA GLN C 743 23.12 28.59 -33.96
C GLN C 743 22.36 27.39 -34.48
N ARG C 744 21.08 27.61 -34.69
CA ARG C 744 20.22 26.64 -35.32
C ARG C 744 20.31 26.82 -36.84
N VAL C 745 20.61 25.73 -37.55
CA VAL C 745 20.80 25.77 -39.00
C VAL C 745 19.87 24.78 -39.70
N ASP C 746 19.66 25.00 -41.00
CA ASP C 746 19.01 24.00 -41.88
C ASP C 746 20.07 23.23 -42.63
N MET C 747 20.34 22.01 -42.18
CA MET C 747 21.42 21.22 -42.71
C MET C 747 20.89 20.42 -43.90
N TYR C 748 21.53 20.57 -45.05
CA TYR C 748 21.11 19.87 -46.26
C TYR C 748 21.72 18.48 -46.26
N LEU C 749 20.87 17.47 -46.19
CA LEU C 749 21.35 16.09 -46.16
C LEU C 749 20.54 15.29 -47.16
N PRO C 750 21.04 15.19 -48.41
CA PRO C 750 20.28 14.42 -49.40
C PRO C 750 20.26 12.92 -49.05
N ALA C 751 19.59 12.16 -49.92
CA ALA C 751 19.32 10.74 -49.73
C ALA C 751 20.52 9.96 -49.21
N ASP C 752 21.71 10.34 -49.64
CA ASP C 752 22.91 9.57 -49.35
C ASP C 752 23.78 10.15 -48.24
N LYS C 753 23.27 11.14 -47.51
CA LYS C 753 24.10 11.81 -46.49
C LYS C 753 23.49 11.86 -45.11
N ILE C 754 24.37 11.64 -44.11
CA ILE C 754 24.10 11.94 -42.71
C ILE C 754 25.11 13.01 -42.27
N GLY C 755 24.69 13.93 -41.39
CA GLY C 755 25.58 14.99 -40.92
C GLY C 755 26.66 14.43 -40.00
N LEU C 756 27.91 14.77 -40.31
CA LEU C 756 29.07 14.32 -39.56
C LEU C 756 30.11 15.43 -39.49
N HIS C 757 30.44 15.84 -38.27
CA HIS C 757 31.27 17.01 -38.06
C HIS C 757 32.28 16.79 -36.96
N LEU C 758 33.51 17.21 -37.26
CA LEU C 758 34.62 17.11 -36.34
C LEU C 758 34.79 18.46 -35.65
N ARG C 759 34.87 18.41 -34.33
CA ARG C 759 35.03 19.59 -33.49
C ARG C 759 36.47 20.10 -33.57
N GLY C 760 36.65 21.40 -33.77
CA GLY C 760 37.99 21.96 -33.76
C GLY C 760 38.58 21.86 -32.34
N GLY C 761 39.88 21.60 -32.25
CA GLY C 761 40.58 21.41 -30.97
C GLY C 761 40.85 19.95 -30.62
N TYR C 762 40.51 19.03 -31.53
CA TYR C 762 40.59 17.61 -31.23
C TYR C 762 41.39 16.84 -32.25
N ILE C 763 42.17 15.88 -31.77
CA ILE C 763 42.97 15.00 -32.62
C ILE C 763 42.41 13.60 -32.43
N ILE C 764 41.95 12.98 -33.52
CA ILE C 764 41.43 11.63 -33.43
C ILE C 764 42.24 10.62 -34.25
N PRO C 765 42.49 9.45 -33.64
CA PRO C 765 43.16 8.34 -34.30
C PRO C 765 42.23 7.56 -35.23
N ILE C 766 42.76 7.14 -36.37
CA ILE C 766 41.99 6.34 -37.33
C ILE C 766 42.84 5.18 -37.81
N GLN C 767 42.23 4.25 -38.54
CA GLN C 767 42.96 3.13 -39.13
C GLN C 767 42.31 2.83 -40.46
N GLU C 768 43.13 2.65 -41.51
CA GLU C 768 42.58 2.35 -42.83
C GLU C 768 41.63 1.15 -42.75
N PRO C 769 40.42 1.30 -43.33
CA PRO C 769 39.34 0.33 -43.10
C PRO C 769 39.52 -1.00 -43.84
N ASP C 770 38.74 -1.99 -43.42
CA ASP C 770 38.56 -3.26 -44.14
C ASP C 770 37.19 -3.78 -43.66
N VAL C 771 36.72 -4.88 -44.24
CA VAL C 771 35.34 -5.35 -43.97
C VAL C 771 35.17 -6.16 -42.67
N THR C 772 36.28 -6.45 -41.98
CA THR C 772 36.28 -7.01 -40.64
C THR C 772 37.35 -6.30 -39.81
N THR C 773 37.17 -6.29 -38.49
CA THR C 773 38.14 -5.71 -37.57
C THR C 773 39.41 -6.56 -37.49
N THR C 774 39.28 -7.85 -37.76
CA THR C 774 40.43 -8.75 -37.91
C THR C 774 41.41 -8.25 -38.99
N ALA C 775 40.89 -7.92 -40.17
CA ALA C 775 41.72 -7.41 -41.27
C ALA C 775 42.16 -5.96 -41.03
N SER C 776 41.22 -5.10 -40.66
CA SER C 776 41.51 -3.67 -40.49
C SER C 776 42.53 -3.39 -39.39
N ARG C 777 42.55 -4.22 -38.35
CA ARG C 777 43.51 -4.04 -37.25
C ARG C 777 44.99 -4.19 -37.67
N LYS C 778 45.23 -4.80 -38.83
CA LYS C 778 46.60 -4.96 -39.35
C LYS C 778 47.02 -3.78 -40.23
N ASN C 779 46.08 -2.85 -40.48
CA ASN C 779 46.32 -1.71 -41.38
C ASN C 779 47.04 -0.50 -40.79
N PRO C 780 47.59 0.38 -41.67
CA PRO C 780 48.15 1.68 -41.30
C PRO C 780 47.23 2.51 -40.40
N LEU C 781 47.83 3.13 -39.38
CA LEU C 781 47.11 4.06 -38.52
C LEU C 781 47.22 5.48 -39.10
N GLY C 782 46.40 6.38 -38.57
CA GLY C 782 46.34 7.74 -39.04
C GLY C 782 45.91 8.68 -37.93
N LEU C 783 46.11 9.97 -38.17
CA LEU C 783 45.67 11.02 -37.27
C LEU C 783 44.89 12.08 -38.03
N ILE C 784 43.75 12.48 -37.50
CA ILE C 784 43.05 13.65 -38.01
C ILE C 784 43.13 14.76 -36.98
N VAL C 785 43.81 15.85 -37.36
CA VAL C 785 43.91 17.04 -36.54
C VAL C 785 42.87 18.05 -36.97
N ALA C 786 41.89 18.28 -36.10
CA ALA C 786 40.93 19.36 -36.30
C ALA C 786 41.32 20.62 -35.51
N LEU C 787 41.84 21.63 -36.18
CA LEU C 787 42.36 22.81 -35.50
C LEU C 787 41.27 23.66 -34.86
N GLY C 788 41.50 24.07 -33.61
CA GLY C 788 40.58 24.96 -32.88
C GLY C 788 40.88 26.44 -33.13
N GLU C 789 40.18 27.31 -32.39
CA GLU C 789 40.24 28.78 -32.52
C GLU C 789 41.66 29.38 -32.48
N ASN C 790 42.54 28.76 -31.71
CA ASN C 790 43.93 29.23 -31.60
C ASN C 790 44.92 28.37 -32.35
N ASN C 791 44.40 27.58 -33.30
CA ASN C 791 45.21 26.66 -34.09
C ASN C 791 45.92 25.64 -33.21
N THR C 792 45.19 25.25 -32.18
CA THR C 792 45.61 24.30 -31.16
C THR C 792 44.70 23.04 -31.28
N ALA C 793 45.16 21.92 -30.74
CA ALA C 793 44.37 20.68 -30.64
C ALA C 793 45.02 19.65 -29.70
N LYS C 794 44.19 18.76 -29.16
CA LYS C 794 44.60 17.69 -28.26
C LYS C 794 43.80 16.44 -28.51
N GLY C 795 44.40 15.29 -28.22
CA GLY C 795 43.73 14.00 -28.36
C GLY C 795 44.53 12.89 -27.73
N ASP C 796 43.96 11.68 -27.70
CA ASP C 796 44.73 10.52 -27.29
C ASP C 796 44.32 9.22 -27.98
N PHE C 797 45.06 8.16 -27.69
CA PHE C 797 44.96 6.90 -28.40
C PHE C 797 45.38 5.76 -27.48
N PHE C 798 44.48 4.77 -27.34
CA PHE C 798 44.73 3.54 -26.60
C PHE C 798 44.75 2.34 -27.56
N TRP C 799 45.80 1.55 -27.50
CA TRP C 799 45.93 0.36 -28.34
C TRP C 799 46.40 -0.84 -27.52
N ASP C 800 45.65 -1.93 -27.61
CA ASP C 800 46.03 -3.21 -27.02
C ASP C 800 45.68 -4.32 -28.01
N ASP C 801 45.70 -5.59 -27.57
CA ASP C 801 45.42 -6.70 -28.49
C ASP C 801 43.95 -6.83 -28.90
N GLY C 802 43.09 -6.03 -28.27
CA GLY C 802 41.67 -5.96 -28.62
C GLY C 802 40.77 -7.10 -28.19
N GLU C 803 41.24 -7.94 -27.25
CA GLU C 803 40.57 -9.20 -26.88
C GLU C 803 40.85 -9.71 -25.45
N THR C 804 42.06 -9.52 -24.94
CA THR C 804 42.41 -10.09 -23.65
C THR C 804 41.82 -9.27 -22.49
N LYS C 805 41.17 -9.96 -21.55
CA LYS C 805 40.62 -9.34 -20.35
C LYS C 805 41.78 -8.86 -19.49
N ASP C 806 41.59 -7.74 -18.81
CA ASP C 806 42.59 -7.25 -17.83
C ASP C 806 43.92 -6.77 -18.44
N THR C 807 43.96 -6.49 -19.74
CA THR C 807 45.15 -5.83 -20.32
C THR C 807 45.42 -4.48 -19.65
N ILE C 808 44.37 -3.69 -19.41
CA ILE C 808 44.55 -2.38 -18.78
C ILE C 808 45.10 -2.59 -17.36
N GLN C 809 44.46 -3.48 -16.60
CA GLN C 809 44.92 -3.84 -15.25
C GLN C 809 46.34 -4.40 -15.23
N ASN C 810 46.70 -5.20 -16.24
CA ASN C 810 48.04 -5.79 -16.33
C ASN C 810 49.09 -4.88 -16.96
N GLY C 811 48.62 -3.75 -17.50
CA GLY C 811 49.50 -2.77 -18.12
C GLY C 811 49.98 -3.15 -19.51
N ASN C 812 49.27 -4.05 -20.19
CA ASN C 812 49.68 -4.52 -21.52
C ASN C 812 48.95 -3.81 -22.64
N TYR C 813 49.40 -2.59 -22.89
CA TYR C 813 48.75 -1.72 -23.85
C TYR C 813 49.69 -0.59 -24.25
N ILE C 814 49.31 0.10 -25.31
CA ILE C 814 50.05 1.27 -25.78
C ILE C 814 49.13 2.48 -25.63
N LEU C 815 49.67 3.52 -25.01
CA LEU C 815 48.90 4.72 -24.69
C LEU C 815 49.60 5.96 -25.26
N TYR C 816 48.86 6.74 -26.07
CA TYR C 816 49.38 7.97 -26.66
C TYR C 816 48.66 9.24 -26.20
N THR C 817 49.41 10.32 -26.17
CA THR C 817 48.91 11.67 -25.99
C THR C 817 49.31 12.45 -27.26
N PHE C 818 48.37 13.18 -27.86
CA PHE C 818 48.69 14.03 -29.02
C PHE C 818 48.48 15.49 -28.64
N SER C 819 49.31 16.37 -29.21
CA SER C 819 49.16 17.81 -28.99
C SER C 819 49.64 18.60 -30.21
N VAL C 820 48.87 19.61 -30.58
CA VAL C 820 49.20 20.52 -31.66
C VAL C 820 49.12 21.96 -31.20
N SER C 821 50.20 22.71 -31.43
CA SER C 821 50.17 24.15 -31.36
C SER C 821 51.28 24.71 -32.23
N ASN C 822 51.09 25.92 -32.73
CA ASN C 822 52.08 26.58 -33.58
C ASN C 822 52.69 25.67 -34.65
N ASN C 823 51.81 24.97 -35.39
CA ASN C 823 52.20 24.18 -36.58
C ASN C 823 53.15 23.01 -36.29
N THR C 824 53.05 22.51 -35.06
CA THR C 824 53.85 21.37 -34.59
C THR C 824 52.94 20.35 -33.92
N LEU C 825 53.01 19.11 -34.38
CA LEU C 825 52.32 18.00 -33.78
C LEU C 825 53.29 17.19 -32.90
N ASP C 826 52.95 17.06 -31.62
CA ASP C 826 53.71 16.18 -30.73
C ASP C 826 52.92 14.91 -30.40
N ILE C 827 53.58 13.78 -30.63
CA ILE C 827 52.97 12.46 -30.48
C ILE C 827 53.75 11.77 -29.36
N VAL C 828 53.11 11.67 -28.20
CA VAL C 828 53.83 11.28 -26.99
C VAL C 828 53.36 9.92 -26.48
N CYS C 829 54.22 8.91 -26.60
CA CYS C 829 53.92 7.60 -26.01
C CYS C 829 54.13 7.64 -24.50
N THR C 830 53.04 7.51 -23.76
CA THR C 830 53.10 7.56 -22.30
C THR C 830 53.15 6.18 -21.63
N HIS C 831 52.92 5.12 -22.41
CA HIS C 831 53.04 3.74 -21.94
C HIS C 831 53.14 2.84 -23.15
N SER C 832 54.08 1.89 -23.11
CA SER C 832 54.29 0.96 -24.22
C SER C 832 54.59 -0.46 -23.73
N SER C 833 53.59 -1.32 -23.78
CA SER C 833 53.74 -2.69 -23.29
C SER C 833 52.87 -3.65 -24.09
N TYR C 834 52.99 -3.59 -25.42
CA TYR C 834 52.26 -4.44 -26.33
C TYR C 834 53.05 -4.57 -27.64
N GLN C 835 53.82 -5.66 -27.73
CA GLN C 835 54.85 -5.84 -28.76
C GLN C 835 54.31 -5.95 -30.18
N GLU C 836 53.21 -6.66 -30.37
CA GLU C 836 52.53 -6.70 -31.68
C GLU C 836 52.04 -5.31 -32.14
N GLY C 837 51.68 -4.44 -31.19
CA GLY C 837 51.26 -3.07 -31.52
C GLY C 837 52.34 -2.24 -32.18
N THR C 838 53.59 -2.60 -31.91
CA THR C 838 54.77 -1.90 -32.44
C THR C 838 54.98 -2.09 -33.95
N THR C 839 54.36 -3.14 -34.51
CA THR C 839 54.42 -3.41 -35.94
C THR C 839 53.52 -2.45 -36.71
N LEU C 840 52.68 -1.72 -35.99
CA LEU C 840 51.83 -0.71 -36.62
C LEU C 840 52.46 0.68 -36.59
N ALA C 841 52.04 1.54 -37.52
CA ALA C 841 52.58 2.88 -37.64
C ALA C 841 51.53 3.91 -38.05
N PHE C 842 51.71 5.15 -37.59
CA PHE C 842 50.96 6.27 -38.12
C PHE C 842 51.56 6.60 -39.48
N GLN C 843 50.72 6.55 -40.51
CA GLN C 843 51.19 6.73 -41.87
C GLN C 843 50.57 7.91 -42.59
N THR C 844 49.45 8.39 -42.05
CA THR C 844 48.80 9.61 -42.52
C THR C 844 48.48 10.58 -41.37
N VAL C 845 48.61 11.87 -41.67
CA VAL C 845 48.19 12.93 -40.77
C VAL C 845 47.44 13.93 -41.63
N LYS C 846 46.21 14.21 -41.23
CA LYS C 846 45.42 15.25 -41.86
C LYS C 846 45.24 16.43 -40.93
N ILE C 847 45.52 17.63 -41.43
CA ILE C 847 45.27 18.83 -40.65
C ILE C 847 44.20 19.63 -41.35
N LEU C 848 43.12 19.89 -40.61
CA LEU C 848 41.95 20.62 -41.09
C LEU C 848 41.93 22.05 -40.53
N GLY C 849 41.50 22.99 -41.37
CA GLY C 849 41.43 24.40 -41.00
C GLY C 849 42.79 25.06 -41.03
N LEU C 850 43.72 24.49 -41.80
CA LEU C 850 45.06 25.04 -41.93
C LEU C 850 45.03 26.17 -42.95
N THR C 851 45.06 27.40 -42.45
CA THR C 851 44.73 28.58 -43.24
C THR C 851 45.83 29.09 -44.18
N ASP C 852 47.09 28.87 -43.80
CA ASP C 852 48.23 29.29 -44.61
C ASP C 852 48.97 28.12 -45.28
N SER C 853 49.51 28.37 -46.48
CA SER C 853 50.24 27.37 -47.25
C SER C 853 51.48 26.81 -46.55
N VAL C 854 51.76 25.54 -46.85
CA VAL C 854 52.91 24.82 -46.29
C VAL C 854 53.89 24.50 -47.40
N THR C 855 55.18 24.71 -47.15
CA THR C 855 56.22 24.45 -48.14
C THR C 855 57.22 23.36 -47.70
N GLU C 856 57.16 22.99 -46.43
CA GLU C 856 58.04 21.93 -45.90
C GLU C 856 57.44 21.25 -44.67
N VAL C 857 57.57 19.93 -44.62
CA VAL C 857 57.18 19.13 -43.47
C VAL C 857 58.44 18.45 -42.92
N ARG C 858 58.59 18.45 -41.61
CA ARG C 858 59.76 17.84 -40.96
C ARG C 858 59.33 16.85 -39.87
N VAL C 859 60.11 15.78 -39.71
CA VAL C 859 59.79 14.71 -38.76
C VAL C 859 60.99 14.33 -37.88
N ALA C 860 60.74 14.19 -36.59
CA ALA C 860 61.76 13.75 -35.63
C ALA C 860 61.22 12.66 -34.72
N GLU C 861 62.04 11.64 -34.48
CA GLU C 861 61.68 10.49 -33.67
C GLU C 861 62.52 10.45 -32.40
N ASN C 862 61.87 10.35 -31.24
CA ASN C 862 62.52 10.36 -29.92
C ASN C 862 63.55 11.50 -29.76
N ASN C 863 64.83 11.14 -29.62
CA ASN C 863 65.89 12.16 -29.58
C ASN C 863 66.71 12.24 -30.87
N GLN C 864 66.09 11.91 -32.00
CA GLN C 864 66.73 11.97 -33.31
C GLN C 864 66.52 13.33 -34.00
N PRO C 865 67.46 13.73 -34.89
CA PRO C 865 67.31 15.05 -35.52
C PRO C 865 66.16 15.10 -36.54
N MET C 866 65.67 16.33 -36.78
CA MET C 866 64.62 16.60 -37.78
C MET C 866 65.06 16.26 -39.21
N ASN C 867 64.20 15.56 -39.94
CA ASN C 867 64.44 15.26 -41.35
C ASN C 867 63.30 15.81 -42.20
N ALA C 868 63.65 16.35 -43.38
CA ALA C 868 62.68 16.75 -44.39
C ALA C 868 61.76 15.58 -44.75
N HIS C 869 60.48 15.89 -44.99
CA HIS C 869 59.52 14.90 -45.45
C HIS C 869 58.83 15.47 -46.67
N SER C 870 58.89 14.73 -47.77
CA SER C 870 58.52 15.28 -49.09
C SER C 870 57.06 15.02 -49.48
N ASN C 871 56.46 13.97 -48.94
CA ASN C 871 55.09 13.61 -49.30
C ASN C 871 54.03 14.33 -48.47
N PHE C 872 53.56 15.44 -49.01
CA PHE C 872 52.42 16.18 -48.45
C PHE C 872 51.67 16.93 -49.55
N THR C 873 50.34 16.98 -49.41
CA THR C 873 49.50 17.73 -50.33
C THR C 873 48.65 18.73 -49.54
N TYR C 874 48.78 20.00 -49.86
CA TYR C 874 47.91 21.03 -49.30
C TYR C 874 46.82 21.38 -50.30
N ASP C 875 45.58 21.35 -49.84
CA ASP C 875 44.46 21.81 -50.65
C ASP C 875 43.99 23.17 -50.14
N ALA C 876 44.18 24.20 -50.97
CA ALA C 876 43.79 25.57 -50.65
C ALA C 876 42.27 25.78 -50.70
N SER C 877 41.57 24.85 -51.34
CA SER C 877 40.10 24.90 -51.46
C SER C 877 39.44 24.60 -50.10
N ASN C 878 39.73 23.42 -49.57
CA ASN C 878 39.16 22.96 -48.31
C ASN C 878 40.04 23.20 -47.08
N GLN C 879 41.22 23.81 -47.32
CA GLN C 879 42.20 24.14 -46.28
C GLN C 879 42.68 22.90 -45.50
N VAL C 880 42.95 21.83 -46.24
CA VAL C 880 43.39 20.56 -45.64
C VAL C 880 44.83 20.21 -46.10
N LEU C 881 45.68 19.97 -45.12
CA LEU C 881 46.98 19.35 -45.36
C LEU C 881 46.90 17.84 -45.16
N LEU C 882 47.24 17.09 -46.20
CA LEU C 882 47.44 15.65 -46.10
C LEU C 882 48.95 15.35 -46.04
N ILE C 883 49.40 14.70 -44.98
CA ILE C 883 50.78 14.20 -44.92
C ILE C 883 50.77 12.68 -44.99
N ALA C 884 51.26 12.16 -46.12
CA ALA C 884 51.26 10.72 -46.40
C ALA C 884 52.67 10.14 -46.43
N ASP C 885 52.75 8.81 -46.53
CA ASP C 885 54.02 8.08 -46.56
C ASP C 885 54.86 8.18 -45.28
N LEU C 886 54.20 8.42 -44.14
CA LEU C 886 54.94 8.47 -42.88
C LEU C 886 55.15 7.06 -42.33
N LYS C 887 56.15 6.88 -41.49
CA LYS C 887 56.43 5.58 -40.88
C LYS C 887 56.66 5.79 -39.39
N LEU C 888 55.56 6.08 -38.68
CA LEU C 888 55.68 6.47 -37.29
C LEU C 888 55.21 5.33 -36.39
N ASN C 889 56.13 4.44 -36.05
CA ASN C 889 55.78 3.23 -35.30
C ASN C 889 55.38 3.48 -33.86
N LEU C 890 54.39 2.72 -33.40
CA LEU C 890 53.92 2.75 -32.02
C LEU C 890 55.02 2.32 -31.06
N GLY C 891 55.04 2.92 -29.87
CA GLY C 891 56.10 2.71 -28.89
C GLY C 891 57.15 3.81 -28.88
N ARG C 892 57.06 4.72 -29.85
CA ARG C 892 58.02 5.81 -30.00
C ARG C 892 57.36 7.19 -30.01
N ASN C 893 58.12 8.21 -29.60
CA ASN C 893 57.69 9.61 -29.65
C ASN C 893 58.10 10.26 -30.96
N PHE C 894 57.23 11.13 -31.47
CA PHE C 894 57.50 11.90 -32.71
C PHE C 894 57.03 13.35 -32.57
N SER C 895 57.72 14.25 -33.26
CA SER C 895 57.22 15.58 -33.55
C SER C 895 57.14 15.71 -35.06
N VAL C 896 56.06 16.29 -35.55
CA VAL C 896 55.91 16.63 -36.97
C VAL C 896 55.65 18.14 -37.07
N GLN C 897 56.38 18.81 -37.97
CA GLN C 897 56.25 20.27 -38.19
C GLN C 897 55.85 20.63 -39.62
N TRP C 898 54.92 21.58 -39.75
CA TRP C 898 54.54 22.14 -41.03
C TRP C 898 54.56 23.68 -40.93
N LEU D 34 -5.76 -14.68 43.20
CA LEU D 34 -5.09 -14.19 44.46
C LEU D 34 -4.06 -15.19 44.97
N ASN D 35 -4.54 -16.38 45.35
CA ASN D 35 -3.71 -17.39 46.00
C ASN D 35 -3.26 -18.55 45.09
N ASP D 36 -2.82 -18.22 43.88
CA ASP D 36 -2.33 -19.22 42.93
C ASP D 36 -1.08 -19.97 43.43
N PRO D 37 -0.91 -21.26 43.02
CA PRO D 37 0.30 -22.03 43.30
C PRO D 37 1.54 -21.35 42.72
N VAL D 38 2.35 -20.79 43.61
CA VAL D 38 3.46 -19.96 43.17
C VAL D 38 4.59 -20.74 42.49
N ASN D 39 4.76 -22.01 42.86
CA ASN D 39 5.86 -22.85 42.33
C ASN D 39 5.69 -23.21 40.86
N VAL D 40 4.53 -22.86 40.32
CA VAL D 40 4.13 -23.21 38.96
C VAL D 40 4.18 -21.94 38.06
N ARG D 41 4.50 -20.81 38.66
CA ARG D 41 4.62 -19.54 37.92
C ARG D 41 5.86 -19.56 37.03
N ILE D 42 5.64 -19.23 35.76
CA ILE D 42 6.72 -19.09 34.79
C ILE D 42 6.91 -17.63 34.49
N ASN D 43 8.13 -17.19 34.73
CA ASN D 43 8.51 -15.79 34.76
C ASN D 43 8.36 -15.15 33.38
N CYS D 44 7.56 -14.09 33.32
CA CYS D 44 7.35 -13.33 32.09
C CYS D 44 8.39 -12.19 31.94
N ILE D 45 9.05 -11.84 33.05
CA ILE D 45 10.17 -10.88 33.07
C ILE D 45 11.41 -11.58 33.64
N PRO D 46 12.04 -12.46 32.84
CA PRO D 46 13.17 -13.21 33.37
C PRO D 46 14.47 -12.42 33.46
N GLU D 47 14.57 -11.34 32.70
CA GLU D 47 15.85 -10.69 32.46
C GLU D 47 16.14 -9.48 33.35
N GLN D 48 15.12 -8.97 34.03
CA GLN D 48 15.23 -7.76 34.85
C GLN D 48 14.38 -7.91 36.12
N PHE D 49 14.56 -6.98 37.06
CA PHE D 49 13.69 -6.90 38.23
C PHE D 49 12.26 -6.60 37.76
N PRO D 50 11.28 -7.43 38.19
CA PRO D 50 9.93 -7.29 37.63
C PRO D 50 9.25 -6.01 38.08
N THR D 51 8.58 -5.35 37.14
CA THR D 51 7.78 -4.15 37.40
C THR D 51 6.42 -4.31 36.73
N GLU D 52 5.43 -3.59 37.27
CA GLU D 52 4.05 -3.71 36.88
C GLU D 52 3.83 -3.17 35.44
N GLY D 53 4.57 -2.13 35.07
CA GLY D 53 4.53 -1.56 33.73
C GLY D 53 5.02 -2.52 32.66
N ILE D 54 6.17 -3.14 32.89
CA ILE D 54 6.68 -4.12 31.92
C ILE D 54 5.78 -5.36 31.86
N CYS D 55 5.15 -5.70 32.99
CA CYS D 55 4.18 -6.77 33.00
C CYS D 55 2.94 -6.44 32.17
N ALA D 56 2.37 -5.25 32.40
CA ALA D 56 1.21 -4.81 31.63
C ALA D 56 1.52 -4.81 30.13
N GLN D 57 2.68 -4.26 29.78
CA GLN D 57 3.16 -4.14 28.40
C GLN D 57 3.32 -5.51 27.72
N ARG D 58 3.74 -6.52 28.48
CA ARG D 58 3.95 -7.86 27.94
C ARG D 58 2.69 -8.73 27.95
N GLY D 59 1.61 -8.19 28.52
CA GLY D 59 0.32 -8.87 28.57
C GLY D 59 0.33 -10.04 29.54
N CYS D 60 1.05 -9.87 30.63
CA CYS D 60 1.20 -10.91 31.62
C CYS D 60 0.48 -10.55 32.92
N CYS D 61 0.61 -11.42 33.92
CA CYS D 61 -0.11 -11.27 35.17
C CYS D 61 0.83 -10.72 36.25
N TRP D 62 0.37 -9.66 36.92
CA TRP D 62 1.14 -9.00 37.96
C TRP D 62 0.61 -9.38 39.33
N ARG D 63 1.38 -10.20 40.05
CA ARG D 63 0.98 -10.61 41.38
C ARG D 63 2.17 -10.75 42.32
N PRO D 64 2.58 -9.61 42.93
CA PRO D 64 3.75 -9.59 43.79
C PRO D 64 3.63 -10.55 44.99
N TRP D 65 4.75 -11.16 45.33
CA TRP D 65 4.82 -12.17 46.37
C TRP D 65 5.72 -11.67 47.52
N ASN D 66 5.78 -12.43 48.61
CA ASN D 66 6.62 -12.10 49.78
C ASN D 66 8.06 -12.61 49.65
N ASP D 67 8.47 -12.86 48.41
CA ASP D 67 9.75 -13.44 48.05
C ASP D 67 10.16 -12.93 46.66
N SER D 68 11.44 -12.63 46.48
CA SER D 68 11.97 -12.24 45.18
C SER D 68 12.28 -13.43 44.29
N LEU D 69 12.37 -14.60 44.91
CA LEU D 69 12.59 -15.83 44.16
C LEU D 69 11.41 -16.17 43.23
N ILE D 70 10.20 -16.01 43.75
CA ILE D 70 8.98 -16.29 42.99
C ILE D 70 8.73 -15.14 42.00
N PRO D 71 8.44 -15.46 40.72
CA PRO D 71 8.07 -14.49 39.67
C PRO D 71 6.83 -13.68 40.05
N TRP D 72 6.96 -12.36 40.09
CA TRP D 72 5.83 -11.50 40.36
C TRP D 72 5.06 -11.19 39.09
N CYS D 73 5.72 -11.36 37.94
CA CYS D 73 5.10 -11.23 36.65
C CYS D 73 5.29 -12.55 35.92
N PHE D 74 4.17 -13.18 35.55
CA PHE D 74 4.21 -14.54 35.05
C PHE D 74 3.11 -14.76 34.01
N PHE D 75 3.24 -15.82 33.21
CA PHE D 75 2.29 -16.13 32.12
C PHE D 75 1.01 -16.80 32.62
N VAL D 76 -0.13 -16.44 32.03
CA VAL D 76 -1.42 -17.11 32.38
C VAL D 76 -2.22 -17.53 31.15
N ASP D 77 -1.70 -18.52 30.43
CA ASP D 77 -2.27 -18.93 29.12
C ASP D 77 -2.34 -17.82 28.03
N ASN D 78 -1.95 -16.58 28.36
CA ASN D 78 -2.05 -15.48 27.37
C ASN D 78 -1.06 -15.55 26.20
N HIS D 79 0.15 -16.06 26.45
CA HIS D 79 1.16 -16.27 25.40
C HIS D 79 1.19 -17.74 24.97
N GLY D 80 1.73 -18.00 23.79
CA GLY D 80 1.90 -19.37 23.31
C GLY D 80 1.67 -19.57 21.82
N TYR D 81 1.48 -20.83 21.43
CA TYR D 81 1.13 -21.19 20.05
C TYR D 81 -0.03 -22.18 20.08
N ASN D 82 -0.76 -22.24 18.96
CA ASN D 82 -1.81 -23.22 18.71
C ASN D 82 -1.41 -24.12 17.57
N VAL D 83 -1.87 -25.36 17.60
CA VAL D 83 -1.70 -26.27 16.48
C VAL D 83 -2.86 -25.99 15.54
N GLN D 84 -2.58 -25.57 14.31
CA GLN D 84 -3.66 -25.30 13.35
C GLN D 84 -3.97 -26.48 12.43
N ASP D 85 -2.99 -27.34 12.22
CA ASP D 85 -3.19 -28.63 11.53
C ASP D 85 -2.00 -29.54 11.82
N MET D 86 -2.25 -30.82 12.06
CA MET D 86 -1.15 -31.77 12.24
C MET D 86 -1.31 -33.11 11.52
N THR D 87 -0.19 -33.61 10.99
CA THR D 87 -0.17 -34.75 10.07
C THR D 87 0.79 -35.84 10.57
N THR D 88 0.52 -37.09 10.20
CA THR D 88 1.32 -38.23 10.66
C THR D 88 2.28 -38.75 9.59
N THR D 89 3.56 -38.85 9.93
CA THR D 89 4.58 -39.42 9.05
C THR D 89 4.85 -40.87 9.43
N SER D 90 5.73 -41.56 8.69
CA SER D 90 6.15 -42.92 9.04
C SER D 90 7.16 -42.89 10.20
N ILE D 91 7.61 -41.68 10.52
CA ILE D 91 8.72 -41.42 11.43
C ILE D 91 8.19 -40.88 12.77
N GLY D 92 6.96 -40.38 12.75
CA GLY D 92 6.37 -39.72 13.91
C GLY D 92 5.23 -38.82 13.49
N VAL D 93 5.32 -37.54 13.86
CA VAL D 93 4.28 -36.56 13.58
C VAL D 93 4.90 -35.21 13.19
N GLU D 94 4.15 -34.40 12.45
CA GLU D 94 4.56 -33.05 12.09
C GLU D 94 3.38 -32.11 12.24
N ALA D 95 3.61 -31.00 12.92
CA ALA D 95 2.53 -30.04 13.18
C ALA D 95 2.93 -28.61 12.85
N LYS D 96 2.00 -27.89 12.22
CA LYS D 96 2.15 -26.45 12.01
C LYS D 96 1.56 -25.71 13.21
N LEU D 97 2.36 -24.82 13.80
CA LEU D 97 1.92 -24.02 14.92
C LEU D 97 1.83 -22.54 14.52
N ASN D 98 0.80 -21.87 15.02
CA ASN D 98 0.65 -20.43 14.84
C ASN D 98 0.48 -19.71 16.16
N ARG D 99 1.12 -18.54 16.23
CA ARG D 99 1.26 -17.81 17.48
C ARG D 99 -0.05 -17.18 17.95
N ILE D 100 -0.33 -17.31 19.25
CA ILE D 100 -1.38 -16.54 19.90
C ILE D 100 -0.93 -15.07 19.86
N PRO D 101 -1.74 -14.19 19.24
CA PRO D 101 -1.29 -12.82 18.94
C PRO D 101 -1.13 -11.90 20.18
N SER D 102 -0.30 -12.34 21.12
CA SER D 102 -0.01 -11.56 22.31
C SER D 102 1.12 -10.57 22.05
N PRO D 103 1.37 -9.60 22.97
CA PRO D 103 2.51 -8.70 22.84
C PRO D 103 3.82 -9.47 22.82
N THR D 104 4.86 -8.89 22.24
CA THR D 104 6.15 -9.57 22.16
C THR D 104 6.92 -9.46 23.47
N LEU D 105 7.86 -10.38 23.67
CA LEU D 105 8.80 -10.24 24.78
C LEU D 105 10.04 -9.52 24.27
N PHE D 106 10.81 -10.15 23.39
CA PHE D 106 12.09 -9.59 22.96
C PHE D 106 12.20 -9.22 21.46
N GLY D 107 11.08 -9.26 20.75
CA GLY D 107 11.01 -8.87 19.33
C GLY D 107 11.12 -10.05 18.39
N ASN D 108 10.88 -9.79 17.10
CA ASN D 108 11.02 -10.77 16.01
C ASN D 108 10.48 -12.16 16.29
N ASP D 109 9.19 -12.24 16.63
CA ASP D 109 8.51 -13.51 16.83
C ASP D 109 8.36 -14.22 15.51
N ILE D 110 8.45 -15.54 15.54
CA ILE D 110 8.25 -16.31 14.32
C ILE D 110 6.84 -16.87 14.39
N ASN D 111 5.97 -16.30 13.55
CA ASN D 111 4.53 -16.54 13.66
C ASN D 111 4.10 -17.93 13.26
N SER D 112 4.81 -18.54 12.32
CA SER D 112 4.55 -19.92 11.89
C SER D 112 5.79 -20.77 12.17
N VAL D 113 5.58 -21.88 12.87
CA VAL D 113 6.66 -22.76 13.29
C VAL D 113 6.28 -24.22 12.98
N LEU D 114 7.28 -25.06 12.69
CA LEU D 114 7.05 -26.49 12.44
C LEU D 114 7.58 -27.39 13.57
N PHE D 115 6.65 -28.11 14.20
CA PHE D 115 6.96 -29.10 15.22
C PHE D 115 7.11 -30.46 14.58
N THR D 116 8.27 -31.07 14.74
CA THR D 116 8.55 -32.37 14.13
C THR D 116 9.04 -33.39 15.15
N THR D 117 8.47 -34.58 15.08
CA THR D 117 8.72 -35.63 16.02
C THR D 117 9.40 -36.82 15.32
N GLN D 118 10.35 -37.45 16.00
CA GLN D 118 10.94 -38.68 15.47
C GLN D 118 11.06 -39.75 16.55
N ASN D 119 10.33 -40.85 16.36
CA ASN D 119 10.51 -42.03 17.17
C ASN D 119 11.74 -42.79 16.71
N GLN D 120 12.90 -42.48 17.29
CA GLN D 120 14.16 -42.98 16.76
C GLN D 120 14.52 -44.42 17.16
N THR D 121 14.46 -44.71 18.47
CA THR D 121 14.58 -46.08 18.97
C THR D 121 13.51 -46.30 20.04
N PRO D 122 13.30 -47.56 20.48
CA PRO D 122 12.42 -47.80 21.63
C PRO D 122 12.77 -46.93 22.84
N ASN D 123 14.03 -46.52 22.95
CA ASN D 123 14.49 -45.78 24.11
C ASN D 123 14.67 -44.28 23.88
N ARG D 124 14.81 -43.88 22.63
CA ARG D 124 15.15 -42.50 22.30
C ARG D 124 14.07 -41.79 21.49
N PHE D 125 13.60 -40.67 22.02
CA PHE D 125 12.60 -39.87 21.33
C PHE D 125 13.16 -38.49 21.02
N ARG D 126 12.84 -37.99 19.82
CA ARG D 126 13.32 -36.67 19.40
C ARG D 126 12.20 -35.74 18.94
N PHE D 127 12.20 -34.50 19.42
CA PHE D 127 11.36 -33.48 18.78
C PHE D 127 12.09 -32.18 18.46
N LYS D 128 11.79 -31.60 17.30
CA LYS D 128 12.38 -30.32 16.95
C LYS D 128 11.32 -29.29 16.56
N ILE D 129 11.61 -28.03 16.91
CA ILE D 129 10.79 -26.90 16.48
C ILE D 129 11.61 -25.95 15.59
N THR D 130 11.22 -25.87 14.33
CA THR D 130 11.98 -25.13 13.31
C THR D 130 11.13 -24.02 12.67
N ASP D 131 11.78 -23.12 11.93
CA ASP D 131 11.09 -22.14 11.11
C ASP D 131 10.98 -22.70 9.69
N PRO D 132 9.75 -22.95 9.21
CA PRO D 132 9.57 -23.56 7.88
C PRO D 132 9.89 -22.64 6.70
N ASN D 133 10.00 -21.33 6.94
CA ASN D 133 10.24 -20.37 5.86
C ASN D 133 11.63 -19.72 5.88
N ASN D 134 12.44 -20.08 6.89
CA ASN D 134 13.83 -19.64 6.97
C ASN D 134 14.73 -20.68 7.66
N ARG D 135 15.82 -21.04 6.99
CA ARG D 135 16.78 -22.03 7.51
C ARG D 135 17.57 -21.50 8.72
N ARG D 136 17.15 -21.89 9.92
CA ARG D 136 17.83 -21.43 11.13
C ARG D 136 19.05 -22.29 11.40
N TYR D 137 20.07 -21.68 11.99
CA TYR D 137 21.25 -22.42 12.45
C TYR D 137 20.90 -23.71 13.24
N GLU D 138 21.54 -24.82 12.85
CA GLU D 138 21.46 -26.07 13.60
C GLU D 138 22.89 -26.55 13.80
N VAL D 139 23.18 -27.14 14.96
CA VAL D 139 24.52 -27.60 15.31
C VAL D 139 25.07 -28.65 14.33
N PRO D 140 26.18 -28.34 13.64
CA PRO D 140 26.78 -29.30 12.73
C PRO D 140 27.57 -30.37 13.49
N HIS D 141 26.87 -31.16 14.30
CA HIS D 141 27.52 -32.15 15.15
C HIS D 141 28.16 -33.25 14.29
N GLN D 142 29.40 -33.63 14.64
CA GLN D 142 30.20 -34.49 13.78
C GLN D 142 29.90 -35.98 13.98
N TYR D 143 29.02 -36.30 14.92
CA TYR D 143 28.63 -37.69 15.17
C TYR D 143 27.14 -37.95 14.96
N VAL D 144 26.29 -37.09 15.53
CA VAL D 144 24.84 -37.30 15.46
C VAL D 144 24.38 -37.42 14.03
N LYS D 145 23.67 -38.51 13.75
CA LYS D 145 23.31 -38.87 12.38
C LYS D 145 21.87 -38.54 12.00
N GLU D 146 21.68 -38.29 10.70
CA GLU D 146 20.37 -38.14 10.09
C GLU D 146 19.44 -39.30 10.47
N PHE D 147 18.18 -38.99 10.75
CA PHE D 147 17.18 -40.03 10.92
C PHE D 147 16.02 -39.93 9.93
N THR D 148 15.87 -40.95 9.11
CA THR D 148 14.66 -41.19 8.34
C THR D 148 14.35 -42.69 8.45
N GLY D 149 15.04 -43.34 9.40
CA GLY D 149 15.07 -44.81 9.54
C GLY D 149 13.77 -45.47 9.90
N PRO D 150 12.99 -45.91 8.88
CA PRO D 150 11.62 -46.35 9.13
C PRO D 150 11.52 -47.82 9.58
N THR D 151 10.82 -48.13 10.66
CA THR D 151 10.27 -47.23 11.66
C THR D 151 10.37 -48.01 12.99
N VAL D 152 10.13 -47.34 14.11
CA VAL D 152 10.21 -48.00 15.42
C VAL D 152 8.85 -48.32 16.04
N SER D 153 8.51 -49.61 16.13
CA SER D 153 7.38 -50.04 16.95
C SER D 153 7.84 -50.44 18.36
N ASP D 154 6.88 -50.64 19.26
CA ASP D 154 7.14 -50.95 20.66
C ASP D 154 8.14 -49.98 21.33
N THR D 155 7.86 -48.69 21.19
CA THR D 155 8.57 -47.67 21.95
C THR D 155 8.16 -47.78 23.43
N LEU D 156 9.07 -47.41 24.32
CA LEU D 156 8.80 -47.36 25.76
C LEU D 156 8.00 -46.11 26.14
N TYR D 157 7.97 -45.11 25.25
CA TYR D 157 7.33 -43.83 25.50
C TYR D 157 6.05 -43.67 24.69
N ASP D 158 5.17 -42.81 25.18
CA ASP D 158 4.01 -42.37 24.44
C ASP D 158 4.07 -40.83 24.40
N VAL D 159 3.79 -40.25 23.23
CA VAL D 159 3.76 -38.79 23.09
C VAL D 159 2.34 -38.26 22.90
N LYS D 160 1.96 -37.26 23.70
CA LYS D 160 0.65 -36.63 23.57
C LYS D 160 0.80 -35.15 23.25
N VAL D 161 0.10 -34.69 22.21
CA VAL D 161 0.19 -33.29 21.78
C VAL D 161 -1.11 -32.53 22.03
N ALA D 162 -1.07 -31.56 22.94
CA ALA D 162 -2.21 -30.67 23.15
C ALA D 162 -2.27 -29.65 22.00
N GLN D 163 -3.47 -29.32 21.56
CA GLN D 163 -3.63 -28.48 20.37
C GLN D 163 -3.92 -27.02 20.68
N ASN D 164 -4.63 -26.76 21.78
CA ASN D 164 -5.04 -25.39 22.13
C ASN D 164 -4.89 -25.08 23.62
N PRO D 165 -3.71 -24.58 24.05
CA PRO D 165 -2.52 -24.27 23.25
C PRO D 165 -1.64 -25.48 22.97
N PHE D 166 -0.59 -25.29 22.18
CA PHE D 166 0.40 -26.32 21.93
C PHE D 166 1.17 -26.74 23.19
N SER D 167 1.23 -28.04 23.46
CA SER D 167 2.20 -28.60 24.40
C SER D 167 2.51 -30.07 24.11
N ILE D 168 3.66 -30.54 24.58
CA ILE D 168 4.04 -31.94 24.43
C ILE D 168 4.09 -32.66 25.80
N GLN D 169 3.66 -33.92 25.80
CA GLN D 169 3.68 -34.76 26.99
C GLN D 169 4.35 -36.09 26.63
N VAL D 170 5.49 -36.37 27.26
CA VAL D 170 6.23 -37.60 27.01
C VAL D 170 6.06 -38.55 28.20
N ILE D 171 5.41 -39.67 27.95
CA ILE D 171 4.94 -40.54 29.02
C ILE D 171 5.65 -41.89 28.95
N ARG D 172 5.94 -42.48 30.12
CA ARG D 172 6.45 -43.85 30.17
C ARG D 172 5.25 -44.78 30.08
N LYS D 173 5.21 -45.59 29.03
CA LYS D 173 4.09 -46.50 28.76
C LYS D 173 3.80 -47.43 29.93
N SER D 174 4.84 -48.09 30.43
CA SER D 174 4.70 -49.19 31.38
C SER D 174 3.90 -48.79 32.63
N ASN D 175 4.10 -47.57 33.12
CA ASN D 175 3.40 -47.11 34.32
C ASN D 175 2.60 -45.82 34.14
N GLY D 176 2.58 -45.27 32.93
CA GLY D 176 1.79 -44.07 32.62
C GLY D 176 2.33 -42.78 33.20
N LYS D 177 3.55 -42.81 33.71
CA LYS D 177 4.16 -41.65 34.35
C LYS D 177 4.58 -40.57 33.34
N THR D 178 4.15 -39.33 33.57
CA THR D 178 4.54 -38.21 32.71
C THR D 178 5.94 -37.68 33.03
N LEU D 179 6.87 -37.97 32.12
CA LEU D 179 8.27 -37.61 32.29
C LEU D 179 8.55 -36.14 31.98
N PHE D 180 7.93 -35.65 30.91
CA PHE D 180 8.31 -34.37 30.34
C PHE D 180 7.01 -33.72 29.88
N ASP D 181 6.60 -32.70 30.62
CA ASP D 181 5.31 -32.05 30.41
C ASP D 181 5.53 -30.57 30.17
N THR D 182 5.28 -30.17 28.95
CA THR D 182 5.57 -28.83 28.50
C THR D 182 4.37 -27.85 28.72
N SER D 183 3.20 -28.38 29.10
CA SER D 183 1.97 -27.57 29.20
C SER D 183 1.89 -26.51 30.31
N ILE D 184 2.85 -26.54 31.25
CA ILE D 184 2.86 -25.55 32.33
C ILE D 184 3.28 -24.13 31.91
N GLY D 185 3.86 -24.00 30.72
CA GLY D 185 4.31 -22.70 30.21
C GLY D 185 4.13 -22.54 28.70
N PRO D 186 4.30 -21.30 28.19
CA PRO D 186 4.19 -21.05 26.75
C PRO D 186 5.40 -21.50 25.94
N LEU D 187 5.18 -21.79 24.67
CA LEU D 187 6.26 -21.79 23.70
C LEU D 187 6.50 -20.36 23.28
N VAL D 188 7.75 -19.94 23.33
CA VAL D 188 8.17 -18.64 22.82
C VAL D 188 9.22 -18.94 21.76
N TYR D 189 9.02 -18.40 20.55
CA TYR D 189 9.92 -18.67 19.47
C TYR D 189 10.14 -17.39 18.68
N SER D 190 11.23 -16.71 18.98
CA SER D 190 11.63 -15.53 18.23
C SER D 190 13.08 -15.69 17.80
N ASP D 191 13.57 -14.78 16.96
CA ASP D 191 14.88 -14.93 16.32
C ASP D 191 16.02 -15.06 17.31
N GLN D 192 15.99 -14.28 18.38
CA GLN D 192 17.06 -14.36 19.38
C GLN D 192 16.54 -14.66 20.77
N TYR D 193 15.38 -15.33 20.83
CA TYR D 193 14.82 -15.76 22.12
C TYR D 193 13.86 -16.93 21.98
N LEU D 194 14.31 -18.11 22.40
CA LEU D 194 13.48 -19.31 22.42
C LEU D 194 13.20 -19.65 23.87
N GLN D 195 11.97 -20.05 24.15
CA GLN D 195 11.63 -20.46 25.52
C GLN D 195 10.64 -21.59 25.54
N ILE D 196 10.92 -22.56 26.40
CA ILE D 196 10.05 -23.72 26.60
C ILE D 196 10.32 -24.21 28.00
N SER D 197 9.26 -24.62 28.71
CA SER D 197 9.35 -25.17 30.07
C SER D 197 8.88 -26.61 30.09
N ALA D 198 9.39 -27.40 31.04
CA ALA D 198 8.88 -28.76 31.22
C ALA D 198 8.78 -29.15 32.68
N ARG D 199 7.63 -29.69 33.05
CA ARG D 199 7.44 -30.25 34.36
C ARG D 199 7.97 -31.67 34.36
N LEU D 200 8.75 -32.00 35.41
CA LEU D 200 9.35 -33.32 35.59
C LEU D 200 8.65 -34.06 36.75
N PRO D 201 8.72 -35.41 36.78
CA PRO D 201 7.92 -36.15 37.77
C PRO D 201 8.60 -36.38 39.12
N SER D 202 9.84 -35.94 39.26
CA SER D 202 10.64 -36.29 40.42
C SER D 202 11.57 -35.14 40.77
N ASP D 203 11.82 -34.93 42.06
CA ASP D 203 12.65 -33.81 42.50
C ASP D 203 14.16 -34.03 42.35
N TYR D 204 14.58 -35.10 41.67
CA TYR D 204 15.99 -35.48 41.63
C TYR D 204 16.58 -35.37 40.23
N ILE D 205 17.40 -34.35 40.03
CA ILE D 205 17.94 -34.00 38.72
C ILE D 205 19.45 -33.84 38.85
N TYR D 206 20.17 -34.30 37.82
CA TYR D 206 21.64 -34.38 37.82
C TYR D 206 22.13 -34.00 36.42
N GLY D 207 23.17 -33.17 36.34
CA GLY D 207 23.73 -32.82 35.03
C GLY D 207 23.80 -31.32 34.80
N ILE D 208 23.79 -30.92 33.53
CA ILE D 208 24.00 -29.53 33.09
C ILE D 208 25.42 -29.03 33.38
N GLY D 209 26.02 -28.33 32.41
CA GLY D 209 27.36 -27.79 32.59
C GLY D 209 27.79 -26.79 31.53
N GLU D 210 28.98 -26.22 31.68
CA GLU D 210 29.88 -26.54 32.79
C GLU D 210 29.84 -25.39 33.80
N GLN D 211 29.50 -25.70 35.05
CA GLN D 211 29.49 -24.73 36.15
C GLN D 211 29.95 -25.45 37.42
N VAL D 212 30.17 -24.69 38.49
CA VAL D 212 30.40 -25.26 39.80
C VAL D 212 29.05 -25.45 40.51
N HIS D 213 28.60 -26.70 40.66
CA HIS D 213 27.32 -26.94 41.32
C HIS D 213 27.49 -27.20 42.82
N LYS D 214 28.69 -27.57 43.24
CA LYS D 214 29.01 -27.94 44.63
C LYS D 214 28.34 -29.23 45.10
N ARG D 215 27.11 -29.47 44.64
CA ARG D 215 26.37 -30.68 44.97
C ARG D 215 25.89 -31.35 43.67
N PHE D 216 25.94 -32.68 43.64
CA PHE D 216 25.55 -33.46 42.45
C PHE D 216 24.03 -33.39 42.19
N ARG D 217 23.22 -33.66 43.21
CA ARG D 217 21.78 -33.49 43.13
C ARG D 217 21.45 -31.99 43.04
N HIS D 218 20.67 -31.60 42.04
CA HIS D 218 20.36 -30.19 41.83
C HIS D 218 19.48 -29.58 42.93
N ASP D 219 19.88 -28.39 43.36
CA ASP D 219 19.06 -27.49 44.13
C ASP D 219 17.91 -27.03 43.23
N LEU D 220 16.69 -27.11 43.76
CA LEU D 220 15.51 -26.76 42.98
C LEU D 220 15.00 -25.36 43.29
N SER D 221 15.65 -24.67 44.22
CA SER D 221 15.19 -23.36 44.68
C SER D 221 15.47 -22.15 43.76
N TRP D 222 14.87 -22.15 42.56
CA TRP D 222 14.86 -20.97 41.68
C TRP D 222 16.28 -20.62 41.25
N LYS D 223 16.97 -21.58 40.62
CA LYS D 223 18.39 -21.49 40.31
C LYS D 223 18.62 -21.35 38.79
N THR D 224 19.55 -20.45 38.41
CA THR D 224 19.84 -20.18 37.00
C THR D 224 21.21 -20.74 36.66
N TRP D 225 21.27 -21.55 35.62
CA TRP D 225 22.52 -22.10 35.13
C TRP D 225 22.78 -21.65 33.68
N PRO D 226 23.66 -20.64 33.51
CA PRO D 226 24.04 -20.12 32.20
C PRO D 226 25.07 -20.99 31.48
N ILE D 227 24.87 -21.19 30.17
CA ILE D 227 25.76 -22.03 29.40
C ILE D 227 26.25 -21.26 28.19
N PHE D 228 27.58 -21.14 28.10
CA PHE D 228 28.28 -20.48 27.00
C PHE D 228 29.74 -20.67 27.38
N THR D 229 30.54 -21.30 26.51
CA THR D 229 31.94 -21.57 26.85
C THR D 229 32.67 -20.27 27.24
N ARG D 230 33.48 -20.35 28.29
CA ARG D 230 34.07 -19.17 28.88
C ARG D 230 35.30 -19.51 29.73
N ASP D 231 36.38 -18.76 29.51
CA ASP D 231 37.55 -18.84 30.39
C ASP D 231 37.30 -18.04 31.67
N GLN D 232 37.04 -18.76 32.77
CA GLN D 232 36.88 -18.17 34.10
C GLN D 232 37.33 -19.15 35.17
N LEU D 233 38.08 -18.67 36.16
CA LEU D 233 38.43 -19.50 37.33
C LEU D 233 37.17 -19.96 38.04
N PRO D 234 37.00 -21.28 38.21
CA PRO D 234 35.85 -21.78 38.96
C PRO D 234 35.82 -21.26 40.40
N GLY D 235 34.61 -20.90 40.85
CA GLY D 235 34.39 -20.42 42.20
C GLY D 235 32.97 -20.66 42.69
N ASP D 236 32.61 -19.97 43.78
CA ASP D 236 31.32 -20.18 44.45
C ASP D 236 30.24 -19.30 43.85
N ASN D 237 29.83 -19.65 42.63
CA ASN D 237 28.89 -18.83 41.87
C ASN D 237 28.34 -19.64 40.72
N ASN D 238 27.36 -19.08 40.01
CA ASN D 238 26.76 -19.77 38.88
C ASN D 238 27.39 -19.45 37.52
N ASN D 239 28.63 -18.93 37.52
CA ASN D 239 29.29 -18.59 36.26
C ASN D 239 29.33 -19.76 35.26
N ASN D 240 28.97 -19.48 34.01
CA ASN D 240 29.29 -20.35 32.88
C ASN D 240 30.79 -20.55 32.74
N LEU D 241 31.22 -21.80 32.68
CA LEU D 241 32.65 -22.09 32.59
C LEU D 241 33.03 -22.73 31.24
N TYR D 242 34.02 -23.61 31.27
CA TYR D 242 34.72 -24.07 30.07
C TYR D 242 33.88 -24.84 29.02
N GLY D 243 32.89 -25.61 29.47
CA GLY D 243 32.07 -26.43 28.57
C GLY D 243 30.63 -26.03 28.39
N HIS D 244 30.08 -26.47 27.25
CA HIS D 244 28.68 -26.30 26.92
C HIS D 244 28.02 -27.69 26.95
N GLN D 245 27.33 -28.00 28.05
CA GLN D 245 26.74 -29.33 28.29
C GLN D 245 25.30 -29.20 28.79
N THR D 246 24.33 -29.45 27.92
CA THR D 246 22.91 -29.27 28.28
C THR D 246 22.25 -30.51 28.88
N PHE D 247 22.89 -31.66 28.74
CA PHE D 247 22.32 -32.92 29.21
C PHE D 247 22.04 -32.92 30.72
N PHE D 248 20.81 -33.28 31.07
CA PHE D 248 20.51 -33.66 32.45
C PHE D 248 19.69 -34.94 32.49
N MET D 249 19.69 -35.55 33.66
CA MET D 249 19.13 -36.87 33.88
C MET D 249 18.25 -36.80 35.12
N CYS D 250 17.20 -37.61 35.15
CA CYS D 250 16.23 -37.57 36.25
C CYS D 250 15.93 -39.01 36.70
N ILE D 251 16.04 -39.27 38.00
CA ILE D 251 15.59 -40.56 38.53
C ILE D 251 14.13 -40.44 39.01
N GLU D 252 13.25 -41.25 38.42
CA GLU D 252 11.81 -41.18 38.67
C GLU D 252 11.40 -41.89 39.96
N ASP D 253 12.12 -42.95 40.33
CA ASP D 253 11.76 -43.77 41.49
C ASP D 253 12.79 -44.86 41.80
N THR D 254 12.55 -45.54 42.92
CA THR D 254 13.48 -46.52 43.47
C THR D 254 13.60 -47.82 42.68
N SER D 255 12.69 -48.07 41.75
CA SER D 255 12.87 -49.18 40.81
C SER D 255 14.09 -48.90 39.92
N GLY D 256 14.47 -47.63 39.82
CA GLY D 256 15.63 -47.25 39.02
C GLY D 256 15.31 -46.56 37.71
N LYS D 257 14.05 -46.65 37.29
CA LYS D 257 13.62 -46.05 36.04
C LYS D 257 13.90 -44.55 36.03
N SER D 258 14.58 -44.15 34.96
CA SER D 258 15.13 -42.81 34.81
C SER D 258 15.00 -42.34 33.36
N PHE D 259 15.22 -41.04 33.14
CA PHE D 259 15.23 -40.50 31.79
C PHE D 259 16.17 -39.31 31.70
N GLY D 260 16.71 -39.09 30.51
CA GLY D 260 17.59 -37.98 30.26
C GLY D 260 16.97 -37.04 29.26
N VAL D 261 17.35 -35.77 29.35
CA VAL D 261 16.89 -34.74 28.45
C VAL D 261 18.12 -34.05 27.87
N PHE D 262 18.27 -34.11 26.56
CA PHE D 262 19.37 -33.44 25.89
C PHE D 262 18.84 -32.43 24.88
N LEU D 263 19.24 -31.16 25.04
CA LEU D 263 18.98 -30.14 24.02
C LEU D 263 20.20 -29.95 23.08
N MET D 264 19.98 -30.13 21.77
CA MET D 264 21.04 -29.93 20.78
C MET D 264 21.02 -28.48 20.28
N ASN D 265 21.80 -27.66 20.94
CA ASN D 265 21.84 -26.22 20.70
C ASN D 265 23.14 -25.70 21.29
N SER D 266 23.87 -24.93 20.49
CA SER D 266 25.15 -24.34 20.90
C SER D 266 25.10 -22.85 21.20
N ASN D 267 23.91 -22.25 21.13
CA ASN D 267 23.78 -20.83 21.40
C ASN D 267 23.84 -20.56 22.91
N ALA D 268 24.21 -19.33 23.28
CA ALA D 268 24.15 -18.91 24.68
C ALA D 268 22.72 -19.06 25.19
N MET D 269 22.60 -19.59 26.39
CA MET D 269 21.30 -19.95 26.96
C MET D 269 21.39 -19.98 28.48
N GLU D 270 20.22 -20.09 29.11
CA GLU D 270 20.06 -20.31 30.55
C GLU D 270 19.13 -21.47 30.73
N ILE D 271 19.44 -22.37 31.66
CA ILE D 271 18.47 -23.34 32.12
C ILE D 271 18.02 -22.89 33.51
N PHE D 272 16.73 -22.66 33.66
CA PHE D 272 16.21 -22.20 34.94
C PHE D 272 15.48 -23.35 35.64
N ILE D 273 15.78 -23.54 36.92
CA ILE D 273 15.19 -24.63 37.69
C ILE D 273 14.40 -24.11 38.88
N GLN D 274 13.16 -24.56 39.00
CA GLN D 274 12.30 -24.10 40.07
C GLN D 274 11.58 -25.32 40.67
N PRO D 275 11.07 -25.20 41.91
CA PRO D 275 10.40 -26.35 42.54
C PRO D 275 9.15 -26.76 41.77
N THR D 276 8.77 -28.02 41.95
CA THR D 276 7.70 -28.75 41.25
C THR D 276 8.19 -30.16 40.85
N PRO D 277 9.33 -30.28 40.11
CA PRO D 277 10.24 -29.32 39.49
C PRO D 277 9.83 -28.94 38.08
N ILE D 278 10.13 -27.71 37.69
CA ILE D 278 9.97 -27.26 36.32
C ILE D 278 11.30 -26.69 35.84
N VAL D 279 11.71 -27.12 34.64
CA VAL D 279 12.92 -26.63 34.04
C VAL D 279 12.55 -25.78 32.82
N THR D 280 13.11 -24.58 32.76
CA THR D 280 12.85 -23.64 31.67
C THR D 280 14.15 -23.43 30.91
N TYR D 281 14.07 -23.51 29.59
CA TYR D 281 15.18 -23.18 28.72
C TYR D 281 14.95 -21.78 28.17
N ARG D 282 15.97 -20.94 28.29
CA ARG D 282 15.92 -19.58 27.75
C ARG D 282 17.13 -19.37 26.84
N VAL D 283 16.89 -19.35 25.54
CA VAL D 283 18.02 -19.49 24.63
C VAL D 283 18.07 -18.40 23.55
N THR D 284 19.28 -17.97 23.22
CA THR D 284 19.50 -16.78 22.38
C THR D 284 19.46 -17.02 20.87
N GLY D 285 19.21 -18.25 20.44
CA GLY D 285 19.23 -18.52 19.01
C GLY D 285 19.05 -19.98 18.66
N GLY D 286 19.34 -20.30 17.40
CA GLY D 286 19.21 -21.64 16.85
C GLY D 286 17.78 -22.14 16.87
N ILE D 287 17.65 -23.46 16.99
CA ILE D 287 16.33 -24.10 17.07
C ILE D 287 16.17 -24.83 18.41
N LEU D 288 14.98 -25.39 18.61
CA LEU D 288 14.73 -26.30 19.73
C LEU D 288 14.82 -27.72 19.19
N ASP D 289 15.80 -28.48 19.68
CA ASP D 289 16.06 -29.83 19.18
C ASP D 289 16.31 -30.74 20.38
N PHE D 290 15.23 -31.38 20.85
CA PHE D 290 15.27 -32.14 22.10
C PHE D 290 15.28 -33.64 21.87
N TYR D 291 16.12 -34.33 22.63
CA TYR D 291 16.08 -35.79 22.72
C TYR D 291 15.69 -36.20 24.13
N ILE D 292 14.71 -37.10 24.25
CA ILE D 292 14.35 -37.66 25.55
C ILE D 292 14.78 -39.13 25.57
N LEU D 293 15.64 -39.48 26.54
CA LEU D 293 16.23 -40.82 26.62
C LEU D 293 15.71 -41.57 27.82
N LEU D 294 15.05 -42.70 27.59
CA LEU D 294 14.50 -43.53 28.66
C LEU D 294 15.42 -44.67 29.03
N GLY D 295 15.47 -44.97 30.33
CA GLY D 295 16.27 -46.08 30.82
C GLY D 295 15.60 -46.83 31.97
N ASP D 296 16.00 -48.09 32.14
CA ASP D 296 15.54 -48.91 33.26
C ASP D 296 16.36 -48.65 34.53
N THR D 297 17.52 -48.02 34.35
CA THR D 297 18.43 -47.61 35.43
C THR D 297 19.09 -46.27 35.05
N PRO D 298 19.67 -45.55 36.03
CA PRO D 298 20.46 -44.35 35.73
C PRO D 298 21.61 -44.60 34.74
N GLU D 299 22.30 -45.71 34.90
CA GLU D 299 23.36 -46.13 33.99
C GLU D 299 22.86 -46.31 32.55
N GLN D 300 21.65 -46.85 32.39
CA GLN D 300 21.00 -47.01 31.09
C GLN D 300 20.73 -45.69 30.37
N VAL D 301 20.37 -44.66 31.13
CA VAL D 301 20.12 -43.32 30.59
C VAL D 301 21.41 -42.72 30.03
N VAL D 302 22.50 -42.87 30.78
CA VAL D 302 23.83 -42.40 30.38
C VAL D 302 24.28 -43.15 29.12
N GLN D 303 24.11 -44.47 29.12
CA GLN D 303 24.42 -45.30 27.95
C GLN D 303 23.67 -44.80 26.72
N GLN D 304 22.36 -44.58 26.88
CA GLN D 304 21.51 -44.09 25.79
C GLN D 304 21.98 -42.74 25.22
N TYR D 305 22.38 -41.85 26.12
CA TYR D 305 22.97 -40.56 25.74
C TYR D 305 24.26 -40.69 24.92
N GLN D 306 25.15 -41.61 25.32
CA GLN D 306 26.42 -41.81 24.63
C GLN D 306 26.22 -42.54 23.30
N GLN D 307 25.18 -43.37 23.25
CA GLN D 307 24.75 -44.01 22.00
C GLN D 307 24.42 -42.91 21.00
N LEU D 308 23.75 -41.87 21.48
CA LEU D 308 23.37 -40.75 20.63
C LEU D 308 24.54 -39.83 20.18
N VAL D 309 25.29 -39.29 21.14
CA VAL D 309 26.29 -38.25 20.84
C VAL D 309 27.69 -38.77 20.52
N GLY D 310 27.94 -40.05 20.82
CA GLY D 310 29.21 -40.70 20.50
C GLY D 310 29.82 -41.38 21.70
N LEU D 311 30.23 -42.63 21.54
CA LEU D 311 30.86 -43.34 22.65
C LEU D 311 32.24 -42.75 22.96
N PRO D 312 32.68 -42.78 24.23
CA PRO D 312 34.00 -42.21 24.56
C PRO D 312 35.17 -43.04 24.01
N ALA D 313 36.24 -42.34 23.63
CA ALA D 313 37.47 -42.95 23.15
C ALA D 313 38.13 -43.84 24.20
N MET D 314 38.78 -44.90 23.74
CA MET D 314 39.60 -45.75 24.61
C MET D 314 40.93 -45.04 24.90
N PRO D 315 41.29 -44.88 26.20
CA PRO D 315 42.61 -44.32 26.52
C PRO D 315 43.71 -45.34 26.29
N ALA D 316 44.93 -44.85 26.05
CA ALA D 316 46.11 -45.69 26.14
C ALA D 316 46.29 -46.02 27.63
N TYR D 317 46.95 -47.14 27.92
CA TYR D 317 47.11 -47.60 29.29
C TYR D 317 47.93 -46.60 30.13
N TRP D 318 48.92 -45.95 29.51
CA TRP D 318 49.75 -44.97 30.22
C TRP D 318 49.01 -43.70 30.66
N ASN D 319 47.82 -43.47 30.10
CA ASN D 319 46.99 -42.32 30.46
C ASN D 319 46.38 -42.48 31.84
N LEU D 320 46.43 -43.69 32.38
CA LEU D 320 45.91 -43.99 33.71
C LEU D 320 47.00 -43.83 34.76
N GLY D 321 48.24 -43.65 34.30
CA GLY D 321 49.39 -43.41 35.16
C GLY D 321 49.36 -42.02 35.77
N PHE D 322 49.88 -41.89 36.98
CA PHE D 322 49.95 -40.61 37.67
C PHE D 322 50.83 -39.62 36.91
N GLN D 323 50.56 -38.34 37.12
CA GLN D 323 51.10 -37.30 36.29
C GLN D 323 51.59 -36.12 37.13
N LEU D 324 52.74 -35.59 36.76
CA LEU D 324 53.40 -34.51 37.52
C LEU D 324 53.59 -33.29 36.63
N SER D 325 53.16 -32.13 37.11
CA SER D 325 53.09 -30.92 36.27
C SER D 325 53.04 -29.62 37.08
N ARG D 326 53.46 -28.54 36.43
CA ARG D 326 53.20 -27.19 36.91
C ARG D 326 53.40 -26.17 35.81
N TRP D 327 52.79 -25.01 35.99
CA TRP D 327 53.01 -23.90 35.10
C TRP D 327 54.22 -23.14 35.63
N ASN D 328 55.16 -22.90 34.72
CA ASN D 328 56.38 -22.13 35.01
C ASN D 328 57.42 -22.83 35.90
N TYR D 329 58.06 -23.85 35.35
CA TYR D 329 59.26 -24.42 35.95
C TYR D 329 60.43 -23.48 35.71
N LYS D 330 60.24 -22.56 34.75
CA LYS D 330 61.22 -21.54 34.36
C LYS D 330 62.36 -22.13 33.51
N SER D 331 63.07 -23.11 34.06
CA SER D 331 64.18 -23.75 33.36
C SER D 331 64.05 -25.27 33.33
N LEU D 332 64.73 -25.91 32.38
CA LEU D 332 64.73 -27.37 32.25
C LEU D 332 65.41 -28.02 33.45
N ASP D 333 66.34 -27.30 34.07
CA ASP D 333 67.06 -27.78 35.23
C ASP D 333 66.13 -28.04 36.43
N VAL D 334 65.13 -27.19 36.60
CA VAL D 334 64.14 -27.39 37.64
C VAL D 334 63.27 -28.62 37.30
N VAL D 335 62.81 -28.68 36.04
CA VAL D 335 62.05 -29.83 35.54
C VAL D 335 62.75 -31.16 35.85
N LYS D 336 64.06 -31.22 35.54
CA LYS D 336 64.87 -32.41 35.78
C LYS D 336 65.02 -32.71 37.26
N GLU D 337 65.12 -31.66 38.08
CA GLU D 337 65.25 -31.83 39.54
C GLU D 337 63.97 -32.29 40.20
N VAL D 338 62.82 -31.94 39.61
CA VAL D 338 61.52 -32.43 40.05
C VAL D 338 61.41 -33.91 39.67
N VAL D 339 61.79 -34.23 38.44
CA VAL D 339 61.75 -35.60 37.93
C VAL D 339 62.58 -36.56 38.80
N ARG D 340 63.80 -36.15 39.15
CA ARG D 340 64.69 -37.04 39.89
C ARG D 340 64.33 -37.24 41.37
N ARG D 341 63.84 -36.18 42.03
CA ARG D 341 63.50 -36.31 43.45
C ARG D 341 62.29 -37.22 43.70
N ASN D 342 61.32 -37.19 42.79
CA ASN D 342 60.16 -38.08 42.88
C ASN D 342 60.49 -39.51 42.45
N ARG D 343 61.43 -39.64 41.52
CA ARG D 343 61.98 -40.94 41.17
C ARG D 343 62.66 -41.56 42.39
N GLU D 344 63.43 -40.73 43.09
CA GLU D 344 64.13 -41.12 44.30
C GLU D 344 63.16 -41.52 45.42
N ALA D 345 62.07 -40.78 45.54
CA ALA D 345 61.05 -41.01 46.58
C ALA D 345 60.16 -42.22 46.27
N GLY D 346 60.32 -42.79 45.08
CA GLY D 346 59.54 -43.95 44.65
C GLY D 346 58.06 -43.67 44.44
N ILE D 347 57.74 -42.44 44.06
CA ILE D 347 56.35 -42.07 43.73
C ILE D 347 56.06 -42.52 42.30
N PRO D 348 55.06 -43.40 42.11
CA PRO D 348 54.71 -43.86 40.77
C PRO D 348 54.14 -42.71 39.96
N PHE D 349 54.72 -42.47 38.78
CA PHE D 349 54.18 -41.53 37.81
C PHE D 349 54.69 -41.86 36.41
N ASP D 350 53.78 -41.84 35.44
CA ASP D 350 54.13 -42.17 34.05
C ASP D 350 54.58 -40.96 33.26
N THR D 351 54.00 -39.80 33.56
CA THR D 351 54.13 -38.66 32.67
C THR D 351 54.66 -37.41 33.35
N GLN D 352 55.53 -36.71 32.64
CA GLN D 352 55.92 -35.36 32.96
C GLN D 352 55.25 -34.44 31.96
N VAL D 353 54.63 -33.38 32.47
CA VAL D 353 53.97 -32.40 31.61
C VAL D 353 54.74 -31.09 31.64
N THR D 354 54.88 -30.48 30.47
CA THR D 354 55.46 -29.16 30.40
C THR D 354 54.46 -28.14 29.84
N ASP D 355 54.26 -27.09 30.63
CA ASP D 355 53.39 -25.96 30.30
C ASP D 355 54.07 -24.94 29.36
N ILE D 356 53.46 -23.77 29.19
CA ILE D 356 53.86 -22.78 28.16
C ILE D 356 55.26 -22.19 28.29
N ASP D 357 55.93 -22.45 29.41
CA ASP D 357 57.28 -21.95 29.61
C ASP D 357 58.35 -22.74 28.86
N TYR D 358 58.01 -23.95 28.38
CA TYR D 358 58.95 -24.68 27.52
C TYR D 358 59.10 -23.96 26.18
N MET D 359 58.09 -23.17 25.84
CA MET D 359 58.04 -22.48 24.55
C MET D 359 58.96 -21.28 24.52
N GLU D 360 59.45 -20.96 23.33
CA GLU D 360 60.12 -19.70 23.08
C GLU D 360 59.04 -18.64 22.89
N ASP D 361 59.03 -17.64 23.77
CA ASP D 361 58.08 -16.53 23.70
C ASP D 361 56.63 -16.98 23.85
N LYS D 362 56.41 -18.09 24.56
CA LYS D 362 55.09 -18.71 24.73
C LYS D 362 54.40 -19.02 23.38
N LYS D 363 55.20 -19.52 22.43
CA LYS D 363 54.75 -19.79 21.06
C LYS D 363 54.67 -21.28 20.77
N ASP D 364 53.57 -21.69 20.14
CA ASP D 364 53.32 -23.09 19.76
C ASP D 364 54.38 -23.65 18.80
N PHE D 365 54.77 -24.91 19.04
CA PHE D 365 55.73 -25.65 18.21
C PHE D 365 57.16 -25.06 18.20
N THR D 366 57.49 -24.32 19.26
CA THR D 366 58.84 -23.78 19.47
C THR D 366 59.22 -24.05 20.92
N TYR D 367 60.44 -24.52 21.15
CA TYR D 367 60.93 -24.72 22.52
C TYR D 367 62.06 -23.73 22.85
N ASP D 368 62.19 -23.39 24.12
CA ASP D 368 63.22 -22.47 24.60
C ASP D 368 64.59 -23.13 24.52
N GLN D 369 65.42 -22.64 23.61
CA GLN D 369 66.75 -23.24 23.39
C GLN D 369 67.79 -22.77 24.42
N VAL D 370 67.42 -21.81 25.26
CA VAL D 370 68.29 -21.39 26.36
C VAL D 370 67.82 -22.01 27.68
N ALA D 371 66.66 -21.57 28.18
CA ALA D 371 66.10 -22.10 29.44
C ALA D 371 65.84 -23.61 29.41
N PHE D 372 65.53 -24.14 28.22
CA PHE D 372 65.28 -25.58 28.06
C PHE D 372 66.22 -26.23 27.03
N ASN D 373 67.48 -25.80 27.01
CA ASN D 373 68.50 -26.41 26.17
C ASN D 373 68.65 -27.89 26.53
N GLY D 374 68.80 -28.70 25.49
CA GLY D 374 68.95 -30.14 25.66
C GLY D 374 67.68 -30.78 26.16
N LEU D 375 66.55 -30.33 25.62
CA LEU D 375 65.23 -30.91 25.92
C LEU D 375 65.02 -32.27 25.23
N PRO D 376 65.40 -32.40 23.93
CA PRO D 376 65.23 -33.70 23.26
C PRO D 376 65.96 -34.84 23.98
N GLN D 377 67.11 -34.54 24.56
CA GLN D 377 67.92 -35.52 25.31
C GLN D 377 67.25 -35.89 26.63
N PHE D 378 66.65 -34.89 27.28
CA PHE D 378 65.86 -35.12 28.49
C PHE D 378 64.58 -35.92 28.21
N VAL D 379 64.01 -35.72 27.02
CA VAL D 379 62.83 -36.49 26.58
C VAL D 379 63.21 -37.97 26.40
N GLN D 380 64.44 -38.20 25.94
CA GLN D 380 64.97 -39.55 25.82
C GLN D 380 65.21 -40.18 27.19
N ASP D 381 65.70 -39.39 28.14
CA ASP D 381 65.92 -39.86 29.53
C ASP D 381 64.65 -40.46 30.14
N LEU D 382 63.53 -39.78 29.93
CA LEU D 382 62.23 -40.24 30.40
C LEU D 382 61.87 -41.57 29.73
N HIS D 383 62.09 -41.63 28.42
CA HIS D 383 61.83 -42.85 27.66
C HIS D 383 62.65 -44.02 28.17
N ASP D 384 63.92 -43.78 28.48
CA ASP D 384 64.83 -44.79 29.05
C ASP D 384 64.41 -45.30 30.43
N HIS D 385 63.62 -44.49 31.14
CA HIS D 385 63.04 -44.88 32.43
C HIS D 385 61.58 -45.35 32.26
N GLY D 386 61.20 -45.62 31.01
CA GLY D 386 59.85 -46.09 30.67
C GLY D 386 58.79 -45.06 30.98
N GLN D 387 59.04 -43.81 30.59
CA GLN D 387 58.11 -42.71 30.86
C GLN D 387 57.72 -41.94 29.59
N LYS D 388 56.78 -41.02 29.75
CA LYS D 388 56.16 -40.29 28.63
C LYS D 388 56.28 -38.79 28.83
N TYR D 389 55.98 -38.03 27.79
CA TYR D 389 56.11 -36.59 27.84
C TYR D 389 54.94 -35.91 27.14
N VAL D 390 54.27 -35.01 27.86
CA VAL D 390 53.11 -34.29 27.34
C VAL D 390 53.37 -32.78 27.33
N ILE D 391 53.26 -32.18 26.14
CA ILE D 391 53.39 -30.74 25.98
C ILE D 391 52.02 -30.08 25.91
N ILE D 392 51.95 -28.80 26.26
CA ILE D 392 50.72 -28.01 26.10
C ILE D 392 50.72 -27.32 24.73
N LEU D 393 49.55 -27.22 24.12
CA LEU D 393 49.38 -26.48 22.88
C LEU D 393 48.17 -25.57 23.01
N ASP D 394 48.33 -24.33 22.55
CA ASP D 394 47.24 -23.36 22.60
C ASP D 394 46.71 -23.15 21.18
N PRO D 395 45.41 -22.78 21.04
CA PRO D 395 44.90 -22.54 19.69
C PRO D 395 45.49 -21.31 19.01
N ALA D 396 45.57 -20.19 19.73
CA ALA D 396 45.95 -18.90 19.14
C ALA D 396 47.42 -18.75 18.73
N ILE D 397 47.63 -18.19 17.54
CA ILE D 397 48.97 -18.09 16.92
C ILE D 397 49.43 -16.64 16.82
N SER D 398 50.63 -16.36 17.35
CA SER D 398 51.22 -15.02 17.35
C SER D 398 51.34 -14.42 15.96
N ILE D 399 51.05 -13.13 15.84
CA ILE D 399 51.25 -12.39 14.59
C ILE D 399 52.61 -11.69 14.58
N GLY D 400 53.37 -11.88 15.66
CA GLY D 400 54.70 -11.30 15.81
C GLY D 400 55.80 -12.18 15.26
N ARG D 401 57.00 -11.62 15.22
CA ARG D 401 58.20 -12.31 14.72
C ARG D 401 58.82 -13.20 15.80
N ARG D 402 59.91 -13.87 15.44
CA ARG D 402 60.54 -14.86 16.31
C ARG D 402 61.95 -14.44 16.71
N TYR D 408 58.61 -16.70 12.33
CA TYR D 408 57.70 -17.69 12.91
C TYR D 408 57.01 -18.50 11.81
N ALA D 409 57.53 -19.71 11.56
CA ALA D 409 57.07 -20.55 10.46
C ALA D 409 55.64 -21.07 10.62
N THR D 410 55.17 -21.17 11.87
CA THR D 410 53.81 -21.62 12.17
C THR D 410 52.76 -20.66 11.64
N TYR D 411 53.02 -19.36 11.83
CA TYR D 411 52.08 -18.31 11.45
C TYR D 411 52.03 -18.11 9.95
N GLU D 412 53.21 -17.96 9.34
CA GLU D 412 53.35 -17.73 7.90
C GLU D 412 52.53 -18.72 7.06
N ARG D 413 52.67 -20.01 7.38
CA ARG D 413 51.93 -21.07 6.70
C ARG D 413 50.41 -20.91 6.84
N GLY D 414 49.97 -20.42 7.98
CA GLY D 414 48.55 -20.24 8.27
C GLY D 414 47.83 -19.29 7.34
N ASN D 415 48.48 -18.16 7.03
CA ASN D 415 47.87 -17.15 6.17
C ASN D 415 47.97 -17.41 4.67
N THR D 416 48.94 -18.23 4.27
CA THR D 416 49.03 -18.72 2.90
C THR D 416 47.89 -19.72 2.65
N GLN D 417 47.60 -20.53 3.67
CA GLN D 417 46.53 -21.51 3.60
C GLN D 417 45.17 -20.94 4.05
N HIS D 418 45.16 -19.65 4.39
CA HIS D 418 43.96 -18.91 4.83
C HIS D 418 43.17 -19.69 5.87
N VAL D 419 43.81 -19.91 7.01
CA VAL D 419 43.39 -20.87 8.03
C VAL D 419 42.61 -20.23 9.19
N TRP D 420 42.60 -18.90 9.24
CA TRP D 420 42.11 -18.13 10.40
C TRP D 420 40.61 -17.82 10.43
N ILE D 421 40.06 -17.70 11.64
CA ILE D 421 38.75 -17.11 11.85
C ILE D 421 38.83 -15.67 11.31
N ASN D 422 37.83 -15.25 10.55
CA ASN D 422 37.81 -13.91 9.98
C ASN D 422 36.81 -12.99 10.67
N GLU D 423 36.99 -11.69 10.46
CA GLU D 423 36.03 -10.67 10.89
C GLU D 423 34.74 -10.81 10.09
N SER D 424 33.74 -9.99 10.40
CA SER D 424 32.43 -10.03 9.75
C SER D 424 32.47 -9.77 8.23
N ASP D 425 33.57 -9.22 7.72
CA ASP D 425 33.73 -9.01 6.27
C ASP D 425 34.08 -10.29 5.51
N GLY D 426 34.53 -11.31 6.24
CA GLY D 426 34.92 -12.60 5.65
C GLY D 426 36.32 -12.64 5.05
N SER D 427 36.99 -11.49 5.04
CA SER D 427 38.32 -11.35 4.43
C SER D 427 39.45 -11.26 5.45
N THR D 428 39.23 -10.47 6.51
CA THR D 428 40.29 -10.07 7.40
C THR D 428 40.34 -10.96 8.65
N PRO D 429 41.49 -11.61 8.89
CA PRO D 429 41.66 -12.42 10.10
C PRO D 429 41.49 -11.59 11.38
N ILE D 430 40.70 -12.10 12.32
CA ILE D 430 40.46 -11.39 13.57
C ILE D 430 41.70 -11.45 14.48
N ILE D 431 42.04 -10.33 15.14
CA ILE D 431 43.19 -10.29 16.03
C ILE D 431 42.77 -10.25 17.50
N GLY D 432 43.23 -11.23 18.27
CA GLY D 432 43.03 -11.26 19.72
C GLY D 432 44.36 -11.18 20.46
N GLU D 433 44.32 -11.44 21.76
CA GLU D 433 45.52 -11.45 22.58
C GLU D 433 45.52 -12.65 23.53
N VAL D 434 46.58 -13.46 23.46
CA VAL D 434 46.82 -14.54 24.44
C VAL D 434 48.29 -14.52 24.88
N TRP D 435 48.76 -15.62 25.45
CA TRP D 435 50.09 -15.69 26.07
C TRP D 435 51.26 -15.03 25.32
N PRO D 436 51.36 -15.23 23.98
CA PRO D 436 52.44 -14.59 23.23
C PRO D 436 52.13 -13.18 22.68
N GLY D 437 51.09 -12.53 23.19
CA GLY D 437 50.67 -11.21 22.72
C GLY D 437 49.51 -11.30 21.74
N LEU D 438 49.48 -10.37 20.78
CA LEU D 438 48.47 -10.37 19.70
C LEU D 438 48.53 -11.66 18.87
N THR D 439 47.38 -12.29 18.67
CA THR D 439 47.29 -13.58 17.98
C THR D 439 46.08 -13.65 17.05
N VAL D 440 46.20 -14.51 16.04
CA VAL D 440 45.10 -14.90 15.15
C VAL D 440 44.56 -16.27 15.58
N TYR D 441 43.34 -16.59 15.18
CA TYR D 441 42.66 -17.81 15.62
C TYR D 441 42.39 -18.81 14.49
N PRO D 442 42.94 -20.03 14.62
CA PRO D 442 42.65 -21.07 13.66
C PRO D 442 41.17 -21.39 13.64
N ASP D 443 40.62 -21.53 12.44
CA ASP D 443 39.26 -22.02 12.25
C ASP D 443 39.31 -23.54 12.12
N PHE D 444 39.26 -24.22 13.26
CA PHE D 444 39.39 -25.67 13.29
C PHE D 444 38.21 -26.39 12.61
N THR D 445 37.20 -25.63 12.22
CA THR D 445 36.05 -26.19 11.53
C THR D 445 36.34 -26.37 10.04
N ASN D 446 37.35 -25.64 9.54
CA ASN D 446 37.76 -25.63 8.15
C ASN D 446 38.81 -26.70 7.84
N PRO D 447 38.51 -27.60 6.87
CA PRO D 447 39.39 -28.70 6.47
C PRO D 447 40.85 -28.29 6.20
N ASN D 448 41.07 -27.12 5.61
CA ASN D 448 42.43 -26.62 5.38
C ASN D 448 43.20 -26.40 6.68
N CYS D 449 42.47 -25.94 7.70
CA CYS D 449 43.07 -25.66 9.00
C CYS D 449 43.49 -26.92 9.73
N ILE D 450 42.71 -28.00 9.57
CA ILE D 450 43.01 -29.26 10.27
C ILE D 450 44.26 -29.93 9.70
N ASP D 451 44.47 -29.82 8.39
CA ASP D 451 45.70 -30.31 7.74
C ASP D 451 46.93 -29.52 8.21
N TRP D 452 46.80 -28.20 8.23
CA TRP D 452 47.86 -27.32 8.70
C TRP D 452 48.29 -27.67 10.13
N TRP D 453 47.30 -27.79 11.02
CA TRP D 453 47.50 -28.12 12.43
C TRP D 453 48.18 -29.47 12.60
N ALA D 454 47.81 -30.43 11.77
CA ALA D 454 48.35 -31.79 11.80
C ALA D 454 49.82 -31.83 11.43
N ASN D 455 50.22 -31.00 10.48
CA ASN D 455 51.59 -30.99 10.00
C ASN D 455 52.50 -30.21 10.95
N GLU D 456 51.93 -29.21 11.62
CA GLU D 456 52.65 -28.47 12.63
C GLU D 456 53.04 -29.41 13.77
N CYS D 457 52.11 -30.27 14.17
CA CYS D 457 52.34 -31.27 15.21
C CYS D 457 53.42 -32.30 14.84
N SER D 458 53.52 -32.65 13.57
CA SER D 458 54.52 -33.60 13.08
C SER D 458 55.90 -32.95 12.93
N ILE D 459 55.93 -31.74 12.36
CA ILE D 459 57.17 -30.97 12.22
C ILE D 459 57.86 -30.79 13.59
N PHE D 460 57.08 -30.48 14.62
CA PHE D 460 57.63 -30.29 15.97
C PHE D 460 58.07 -31.59 16.65
N HIS D 461 57.37 -32.68 16.36
CA HIS D 461 57.67 -33.99 16.94
C HIS D 461 59.06 -34.55 16.53
N GLN D 462 59.56 -34.12 15.37
CA GLN D 462 60.89 -34.53 14.90
C GLN D 462 62.01 -33.94 15.75
N GLU D 463 61.78 -32.76 16.32
CA GLU D 463 62.68 -32.15 17.28
C GLU D 463 62.46 -32.76 18.67
N VAL D 464 61.25 -32.58 19.18
CA VAL D 464 60.88 -33.04 20.52
C VAL D 464 59.87 -34.20 20.44
N GLN D 465 60.36 -35.41 20.71
CA GLN D 465 59.53 -36.62 20.72
C GLN D 465 58.54 -36.66 21.89
N TYR D 466 57.52 -35.80 21.84
CA TYR D 466 56.44 -35.85 22.83
C TYR D 466 55.56 -37.08 22.60
N ASP D 467 54.83 -37.48 23.63
CA ASP D 467 53.99 -38.66 23.54
C ASP D 467 52.52 -38.29 23.53
N GLY D 468 52.23 -37.07 23.97
CA GLY D 468 50.86 -36.61 24.11
C GLY D 468 50.69 -35.10 24.12
N LEU D 469 49.44 -34.67 24.02
CA LEU D 469 49.12 -33.26 23.90
C LEU D 469 48.10 -32.84 24.92
N TRP D 470 48.18 -31.57 25.33
CA TRP D 470 47.24 -30.95 26.25
C TRP D 470 46.80 -29.65 25.59
N ILE D 471 45.55 -29.60 25.14
CA ILE D 471 45.05 -28.41 24.44
C ILE D 471 44.24 -27.55 25.38
N ASP D 472 44.70 -26.31 25.52
CA ASP D 472 44.17 -25.41 26.53
C ASP D 472 43.67 -24.13 25.88
N MET D 473 42.92 -23.33 26.66
CA MET D 473 42.44 -21.99 26.26
C MET D 473 41.55 -22.02 25.02
N ASN D 474 40.84 -23.13 24.83
CA ASN D 474 40.09 -23.34 23.60
C ASN D 474 38.59 -23.09 23.72
N GLU D 475 38.24 -22.01 24.42
CA GLU D 475 36.85 -21.59 24.63
C GLU D 475 36.11 -20.92 23.43
N VAL D 476 36.76 -20.07 22.63
CA VAL D 476 38.18 -19.74 22.69
C VAL D 476 38.43 -18.49 23.56
N SER D 477 39.60 -18.43 24.20
CA SER D 477 39.88 -17.36 25.14
C SER D 477 40.71 -16.23 24.50
N SER D 478 40.45 -15.00 24.94
CA SER D 478 41.13 -13.81 24.45
C SER D 478 41.32 -12.80 25.60
N PHE D 479 42.54 -12.30 25.79
CA PHE D 479 42.83 -11.32 26.86
C PHE D 479 42.35 -9.90 26.54
N ILE D 480 41.87 -9.69 25.31
CA ILE D 480 41.19 -8.45 24.94
C ILE D 480 39.74 -8.76 24.57
N GLN D 481 38.89 -7.74 24.54
CA GLN D 481 37.46 -7.94 24.43
C GLN D 481 36.95 -7.90 22.99
N GLY D 482 36.75 -9.09 22.41
CA GLY D 482 36.20 -9.22 21.06
C GLY D 482 37.28 -9.18 19.99
N SER D 483 37.84 -7.99 19.77
CA SER D 483 38.94 -7.87 18.82
C SER D 483 39.89 -6.76 19.17
N THR D 484 40.94 -6.67 18.37
CA THR D 484 41.92 -5.62 18.47
C THR D 484 41.31 -4.25 18.12
N LYS D 485 40.19 -4.27 17.40
CA LYS D 485 39.50 -3.05 17.00
C LYS D 485 38.16 -2.89 17.71
N GLY D 486 37.82 -3.89 18.53
CA GLY D 486 36.60 -3.86 19.32
C GLY D 486 35.47 -4.61 18.64
N CYS D 487 34.24 -4.14 18.85
CA CYS D 487 33.05 -4.80 18.30
C CYS D 487 32.05 -3.81 17.74
N ASN D 488 31.30 -4.25 16.73
CA ASN D 488 30.19 -3.49 16.21
C ASN D 488 29.02 -3.49 17.19
N VAL D 489 28.35 -2.34 17.30
CA VAL D 489 27.10 -2.24 18.05
C VAL D 489 25.97 -2.73 17.16
N ASN D 490 25.64 -4.01 17.32
CA ASN D 490 24.51 -4.63 16.65
C ASN D 490 23.92 -5.71 17.55
N LYS D 491 22.99 -6.49 17.00
CA LYS D 491 22.22 -7.47 17.76
C LYS D 491 22.95 -8.76 18.12
N LEU D 492 24.02 -9.09 17.40
CA LEU D 492 24.82 -10.26 17.74
C LEU D 492 25.74 -10.02 18.95
N ASN D 493 26.43 -8.89 18.97
CA ASN D 493 27.30 -8.51 20.07
C ASN D 493 26.53 -8.02 21.30
N TYR D 494 25.34 -7.46 21.06
CA TYR D 494 24.47 -6.96 22.10
C TYR D 494 23.06 -7.45 21.88
N PRO D 495 22.82 -8.74 22.18
CA PRO D 495 21.52 -9.36 21.85
C PRO D 495 20.39 -8.82 22.71
N PRO D 496 19.13 -8.96 22.24
CA PRO D 496 17.98 -8.46 23.01
C PRO D 496 17.78 -9.15 24.37
N PHE D 497 18.09 -10.44 24.44
CA PHE D 497 18.06 -11.18 25.71
C PHE D 497 19.45 -11.69 26.05
N THR D 498 19.96 -11.27 27.20
CA THR D 498 21.27 -11.73 27.63
C THR D 498 21.07 -12.67 28.82
N PRO D 499 21.54 -13.92 28.69
CA PRO D 499 21.40 -14.82 29.82
C PRO D 499 22.39 -14.44 30.91
N ASP D 500 22.29 -15.06 32.07
CA ASP D 500 23.09 -14.72 33.24
C ASP D 500 24.58 -15.13 33.10
N ILE D 501 25.13 -14.99 31.89
CA ILE D 501 26.55 -15.26 31.65
C ILE D 501 27.43 -14.20 32.33
N LEU D 502 28.66 -14.58 32.65
CA LEU D 502 29.59 -13.71 33.35
C LEU D 502 29.87 -12.48 32.50
N ASP D 503 29.86 -11.32 33.16
CA ASP D 503 29.99 -10.00 32.53
C ASP D 503 28.76 -9.54 31.72
N LYS D 504 27.74 -10.39 31.57
CA LYS D 504 26.54 -10.03 30.80
C LYS D 504 26.88 -9.41 29.42
N LEU D 505 27.93 -9.95 28.80
CA LEU D 505 28.47 -9.40 27.58
C LEU D 505 28.96 -10.57 26.72
N MET D 506 28.29 -10.80 25.61
CA MET D 506 28.55 -11.98 24.80
C MET D 506 30.02 -12.20 24.41
N TYR D 507 30.73 -11.13 24.09
CA TYR D 507 32.11 -11.27 23.63
C TYR D 507 33.21 -11.09 24.70
N SER D 508 32.79 -11.03 25.96
CA SER D 508 33.73 -10.89 27.05
C SER D 508 34.65 -12.11 27.14
N LYS D 509 35.97 -11.85 27.17
CA LYS D 509 36.99 -12.91 27.24
C LYS D 509 37.08 -13.77 25.97
N THR D 510 36.48 -13.31 24.89
CA THR D 510 36.47 -14.09 23.64
C THR D 510 36.50 -13.17 22.44
N ILE D 511 36.21 -13.70 21.26
CA ILE D 511 36.20 -12.90 20.04
C ILE D 511 34.79 -12.40 19.73
N CYS D 512 34.69 -11.43 18.81
CA CYS D 512 33.41 -10.86 18.40
C CYS D 512 32.41 -11.90 17.92
N MET D 513 31.13 -11.62 18.15
CA MET D 513 30.04 -12.55 17.84
C MET D 513 29.69 -12.61 16.35
N ASP D 514 30.16 -11.61 15.60
CA ASP D 514 29.92 -11.59 14.15
C ASP D 514 31.15 -12.04 13.36
N ALA D 515 32.10 -12.67 14.06
CA ALA D 515 33.24 -13.29 13.40
C ALA D 515 32.74 -14.58 12.74
N VAL D 516 33.25 -14.89 11.56
CA VAL D 516 32.72 -16.02 10.79
C VAL D 516 33.70 -17.19 10.75
N GLN D 517 33.13 -18.40 10.81
CA GLN D 517 33.88 -19.64 10.67
C GLN D 517 33.28 -20.49 9.54
N ASN D 518 33.99 -21.55 9.16
CA ASN D 518 33.46 -22.54 8.21
C ASN D 518 32.07 -23.02 8.61
N TRP D 519 31.86 -23.36 9.89
CA TRP D 519 30.53 -23.81 10.34
C TRP D 519 29.51 -22.69 10.60
N GLY D 520 29.95 -21.44 10.60
CA GLY D 520 29.04 -20.32 10.80
C GLY D 520 29.60 -19.18 11.63
N LYS D 521 28.77 -18.18 11.91
CA LYS D 521 29.18 -17.00 12.69
C LYS D 521 29.35 -17.30 14.18
N GLN D 522 30.27 -16.60 14.81
CA GLN D 522 30.65 -16.85 16.21
C GLN D 522 29.45 -16.92 17.15
N TYR D 523 28.46 -16.04 16.94
CA TYR D 523 27.20 -16.04 17.69
C TYR D 523 26.59 -17.44 17.83
N ASP D 524 26.75 -18.27 16.82
CA ASP D 524 26.16 -19.60 16.82
C ASP D 524 27.15 -20.68 17.26
N VAL D 525 28.40 -20.58 16.81
CA VAL D 525 29.38 -21.67 16.91
C VAL D 525 30.47 -21.46 17.98
N HIS D 526 30.36 -20.35 18.72
CA HIS D 526 31.28 -20.05 19.80
C HIS D 526 31.57 -21.28 20.70
N SER D 527 30.51 -21.97 21.11
CA SER D 527 30.63 -23.05 22.09
C SER D 527 31.19 -24.35 21.52
N LEU D 528 31.50 -24.35 20.23
CA LEU D 528 32.02 -25.54 19.58
C LEU D 528 33.55 -25.52 19.40
N TYR D 529 34.20 -24.42 19.79
CA TYR D 529 35.64 -24.31 19.53
C TYR D 529 36.44 -25.52 20.02
N GLY D 530 36.33 -25.84 21.31
CA GLY D 530 37.03 -27.00 21.89
C GLY D 530 36.64 -28.33 21.26
N TYR D 531 35.34 -28.55 21.11
CA TYR D 531 34.82 -29.64 20.27
C TYR D 531 35.60 -29.70 18.93
N SER D 532 35.60 -28.62 18.16
CA SER D 532 36.29 -28.60 16.86
C SER D 532 37.81 -28.75 16.99
N MET D 533 38.39 -28.26 18.09
CA MET D 533 39.84 -28.37 18.28
C MET D 533 40.26 -29.79 18.64
N ALA D 534 39.47 -30.46 19.47
CA ALA D 534 39.74 -31.84 19.88
C ALA D 534 39.67 -32.81 18.69
N ILE D 535 38.71 -32.58 17.79
CA ILE D 535 38.56 -33.36 16.55
C ILE D 535 39.78 -33.20 15.65
N ALA D 536 40.20 -31.96 15.42
CA ALA D 536 41.38 -31.65 14.62
C ALA D 536 42.65 -32.22 15.24
N THR D 537 42.77 -32.12 16.56
CA THR D 537 43.92 -32.68 17.28
C THR D 537 43.94 -34.22 17.24
N GLU D 538 42.76 -34.84 17.22
CA GLU D 538 42.66 -36.29 16.99
C GLU D 538 43.20 -36.69 15.61
N GLN D 539 42.99 -35.84 14.60
CA GLN D 539 43.62 -36.00 13.28
C GLN D 539 45.15 -35.93 13.36
N ALA D 540 45.65 -34.97 14.13
CA ALA D 540 47.08 -34.77 14.29
C ALA D 540 47.74 -35.96 14.99
N VAL D 541 47.09 -36.48 16.03
CA VAL D 541 47.58 -37.67 16.76
C VAL D 541 47.75 -38.88 15.84
N GLN D 542 46.81 -39.08 14.93
CA GLN D 542 46.90 -40.16 13.95
C GLN D 542 47.93 -39.90 12.85
N LYS D 543 48.21 -38.63 12.60
CA LYS D 543 49.18 -38.24 11.58
C LYS D 543 50.59 -38.12 12.17
N VAL D 544 50.69 -38.26 13.48
CA VAL D 544 51.97 -38.25 14.19
C VAL D 544 52.29 -39.64 14.76
N PHE D 545 51.33 -40.23 15.48
CA PHE D 545 51.46 -41.58 16.01
C PHE D 545 50.50 -42.54 15.30
N PRO D 546 50.96 -43.17 14.19
CA PRO D 546 50.11 -44.07 13.41
C PRO D 546 49.65 -45.26 14.25
N ASN D 547 48.34 -45.48 14.28
CA ASN D 547 47.73 -46.62 14.98
C ASN D 547 47.96 -46.60 16.50
N LYS D 548 48.20 -45.41 17.05
CA LYS D 548 48.35 -45.23 18.50
C LYS D 548 47.32 -44.23 19.01
N ARG D 549 46.79 -44.50 20.20
CA ARG D 549 45.77 -43.65 20.84
C ARG D 549 46.34 -42.34 21.36
N SER D 550 47.63 -42.36 21.72
CA SER D 550 48.31 -41.20 22.32
C SER D 550 47.55 -40.62 23.52
N PHE D 551 47.40 -39.30 23.55
CA PHE D 551 46.77 -38.60 24.66
C PHE D 551 46.39 -37.19 24.22
N ILE D 552 45.12 -36.84 24.43
CA ILE D 552 44.63 -35.47 24.22
C ILE D 552 43.81 -35.05 25.44
N LEU D 553 44.19 -33.92 26.03
CA LEU D 553 43.47 -33.35 27.15
C LEU D 553 42.96 -31.99 26.73
N THR D 554 41.65 -31.78 26.82
CA THR D 554 41.02 -30.55 26.36
C THR D 554 40.32 -29.81 27.50
N ARG D 555 40.31 -28.49 27.43
CA ARG D 555 39.58 -27.70 28.40
C ARG D 555 38.12 -27.57 27.94
N SER D 556 37.87 -26.72 26.95
CA SER D 556 36.53 -26.51 26.44
C SER D 556 35.98 -27.76 25.74
N THR D 557 34.79 -28.19 26.19
CA THR D 557 34.11 -29.34 25.63
C THR D 557 32.70 -28.99 25.18
N PHE D 558 32.10 -29.87 24.37
CA PHE D 558 30.70 -29.80 23.98
C PHE D 558 30.17 -31.23 24.04
N ALA D 559 28.85 -31.41 23.89
CA ALA D 559 28.22 -32.74 23.76
C ALA D 559 28.96 -33.68 22.82
N GLY D 560 29.41 -34.83 23.34
CA GLY D 560 30.11 -35.84 22.53
C GLY D 560 31.62 -35.68 22.43
N SER D 561 32.19 -34.75 23.20
CA SER D 561 33.65 -34.52 23.22
C SER D 561 34.46 -35.68 23.80
N GLY D 562 33.82 -36.52 24.61
CA GLY D 562 34.48 -37.71 25.18
C GLY D 562 34.97 -38.71 24.15
N ARG D 563 34.35 -38.68 22.96
CA ARG D 563 34.79 -39.45 21.78
C ARG D 563 36.19 -39.04 21.29
N HIS D 564 36.58 -37.79 21.58
CA HIS D 564 37.78 -37.18 21.03
C HIS D 564 38.89 -36.91 22.05
N ALA D 565 38.51 -36.54 23.28
CA ALA D 565 39.50 -36.11 24.26
C ALA D 565 39.12 -36.34 25.72
N ALA D 566 40.14 -36.33 26.57
CA ALA D 566 39.97 -36.32 28.01
C ALA D 566 39.72 -34.89 28.45
N HIS D 567 39.24 -34.71 29.67
CA HIS D 567 38.98 -33.40 30.21
C HIS D 567 39.51 -33.29 31.65
N TRP D 568 39.86 -32.09 32.07
CA TRP D 568 40.09 -31.83 33.49
C TRP D 568 39.31 -30.58 33.90
N LEU D 569 38.97 -30.49 35.19
CA LEU D 569 38.07 -29.44 35.68
C LEU D 569 38.59 -27.99 35.63
N GLY D 570 39.84 -27.79 35.25
CA GLY D 570 40.35 -26.44 35.00
C GLY D 570 41.00 -25.78 36.19
N ASP D 571 40.95 -24.46 36.23
CA ASP D 571 41.76 -23.67 37.16
C ASP D 571 41.21 -23.58 38.58
N ASN D 572 41.13 -24.70 39.27
CA ASN D 572 40.68 -24.73 40.65
C ASN D 572 41.68 -24.03 41.59
N THR D 573 41.31 -23.92 42.86
CA THR D 573 42.13 -23.23 43.85
C THR D 573 42.45 -24.22 44.98
N ALA D 574 43.63 -24.06 45.60
CA ALA D 574 44.03 -24.90 46.71
C ALA D 574 43.23 -24.59 48.00
N SER D 575 41.99 -25.06 48.04
CA SER D 575 41.17 -24.98 49.25
C SER D 575 40.44 -26.29 49.43
N TRP D 576 40.02 -26.55 50.66
CA TRP D 576 39.28 -27.77 50.99
C TRP D 576 37.95 -27.89 50.26
N GLU D 577 37.21 -26.78 50.20
CA GLU D 577 35.98 -26.65 49.38
C GLU D 577 36.14 -27.12 47.94
N GLN D 578 37.17 -26.59 47.27
CA GLN D 578 37.43 -26.85 45.86
C GLN D 578 37.71 -28.33 45.62
N MET D 579 38.43 -28.96 46.55
CA MET D 579 38.67 -30.41 46.54
C MET D 579 37.37 -31.18 46.70
N GLU D 580 36.49 -30.70 47.58
CA GLU D 580 35.17 -31.28 47.79
C GLU D 580 34.35 -31.19 46.50
N TRP D 581 34.32 -30.00 45.89
CA TRP D 581 33.47 -29.75 44.71
C TRP D 581 33.90 -30.52 43.49
N SER D 582 35.15 -30.99 43.48
CA SER D 582 35.73 -31.73 42.37
C SER D 582 35.08 -33.09 42.15
N ILE D 583 34.50 -33.66 43.21
CA ILE D 583 33.82 -34.96 43.13
C ILE D 583 32.58 -34.88 42.26
N THR D 584 31.68 -33.93 42.56
CA THR D 584 30.47 -33.76 41.75
C THR D 584 30.82 -33.24 40.35
N GLY D 585 31.88 -32.45 40.25
CA GLY D 585 32.41 -32.03 38.94
C GLY D 585 32.83 -33.23 38.09
N MET D 586 33.46 -34.20 38.74
CA MET D 586 33.94 -35.42 38.06
C MET D 586 32.77 -36.34 37.69
N LEU D 587 31.80 -36.46 38.60
CA LEU D 587 30.65 -37.34 38.37
C LEU D 587 29.75 -36.82 37.24
N GLU D 588 29.64 -35.51 37.12
CA GLU D 588 28.91 -34.89 36.01
C GLU D 588 29.49 -35.21 34.64
N PHE D 589 30.81 -35.13 34.50
CA PHE D 589 31.44 -35.50 33.23
C PHE D 589 31.36 -37.01 32.95
N SER D 590 31.17 -37.82 33.98
CA SER D 590 30.81 -39.23 33.80
C SER D 590 29.47 -39.35 33.08
N LEU D 591 28.51 -38.51 33.46
CA LEU D 591 27.22 -38.41 32.79
C LEU D 591 27.34 -37.84 31.37
N PHE D 592 28.24 -36.88 31.18
CA PHE D 592 28.40 -36.24 29.89
C PHE D 592 29.19 -37.15 28.93
N GLY D 593 29.69 -38.26 29.44
CA GLY D 593 30.34 -39.27 28.61
C GLY D 593 31.82 -39.01 28.37
N ILE D 594 32.41 -38.18 29.25
CA ILE D 594 33.84 -37.92 29.21
C ILE D 594 34.44 -38.51 30.49
N PRO D 595 34.74 -39.82 30.47
CA PRO D 595 35.10 -40.56 31.68
C PRO D 595 36.53 -40.30 32.14
N LEU D 596 37.42 -39.96 31.22
CA LEU D 596 38.79 -39.64 31.59
C LEU D 596 38.79 -38.19 32.00
N VAL D 597 38.56 -37.99 33.30
CA VAL D 597 38.40 -36.68 33.91
C VAL D 597 39.00 -36.70 35.31
N GLY D 598 39.49 -35.55 35.73
CA GLY D 598 39.96 -35.33 37.10
C GLY D 598 40.16 -33.85 37.31
N ALA D 599 40.80 -33.49 38.41
CA ALA D 599 41.10 -32.10 38.73
C ALA D 599 42.56 -31.98 39.11
N ASP D 600 43.07 -30.74 39.09
CA ASP D 600 44.46 -30.44 39.44
C ASP D 600 44.75 -30.73 40.91
N ILE D 601 45.33 -31.89 41.18
CA ILE D 601 45.55 -32.34 42.56
C ILE D 601 46.37 -31.34 43.38
N CYS D 602 46.03 -31.21 44.66
CA CYS D 602 46.63 -30.22 45.59
C CYS D 602 46.24 -28.75 45.28
N GLY D 603 45.63 -28.51 44.13
CA GLY D 603 45.08 -27.20 43.80
C GLY D 603 46.00 -26.37 42.94
N PHE D 604 45.47 -25.83 41.85
CA PHE D 604 46.21 -25.02 40.87
C PHE D 604 46.59 -23.67 41.47
N VAL D 605 45.60 -22.80 41.62
CA VAL D 605 45.80 -21.48 42.25
C VAL D 605 46.13 -21.60 43.74
N ALA D 606 46.98 -20.68 44.22
CA ALA D 606 47.38 -20.58 45.63
C ALA D 606 48.38 -21.63 46.08
N GLU D 607 49.14 -21.32 47.12
CA GLU D 607 50.05 -22.28 47.77
C GLU D 607 49.22 -23.31 48.52
N THR D 608 49.54 -24.58 48.30
CA THR D 608 48.87 -25.65 49.01
C THR D 608 49.47 -25.84 50.40
N THR D 609 48.83 -26.69 51.20
CA THR D 609 49.27 -26.97 52.55
C THR D 609 49.65 -28.45 52.63
N GLU D 610 50.52 -28.81 53.57
CA GLU D 610 50.95 -30.21 53.70
C GLU D 610 49.73 -31.11 53.93
N GLU D 611 48.80 -30.66 54.77
CA GLU D 611 47.61 -31.43 55.05
C GLU D 611 46.71 -31.54 53.82
N LEU D 612 46.48 -30.43 53.14
CA LEU D 612 45.60 -30.41 51.97
C LEU D 612 46.16 -31.27 50.85
N CYS D 613 47.47 -31.13 50.62
CA CYS D 613 48.10 -31.82 49.51
C CYS D 613 48.09 -33.33 49.77
N ARG D 614 48.46 -33.71 50.98
CA ARG D 614 48.37 -35.12 51.41
C ARG D 614 46.96 -35.68 51.21
N ARG D 615 45.95 -34.98 51.70
CA ARG D 615 44.54 -35.41 51.50
C ARG D 615 44.09 -35.42 50.04
N TRP D 616 44.51 -34.41 49.27
CA TRP D 616 44.18 -34.35 47.86
C TRP D 616 44.88 -35.44 47.06
N MET D 617 46.10 -35.78 47.48
CA MET D 617 46.82 -36.89 46.84
C MET D 617 46.09 -38.21 47.07
N GLN D 618 45.64 -38.43 48.30
CA GLN D 618 44.83 -39.61 48.65
C GLN D 618 43.59 -39.74 47.75
N LEU D 619 42.82 -38.67 47.62
CA LEU D 619 41.67 -38.59 46.70
C LEU D 619 42.05 -38.70 45.21
N GLY D 620 43.02 -37.89 44.78
CA GLY D 620 43.47 -37.86 43.40
C GLY D 620 44.08 -39.15 42.90
N ALA D 621 44.46 -40.03 43.82
CA ALA D 621 44.92 -41.38 43.50
C ALA D 621 43.78 -42.23 42.93
N PHE D 622 42.55 -41.74 43.06
CA PHE D 622 41.39 -42.45 42.55
C PHE D 622 40.54 -41.66 41.56
N TYR D 623 41.06 -40.52 41.09
CA TYR D 623 40.49 -39.82 39.94
C TYR D 623 40.81 -40.68 38.71
N PRO D 624 39.83 -40.86 37.80
CA PRO D 624 40.13 -41.54 36.53
C PRO D 624 41.35 -40.92 35.83
N PHE D 625 41.33 -39.60 35.67
CA PHE D 625 42.52 -38.86 35.21
C PHE D 625 43.23 -38.25 36.42
N SER D 626 44.49 -38.63 36.62
CA SER D 626 45.21 -38.32 37.85
C SER D 626 46.44 -37.46 37.60
N ARG D 627 46.34 -36.17 37.90
CA ARG D 627 47.42 -35.23 37.61
C ARG D 627 47.61 -34.16 38.68
N ASN D 628 48.85 -34.04 39.16
CA ASN D 628 49.26 -32.95 40.03
C ASN D 628 49.73 -31.75 39.19
N HIS D 629 49.08 -30.60 39.39
CA HIS D 629 49.32 -29.39 38.61
C HIS D 629 49.20 -28.13 39.49
N ASN D 630 50.00 -27.12 39.18
CA ASN D 630 50.19 -25.94 40.03
C ASN D 630 50.38 -24.70 39.15
N SER D 631 49.99 -23.54 39.66
CA SER D 631 50.01 -22.29 38.88
C SER D 631 51.33 -21.54 38.99
N ASP D 632 51.52 -20.58 38.08
CA ASP D 632 52.67 -19.67 38.09
C ASP D 632 52.87 -19.04 39.46
N GLY D 633 54.12 -18.96 39.91
CA GLY D 633 54.47 -18.23 41.12
C GLY D 633 54.62 -19.08 42.38
N TYR D 634 53.61 -19.88 42.69
CA TYR D 634 53.51 -20.59 43.97
C TYR D 634 54.52 -21.71 44.16
N GLU D 635 54.81 -22.02 45.42
CA GLU D 635 55.79 -23.04 45.79
C GLU D 635 55.42 -24.43 45.26
N HIS D 636 56.41 -25.17 44.79
CA HIS D 636 56.25 -26.52 44.26
C HIS D 636 55.37 -27.38 45.15
N GLN D 637 54.49 -28.16 44.52
CA GLN D 637 53.64 -29.10 45.25
C GLN D 637 53.76 -30.55 44.77
N ASP D 638 54.84 -30.86 44.06
CA ASP D 638 55.13 -32.25 43.71
C ASP D 638 55.40 -33.02 45.01
N PRO D 639 54.92 -34.28 45.11
CA PRO D 639 54.99 -35.05 46.36
C PRO D 639 56.37 -35.07 47.06
N ALA D 640 57.42 -35.35 46.29
CA ALA D 640 58.77 -35.47 46.86
C ALA D 640 59.32 -34.16 47.45
N PHE D 641 58.73 -33.03 47.04
CA PHE D 641 59.12 -31.72 47.57
C PHE D 641 58.91 -31.65 49.08
N PHE D 642 57.93 -32.39 49.58
CA PHE D 642 57.60 -32.37 51.00
C PHE D 642 58.55 -33.19 51.87
N GLY D 643 59.53 -33.83 51.25
CA GLY D 643 60.56 -34.58 51.96
C GLY D 643 60.44 -36.07 51.75
N GLN D 644 61.56 -36.71 51.43
CA GLN D 644 61.61 -38.17 51.19
C GLN D 644 61.11 -38.97 52.39
N ASN D 645 61.26 -38.41 53.59
CA ASN D 645 60.78 -39.05 54.82
C ASN D 645 59.49 -38.45 55.38
N SER D 646 58.72 -37.78 54.54
CA SER D 646 57.48 -37.14 54.98
C SER D 646 56.35 -38.14 55.18
N LEU D 647 55.28 -37.69 55.83
CA LEU D 647 54.06 -38.46 55.97
C LEU D 647 53.30 -38.42 54.64
N LEU D 648 53.50 -37.33 53.90
CA LEU D 648 52.87 -37.12 52.59
C LEU D 648 53.41 -38.07 51.51
N VAL D 649 54.73 -38.19 51.42
CA VAL D 649 55.36 -39.10 50.45
C VAL D 649 54.98 -40.56 50.74
N LYS D 650 55.02 -40.92 52.02
CA LYS D 650 54.59 -42.25 52.49
C LYS D 650 53.13 -42.53 52.15
N SER D 651 52.26 -41.54 52.36
CA SER D 651 50.84 -41.65 52.05
C SER D 651 50.57 -41.69 50.53
N SER D 652 51.19 -40.78 49.78
CA SER D 652 50.99 -40.69 48.33
C SER D 652 51.54 -41.90 47.59
N ARG D 653 52.74 -42.34 47.98
CA ARG D 653 53.35 -43.55 47.44
C ARG D 653 52.46 -44.76 47.67
N GLN D 654 51.90 -44.85 48.88
CA GLN D 654 51.00 -45.94 49.28
C GLN D 654 49.75 -46.00 48.40
N TYR D 655 49.09 -44.86 48.20
CA TYR D 655 47.83 -44.84 47.45
C TYR D 655 47.97 -44.74 45.94
N LEU D 656 49.09 -44.18 45.47
CA LEU D 656 49.44 -44.31 44.06
C LEU D 656 49.84 -45.73 43.69
N THR D 657 50.46 -46.44 44.64
CA THR D 657 50.80 -47.86 44.45
C THR D 657 49.54 -48.72 44.48
N ILE D 658 48.59 -48.36 45.35
CA ILE D 658 47.27 -49.00 45.38
C ILE D 658 46.54 -48.76 44.06
N ARG D 659 46.60 -47.53 43.56
CA ARG D 659 46.09 -47.19 42.23
C ARG D 659 46.71 -48.09 41.17
N TYR D 660 48.03 -48.14 41.12
CA TYR D 660 48.72 -48.86 40.06
C TYR D 660 48.36 -50.36 40.07
N THR D 661 48.32 -50.93 41.27
CA THR D 661 47.81 -52.29 41.49
C THR D 661 46.45 -52.50 40.81
N LEU D 662 45.61 -51.46 40.85
CA LEU D 662 44.21 -51.53 40.38
C LEU D 662 43.95 -51.11 38.93
N LEU D 663 45.00 -50.75 38.19
CA LEU D 663 44.87 -50.31 36.80
C LEU D 663 44.26 -51.33 35.81
N PRO D 664 44.53 -52.64 35.99
CA PRO D 664 43.76 -53.62 35.20
C PRO D 664 42.24 -53.51 35.37
N PHE D 665 41.79 -53.33 36.61
CA PHE D 665 40.38 -53.11 36.90
C PHE D 665 39.87 -51.80 36.28
N LEU D 666 40.66 -50.73 36.43
CA LEU D 666 40.31 -49.42 35.85
C LEU D 666 40.18 -49.45 34.34
N TYR D 667 41.20 -50.02 33.69
CA TYR D 667 41.25 -50.18 32.23
C TYR D 667 40.08 -50.99 31.67
N THR D 668 39.69 -52.04 32.38
CA THR D 668 38.51 -52.85 32.05
C THR D 668 37.20 -52.04 32.12
N LEU D 669 37.15 -51.06 33.02
CA LEU D 669 36.02 -50.11 33.08
C LEU D 669 35.98 -49.15 31.91
N PHE D 670 37.15 -48.72 31.43
CA PHE D 670 37.25 -47.86 30.25
C PHE D 670 36.89 -48.63 28.98
N TYR D 671 37.18 -49.93 28.98
CA TYR D 671 36.74 -50.83 27.91
C TYR D 671 35.23 -50.87 27.88
N LYS D 672 34.63 -51.02 29.06
CA LYS D 672 33.18 -51.05 29.18
C LYS D 672 32.60 -49.70 28.78
N ALA D 673 33.30 -48.63 29.08
CA ALA D 673 32.86 -47.28 28.73
C ALA D 673 32.82 -47.08 27.23
N HIS D 674 33.93 -47.41 26.57
CA HIS D 674 34.06 -47.24 25.13
C HIS D 674 33.05 -48.05 24.33
N VAL D 675 32.82 -49.29 24.77
CA VAL D 675 31.97 -50.24 24.06
C VAL D 675 30.48 -50.10 24.43
N PHE D 676 30.18 -49.97 25.72
CA PHE D 676 28.78 -50.00 26.19
C PHE D 676 28.22 -48.66 26.68
N GLY D 677 29.10 -47.74 27.05
CA GLY D 677 28.68 -46.45 27.60
C GLY D 677 28.57 -46.44 29.11
N GLU D 678 29.08 -47.49 29.75
CA GLU D 678 29.05 -47.59 31.22
C GLU D 678 30.09 -46.65 31.86
N THR D 679 29.72 -45.99 32.96
CA THR D 679 30.59 -44.99 33.62
C THR D 679 31.80 -45.61 34.33
N VAL D 680 32.86 -44.81 34.52
CA VAL D 680 34.06 -45.25 35.22
C VAL D 680 33.97 -44.79 36.68
N ALA D 681 34.15 -43.50 36.91
CA ALA D 681 33.80 -42.90 38.20
C ALA D 681 32.28 -42.76 38.24
N ARG D 682 31.60 -43.63 38.99
CA ARG D 682 30.16 -43.56 38.98
C ARG D 682 29.61 -43.18 40.35
N PRO D 683 28.51 -42.41 40.34
CA PRO D 683 27.86 -42.01 41.59
C PRO D 683 27.32 -43.23 42.32
N VAL D 684 27.30 -43.16 43.65
CA VAL D 684 26.71 -44.24 44.47
C VAL D 684 25.28 -44.56 43.98
N LEU D 685 24.59 -43.53 43.48
CA LEU D 685 23.19 -43.69 43.07
C LEU D 685 22.98 -44.58 41.83
N HIS D 686 23.98 -44.66 40.95
CA HIS D 686 23.87 -45.53 39.79
C HIS D 686 23.81 -47.00 40.20
N GLU D 687 24.40 -47.31 41.35
CA GLU D 687 24.49 -48.69 41.81
C GLU D 687 23.54 -48.98 42.97
N PHE D 688 23.10 -47.95 43.69
CA PHE D 688 22.28 -48.13 44.88
C PHE D 688 21.01 -47.28 44.87
N TYR D 689 20.48 -47.10 43.67
CA TYR D 689 19.29 -46.27 43.43
C TYR D 689 18.02 -46.73 44.15
N GLU D 690 17.98 -47.99 44.60
CA GLU D 690 16.86 -48.57 45.33
C GLU D 690 16.68 -47.90 46.71
N ASP D 691 17.76 -47.26 47.17
CA ASP D 691 17.82 -46.58 48.45
C ASP D 691 17.95 -45.07 48.22
N THR D 692 16.92 -44.33 48.63
CA THR D 692 16.86 -42.89 48.37
C THR D 692 17.95 -42.07 49.06
N ASN D 693 18.59 -42.63 50.09
CA ASN D 693 19.79 -42.01 50.67
C ASN D 693 20.93 -41.81 49.67
N SER D 694 21.07 -42.73 48.72
CA SER D 694 22.11 -42.63 47.69
C SER D 694 21.86 -41.50 46.69
N TRP D 695 20.63 -41.00 46.64
CA TRP D 695 20.25 -40.02 45.62
C TRP D 695 20.93 -38.66 45.79
N ILE D 696 21.34 -38.34 47.03
CA ILE D 696 22.02 -37.07 47.30
C ILE D 696 23.54 -37.23 47.58
N GLU D 697 24.03 -38.47 47.53
CA GLU D 697 25.41 -38.79 47.90
C GLU D 697 26.41 -38.30 46.85
N ASP D 698 27.39 -37.53 47.30
CA ASP D 698 28.38 -36.93 46.41
C ASP D 698 29.71 -36.57 47.09
N THR D 699 29.91 -37.03 48.34
CA THR D 699 31.20 -36.88 49.05
C THR D 699 31.94 -38.22 49.05
N GLU D 700 31.41 -39.14 48.25
CA GLU D 700 31.86 -40.51 48.06
C GLU D 700 31.53 -40.84 46.61
N PHE D 701 32.29 -41.76 46.04
CA PHE D 701 32.05 -42.22 44.67
C PHE D 701 32.66 -43.61 44.43
N LEU D 702 32.21 -44.27 43.36
CA LEU D 702 32.65 -45.62 43.07
C LEU D 702 33.56 -45.69 41.85
N TRP D 703 34.46 -46.66 41.83
CA TRP D 703 35.08 -47.09 40.59
C TRP D 703 34.25 -48.23 40.08
N GLY D 704 33.51 -47.97 39.00
CA GLY D 704 32.58 -48.96 38.47
C GLY D 704 31.59 -49.41 39.53
N PRO D 705 31.29 -50.72 39.59
CA PRO D 705 30.37 -51.20 40.60
C PRO D 705 31.03 -51.64 41.92
N ALA D 706 32.36 -51.73 41.94
CA ALA D 706 33.08 -52.53 42.93
C ALA D 706 33.85 -51.80 44.03
N LEU D 707 34.30 -50.57 43.76
CA LEU D 707 35.20 -49.88 44.68
C LEU D 707 34.58 -48.60 45.20
N LEU D 708 34.42 -48.52 46.52
CA LEU D 708 33.92 -47.31 47.17
C LEU D 708 35.08 -46.48 47.70
N ILE D 709 35.15 -45.24 47.23
CA ILE D 709 36.19 -44.31 47.65
C ILE D 709 35.60 -43.21 48.55
N THR D 710 36.09 -43.16 49.80
CA THR D 710 35.60 -42.21 50.81
C THR D 710 36.74 -41.31 51.33
N PRO D 711 36.91 -40.13 50.71
CA PRO D 711 37.98 -39.20 51.07
C PRO D 711 37.70 -38.38 52.33
N VAL D 712 38.76 -37.78 52.89
CA VAL D 712 38.63 -36.78 53.94
C VAL D 712 38.62 -35.41 53.29
N LEU D 713 37.59 -34.63 53.57
CA LEU D 713 37.32 -33.39 52.85
C LEU D 713 37.29 -32.15 53.74
N LYS D 714 37.39 -32.36 55.05
CA LYS D 714 37.32 -31.27 56.02
C LYS D 714 38.64 -31.09 56.76
N GLN D 715 39.05 -29.84 56.94
CA GLN D 715 40.36 -29.52 57.52
C GLN D 715 40.53 -30.02 58.96
N GLY D 716 41.72 -30.55 59.26
CA GLY D 716 42.04 -31.08 60.58
C GLY D 716 41.18 -32.27 60.98
N ALA D 717 40.55 -32.92 59.99
CA ALA D 717 39.60 -34.01 60.24
C ALA D 717 40.24 -35.40 60.39
N ASP D 718 39.68 -36.12 61.35
CA ASP D 718 40.20 -37.36 61.92
C ASP D 718 39.20 -38.45 61.55
N THR D 719 37.95 -38.03 61.41
CA THR D 719 36.83 -38.91 61.16
C THR D 719 36.04 -38.36 59.98
N VAL D 720 35.19 -39.19 59.38
CA VAL D 720 34.34 -38.79 58.26
C VAL D 720 32.95 -39.43 58.40
N SER D 721 31.93 -38.59 58.43
CA SER D 721 30.56 -39.06 58.28
C SER D 721 30.39 -39.55 56.84
N ALA D 722 30.08 -40.84 56.70
CA ALA D 722 29.97 -41.46 55.38
C ALA D 722 28.74 -42.33 55.27
N TYR D 723 28.08 -42.27 54.11
CA TYR D 723 27.00 -43.17 53.84
C TYR D 723 27.55 -44.45 53.26
N ILE D 724 27.22 -45.58 53.88
CA ILE D 724 27.66 -46.85 53.31
C ILE D 724 26.45 -47.63 52.80
N PRO D 725 26.41 -47.90 51.49
CA PRO D 725 25.28 -48.50 50.77
C PRO D 725 24.94 -49.95 51.15
N ASP D 726 23.84 -50.44 50.59
CA ASP D 726 23.29 -51.77 50.86
C ASP D 726 24.06 -52.87 50.14
N ALA D 727 25.24 -53.19 50.68
CA ALA D 727 26.08 -54.30 50.22
C ALA D 727 27.03 -54.72 51.33
N ILE D 728 27.67 -55.88 51.16
CA ILE D 728 28.79 -56.28 52.02
C ILE D 728 30.01 -55.46 51.58
N TRP D 729 30.71 -54.86 52.55
CA TRP D 729 31.88 -54.04 52.25
C TRP D 729 33.13 -54.56 52.92
N TYR D 730 34.22 -54.64 52.15
CA TYR D 730 35.48 -55.16 52.65
C TYR D 730 36.52 -54.04 52.63
N ASP D 731 37.13 -53.78 53.78
CA ASP D 731 38.27 -52.86 53.83
C ASP D 731 39.35 -53.40 52.90
N TYR D 732 39.88 -52.53 52.04
CA TYR D 732 40.83 -52.94 51.02
C TYR D 732 42.13 -53.52 51.60
N GLU D 733 42.78 -52.72 52.45
CA GLU D 733 44.09 -53.06 53.01
C GLU D 733 44.05 -54.33 53.86
N SER D 734 43.14 -54.39 54.83
CA SER D 734 43.06 -55.50 55.77
C SER D 734 42.31 -56.72 55.20
N GLY D 735 41.39 -56.46 54.27
CA GLY D 735 40.56 -57.50 53.69
C GLY D 735 39.33 -57.85 54.52
N ALA D 736 39.23 -57.24 55.70
CA ALA D 736 38.20 -57.58 56.68
C ALA D 736 36.82 -57.07 56.28
N LYS D 737 35.80 -57.91 56.52
CA LYS D 737 34.42 -57.52 56.32
C LYS D 737 34.06 -56.43 57.32
N ARG D 738 33.40 -55.38 56.84
CA ARG D 738 32.93 -54.32 57.72
C ARG D 738 31.59 -54.73 58.32
N PRO D 739 31.32 -54.32 59.58
CA PRO D 739 30.00 -54.55 60.15
C PRO D 739 28.95 -53.59 59.58
N TRP D 740 29.41 -52.67 58.73
CA TRP D 740 28.56 -51.62 58.16
C TRP D 740 27.80 -52.13 56.94
N ARG D 741 26.51 -51.78 56.87
CA ARG D 741 25.67 -52.01 55.69
C ARG D 741 24.41 -51.14 55.73
N LYS D 742 24.22 -50.36 54.67
CA LYS D 742 23.05 -49.49 54.50
C LYS D 742 22.80 -48.59 55.73
N GLN D 743 23.78 -47.74 56.02
CA GLN D 743 23.80 -46.92 57.22
C GLN D 743 24.81 -45.81 57.08
N ARG D 744 24.66 -44.76 57.89
CA ARG D 744 25.68 -43.73 58.01
C ARG D 744 26.63 -44.06 59.18
N VAL D 745 27.92 -43.85 58.97
CA VAL D 745 28.92 -44.14 60.00
C VAL D 745 29.91 -42.96 60.15
N ASP D 746 30.58 -42.93 61.30
CA ASP D 746 31.74 -42.06 61.49
C ASP D 746 32.97 -42.89 61.20
N MET D 747 33.48 -42.76 59.98
CA MET D 747 34.57 -43.58 59.47
C MET D 747 35.89 -43.04 59.98
N TYR D 748 36.63 -43.86 60.72
CA TYR D 748 37.92 -43.45 61.27
C TYR D 748 38.96 -43.45 60.17
N LEU D 749 39.43 -42.25 59.80
CA LEU D 749 40.39 -42.08 58.71
C LEU D 749 41.48 -41.09 59.08
N PRO D 750 42.59 -41.58 59.69
CA PRO D 750 43.69 -40.71 60.13
C PRO D 750 44.53 -40.15 58.98
N ALA D 751 45.56 -39.40 59.35
CA ALA D 751 46.40 -38.66 58.41
C ALA D 751 46.93 -39.44 57.21
N ASP D 752 47.11 -40.75 57.36
CA ASP D 752 47.68 -41.58 56.29
C ASP D 752 46.70 -42.60 55.69
N LYS D 753 45.41 -42.38 55.90
CA LYS D 753 44.40 -43.32 55.43
C LYS D 753 43.25 -42.62 54.70
N ILE D 754 42.89 -43.18 53.55
CA ILE D 754 41.66 -42.82 52.84
C ILE D 754 40.71 -44.03 52.86
N GLY D 755 39.40 -43.79 52.74
CA GLY D 755 38.41 -44.84 52.75
C GLY D 755 38.38 -45.60 51.45
N LEU D 756 38.63 -46.91 51.54
CA LEU D 756 38.60 -47.80 50.37
C LEU D 756 37.95 -49.11 50.73
N HIS D 757 36.81 -49.38 50.08
CA HIS D 757 36.08 -50.62 50.32
C HIS D 757 35.74 -51.37 49.04
N LEU D 758 35.87 -52.70 49.12
CA LEU D 758 35.57 -53.55 48.00
C LEU D 758 34.21 -54.17 48.21
N ARG D 759 33.35 -54.05 47.20
CA ARG D 759 31.96 -54.47 47.29
C ARG D 759 31.80 -55.98 47.16
N GLY D 760 31.03 -56.57 48.07
CA GLY D 760 30.73 -58.00 48.04
C GLY D 760 29.97 -58.42 46.80
N GLY D 761 30.42 -59.51 46.20
CA GLY D 761 29.80 -60.05 44.99
C GLY D 761 30.51 -59.70 43.69
N TYR D 762 31.71 -59.14 43.80
CA TYR D 762 32.46 -58.71 42.63
C TYR D 762 33.90 -59.22 42.64
N ILE D 763 34.40 -59.56 41.46
CA ILE D 763 35.79 -59.99 41.30
C ILE D 763 36.50 -58.96 40.44
N ILE D 764 37.62 -58.45 40.92
CA ILE D 764 38.35 -57.41 40.20
C ILE D 764 39.77 -57.86 39.91
N PRO D 765 40.25 -57.55 38.69
CA PRO D 765 41.61 -57.90 38.28
C PRO D 765 42.63 -56.89 38.80
N ILE D 766 43.78 -57.40 39.25
CA ILE D 766 44.88 -56.56 39.71
C ILE D 766 46.20 -57.00 39.09
N GLN D 767 47.19 -56.12 39.12
CA GLN D 767 48.53 -56.44 38.70
C GLN D 767 49.53 -55.94 39.73
N GLU D 768 50.46 -56.81 40.09
CA GLU D 768 51.55 -56.44 40.99
C GLU D 768 52.22 -55.17 40.46
N PRO D 769 52.28 -54.12 41.30
CA PRO D 769 52.57 -52.75 40.89
C PRO D 769 54.05 -52.45 40.67
N ASP D 770 54.31 -51.27 40.10
CA ASP D 770 55.65 -50.71 39.95
C ASP D 770 55.54 -49.18 39.91
N VAL D 771 56.63 -48.50 39.57
CA VAL D 771 56.65 -47.04 39.49
C VAL D 771 56.24 -46.49 38.11
N THR D 772 56.08 -47.39 37.14
CA THR D 772 55.55 -47.05 35.81
C THR D 772 54.65 -48.17 35.31
N THR D 773 53.74 -47.84 34.40
CA THR D 773 52.87 -48.85 33.78
C THR D 773 53.70 -49.78 32.90
N THR D 774 54.66 -49.21 32.18
CA THR D 774 55.63 -49.96 31.39
C THR D 774 56.21 -51.14 32.18
N ALA D 775 56.70 -50.85 33.39
CA ALA D 775 57.24 -51.88 34.27
C ALA D 775 56.17 -52.78 34.90
N SER D 776 55.09 -52.17 35.41
CA SER D 776 54.03 -52.89 36.09
C SER D 776 53.24 -53.82 35.16
N ARG D 777 53.15 -53.45 33.88
CA ARG D 777 52.52 -54.30 32.86
C ARG D 777 53.24 -55.65 32.68
N LYS D 778 54.56 -55.68 32.89
CA LYS D 778 55.32 -56.93 32.77
C LYS D 778 55.05 -57.89 33.94
N ASN D 779 54.55 -57.36 35.06
CA ASN D 779 54.39 -58.14 36.29
C ASN D 779 53.24 -59.17 36.26
N PRO D 780 53.23 -60.11 37.23
CA PRO D 780 52.16 -61.09 37.42
C PRO D 780 50.82 -60.43 37.74
N LEU D 781 49.74 -61.00 37.23
CA LEU D 781 48.39 -60.52 37.52
C LEU D 781 47.82 -61.22 38.75
N GLY D 782 46.60 -60.87 39.11
CA GLY D 782 45.94 -61.45 40.26
C GLY D 782 44.48 -61.08 40.33
N LEU D 783 43.75 -61.74 41.21
CA LEU D 783 42.33 -61.48 41.36
C LEU D 783 41.95 -61.37 42.83
N ILE D 784 41.05 -60.44 43.12
CA ILE D 784 40.48 -60.33 44.45
C ILE D 784 39.00 -60.72 44.37
N VAL D 785 38.62 -61.70 45.18
CA VAL D 785 37.24 -62.14 45.25
C VAL D 785 36.62 -61.66 46.57
N ALA D 786 35.55 -60.89 46.43
CA ALA D 786 34.81 -60.40 47.58
C ALA D 786 33.45 -61.08 47.63
N LEU D 787 33.29 -62.05 48.53
CA LEU D 787 32.07 -62.85 48.62
C LEU D 787 30.85 -62.04 49.07
N GLY D 788 29.73 -62.23 48.36
CA GLY D 788 28.49 -61.51 48.66
C GLY D 788 27.54 -62.33 49.51
N GLU D 789 26.28 -61.88 49.61
CA GLU D 789 25.22 -62.55 50.36
C GLU D 789 25.29 -64.08 50.28
N ASN D 790 25.20 -64.61 49.06
CA ASN D 790 25.06 -66.04 48.83
C ASN D 790 26.39 -66.74 48.56
N ASN D 791 27.47 -66.19 49.13
CA ASN D 791 28.84 -66.69 48.92
C ASN D 791 29.17 -66.90 47.44
N THR D 792 28.84 -65.89 46.64
CA THR D 792 29.08 -65.88 45.20
C THR D 792 29.64 -64.52 44.76
N ALA D 793 30.16 -64.46 43.53
CA ALA D 793 30.79 -63.27 42.97
C ALA D 793 30.95 -63.39 41.46
N LYS D 794 30.79 -62.27 40.75
CA LYS D 794 31.03 -62.21 39.32
C LYS D 794 32.01 -61.07 39.01
N GLY D 795 32.62 -61.10 37.83
CA GLY D 795 33.56 -60.06 37.42
C GLY D 795 34.13 -60.36 36.05
N ASP D 796 34.85 -59.39 35.49
CA ASP D 796 35.52 -59.62 34.21
C ASP D 796 36.85 -58.87 34.08
N PHE D 797 37.52 -59.06 32.94
CA PHE D 797 38.88 -58.55 32.75
C PHE D 797 39.20 -58.39 31.28
N PHE D 798 39.63 -57.19 30.90
CA PHE D 798 40.05 -56.89 29.54
C PHE D 798 41.55 -56.65 29.50
N TRP D 799 42.21 -57.25 28.52
CA TRP D 799 43.63 -57.07 28.34
C TRP D 799 44.06 -57.04 26.87
N ASP D 800 44.61 -55.91 26.45
CA ASP D 800 45.24 -55.77 25.13
C ASP D 800 46.65 -55.21 25.29
N ASP D 801 47.23 -54.69 24.20
CA ASP D 801 48.59 -54.11 24.26
C ASP D 801 48.64 -52.73 24.92
N GLY D 802 47.48 -52.10 25.10
CA GLY D 802 47.37 -50.85 25.85
C GLY D 802 47.81 -49.57 25.16
N GLU D 803 48.04 -49.63 23.85
CA GLU D 803 48.51 -48.45 23.11
C GLU D 803 47.80 -48.32 21.76
N THR D 804 47.59 -49.46 21.10
CA THR D 804 47.15 -49.49 19.71
C THR D 804 45.69 -49.10 19.52
N LYS D 805 45.44 -48.31 18.48
CA LYS D 805 44.08 -48.03 18.03
C LYS D 805 43.39 -49.31 17.54
N ASP D 806 42.14 -49.50 17.95
CA ASP D 806 41.26 -50.56 17.44
C ASP D 806 41.69 -52.01 17.67
N THR D 807 42.27 -52.30 18.84
CA THR D 807 42.46 -53.70 19.25
C THR D 807 41.11 -54.30 19.62
N ILE D 808 40.24 -53.46 20.17
CA ILE D 808 38.85 -53.81 20.46
C ILE D 808 38.10 -54.10 19.16
N GLN D 809 38.04 -53.08 18.31
CA GLN D 809 37.28 -53.10 17.06
C GLN D 809 37.83 -54.15 16.09
N ASN D 810 39.09 -54.53 16.25
CA ASN D 810 39.71 -55.58 15.43
C ASN D 810 39.96 -56.92 16.15
N GLY D 811 39.59 -56.99 17.43
CA GLY D 811 39.65 -58.24 18.19
C GLY D 811 41.01 -58.65 18.72
N ASN D 812 41.92 -57.69 18.82
CA ASN D 812 43.31 -57.93 19.24
C ASN D 812 43.50 -57.84 20.76
N TYR D 813 42.78 -58.66 21.50
CA TYR D 813 42.82 -58.62 22.96
C TYR D 813 42.51 -59.95 23.61
N ILE D 814 42.60 -59.98 24.94
CA ILE D 814 42.10 -61.10 25.73
C ILE D 814 40.93 -60.62 26.62
N LEU D 815 39.83 -61.36 26.61
CA LEU D 815 38.68 -61.04 27.44
C LEU D 815 38.40 -62.20 28.41
N TYR D 816 37.80 -61.87 29.55
CA TYR D 816 37.57 -62.85 30.61
C TYR D 816 36.24 -62.67 31.33
N THR D 817 35.74 -63.76 31.90
CA THR D 817 34.69 -63.69 32.91
C THR D 817 35.14 -64.49 34.13
N PHE D 818 34.84 -63.98 35.32
CA PHE D 818 35.06 -64.74 36.55
C PHE D 818 33.74 -65.00 37.27
N SER D 819 33.69 -66.11 38.00
CA SER D 819 32.50 -66.47 38.74
C SER D 819 32.84 -67.38 39.91
N VAL D 820 32.31 -67.04 41.08
CA VAL D 820 32.50 -67.84 42.27
C VAL D 820 31.15 -68.34 42.79
N SER D 821 31.15 -69.60 43.25
CA SER D 821 30.03 -70.27 43.89
C SER D 821 30.54 -71.62 44.38
N ASN D 822 29.89 -72.19 45.39
CA ASN D 822 30.28 -73.51 45.96
C ASN D 822 31.73 -73.58 46.45
N ASN D 823 32.28 -72.43 46.86
CA ASN D 823 33.71 -72.29 47.15
C ASN D 823 34.60 -72.62 45.95
N THR D 824 34.11 -72.29 44.75
CA THR D 824 34.86 -72.60 43.53
C THR D 824 34.86 -71.43 42.53
N LEU D 825 36.07 -71.03 42.11
CA LEU D 825 36.25 -69.93 41.17
C LEU D 825 36.45 -70.46 39.76
N ASP D 826 35.72 -69.87 38.81
CA ASP D 826 35.87 -70.22 37.41
C ASP D 826 36.39 -69.04 36.59
N ILE D 827 37.64 -69.17 36.17
CA ILE D 827 38.29 -68.21 35.29
C ILE D 827 38.08 -68.69 33.85
N VAL D 828 37.23 -67.97 33.11
CA VAL D 828 36.87 -68.36 31.74
C VAL D 828 37.28 -67.30 30.73
N CYS D 829 38.16 -67.67 29.83
CA CYS D 829 38.56 -66.80 28.74
C CYS D 829 37.55 -66.89 27.60
N THR D 830 37.04 -65.74 27.17
CA THR D 830 36.04 -65.67 26.12
C THR D 830 36.64 -65.20 24.79
N HIS D 831 37.85 -64.67 24.85
CA HIS D 831 38.57 -64.23 23.66
C HIS D 831 40.07 -64.21 23.92
N SER D 832 40.86 -64.63 22.92
CA SER D 832 42.31 -64.64 23.07
C SER D 832 43.03 -64.38 21.75
N SER D 833 43.43 -63.12 21.56
CA SER D 833 44.15 -62.70 20.37
C SER D 833 45.23 -61.65 20.69
N TYR D 834 46.03 -61.96 21.71
CA TYR D 834 47.13 -61.09 22.15
C TYR D 834 48.32 -61.91 22.64
N GLN D 835 49.09 -62.41 21.68
CA GLN D 835 50.29 -63.23 21.90
C GLN D 835 51.08 -62.89 23.19
N GLU D 836 51.34 -61.60 23.42
CA GLU D 836 52.17 -61.14 24.53
C GLU D 836 51.53 -61.38 25.90
N GLY D 837 50.24 -61.04 26.01
CA GLY D 837 49.49 -61.26 27.24
C GLY D 837 49.47 -62.71 27.71
N THR D 838 49.65 -63.63 26.76
CA THR D 838 49.70 -65.06 27.04
C THR D 838 50.88 -65.43 27.95
N THR D 839 51.94 -64.63 27.90
CA THR D 839 53.09 -64.83 28.79
C THR D 839 52.86 -64.24 30.19
N LEU D 840 51.78 -63.48 30.35
CA LEU D 840 51.36 -62.98 31.66
C LEU D 840 50.43 -63.99 32.34
N ALA D 841 50.40 -63.96 33.67
CA ALA D 841 49.66 -64.96 34.43
C ALA D 841 49.11 -64.45 35.75
N PHE D 842 47.94 -64.95 36.13
CA PHE D 842 47.41 -64.75 37.47
C PHE D 842 48.21 -65.64 38.41
N GLN D 843 48.94 -65.01 39.32
CA GLN D 843 49.83 -65.75 40.21
C GLN D 843 49.33 -65.73 41.66
N THR D 844 48.27 -64.96 41.88
CA THR D 844 47.70 -64.79 43.21
C THR D 844 46.19 -64.58 43.14
N VAL D 845 45.47 -65.23 44.06
CA VAL D 845 44.04 -64.99 44.22
C VAL D 845 43.69 -64.83 45.71
N LYS D 846 42.83 -63.86 45.98
CA LYS D 846 42.40 -63.54 47.34
C LYS D 846 40.89 -63.72 47.47
N ILE D 847 40.48 -64.35 48.57
CA ILE D 847 39.05 -64.55 48.83
C ILE D 847 38.66 -63.96 50.18
N LEU D 848 37.82 -62.94 50.13
CA LEU D 848 37.40 -62.20 51.31
C LEU D 848 36.01 -62.64 51.74
N GLY D 849 35.80 -62.72 53.06
CA GLY D 849 34.52 -63.13 53.63
C GLY D 849 34.30 -64.62 53.71
N LEU D 850 35.39 -65.38 53.86
CA LEU D 850 35.30 -66.82 54.01
C LEU D 850 35.15 -67.23 55.47
N THR D 851 33.94 -67.64 55.83
CA THR D 851 33.62 -68.02 57.22
C THR D 851 34.21 -69.37 57.64
N ASP D 852 34.55 -70.22 56.68
CA ASP D 852 34.97 -71.59 56.96
C ASP D 852 36.48 -71.82 56.84
N SER D 853 37.00 -72.69 57.69
CA SER D 853 38.41 -73.05 57.67
C SER D 853 38.73 -73.93 56.46
N VAL D 854 39.93 -73.78 55.93
CA VAL D 854 40.31 -74.41 54.65
C VAL D 854 41.46 -75.41 54.85
N THR D 855 41.27 -76.62 54.33
CA THR D 855 42.28 -77.69 54.46
C THR D 855 43.09 -77.84 53.18
N GLU D 856 42.41 -77.85 52.03
CA GLU D 856 43.04 -78.20 50.76
C GLU D 856 42.60 -77.28 49.62
N VAL D 857 43.56 -76.92 48.77
CA VAL D 857 43.32 -76.09 47.59
C VAL D 857 43.70 -76.86 46.34
N ARG D 858 42.81 -76.86 45.33
CA ARG D 858 43.06 -77.55 44.07
C ARG D 858 42.90 -76.61 42.89
N VAL D 859 43.66 -76.87 41.83
CA VAL D 859 43.68 -76.04 40.61
C VAL D 859 43.68 -76.94 39.37
N ALA D 860 42.85 -76.60 38.38
CA ALA D 860 42.79 -77.36 37.13
C ALA D 860 42.70 -76.47 35.89
N GLU D 861 43.38 -76.88 34.82
CA GLU D 861 43.36 -76.15 33.55
C GLU D 861 42.27 -76.71 32.64
N HIS D 869 47.29 -77.77 45.24
CA HIS D 869 48.13 -76.61 45.51
C HIS D 869 48.51 -76.53 46.99
N SER D 870 49.78 -76.24 47.24
CA SER D 870 50.32 -76.22 48.60
C SER D 870 50.47 -74.81 49.20
N ASN D 871 50.98 -73.87 48.39
CA ASN D 871 51.19 -72.50 48.86
C ASN D 871 49.91 -71.70 48.95
N PHE D 872 49.27 -71.78 50.11
CA PHE D 872 48.07 -71.01 50.42
C PHE D 872 48.03 -70.66 51.91
N THR D 873 47.41 -69.53 52.25
CA THR D 873 47.35 -69.07 53.63
C THR D 873 45.95 -68.56 53.97
N TYR D 874 45.36 -69.13 55.01
CA TYR D 874 44.03 -68.72 55.47
C TYR D 874 44.10 -67.99 56.80
N ASP D 875 43.47 -66.83 56.86
CA ASP D 875 43.42 -66.00 58.06
C ASP D 875 42.03 -66.14 58.69
N ALA D 876 42.00 -66.71 59.89
CA ALA D 876 40.73 -66.99 60.59
C ALA D 876 40.11 -65.74 61.22
N SER D 877 40.96 -64.77 61.57
CA SER D 877 40.53 -63.54 62.23
C SER D 877 40.04 -62.50 61.23
N ASN D 878 40.65 -62.50 60.04
CA ASN D 878 40.21 -61.61 58.95
C ASN D 878 39.22 -62.27 58.01
N GLN D 879 39.10 -63.59 58.09
CA GLN D 879 38.26 -64.41 57.19
C GLN D 879 38.73 -64.31 55.73
N VAL D 880 40.03 -64.11 55.56
CA VAL D 880 40.65 -63.93 54.25
C VAL D 880 41.53 -65.12 53.90
N LEU D 881 41.33 -65.66 52.70
CA LEU D 881 42.20 -66.70 52.15
C LEU D 881 43.06 -66.16 51.02
N LEU D 882 44.37 -66.37 51.13
CA LEU D 882 45.32 -66.04 50.09
C LEU D 882 45.85 -67.32 49.47
N ILE D 883 45.77 -67.40 48.15
CA ILE D 883 46.34 -68.51 47.40
C ILE D 883 47.43 -67.95 46.49
N ALA D 884 48.68 -68.24 46.85
CA ALA D 884 49.85 -67.63 46.20
C ALA D 884 50.75 -68.63 45.47
N ASP D 885 51.62 -68.11 44.61
CA ASP D 885 52.50 -68.88 43.72
C ASP D 885 51.69 -69.73 42.71
N LEU D 886 50.83 -69.05 41.96
CA LEU D 886 50.06 -69.68 40.89
C LEU D 886 50.65 -69.38 39.52
N LYS D 887 50.37 -70.24 38.55
CA LYS D 887 50.84 -70.06 37.17
C LYS D 887 49.65 -70.11 36.21
N LEU D 888 48.70 -69.21 36.40
CA LEU D 888 47.46 -69.23 35.61
C LEU D 888 47.52 -68.30 34.41
N ASN D 889 48.22 -68.77 33.37
CA ASN D 889 48.46 -67.96 32.17
C ASN D 889 47.21 -67.53 31.42
N LEU D 890 47.27 -66.32 30.85
CA LEU D 890 46.16 -65.74 30.08
C LEU D 890 45.90 -66.46 28.77
N GLY D 891 44.64 -66.48 28.36
CA GLY D 891 44.21 -67.21 27.17
C GLY D 891 43.95 -68.68 27.44
N ARG D 892 43.80 -69.02 28.73
CA ARG D 892 43.50 -70.39 29.15
C ARG D 892 42.49 -70.39 30.30
N ASN D 893 41.58 -71.36 30.27
CA ASN D 893 40.54 -71.49 31.28
C ASN D 893 41.02 -72.25 32.51
N PHE D 894 40.58 -71.81 33.69
CA PHE D 894 41.00 -72.43 34.94
C PHE D 894 39.86 -72.61 35.94
N SER D 895 40.14 -73.36 37.00
CA SER D 895 39.19 -73.58 38.11
C SER D 895 39.98 -73.76 39.40
N VAL D 896 39.67 -72.96 40.41
CA VAL D 896 40.31 -73.10 41.72
C VAL D 896 39.30 -73.47 42.80
N GLN D 897 39.67 -74.43 43.65
CA GLN D 897 38.79 -74.93 44.71
C GLN D 897 39.43 -74.83 46.09
N TRP D 898 38.65 -74.37 47.08
CA TRP D 898 39.11 -74.32 48.46
C TRP D 898 38.20 -75.09 49.42
C1 NAG E . -11.21 58.84 27.44
C2 NAG E . -10.10 58.05 28.14
C3 NAG E . -9.60 58.76 29.40
C4 NAG E . -9.40 60.28 29.23
C5 NAG E . -10.68 60.84 28.60
C6 NAG E . -10.67 62.36 28.40
C7 NAG E . -10.17 55.61 27.96
C8 NAG E . -11.06 54.41 28.20
N2 NAG E . -10.58 56.74 28.52
O3 NAG E . -8.40 58.16 29.81
O4 NAG E . -9.22 60.89 30.49
O5 NAG E . -10.84 60.19 27.35
O6 NAG E . -11.96 62.89 28.60
O7 NAG E . -9.15 55.51 27.27
C1 NAG E . -7.86 61.10 30.91
C2 NAG E . -7.90 62.05 32.11
C3 NAG E . -6.52 62.25 32.71
C4 NAG E . -5.96 60.87 33.08
C5 NAG E . -5.93 59.97 31.85
C6 NAG E . -5.47 58.58 32.28
C7 NAG E . -9.67 63.70 32.21
C8 NAG E . -10.21 65.01 31.69
N2 NAG E . -8.48 63.34 31.76
O3 NAG E . -6.59 63.10 33.84
O4 NAG E . -4.66 60.97 33.59
O5 NAG E . -7.23 59.87 31.26
O6 NAG E . -4.99 57.87 31.17
O7 NAG E . -10.33 63.03 33.00
C1 BMA E . -4.59 60.58 34.96
C2 BMA E . -3.17 60.11 35.28
C3 BMA E . -3.02 59.88 36.79
C4 BMA E . -3.70 60.93 37.70
C5 BMA E . -5.04 61.45 37.17
C6 BMA E . -5.46 62.77 37.82
O2 BMA E . -2.19 61.03 34.78
O3 BMA E . -1.62 59.75 37.13
O4 BMA E . -3.90 60.36 39.00
O5 BMA E . -4.98 61.70 35.76
O6 BMA E . -6.77 63.14 37.36
C1 MAN E . -1.41 58.43 37.66
C2 MAN E . -0.10 58.30 38.44
C3 MAN E . 1.06 58.39 37.46
C4 MAN E . 0.95 57.34 36.34
C5 MAN E . -0.44 57.43 35.71
C6 MAN E . -0.77 56.30 34.74
O2 MAN E . -0.09 57.05 39.10
O3 MAN E . 2.26 58.23 38.19
O4 MAN E . 1.95 57.58 35.37
O5 MAN E . -1.47 57.40 36.69
O6 MAN E . -1.89 56.71 33.98
C1 NAG F . -30.36 -10.29 20.32
C2 NAG F . -28.83 -10.15 20.48
C3 NAG F . -28.10 -10.34 19.15
C4 NAG F . -28.50 -11.63 18.48
C5 NAG F . -30.01 -11.76 18.44
C6 NAG F . -30.39 -13.17 18.02
C7 NAG F . -28.03 -8.75 22.30
C8 NAG F . -27.32 -7.49 22.66
N2 NAG F . -28.45 -8.86 21.04
O3 NAG F . -26.71 -10.32 19.37
O4 NAG F . -28.08 -11.63 17.14
O5 NAG F . -30.64 -11.53 19.69
O6 NAG F . -31.78 -13.27 17.96
O7 NAG F . -28.19 -9.64 23.16
C1 NAG F . -26.74 -12.07 16.91
C2 NAG F . -26.78 -13.28 15.97
C3 NAG F . -25.40 -13.65 15.44
C4 NAG F . -24.72 -12.42 14.84
C5 NAG F . -24.72 -11.26 15.83
C6 NAG F . -24.22 -10.00 15.14
C7 NAG F . -28.40 -15.12 16.14
C8 NAG F . -28.80 -16.35 16.89
N2 NAG F . -27.38 -14.43 16.63
O3 NAG F . -25.56 -14.62 14.43
O4 NAG F . -23.39 -12.72 14.42
O5 NAG F . -26.02 -10.99 16.33
O6 NAG F . -23.70 -9.16 16.13
O7 NAG F . -29.03 -14.79 15.13
C1 NAG G . -31.67 34.07 -15.61
C2 NAG G . -33.09 33.53 -15.75
C3 NAG G . -34.01 34.62 -16.32
C4 NAG G . -33.93 35.90 -15.47
C5 NAG G . -32.46 36.28 -15.28
C6 NAG G . -32.31 37.50 -14.36
C7 NAG G . -33.07 31.09 -15.98
C8 NAG G . -33.25 29.92 -16.90
N2 NAG G . -33.14 32.30 -16.55
O3 NAG G . -35.34 34.15 -16.35
O4 NAG G . -34.54 37.00 -16.09
O5 NAG G . -31.70 35.21 -14.78
O6 NAG G . -31.02 38.03 -14.58
O7 NAG G . -32.86 30.90 -14.77
C1 NAG G . -35.95 37.04 -15.87
C2 NAG G . -36.37 38.47 -15.45
C3 NAG G . -37.88 38.59 -15.41
C4 NAG G . -38.53 38.09 -16.69
C5 NAG G . -37.97 36.75 -17.17
C6 NAG G . -38.33 36.50 -18.63
C7 NAG G . -35.01 39.86 -13.96
C8 NAG G . -34.51 40.06 -12.56
N2 NAG G . -35.85 38.83 -14.14
O3 NAG G . -38.24 39.94 -15.19
O4 NAG G . -39.88 37.89 -16.40
O5 NAG G . -36.56 36.65 -17.08
O6 NAG G . -38.75 35.16 -18.72
O7 NAG G . -34.64 40.62 -14.85
C1 NAG H . 52.85 29.83 -30.11
C2 NAG H . 53.18 29.72 -28.61
C3 NAG H . 53.12 31.09 -27.93
C4 NAG H . 53.76 32.24 -28.76
C5 NAG H . 53.39 32.14 -30.25
C6 NAG H . 54.22 33.09 -31.14
C7 NAG H . 52.66 27.76 -27.22
C8 NAG H . 51.59 26.81 -26.75
N2 NAG H . 52.27 28.81 -27.95
O3 NAG H . 53.74 30.95 -26.67
O4 NAG H . 53.29 33.51 -28.31
O5 NAG H . 53.65 30.83 -30.70
O6 NAG H . 53.53 33.39 -32.33
O7 NAG H . 53.84 27.55 -26.93
C1 NAG H . 54.15 34.16 -27.36
C2 NAG H . 53.94 35.67 -27.48
C3 NAG H . 54.61 36.44 -26.33
C4 NAG H . 54.17 35.85 -24.98
C5 NAG H . 54.44 34.35 -24.94
C6 NAG H . 53.82 33.72 -23.70
C7 NAG H . 53.54 36.56 -29.71
C8 NAG H . 54.12 36.91 -31.05
N2 NAG H . 54.39 36.13 -28.78
O3 NAG H . 54.32 37.83 -26.37
O4 NAG H . 54.85 36.48 -23.91
O5 NAG H . 53.87 33.69 -26.06
O6 NAG H . 54.16 32.35 -23.67
O7 NAG H . 52.34 36.69 -29.49
C1 BMA H . 53.89 37.16 -23.08
C2 BMA H . 54.51 37.38 -21.69
C3 BMA H . 53.57 38.20 -20.81
C4 BMA H . 53.06 39.48 -21.50
C5 BMA H . 52.53 39.22 -22.92
C6 BMA H . 52.37 40.54 -23.68
O2 BMA H . 55.81 38.00 -21.77
O3 BMA H . 54.28 38.56 -19.62
O4 BMA H . 52.05 40.10 -20.69
O5 BMA H . 53.43 38.39 -23.69
O6 BMA H . 51.88 40.29 -25.01
C1 MAN H . 53.63 37.99 -18.45
C2 MAN H . 54.10 38.74 -17.21
C3 MAN H . 55.57 38.46 -16.97
C4 MAN H . 55.81 36.95 -16.86
C5 MAN H . 55.26 36.29 -18.14
C6 MAN H . 55.43 34.77 -18.22
O2 MAN H . 53.33 38.32 -16.11
O3 MAN H . 55.96 39.15 -15.80
O4 MAN H . 57.19 36.71 -16.67
O5 MAN H . 53.88 36.61 -18.28
O6 MAN H . 54.87 34.26 -19.42
C1 NAG I . 4.71 -15.88 52.32
C2 NAG I . 4.98 -16.48 53.73
C3 NAG I . 4.29 -17.84 53.89
C4 NAG I . 2.80 -17.73 53.58
C5 NAG I . 2.45 -16.93 52.32
C6 NAG I . 1.11 -16.27 52.59
C7 NAG I . 7.00 -16.14 55.03
C8 NAG I . 8.38 -16.63 55.37
N2 NAG I . 6.40 -16.68 53.98
O3 NAG I . 4.42 -18.31 55.22
O4 NAG I . 2.29 -19.06 53.52
O5 NAG I . 3.33 -15.84 52.04
O6 NAG I . 0.15 -16.66 51.65
O7 NAG I . 6.49 -15.26 55.71
C1 NAG I . 1.10 -19.20 54.32
C2 NAG I . 0.34 -20.44 53.85
C3 NAG I . -0.66 -20.95 54.89
C4 NAG I . 0.04 -21.22 56.23
C5 NAG I . 1.05 -20.13 56.66
C6 NAG I . 2.38 -20.75 57.08
C7 NAG I . 0.28 -20.56 51.45
C8 NAG I . -0.41 -20.24 50.14
N2 NAG I . -0.31 -20.17 52.58
O3 NAG I . -1.23 -22.15 54.42
O4 NAG I . -0.94 -21.40 57.23
O5 NAG I . 1.34 -19.09 55.73
O6 NAG I . 2.44 -20.77 58.49
O7 NAG I . 1.34 -21.17 51.44
C1 NAG J . -41.59 21.07 68.36
C2 NAG J . -42.29 22.43 68.42
C3 NAG J . -41.29 23.53 68.78
C4 NAG J . -40.52 23.19 70.05
C5 NAG J . -39.90 21.79 70.02
C6 NAG J . -39.52 21.31 71.43
C7 NAG J . -44.23 23.23 67.09
C8 NAG J . -44.60 23.96 65.84
N2 NAG J . -42.98 22.76 67.17
O3 NAG J . -42.02 24.73 68.96
O4 NAG J . -39.51 24.17 70.25
O5 NAG J . -40.83 20.85 69.53
O6 NAG J . -39.67 19.91 71.59
O7 NAG J . -45.08 23.10 67.97
C1 NAG K . -27.61 58.81 2.43
C2 NAG K . -28.08 57.71 1.46
C3 NAG K . -28.90 58.34 0.33
C4 NAG K . -30.17 58.83 1.03
C5 NAG K . -29.79 59.84 2.14
C6 NAG K . -31.00 60.30 2.97
C7 NAG K . -25.91 56.85 0.54
C8 NAG K . -25.22 55.59 0.13
N2 NAG K . -27.12 56.68 1.05
O3 NAG K . -29.20 57.41 -0.69
O4 NAG K . -31.12 59.34 0.12
O5 NAG K . -28.82 59.30 3.04
O6 NAG K . -31.96 59.27 3.07
O7 NAG K . -25.38 57.96 0.39
C TRS L . -46.28 13.27 20.69
C1 TRS L . -47.24 13.64 21.82
C2 TRS L . -45.59 14.53 20.12
C3 TRS L . -46.98 12.50 19.55
N TRS L . -45.31 12.43 21.39
O1 TRS L . -47.92 12.49 22.24
O2 TRS L . -46.57 15.36 19.50
O3 TRS L . -46.07 12.18 18.52
C1 PEG M . -33.65 50.47 18.51
O1 PEG M . -33.14 51.80 18.58
C2 PEG M . -32.58 49.40 18.77
O2 PEG M . -32.08 48.87 17.53
C3 PEG M . -32.99 48.07 16.77
C4 PEG M . -32.25 47.51 15.55
O4 PEG M . -32.60 48.19 14.33
CL CL N . -28.08 21.78 7.63
C1 NAG O . -5.08 -17.59 -17.02
C2 NAG O . -4.18 -18.22 -18.09
C3 NAG O . -5.00 -19.15 -18.98
C4 NAG O . -5.67 -20.23 -18.16
C5 NAG O . -6.28 -19.75 -16.83
C6 NAG O . -6.20 -20.97 -15.93
C7 NAG O . -2.21 -17.23 -19.17
C8 NAG O . -1.80 -16.32 -20.28
N2 NAG O . -3.51 -17.25 -18.93
O3 NAG O . -4.15 -19.77 -19.92
O4 NAG O . -6.57 -21.00 -18.97
O5 NAG O . -5.57 -18.65 -16.22
O6 NAG O . -6.93 -20.85 -14.73
O7 NAG O . -1.39 -17.89 -18.54
C1 BMA P . -41.77 37.71 -18.18
C2 BMA P . -42.84 36.63 -18.36
C3 BMA P . -44.12 37.28 -18.93
C4 BMA P . -44.52 38.52 -18.13
C5 BMA P . -43.33 39.47 -17.93
C6 BMA P . -43.64 40.68 -17.06
O2 BMA P . -43.08 35.97 -17.11
O3 BMA P . -45.16 36.29 -19.00
O4 BMA P . -45.57 39.18 -18.87
O5 BMA P . -42.25 38.75 -17.33
O6 BMA P . -42.42 41.42 -16.85
OAA KTL Q . -7.05 23.96 -26.91
OAB KTL Q . -13.72 28.76 -35.82
OAC KTL Q . -9.54 24.65 -27.74
OAD KTL Q . -13.89 24.17 -37.52
OAE KTL Q . -12.78 23.64 -32.30
OAF KTL Q . -10.18 21.75 -28.43
OAG KTL Q . -12.37 26.54 -38.01
OAH KTL Q . -11.45 24.51 -29.18
OAI KTL Q . -7.32 23.70 -31.56
OAJ KTL Q . -8.42 24.47 -33.54
OAK KTL Q . -7.40 26.07 -32.01
CAL KTL Q . -7.69 23.04 -27.82
CAM KTL Q . -12.43 28.34 -35.36
CAN KTL Q . -13.58 24.66 -35.09
CAO KTL Q . -11.46 25.30 -33.48
OAP KTL Q . -9.52 24.95 -31.31
CAQ KTL Q . -8.79 23.77 -28.60
CAR KTL Q . -13.07 24.79 -36.53
CAS KTL Q . -11.77 24.64 -32.13
CAT KTL Q . -9.71 22.79 -29.33
CAU KTL Q . -13.01 26.29 -36.77
CAV KTL Q . -10.91 23.46 -30.03
CAW KTL Q . -12.24 26.84 -35.58
CAX KTL Q . -10.56 24.01 -31.43
SAY KTL Q . -12.79 25.90 -34.30
SAZ KTL Q . -8.13 24.79 -32.13
C1 PEG R . -20.29 3.89 -69.33
O1 PEG R . -19.90 4.41 -70.61
C2 PEG R . -19.96 4.93 -68.28
O2 PEG R . -21.05 5.12 -67.36
C3 PEG R . -20.92 6.38 -66.70
C4 PEG R . -22.24 7.12 -66.79
O4 PEG R . -22.03 8.53 -66.81
C1 NAG S . -8.35 27.04 -12.65
C2 NAG S . -8.47 28.09 -13.76
C3 NAG S . -7.61 29.32 -13.46
C4 NAG S . -7.84 29.82 -12.02
C5 NAG S . -7.63 28.64 -11.06
C6 NAG S . -7.67 29.01 -9.58
C7 NAG S . -8.85 27.65 -16.14
C8 NAG S . -8.28 27.10 -17.41
N2 NAG S . -8.08 27.56 -15.06
O3 NAG S . -7.89 30.33 -14.42
O4 NAG S . -6.98 30.89 -11.72
O5 NAG S . -8.56 27.62 -11.38
O6 NAG S . -8.96 29.43 -9.13
O7 NAG S . -9.99 28.13 -16.13
C1 NAG T . 14.94 -25.65 -4.69
C2 NAG T . 15.97 -25.16 -3.66
C3 NAG T . 17.17 -26.12 -3.56
C4 NAG T . 16.72 -27.55 -3.29
C5 NAG T . 15.69 -27.94 -4.37
C6 NAG T . 15.09 -29.33 -4.14
C7 NAG T . 15.90 -22.76 -3.19
C8 NAG T . 16.49 -21.40 -3.47
N2 NAG T . 16.37 -23.78 -3.93
O3 NAG T . 18.02 -25.68 -2.53
O4 NAG T . 17.83 -28.43 -3.22
O5 NAG T . 14.62 -27.00 -4.40
O6 NAG T . 14.24 -29.62 -5.23
O7 NAG T . 15.02 -22.88 -2.34
C1 NAG U . 52.29 10.12 -51.20
C2 NAG U . 52.29 10.44 -52.71
C3 NAG U . 51.29 9.64 -53.56
C4 NAG U . 51.17 8.18 -53.12
C5 NAG U . 50.90 8.18 -51.62
C6 NAG U . 50.59 6.79 -51.06
C7 NAG U . 53.10 12.71 -53.20
C8 NAG U . 52.77 14.16 -53.38
N2 NAG U . 52.08 11.88 -52.92
O3 NAG U . 51.71 9.68 -54.90
O4 NAG U . 50.15 7.50 -53.83
O5 NAG U . 52.02 8.75 -50.95
O6 NAG U . 51.05 5.76 -51.92
O7 NAG U . 54.28 12.33 -53.30
C TRS V . 13.23 -12.43 -29.88
C1 TRS V . 12.06 -11.62 -30.45
C2 TRS V . 14.57 -11.78 -30.27
C3 TRS V . 13.17 -13.88 -30.39
N TRS V . 13.07 -12.42 -28.42
O1 TRS V . 10.85 -12.12 -29.92
O2 TRS V . 14.74 -11.82 -31.68
O3 TRS V . 14.28 -14.59 -29.89
C1 PEG W . 39.73 11.92 -42.76
O1 PEG W . 39.47 10.64 -43.34
C2 PEG W . 38.69 12.93 -43.21
O2 PEG W . 38.89 13.31 -44.57
C3 PEG W . 38.87 14.73 -44.75
C4 PEG W . 39.03 15.08 -46.22
O4 PEG W . 40.41 14.94 -46.61
OAA KTL X . 42.29 -14.13 31.97
OAB KTL X . 49.06 -22.68 30.21
OAC KTL X . 44.07 -15.19 33.51
OAD KTL X . 46.00 -24.99 32.79
OAE KTL X . 43.52 -20.39 32.20
OAF KTL X . 40.82 -16.80 33.83
OAG KTL X . 48.68 -23.63 33.69
OAH KTL X . 43.20 -16.91 31.69
OAI KTL X . 44.81 -16.73 36.12
OAJ KTL X . 46.07 -18.77 35.76
OAK KTL X . 47.03 -16.61 35.23
CAL KTL X . 41.82 -14.34 33.31
CAM KTL X . 48.89 -21.56 31.09
CAN KTL X . 45.45 -22.75 32.09
CAO KTL X . 45.85 -20.20 32.85
OAP KTL X . 45.19 -17.52 33.71
CAQ KTL X . 42.74 -15.31 34.03
CAR KTL X . 46.34 -23.62 32.97
CAS KTL X . 44.59 -19.47 32.37
CAT KTL X . 42.24 -16.77 33.97
CAU KTL X . 47.79 -23.33 32.60
CAV KTL X . 42.90 -17.65 32.88
CAW KTL X . 47.90 -21.85 32.22
CAX KTL X . 44.12 -18.42 33.40
SAY KTL X . 46.36 -21.39 31.81
SAZ KTL X . 45.78 -17.40 35.25
C1 PEG Y . 43.84 -58.28 52.27
O1 PEG Y . 45.04 -59.07 52.27
C2 PEG Y . 43.27 -58.14 50.86
O2 PEG Y . 44.09 -57.25 50.09
C3 PEG Y . 43.37 -56.64 49.02
C4 PEG Y . 44.19 -56.76 47.75
O4 PEG Y . 45.43 -56.07 47.92
#